data_2DHR
#
_entry.id   2DHR
#
_cell.length_a   146.153
_cell.length_b   146.153
_cell.length_c   349.064
_cell.angle_alpha   90.00
_cell.angle_beta   90.00
_cell.angle_gamma   120.00
#
_symmetry.space_group_name_H-M   'P 31 2 1'
#
loop_
_entity.id
_entity.type
_entity.pdbx_description
1 polymer FtsH
2 non-polymer "ADENOSINE-5'-DIPHOSPHATE"
#
_entity_poly.entity_id   1
_entity_poly.type   'polypeptide(L)'
_entity_poly.pdbx_seq_one_letter_code
;RNGRAGPSDSAFSFTKSRARVLTEAPKVTFKDVAGAEEAKEELKEIVEFLKNPSRFHEMGARIPKGVLLVGPPGVGKTHL
ARAVAGEARVPFITASGSDFVEMFVGVGAARVRDLFETAKRHAPCIVFIDEIDAVGRKRGSGVGGGNDEREQTLNQLLVE
MDGFEKDTAIVVMAATNRPDILDPALLRPGRFDRQIAIDAPDVKGREQILRIHARGKPLAEDVDLALLAKRTPGFVGADL
ENLLNEAALLAAREGRRKITMKDLEEAADRVMMLPAKKSLVLSPRDRRITAYHEAGHALAAHFLEHADGVHKVTIVPRGR
ALGFMMPRREDMLHWSRKRLLDQIAVALAGRAAEEIVFDDVTTGAENDFRQATELARRMITEWGMHPEFGPVAYAVREDT
YLGGYDVRQYSEETAKRIDEAVRRLIEEQYQRVKALLLEKREVLERVAETLLERETLTAEEFQRVVEGLPLEAPEEAREE
REPPRVVPKVKPGGALGGA
;
_entity_poly.pdbx_strand_id   A,B,C,D,E,F
#
loop_
_chem_comp.id
_chem_comp.type
_chem_comp.name
_chem_comp.formula
ADP non-polymer ADENOSINE-5'-DIPHOSPHATE 'C10 H15 N5 O10 P2'
#
# COMPACT_ATOMS: atom_id res chain seq x y z
N ARG A 18 -28.21 0.73 8.67
CA ARG A 18 -29.56 0.73 8.04
C ARG A 18 -29.56 0.16 6.61
N ALA A 19 -30.72 -0.37 6.20
CA ALA A 19 -30.92 -0.93 4.87
C ALA A 19 -32.43 -0.94 4.50
N ARG A 20 -32.81 -1.76 3.53
CA ARG A 20 -34.19 -1.89 3.08
C ARG A 20 -34.87 -3.09 3.75
N VAL A 21 -35.71 -2.82 4.74
CA VAL A 21 -36.43 -3.87 5.49
C VAL A 21 -37.82 -4.12 4.90
N LEU A 22 -38.19 -5.40 4.78
CA LEU A 22 -39.55 -5.75 4.42
C LEU A 22 -40.22 -6.51 5.57
N THR A 23 -40.87 -5.76 6.45
CA THR A 23 -41.50 -6.30 7.66
C THR A 23 -42.91 -6.79 7.37
N GLU A 24 -43.66 -7.02 8.45
CA GLU A 24 -45.06 -7.46 8.44
C GLU A 24 -45.31 -8.76 7.66
N ALA A 25 -44.84 -8.80 6.41
CA ALA A 25 -44.88 -9.95 5.51
C ALA A 25 -44.71 -9.45 4.08
N PRO A 26 -43.72 -10.00 3.37
CA PRO A 26 -43.57 -9.71 1.93
C PRO A 26 -44.64 -10.40 1.07
N LYS A 27 -44.98 -9.79 -0.06
CA LYS A 27 -45.66 -10.48 -1.14
C LYS A 27 -44.57 -11.02 -2.10
N VAL A 28 -44.99 -11.55 -3.25
CA VAL A 28 -44.08 -12.18 -4.22
C VAL A 28 -43.66 -13.55 -3.71
N THR A 29 -44.10 -14.58 -4.42
CA THR A 29 -43.75 -15.96 -4.10
C THR A 29 -43.47 -16.75 -5.37
N PHE A 30 -43.14 -18.04 -5.22
CA PHE A 30 -42.81 -18.89 -6.36
C PHE A 30 -43.96 -19.05 -7.35
N LYS A 31 -45.18 -18.68 -6.95
CA LYS A 31 -46.28 -18.60 -7.90
C LYS A 31 -46.17 -17.31 -8.70
N ASP A 32 -45.56 -16.29 -8.09
CA ASP A 32 -45.29 -15.01 -8.74
C ASP A 32 -43.92 -15.01 -9.42
N VAL A 33 -43.33 -16.20 -9.57
CA VAL A 33 -42.08 -16.35 -10.31
C VAL A 33 -42.30 -17.36 -11.44
N ALA A 34 -41.95 -16.96 -12.66
CA ALA A 34 -42.27 -17.78 -13.82
C ALA A 34 -41.04 -18.48 -14.38
N GLY A 35 -41.23 -19.74 -14.77
CA GLY A 35 -40.16 -20.57 -15.29
C GLY A 35 -39.18 -20.96 -14.20
N ALA A 36 -37.91 -20.60 -14.40
CA ALA A 36 -36.86 -20.74 -13.39
C ALA A 36 -36.86 -22.08 -12.64
N GLU A 37 -37.20 -23.15 -13.34
CA GLU A 37 -37.22 -24.51 -12.78
C GLU A 37 -35.86 -24.95 -12.28
N GLU A 38 -34.85 -24.81 -13.14
CA GLU A 38 -33.48 -25.20 -12.85
C GLU A 38 -32.94 -24.43 -11.64
N ALA A 39 -33.81 -23.61 -11.05
CA ALA A 39 -33.50 -22.79 -9.88
C ALA A 39 -34.49 -23.06 -8.73
N LYS A 40 -35.78 -23.03 -9.05
CA LYS A 40 -36.85 -23.19 -8.06
C LYS A 40 -36.66 -24.43 -7.18
N GLU A 41 -36.68 -25.60 -7.82
CA GLU A 41 -36.56 -26.88 -7.13
C GLU A 41 -35.23 -26.99 -6.40
N GLU A 42 -34.17 -26.47 -7.01
CA GLU A 42 -32.83 -26.47 -6.43
C GLU A 42 -32.70 -25.48 -5.26
N LEU A 43 -33.67 -24.57 -5.15
CA LEU A 43 -33.73 -23.61 -4.05
C LEU A 43 -34.68 -24.03 -2.95
N LYS A 44 -35.62 -24.92 -3.30
CA LYS A 44 -36.65 -25.41 -2.37
C LYS A 44 -36.11 -25.90 -1.04
N GLU A 45 -34.83 -26.28 -1.02
CA GLU A 45 -34.17 -26.72 0.21
C GLU A 45 -33.65 -25.55 1.07
N ILE A 46 -33.33 -24.43 0.42
CA ILE A 46 -32.99 -23.23 1.17
C ILE A 46 -34.24 -22.68 1.83
N VAL A 47 -35.37 -22.83 1.15
CA VAL A 47 -36.67 -22.30 1.60
C VAL A 47 -37.13 -22.99 2.88
N GLU A 48 -37.09 -24.33 2.88
CA GLU A 48 -37.57 -25.15 3.98
C GLU A 48 -36.73 -24.99 5.25
N PHE A 49 -35.54 -24.42 5.11
CA PHE A 49 -34.71 -24.05 6.25
C PHE A 49 -35.26 -22.82 6.97
N LEU A 50 -35.79 -21.86 6.22
CA LEU A 50 -36.46 -20.69 6.80
C LEU A 50 -37.78 -21.09 7.45
N LYS A 51 -38.51 -21.98 6.76
CA LYS A 51 -39.74 -22.57 7.29
C LYS A 51 -39.44 -23.22 8.63
N ASN A 52 -38.65 -24.28 8.61
CA ASN A 52 -38.29 -25.03 9.82
C ASN A 52 -36.78 -25.18 10.02
N PRO A 53 -36.13 -24.16 10.58
CA PRO A 53 -34.73 -24.29 11.01
C PRO A 53 -34.60 -25.16 12.26
N SER A 54 -35.69 -25.34 12.99
CA SER A 54 -35.75 -26.23 14.15
C SER A 54 -35.70 -27.71 13.74
N ARG A 55 -35.76 -27.96 12.44
CA ARG A 55 -35.58 -29.30 11.89
C ARG A 55 -34.37 -29.39 10.96
N PHE A 56 -33.37 -28.57 11.24
CA PHE A 56 -32.11 -28.57 10.50
C PHE A 56 -30.88 -28.40 11.41
N HIS A 57 -31.02 -27.56 12.43
CA HIS A 57 -29.95 -27.34 13.41
C HIS A 57 -29.67 -28.61 14.22
N GLU A 58 -30.74 -29.29 14.61
CA GLU A 58 -30.70 -30.39 15.57
C GLU A 58 -30.69 -31.78 14.91
N MET A 59 -30.91 -31.83 13.60
CA MET A 59 -30.93 -33.09 12.84
C MET A 59 -29.51 -33.63 12.59
N GLY A 60 -28.72 -32.89 11.80
CA GLY A 60 -27.35 -33.28 11.50
C GLY A 60 -26.75 -32.58 10.29
N ALA A 61 -27.61 -32.08 9.41
CA ALA A 61 -27.18 -31.42 8.19
C ALA A 61 -26.76 -29.96 8.44
N ARG A 62 -26.50 -29.23 7.35
CA ARG A 62 -26.14 -27.81 7.38
C ARG A 62 -26.76 -27.10 6.18
N ILE A 63 -26.96 -25.79 6.30
CA ILE A 63 -27.51 -24.96 5.22
C ILE A 63 -26.56 -23.83 4.77
N PRO A 64 -26.52 -23.59 3.45
CA PRO A 64 -25.70 -22.54 2.83
C PRO A 64 -25.30 -21.30 3.66
N LYS A 65 -26.23 -20.74 4.43
CA LYS A 65 -26.03 -19.43 5.09
C LYS A 65 -25.95 -18.31 4.04
N GLY A 66 -25.49 -18.65 2.85
CA GLY A 66 -25.39 -17.73 1.75
C GLY A 66 -25.55 -18.44 0.44
N VAL A 67 -26.18 -17.77 -0.52
CA VAL A 67 -26.32 -18.27 -1.88
C VAL A 67 -26.20 -17.10 -2.86
N LEU A 68 -25.24 -17.22 -3.77
CA LEU A 68 -25.10 -16.28 -4.86
C LEU A 68 -25.74 -16.87 -6.11
N LEU A 69 -26.73 -16.15 -6.63
CA LEU A 69 -27.32 -16.49 -7.92
C LEU A 69 -26.79 -15.50 -8.96
N VAL A 70 -26.52 -16.00 -10.17
CA VAL A 70 -25.83 -15.20 -11.19
C VAL A 70 -26.58 -15.11 -12.50
N GLY A 71 -26.54 -13.92 -13.09
CA GLY A 71 -27.19 -13.69 -14.37
C GLY A 71 -27.09 -12.26 -14.86
N PRO A 72 -27.74 -11.99 -15.99
CA PRO A 72 -27.73 -10.67 -16.64
C PRO A 72 -28.41 -9.55 -15.81
N PRO A 73 -28.71 -8.38 -16.40
CA PRO A 73 -29.43 -7.33 -15.68
C PRO A 73 -30.94 -7.46 -15.79
N GLY A 74 -31.57 -7.77 -14.67
CA GLY A 74 -33.01 -7.96 -14.61
C GLY A 74 -33.46 -9.28 -15.23
N VAL A 75 -32.99 -10.40 -14.68
CA VAL A 75 -33.32 -11.72 -15.22
C VAL A 75 -34.41 -12.39 -14.40
N GLY A 76 -34.45 -12.02 -13.13
CA GLY A 76 -35.40 -12.56 -12.18
C GLY A 76 -34.76 -12.64 -10.81
N LYS A 77 -33.56 -12.05 -10.70
CA LYS A 77 -32.67 -12.28 -9.55
C LYS A 77 -33.22 -11.82 -8.21
N THR A 78 -33.29 -10.51 -8.01
CA THR A 78 -33.98 -9.95 -6.84
C THR A 78 -35.39 -10.55 -6.75
N HIS A 79 -36.02 -10.71 -7.92
CA HIS A 79 -37.35 -11.29 -8.05
C HIS A 79 -37.45 -12.65 -7.38
N LEU A 80 -36.47 -13.49 -7.62
CA LEU A 80 -36.40 -14.78 -6.96
C LEU A 80 -35.96 -14.66 -5.50
N ALA A 81 -35.14 -13.64 -5.20
CA ALA A 81 -34.67 -13.40 -3.83
C ALA A 81 -35.82 -13.13 -2.87
N ARG A 82 -36.67 -12.15 -3.27
CA ARG A 82 -37.94 -11.84 -2.63
C ARG A 82 -38.79 -13.09 -2.56
N ALA A 83 -38.95 -13.75 -3.70
CA ALA A 83 -39.78 -14.94 -3.83
C ALA A 83 -39.47 -16.01 -2.81
N VAL A 84 -38.19 -16.16 -2.48
CA VAL A 84 -37.77 -17.14 -1.47
C VAL A 84 -38.23 -16.70 -0.09
N ALA A 85 -38.20 -15.39 0.16
CA ALA A 85 -38.56 -14.86 1.47
C ALA A 85 -40.03 -15.06 1.76
N GLY A 86 -40.88 -14.61 0.84
CA GLY A 86 -42.33 -14.67 1.00
C GLY A 86 -42.85 -16.09 1.01
N GLU A 87 -42.19 -16.97 0.27
CA GLU A 87 -42.50 -18.39 0.24
C GLU A 87 -42.23 -19.00 1.60
N ALA A 88 -41.06 -18.68 2.16
CA ALA A 88 -40.65 -19.19 3.46
C ALA A 88 -41.24 -18.34 4.58
N ARG A 89 -42.06 -17.36 4.21
CA ARG A 89 -42.66 -16.41 5.14
C ARG A 89 -41.60 -15.86 6.11
N VAL A 90 -40.67 -15.10 5.55
CA VAL A 90 -39.50 -14.62 6.27
C VAL A 90 -39.26 -13.15 5.96
N PRO A 91 -38.76 -12.36 6.92
CA PRO A 91 -38.50 -10.94 6.70
C PRO A 91 -37.48 -10.80 5.59
N PHE A 92 -37.62 -9.79 4.74
CA PHE A 92 -36.70 -9.60 3.61
C PHE A 92 -35.76 -8.41 3.78
N ILE A 93 -34.46 -8.70 3.88
CA ILE A 93 -33.43 -7.68 4.05
C ILE A 93 -32.66 -7.50 2.73
N THR A 94 -32.68 -6.28 2.20
CA THR A 94 -31.97 -5.97 0.96
C THR A 94 -31.01 -4.79 1.12
N ALA A 95 -29.88 -4.88 0.43
CA ALA A 95 -28.89 -3.81 0.38
C ALA A 95 -27.99 -4.00 -0.82
N SER A 96 -27.92 -3.01 -1.70
CA SER A 96 -27.05 -3.09 -2.87
C SER A 96 -25.60 -2.77 -2.48
N GLY A 97 -24.69 -3.66 -2.90
CA GLY A 97 -23.28 -3.58 -2.56
C GLY A 97 -22.71 -2.18 -2.59
N SER A 98 -23.01 -1.46 -3.68
CA SER A 98 -22.52 -0.10 -3.93
C SER A 98 -22.43 0.77 -2.69
N ASP A 99 -23.42 0.65 -1.81
CA ASP A 99 -23.55 1.48 -0.61
C ASP A 99 -22.44 1.26 0.43
N PHE A 100 -21.70 0.17 0.30
CA PHE A 100 -20.66 -0.21 1.26
C PHE A 100 -19.26 0.31 0.93
N VAL A 101 -19.05 0.72 -0.32
CA VAL A 101 -17.74 1.19 -0.76
C VAL A 101 -17.75 2.69 -0.98
N GLU A 102 -18.91 3.24 -1.33
CA GLU A 102 -19.10 4.68 -1.57
C GLU A 102 -18.52 5.55 -0.45
N MET A 103 -18.48 4.98 0.75
CA MET A 103 -18.01 5.66 1.95
C MET A 103 -16.49 5.54 2.12
N PHE A 104 -15.97 6.26 3.11
CA PHE A 104 -14.54 6.32 3.43
C PHE A 104 -13.95 4.96 3.90
N VAL A 105 -12.68 5.00 4.36
CA VAL A 105 -11.98 3.84 4.92
C VAL A 105 -12.31 3.65 6.40
N GLY A 106 -13.19 2.69 6.67
CA GLY A 106 -13.69 2.43 8.02
C GLY A 106 -15.18 2.13 8.02
N VAL A 107 -15.98 3.14 7.67
CA VAL A 107 -17.45 3.03 7.68
C VAL A 107 -17.92 1.94 6.74
N GLY A 108 -17.03 1.50 5.86
CA GLY A 108 -17.28 0.34 5.03
C GLY A 108 -17.52 -0.89 5.88
N ALA A 109 -16.61 -1.14 6.80
CA ALA A 109 -16.68 -2.26 7.74
C ALA A 109 -17.91 -2.17 8.64
N ALA A 110 -18.11 -1.00 9.24
CA ALA A 110 -19.21 -0.76 10.16
C ALA A 110 -20.56 -1.13 9.56
N ARG A 111 -20.83 -0.64 8.35
CA ARG A 111 -22.12 -0.82 7.71
C ARG A 111 -22.50 -2.28 7.53
N VAL A 112 -21.48 -3.13 7.37
CA VAL A 112 -21.69 -4.56 7.18
C VAL A 112 -22.10 -5.24 8.49
N ARG A 113 -21.28 -5.01 9.52
CA ARG A 113 -21.51 -5.59 10.84
C ARG A 113 -22.91 -5.27 11.36
N ASP A 114 -23.29 -4.00 11.27
CA ASP A 114 -24.58 -3.55 11.80
C ASP A 114 -25.75 -3.90 10.88
N LEU A 115 -25.45 -4.23 9.62
CA LEU A 115 -26.44 -4.84 8.74
C LEU A 115 -26.70 -6.26 9.23
N PHE A 116 -25.67 -6.89 9.77
CA PHE A 116 -25.76 -8.26 10.24
C PHE A 116 -26.06 -8.37 11.73
N GLU A 117 -26.10 -7.23 12.40
CA GLU A 117 -26.65 -7.14 13.74
C GLU A 117 -28.08 -6.61 13.64
N THR A 118 -28.49 -6.30 12.40
CA THR A 118 -29.86 -5.95 12.08
C THR A 118 -30.60 -7.22 11.65
N ALA A 119 -29.93 -8.04 10.85
CA ALA A 119 -30.52 -9.28 10.34
C ALA A 119 -30.53 -10.40 11.39
N LYS A 120 -29.62 -10.32 12.36
CA LYS A 120 -29.53 -11.29 13.44
C LYS A 120 -30.78 -11.23 14.32
N ARG A 121 -31.30 -10.01 14.47
CA ARG A 121 -32.48 -9.76 15.29
C ARG A 121 -33.73 -10.41 14.68
N HIS A 122 -33.72 -10.61 13.37
CA HIS A 122 -34.80 -11.30 12.69
C HIS A 122 -34.35 -12.71 12.37
N ALA A 123 -34.60 -13.62 13.30
CA ALA A 123 -34.33 -15.04 13.09
C ALA A 123 -35.64 -15.78 12.96
N PRO A 124 -35.94 -16.30 11.76
CA PRO A 124 -35.04 -16.22 10.60
C PRO A 124 -35.32 -15.03 9.68
N CYS A 125 -34.51 -14.88 8.62
CA CYS A 125 -34.67 -13.86 7.59
C CYS A 125 -33.68 -14.07 6.43
N ILE A 126 -33.94 -13.40 5.31
CA ILE A 126 -33.06 -13.40 4.14
C ILE A 126 -32.44 -12.02 3.92
N VAL A 127 -31.12 -11.97 4.03
CA VAL A 127 -30.34 -10.79 3.63
C VAL A 127 -30.00 -10.98 2.18
N PHE A 128 -30.00 -9.87 1.45
CA PHE A 128 -29.84 -9.94 0.01
C PHE A 128 -29.05 -8.73 -0.46
N ILE A 129 -27.75 -8.94 -0.67
CA ILE A 129 -26.90 -7.89 -1.21
C ILE A 129 -26.96 -8.00 -2.72
N ASP A 130 -27.18 -6.86 -3.37
CA ASP A 130 -27.26 -6.79 -4.82
C ASP A 130 -26.00 -6.12 -5.35
N GLU A 131 -25.53 -6.60 -6.50
CA GLU A 131 -24.20 -6.28 -7.02
C GLU A 131 -23.14 -6.29 -5.92
N ILE A 132 -23.04 -7.44 -5.24
CA ILE A 132 -21.96 -7.72 -4.31
C ILE A 132 -20.64 -7.64 -5.10
N ASP A 133 -20.78 -7.63 -6.42
CA ASP A 133 -19.76 -7.24 -7.39
C ASP A 133 -18.89 -6.13 -6.85
N ALA A 134 -19.44 -5.33 -5.95
CA ALA A 134 -18.79 -4.10 -5.48
C ALA A 134 -18.04 -4.28 -4.17
N VAL A 135 -17.91 -5.51 -3.72
CA VAL A 135 -17.12 -5.78 -2.52
C VAL A 135 -16.08 -6.91 -2.68
N GLY A 136 -16.18 -7.72 -3.74
CA GLY A 136 -15.25 -8.83 -3.93
C GLY A 136 -14.21 -8.73 -5.03
N ARG A 137 -12.98 -8.43 -4.64
CA ARG A 137 -11.79 -8.53 -5.50
C ARG A 137 -10.52 -7.82 -4.96
N LYS A 138 -9.37 -8.44 -5.19
CA LYS A 138 -8.07 -7.91 -4.77
C LYS A 138 -6.95 -8.66 -5.51
N ARG A 139 -5.95 -7.92 -6.03
CA ARG A 139 -4.81 -8.52 -6.75
C ARG A 139 -3.50 -7.73 -6.61
N GLY A 140 -3.52 -6.47 -7.05
CA GLY A 140 -2.35 -5.61 -7.02
C GLY A 140 -2.31 -4.65 -8.19
N SER A 141 -3.48 -4.39 -8.78
CA SER A 141 -3.62 -3.58 -10.00
C SER A 141 -3.70 -2.08 -9.74
N GLY A 142 -4.77 -1.62 -9.10
CA GLY A 142 -4.97 -0.22 -8.82
C GLY A 142 -4.39 0.24 -7.49
N VAL A 143 -3.06 0.35 -7.43
CA VAL A 143 -2.36 0.79 -6.22
C VAL A 143 -2.59 2.28 -5.96
N GLY A 144 -3.38 2.56 -4.93
CA GLY A 144 -3.71 3.93 -4.55
C GLY A 144 -5.00 4.06 -3.77
N GLY A 145 -6.13 3.87 -4.46
CA GLY A 145 -7.45 4.00 -3.86
C GLY A 145 -8.42 2.89 -4.22
N GLY A 146 -7.92 1.66 -4.23
CA GLY A 146 -8.74 0.48 -4.47
C GLY A 146 -8.34 -0.68 -3.58
N ASN A 147 -7.37 -0.43 -2.69
CA ASN A 147 -6.77 -1.46 -1.84
C ASN A 147 -7.46 -1.61 -0.48
N ASP A 148 -7.25 -0.64 0.41
CA ASP A 148 -7.66 -0.76 1.81
C ASP A 148 -9.17 -0.64 2.06
N GLU A 149 -9.88 -0.09 1.08
CA GLU A 149 -11.35 0.01 1.16
C GLU A 149 -12.01 -1.30 0.76
N ARG A 150 -11.29 -2.13 0.01
CA ARG A 150 -11.75 -3.45 -0.39
C ARG A 150 -11.17 -4.52 0.54
N GLU A 151 -9.97 -4.24 1.05
CA GLU A 151 -9.32 -5.08 2.04
C GLU A 151 -10.17 -5.16 3.30
N GLN A 152 -10.61 -4.01 3.79
CA GLN A 152 -11.44 -3.94 5.00
C GLN A 152 -12.88 -4.42 4.75
N THR A 153 -13.69 -3.52 4.19
CA THR A 153 -15.11 -3.74 3.97
C THR A 153 -15.50 -5.19 3.70
N LEU A 154 -14.85 -5.83 2.74
CA LEU A 154 -15.19 -7.21 2.36
C LEU A 154 -14.90 -8.17 3.51
N ASN A 155 -13.70 -8.05 4.06
CA ASN A 155 -13.29 -8.91 5.16
C ASN A 155 -13.99 -8.52 6.44
N GLN A 156 -15.25 -8.12 6.29
CA GLN A 156 -16.18 -7.96 7.40
C GLN A 156 -17.32 -8.93 7.15
N LEU A 157 -17.95 -8.83 5.97
CA LEU A 157 -18.97 -9.78 5.56
C LEU A 157 -18.39 -11.18 5.58
N LEU A 158 -17.14 -11.29 5.15
CA LEU A 158 -16.44 -12.56 5.16
C LEU A 158 -16.31 -13.11 6.57
N VAL A 159 -16.33 -12.22 7.57
CA VAL A 159 -16.21 -12.62 8.97
C VAL A 159 -17.58 -12.76 9.67
N GLU A 160 -18.52 -11.88 9.31
CA GLU A 160 -19.89 -11.93 9.85
C GLU A 160 -20.61 -13.17 9.38
N MET A 161 -20.33 -13.59 8.15
CA MET A 161 -20.92 -14.78 7.56
C MET A 161 -20.40 -16.02 8.25
N ASP A 162 -19.11 -16.00 8.58
CA ASP A 162 -18.50 -17.10 9.34
C ASP A 162 -18.93 -17.02 10.79
N GLY A 163 -19.76 -16.01 11.10
CA GLY A 163 -20.34 -15.86 12.41
C GLY A 163 -21.62 -16.67 12.58
N PHE A 164 -22.25 -17.02 11.45
CA PHE A 164 -23.48 -17.82 11.47
C PHE A 164 -23.19 -19.26 11.82
N GLU A 165 -23.34 -19.58 13.11
CA GLU A 165 -23.12 -20.95 13.59
C GLU A 165 -24.42 -21.74 13.45
N LYS A 166 -24.83 -22.43 14.52
CA LYS A 166 -26.01 -23.30 14.47
C LYS A 166 -27.33 -22.53 14.66
N ASP A 167 -27.54 -22.02 15.86
CA ASP A 167 -28.82 -21.42 16.24
C ASP A 167 -29.03 -19.97 15.77
N THR A 168 -28.61 -19.69 14.53
CA THR A 168 -28.87 -18.41 13.89
C THR A 168 -29.23 -18.65 12.43
N ALA A 169 -30.51 -18.70 12.16
CA ALA A 169 -31.03 -18.98 10.82
C ALA A 169 -30.97 -17.75 9.94
N ILE A 170 -30.23 -17.85 8.85
CA ILE A 170 -30.06 -16.75 7.90
C ILE A 170 -29.67 -17.28 6.53
N VAL A 171 -29.98 -16.51 5.48
CA VAL A 171 -29.60 -16.87 4.11
C VAL A 171 -29.17 -15.60 3.41
N VAL A 172 -27.86 -15.43 3.24
CA VAL A 172 -27.34 -14.27 2.53
C VAL A 172 -27.31 -14.50 1.02
N MET A 173 -28.33 -14.01 0.34
CA MET A 173 -28.44 -14.12 -1.11
C MET A 173 -27.69 -12.99 -1.83
N ALA A 174 -26.91 -13.37 -2.84
CA ALA A 174 -26.14 -12.40 -3.58
C ALA A 174 -26.48 -12.37 -5.06
N ALA A 175 -26.60 -11.15 -5.57
CA ALA A 175 -26.80 -10.88 -6.99
C ALA A 175 -25.54 -10.23 -7.58
N THR A 176 -25.32 -10.48 -8.88
CA THR A 176 -24.07 -10.15 -9.54
C THR A 176 -24.17 -10.52 -11.02
N ASN A 177 -23.66 -9.64 -11.88
CA ASN A 177 -23.74 -9.88 -13.33
C ASN A 177 -22.47 -10.44 -13.95
N ARG A 178 -21.37 -10.33 -13.21
CA ARG A 178 -20.14 -11.04 -13.56
C ARG A 178 -19.60 -11.84 -12.37
N PRO A 179 -19.89 -13.15 -12.34
CA PRO A 179 -19.54 -13.99 -11.18
C PRO A 179 -18.05 -14.14 -11.07
N ASP A 180 -17.37 -14.17 -12.21
CA ASP A 180 -15.96 -14.48 -12.27
C ASP A 180 -15.10 -13.38 -11.65
N ILE A 181 -15.67 -12.18 -11.50
CA ILE A 181 -14.90 -11.05 -10.97
C ILE A 181 -14.92 -10.96 -9.46
N LEU A 182 -15.31 -12.07 -8.84
CA LEU A 182 -15.42 -12.14 -7.39
C LEU A 182 -14.31 -12.93 -6.73
N ASP A 183 -13.88 -12.41 -5.59
CA ASP A 183 -12.86 -13.01 -4.74
C ASP A 183 -13.13 -14.49 -4.44
N PRO A 184 -12.19 -15.37 -4.80
CA PRO A 184 -12.36 -16.82 -4.63
C PRO A 184 -12.73 -17.27 -3.21
N ALA A 185 -12.83 -16.34 -2.26
CA ALA A 185 -13.12 -16.66 -0.86
C ALA A 185 -14.62 -16.67 -0.54
N LEU A 186 -15.39 -15.98 -1.37
CA LEU A 186 -16.85 -15.89 -1.23
C LEU A 186 -17.57 -17.18 -1.65
N LEU A 187 -17.07 -17.83 -2.69
CA LEU A 187 -17.58 -19.16 -3.09
C LEU A 187 -16.97 -20.32 -2.27
N ARG A 188 -16.01 -19.98 -1.41
CA ARG A 188 -15.30 -20.96 -0.58
C ARG A 188 -16.14 -21.40 0.63
N PRO A 189 -15.73 -22.48 1.31
CA PRO A 189 -16.51 -23.11 2.39
C PRO A 189 -17.10 -22.17 3.44
N GLY A 190 -18.31 -22.48 3.90
CA GLY A 190 -18.95 -21.74 4.98
C GLY A 190 -19.65 -20.50 4.50
N ARG A 191 -18.99 -19.76 3.61
CA ARG A 191 -19.55 -18.54 3.03
C ARG A 191 -20.51 -18.90 1.87
N PHE A 192 -20.60 -18.07 0.83
CA PHE A 192 -21.53 -18.31 -0.29
C PHE A 192 -21.21 -19.58 -1.08
N ASP A 193 -21.68 -20.72 -0.61
CA ASP A 193 -21.32 -21.99 -1.24
C ASP A 193 -22.46 -22.56 -2.06
N ARG A 194 -23.03 -21.75 -2.93
CA ARG A 194 -24.10 -22.22 -3.81
C ARG A 194 -24.07 -21.61 -5.20
N GLN A 195 -24.32 -22.45 -6.20
CA GLN A 195 -24.19 -22.08 -7.61
C GLN A 195 -25.47 -22.31 -8.44
N ILE A 196 -26.28 -21.27 -8.55
CA ILE A 196 -27.38 -21.25 -9.53
C ILE A 196 -27.38 -19.94 -10.34
N ALA A 197 -27.17 -20.07 -11.64
CA ALA A 197 -27.32 -18.97 -12.56
C ALA A 197 -28.65 -19.18 -13.23
N ILE A 198 -29.15 -18.15 -13.91
CA ILE A 198 -30.48 -18.24 -14.54
C ILE A 198 -30.61 -17.74 -16.00
N ASP A 199 -30.74 -18.68 -16.92
CA ASP A 199 -30.85 -18.38 -18.34
C ASP A 199 -32.30 -18.09 -18.70
N ALA A 200 -32.88 -17.06 -18.08
CA ALA A 200 -34.35 -16.94 -18.01
C ALA A 200 -35.22 -16.58 -19.26
N PRO A 201 -34.65 -15.87 -20.24
CA PRO A 201 -35.44 -15.34 -21.36
C PRO A 201 -36.14 -16.42 -22.20
N ASP A 202 -36.35 -17.57 -21.59
CA ASP A 202 -36.91 -18.76 -22.26
C ASP A 202 -38.17 -18.49 -23.08
N VAL A 203 -38.52 -19.43 -23.96
CA VAL A 203 -39.73 -19.36 -24.81
C VAL A 203 -41.04 -19.34 -23.99
N LYS A 204 -41.28 -20.43 -23.27
CA LYS A 204 -42.44 -20.58 -22.38
C LYS A 204 -42.39 -19.54 -21.25
N GLY A 205 -41.18 -19.29 -20.76
CA GLY A 205 -40.91 -18.22 -19.82
C GLY A 205 -41.38 -16.88 -20.34
N ARG A 206 -40.92 -16.50 -21.53
CA ARG A 206 -41.32 -15.25 -22.19
C ARG A 206 -42.84 -15.05 -22.15
N GLU A 207 -43.56 -16.12 -22.48
CA GLU A 207 -45.02 -16.13 -22.42
C GLU A 207 -45.45 -15.75 -21.00
N GLN A 208 -45.18 -16.65 -20.06
CA GLN A 208 -45.58 -16.50 -18.66
C GLN A 208 -45.26 -15.09 -18.12
N ILE A 209 -44.06 -14.61 -18.37
CA ILE A 209 -43.68 -13.27 -17.96
C ILE A 209 -44.58 -12.28 -18.68
N LEU A 210 -44.76 -12.47 -20.00
CA LEU A 210 -45.61 -11.58 -20.80
C LEU A 210 -47.06 -11.62 -20.32
N ARG A 211 -47.48 -12.78 -19.82
CA ARG A 211 -48.82 -12.99 -19.28
C ARG A 211 -48.94 -12.29 -17.94
N ILE A 212 -48.07 -12.68 -17.00
CA ILE A 212 -48.09 -12.15 -15.62
C ILE A 212 -48.05 -10.63 -15.54
N HIS A 213 -47.41 -10.00 -16.53
CA HIS A 213 -47.27 -8.55 -16.55
C HIS A 213 -48.26 -7.91 -17.52
N ALA A 214 -49.35 -8.63 -17.78
CA ALA A 214 -50.50 -8.08 -18.50
C ALA A 214 -51.81 -8.21 -17.66
N ARG A 215 -51.64 -8.30 -16.35
CA ARG A 215 -52.75 -8.36 -15.42
C ARG A 215 -53.50 -7.02 -15.37
N GLY A 216 -52.75 -5.94 -15.10
CA GLY A 216 -53.28 -4.60 -15.28
C GLY A 216 -53.36 -4.30 -16.77
N LYS A 217 -54.26 -3.40 -17.14
CA LYS A 217 -54.48 -3.06 -18.55
C LYS A 217 -54.98 -4.23 -19.39
N PRO A 218 -56.04 -3.99 -20.15
CA PRO A 218 -56.61 -5.01 -21.03
C PRO A 218 -56.10 -4.92 -22.48
N LEU A 219 -56.41 -5.97 -23.24
CA LEU A 219 -55.95 -6.13 -24.61
C LEU A 219 -57.01 -6.84 -25.45
N ALA A 220 -57.38 -6.23 -26.57
CA ALA A 220 -58.36 -6.80 -27.51
C ALA A 220 -57.64 -7.62 -28.58
N GLU A 221 -56.80 -8.54 -28.12
CA GLU A 221 -55.75 -9.14 -28.94
C GLU A 221 -56.19 -10.13 -30.01
N ASP A 222 -55.18 -10.68 -30.70
CA ASP A 222 -55.35 -11.67 -31.76
C ASP A 222 -54.08 -12.52 -31.89
N VAL A 223 -53.01 -12.09 -31.21
CA VAL A 223 -51.68 -12.74 -31.26
C VAL A 223 -51.46 -13.73 -30.10
N ASP A 224 -52.14 -13.46 -28.97
CA ASP A 224 -52.14 -14.31 -27.76
C ASP A 224 -50.81 -14.26 -26.97
N LEU A 225 -50.06 -13.17 -27.14
CA LEU A 225 -48.74 -12.98 -26.51
C LEU A 225 -47.69 -13.98 -26.99
N ALA A 226 -48.15 -15.14 -27.48
CA ALA A 226 -47.28 -16.16 -28.07
C ALA A 226 -46.54 -15.56 -29.25
N LEU A 227 -47.30 -15.07 -30.22
CA LEU A 227 -46.72 -14.48 -31.43
C LEU A 227 -45.97 -13.19 -31.10
N LEU A 228 -45.97 -12.81 -29.83
CA LEU A 228 -45.11 -11.76 -29.32
C LEU A 228 -43.82 -12.33 -28.73
N ALA A 229 -43.93 -13.45 -28.03
CA ALA A 229 -42.76 -14.15 -27.51
C ALA A 229 -41.76 -14.42 -28.65
N LYS A 230 -42.24 -15.03 -29.73
CA LYS A 230 -41.41 -15.33 -30.88
C LYS A 230 -40.93 -14.07 -31.60
N ARG A 231 -41.66 -12.98 -31.43
CA ARG A 231 -41.26 -11.69 -32.02
C ARG A 231 -40.39 -10.90 -31.06
N THR A 232 -40.20 -11.46 -29.86
CA THR A 232 -39.24 -10.94 -28.87
C THR A 232 -38.38 -12.05 -28.22
N PRO A 233 -37.70 -12.86 -29.05
CA PRO A 233 -37.07 -14.09 -28.56
C PRO A 233 -36.03 -13.73 -27.52
N GLY A 234 -34.99 -13.05 -27.95
CA GLY A 234 -34.05 -12.43 -27.03
C GLY A 234 -34.81 -11.32 -26.36
N PHE A 235 -34.86 -11.36 -25.03
CA PHE A 235 -35.56 -10.37 -24.20
C PHE A 235 -35.68 -10.88 -22.77
N VAL A 236 -35.23 -10.06 -21.82
CA VAL A 236 -35.32 -10.42 -20.42
C VAL A 236 -36.64 -9.94 -19.86
N GLY A 237 -36.97 -10.36 -18.64
CA GLY A 237 -38.25 -10.06 -18.01
C GLY A 237 -38.46 -8.60 -17.67
N ALA A 238 -37.46 -8.01 -17.02
CA ALA A 238 -37.47 -6.58 -16.74
C ALA A 238 -37.44 -5.81 -18.05
N ASP A 239 -36.79 -6.38 -19.05
CA ASP A 239 -36.90 -5.89 -20.42
C ASP A 239 -38.37 -6.00 -20.82
N LEU A 240 -38.94 -7.20 -20.66
CA LEU A 240 -40.33 -7.48 -21.00
C LEU A 240 -41.33 -6.50 -20.33
N GLU A 241 -41.23 -6.37 -18.99
CA GLU A 241 -42.17 -5.54 -18.22
C GLU A 241 -42.20 -4.16 -18.80
N ASN A 242 -41.04 -3.51 -18.87
CA ASN A 242 -40.92 -2.18 -19.45
C ASN A 242 -41.25 -2.13 -20.93
N LEU A 243 -41.59 -3.28 -21.50
CA LEU A 243 -42.09 -3.35 -22.86
C LEU A 243 -43.58 -3.13 -22.83
N LEU A 244 -44.27 -3.82 -21.92
CA LEU A 244 -45.73 -3.71 -21.79
C LEU A 244 -46.15 -2.37 -21.19
N ASN A 245 -45.61 -2.07 -20.01
CA ASN A 245 -45.79 -0.79 -19.36
C ASN A 245 -45.61 0.39 -20.29
N GLU A 246 -44.70 0.28 -21.23
CA GLU A 246 -44.56 1.30 -22.27
C GLU A 246 -45.67 1.18 -23.29
N ALA A 247 -46.03 -0.06 -23.64
CA ALA A 247 -47.13 -0.33 -24.57
C ALA A 247 -48.44 0.37 -24.12
N ALA A 248 -48.76 0.26 -22.84
CA ALA A 248 -49.93 0.92 -22.26
C ALA A 248 -49.89 2.45 -22.39
N LEU A 249 -48.77 3.05 -22.02
CA LEU A 249 -48.61 4.51 -22.09
C LEU A 249 -48.67 5.08 -23.50
N LEU A 250 -48.71 4.18 -24.48
CA LEU A 250 -49.00 4.53 -25.87
C LEU A 250 -50.44 4.99 -25.92
N ALA A 251 -51.31 4.21 -25.30
CA ALA A 251 -52.74 4.51 -25.17
C ALA A 251 -52.97 5.75 -24.32
N ALA A 252 -52.48 5.71 -23.07
CA ALA A 252 -52.64 6.80 -22.10
C ALA A 252 -52.03 8.13 -22.57
N ARG A 253 -51.24 8.08 -23.65
CA ARG A 253 -50.70 9.27 -24.28
C ARG A 253 -51.73 9.96 -25.15
N GLU A 254 -52.67 9.19 -25.69
CA GLU A 254 -53.77 9.72 -26.49
C GLU A 254 -55.13 9.48 -25.83
N GLY A 255 -55.15 8.52 -24.89
CA GLY A 255 -56.38 8.11 -24.23
C GLY A 255 -57.11 7.09 -25.06
N ARG A 256 -56.53 5.89 -25.19
CA ARG A 256 -57.13 4.80 -25.96
C ARG A 256 -57.58 3.66 -25.04
N ARG A 257 -58.77 3.13 -25.29
CA ARG A 257 -59.27 1.96 -24.57
C ARG A 257 -58.69 0.71 -25.20
N LYS A 258 -57.92 -0.03 -24.40
CA LYS A 258 -57.23 -1.26 -24.84
C LYS A 258 -56.09 -0.96 -25.82
N ILE A 259 -55.06 -1.82 -25.82
CA ILE A 259 -53.94 -1.71 -26.76
C ILE A 259 -53.77 -2.97 -27.59
N THR A 260 -53.72 -2.81 -28.91
CA THR A 260 -53.62 -3.93 -29.85
C THR A 260 -52.26 -4.63 -29.76
N MET A 261 -52.07 -5.66 -30.59
CA MET A 261 -50.76 -6.27 -30.72
C MET A 261 -49.93 -5.59 -31.80
N LYS A 262 -50.57 -4.69 -32.55
CA LYS A 262 -49.87 -3.76 -33.43
C LYS A 262 -49.38 -2.56 -32.62
N ASP A 263 -49.90 -2.44 -31.40
CA ASP A 263 -49.42 -1.47 -30.41
C ASP A 263 -48.33 -2.12 -29.54
N LEU A 264 -48.16 -3.43 -29.70
CA LEU A 264 -47.19 -4.21 -28.94
C LEU A 264 -45.87 -4.39 -29.68
N GLU A 265 -45.96 -4.58 -31.00
CA GLU A 265 -44.79 -4.64 -31.86
C GLU A 265 -44.01 -3.34 -31.73
N GLU A 266 -44.74 -2.22 -31.81
CA GLU A 266 -44.14 -0.90 -31.67
C GLU A 266 -43.56 -0.72 -30.28
N ALA A 267 -44.14 -1.41 -29.31
CA ALA A 267 -43.65 -1.38 -27.93
C ALA A 267 -42.31 -2.11 -27.78
N ALA A 268 -42.03 -3.00 -28.73
CA ALA A 268 -40.75 -3.69 -28.81
C ALA A 268 -39.81 -3.00 -29.79
N ASP A 269 -40.38 -2.15 -30.64
CA ASP A 269 -39.60 -1.32 -31.57
C ASP A 269 -39.21 0.01 -30.90
N ARG A 270 -39.61 0.16 -29.64
CA ARG A 270 -39.26 1.35 -28.85
C ARG A 270 -38.16 1.02 -27.83
N VAL A 271 -38.24 -0.18 -27.27
CA VAL A 271 -37.28 -0.67 -26.29
C VAL A 271 -36.07 -1.31 -26.98
N MET A 272 -36.20 -1.58 -28.28
CA MET A 272 -35.13 -2.12 -29.11
C MET A 272 -33.98 -1.11 -29.29
N MET A 273 -34.26 0.18 -29.10
CA MET A 273 -33.27 1.24 -29.33
C MET A 273 -33.07 2.18 -28.13
N LEU A 274 -33.03 1.64 -26.92
CA LEU A 274 -32.83 2.45 -25.71
C LEU A 274 -31.74 1.98 -24.72
N PRO A 275 -31.45 0.67 -24.63
CA PRO A 275 -30.38 0.18 -23.73
C PRO A 275 -28.98 0.71 -24.01
N ALA A 276 -28.71 1.95 -23.59
CA ALA A 276 -27.39 2.63 -23.62
C ALA A 276 -27.53 4.15 -23.74
N LYS A 277 -26.75 4.76 -24.62
CA LYS A 277 -26.87 6.17 -24.95
C LYS A 277 -26.84 6.37 -26.47
N LYS A 278 -25.98 5.61 -27.16
CA LYS A 278 -26.02 5.48 -28.61
C LYS A 278 -26.68 4.12 -28.93
N SER A 279 -27.89 4.15 -29.51
CA SER A 279 -28.80 2.98 -29.59
C SER A 279 -28.35 1.73 -30.46
N LEU A 280 -28.36 0.50 -29.92
CA LEU A 280 -27.93 -0.78 -30.58
C LEU A 280 -28.93 -1.98 -30.38
N VAL A 281 -28.74 -3.10 -31.12
CA VAL A 281 -29.68 -4.25 -31.12
C VAL A 281 -29.10 -5.72 -31.23
N LEU A 282 -30.05 -6.67 -31.12
CA LEU A 282 -29.85 -8.12 -31.29
C LEU A 282 -30.47 -8.50 -32.64
N SER A 283 -29.73 -8.17 -33.71
CA SER A 283 -30.23 -8.23 -35.08
C SER A 283 -30.27 -9.64 -35.68
N PRO A 284 -31.11 -9.81 -36.71
CA PRO A 284 -31.17 -11.04 -37.50
C PRO A 284 -29.82 -11.56 -37.92
N ARG A 285 -28.77 -10.78 -37.74
CA ARG A 285 -27.44 -11.28 -38.00
C ARG A 285 -26.64 -11.45 -36.72
N ASP A 286 -27.15 -10.84 -35.66
CA ASP A 286 -26.49 -10.92 -34.37
C ASP A 286 -26.87 -12.23 -33.71
N ARG A 287 -28.13 -12.62 -33.87
CA ARG A 287 -28.54 -13.94 -33.43
C ARG A 287 -27.81 -14.94 -34.32
N ARG A 288 -28.04 -14.80 -35.63
CA ARG A 288 -27.37 -15.64 -36.63
C ARG A 288 -25.83 -15.75 -36.42
N ILE A 289 -25.19 -14.71 -35.95
CA ILE A 289 -23.84 -14.97 -35.53
C ILE A 289 -23.86 -15.85 -34.29
N THR A 290 -24.38 -15.33 -33.17
CA THR A 290 -24.21 -16.02 -31.87
C THR A 290 -24.59 -17.47 -31.98
N ALA A 291 -25.44 -17.74 -32.98
CA ALA A 291 -25.90 -19.09 -33.15
C ALA A 291 -24.80 -19.99 -33.68
N TYR A 292 -24.22 -19.64 -34.82
CA TYR A 292 -23.15 -20.46 -35.37
C TYR A 292 -22.04 -20.63 -34.34
N HIS A 293 -21.85 -19.60 -33.54
CA HIS A 293 -20.87 -19.53 -32.49
C HIS A 293 -21.17 -20.54 -31.41
N GLU A 294 -22.44 -20.63 -31.05
CA GLU A 294 -22.86 -21.53 -30.00
C GLU A 294 -23.01 -22.96 -30.50
N ALA A 295 -23.19 -23.10 -31.82
CA ALA A 295 -23.25 -24.42 -32.46
C ALA A 295 -21.85 -24.96 -32.54
N GLY A 296 -20.88 -24.06 -32.66
CA GLY A 296 -19.49 -24.46 -32.70
C GLY A 296 -19.09 -25.24 -31.47
N HIS A 297 -19.15 -24.59 -30.32
CA HIS A 297 -18.90 -25.24 -29.05
C HIS A 297 -19.66 -26.53 -28.97
N ALA A 298 -20.93 -26.50 -29.28
CA ALA A 298 -21.73 -27.71 -29.24
C ALA A 298 -21.05 -28.75 -30.08
N LEU A 299 -20.95 -28.45 -31.37
CA LEU A 299 -20.41 -29.38 -32.34
C LEU A 299 -18.99 -29.74 -32.06
N ALA A 300 -18.30 -28.96 -31.23
CA ALA A 300 -16.96 -29.30 -30.82
C ALA A 300 -17.08 -30.35 -29.74
N ALA A 301 -17.27 -29.94 -28.50
CA ALA A 301 -17.15 -30.88 -27.43
C ALA A 301 -17.77 -32.24 -27.74
N HIS A 302 -18.63 -32.32 -28.74
CA HIS A 302 -19.22 -33.60 -29.10
C HIS A 302 -18.38 -34.34 -30.15
N PHE A 303 -17.79 -35.47 -29.77
CA PHE A 303 -17.30 -36.45 -30.77
C PHE A 303 -17.56 -38.01 -30.50
N LEU A 304 -16.59 -38.83 -30.97
CA LEU A 304 -16.58 -40.31 -30.88
C LEU A 304 -15.09 -40.69 -31.12
N GLU A 305 -14.63 -41.77 -30.48
CA GLU A 305 -13.18 -42.16 -30.42
C GLU A 305 -12.15 -41.11 -29.92
N HIS A 306 -11.96 -41.04 -28.59
CA HIS A 306 -10.85 -40.28 -27.98
C HIS A 306 -11.10 -38.79 -27.61
N ALA A 307 -12.24 -38.26 -28.05
CA ALA A 307 -12.59 -36.88 -27.81
C ALA A 307 -13.21 -36.73 -26.42
N ASP A 308 -13.21 -35.50 -25.89
CA ASP A 308 -13.48 -35.27 -24.47
C ASP A 308 -14.26 -33.95 -24.14
N GLY A 309 -15.38 -34.05 -23.42
CA GLY A 309 -16.24 -32.89 -23.14
C GLY A 309 -17.63 -33.33 -22.66
N VAL A 310 -18.66 -32.46 -22.73
CA VAL A 310 -20.06 -32.79 -22.29
C VAL A 310 -21.20 -32.26 -23.22
N HIS A 311 -22.41 -32.01 -22.66
CA HIS A 311 -23.53 -31.40 -23.44
C HIS A 311 -24.86 -30.89 -22.79
N LYS A 312 -25.25 -29.67 -23.20
CA LYS A 312 -26.64 -29.09 -23.16
C LYS A 312 -26.70 -27.64 -23.75
N VAL A 313 -27.33 -27.48 -24.94
CA VAL A 313 -27.18 -26.26 -25.78
C VAL A 313 -28.32 -25.24 -25.68
N THR A 314 -27.96 -23.95 -25.58
CA THR A 314 -28.94 -22.86 -25.59
C THR A 314 -28.31 -21.53 -26.07
N ILE A 315 -29.15 -20.57 -26.38
CA ILE A 315 -28.75 -19.18 -26.63
C ILE A 315 -29.27 -18.22 -25.52
N VAL A 316 -28.45 -17.23 -25.21
CA VAL A 316 -28.61 -16.25 -24.11
C VAL A 316 -28.46 -16.79 -22.66
N PRO A 317 -27.21 -16.88 -22.18
CA PRO A 317 -26.90 -17.12 -20.76
C PRO A 317 -26.27 -15.93 -19.96
N ARG A 318 -25.35 -15.22 -20.63
CA ARG A 318 -24.38 -14.24 -20.09
C ARG A 318 -23.15 -14.82 -19.34
N GLY A 319 -23.39 -15.44 -18.18
CA GLY A 319 -22.34 -15.98 -17.34
C GLY A 319 -21.90 -17.41 -17.67
N ARG A 320 -22.83 -18.35 -17.51
CA ARG A 320 -22.59 -19.81 -17.58
C ARG A 320 -21.43 -20.38 -18.44
N ALA A 321 -21.13 -19.77 -19.59
CA ALA A 321 -20.17 -20.32 -20.57
C ALA A 321 -18.71 -20.33 -20.11
N LEU A 322 -18.52 -20.36 -18.80
CA LEU A 322 -17.19 -20.50 -18.20
C LEU A 322 -16.98 -21.92 -17.70
N GLY A 323 -18.09 -22.58 -17.32
CA GLY A 323 -18.14 -23.95 -16.78
C GLY A 323 -17.04 -24.95 -17.12
N PHE A 324 -16.47 -24.86 -18.32
CA PHE A 324 -15.33 -25.71 -18.72
C PHE A 324 -13.92 -25.37 -18.12
N MET A 325 -13.96 -24.85 -16.88
CA MET A 325 -12.81 -24.70 -15.99
C MET A 325 -13.21 -24.12 -14.61
N MET A 326 -13.46 -22.81 -14.52
CA MET A 326 -13.52 -22.09 -13.24
C MET A 326 -14.31 -22.75 -12.09
N PRO A 327 -15.65 -22.91 -12.20
CA PRO A 327 -16.44 -23.67 -11.19
C PRO A 327 -16.04 -25.17 -11.01
N ARG A 328 -14.78 -25.46 -11.37
CA ARG A 328 -14.19 -26.81 -11.24
C ARG A 328 -12.75 -26.78 -10.67
N ARG A 329 -12.04 -25.64 -10.81
CA ARG A 329 -10.71 -25.47 -10.18
C ARG A 329 -10.86 -25.12 -8.70
N GLU A 330 -11.99 -24.50 -8.40
CA GLU A 330 -12.52 -24.35 -7.03
C GLU A 330 -13.40 -25.54 -6.69
N ASP A 331 -13.23 -26.65 -7.42
CA ASP A 331 -13.68 -27.98 -7.01
C ASP A 331 -12.73 -29.12 -7.43
N MET A 332 -11.45 -28.97 -7.06
CA MET A 332 -10.38 -30.01 -7.06
C MET A 332 -10.67 -31.43 -7.63
N LEU A 333 -9.88 -31.83 -8.64
CA LEU A 333 -9.80 -33.21 -9.17
C LEU A 333 -8.86 -33.30 -10.37
N HIS A 334 -8.14 -34.42 -10.46
CA HIS A 334 -7.26 -34.68 -11.60
C HIS A 334 -8.00 -34.70 -12.96
N TRP A 335 -7.92 -33.57 -13.65
CA TRP A 335 -8.25 -33.36 -15.06
C TRP A 335 -7.15 -34.06 -15.92
N SER A 336 -7.00 -33.76 -17.22
CA SER A 336 -5.92 -34.42 -18.00
C SER A 336 -5.42 -33.70 -19.23
N ARG A 337 -4.09 -33.71 -19.45
CA ARG A 337 -3.49 -33.02 -20.62
C ARG A 337 -4.37 -33.20 -21.82
N LYS A 338 -4.77 -34.44 -22.01
CA LYS A 338 -5.56 -34.73 -23.16
C LYS A 338 -6.86 -33.98 -22.94
N ARG A 339 -7.46 -34.15 -21.78
CA ARG A 339 -8.77 -33.59 -21.59
C ARG A 339 -8.71 -32.11 -21.81
N LEU A 340 -7.74 -31.45 -21.19
CA LEU A 340 -7.63 -29.99 -21.31
C LEU A 340 -7.44 -29.47 -22.74
N LEU A 341 -6.68 -30.18 -23.56
CA LEU A 341 -6.51 -29.74 -24.93
C LEU A 341 -7.80 -29.65 -25.70
N ASP A 342 -8.59 -30.70 -25.65
CA ASP A 342 -9.93 -30.66 -26.19
C ASP A 342 -10.78 -29.63 -25.46
N GLN A 343 -10.61 -29.52 -24.16
CA GLN A 343 -11.18 -28.40 -23.46
C GLN A 343 -10.78 -27.07 -24.13
N ILE A 344 -9.47 -26.86 -24.33
CA ILE A 344 -8.95 -25.72 -25.09
C ILE A 344 -9.43 -25.71 -26.53
N ALA A 345 -9.72 -26.88 -27.07
CA ALA A 345 -10.26 -26.94 -28.40
C ALA A 345 -11.68 -26.43 -28.40
N VAL A 346 -12.56 -27.08 -27.66
CA VAL A 346 -13.91 -26.60 -27.54
C VAL A 346 -13.92 -25.15 -27.18
N ALA A 347 -12.84 -24.66 -26.57
CA ALA A 347 -12.74 -23.24 -26.27
C ALA A 347 -12.86 -22.40 -27.54
N LEU A 348 -11.94 -22.65 -28.45
CA LEU A 348 -11.85 -21.86 -29.63
C LEU A 348 -12.89 -22.19 -30.69
N ALA A 349 -13.62 -23.28 -30.50
CA ALA A 349 -14.73 -23.66 -31.38
C ALA A 349 -15.48 -22.42 -31.79
N GLY A 350 -15.70 -21.57 -30.79
CA GLY A 350 -16.59 -20.44 -30.90
C GLY A 350 -16.16 -19.52 -32.00
N ARG A 351 -14.91 -19.16 -31.93
CA ARG A 351 -14.29 -18.40 -32.98
C ARG A 351 -14.50 -19.22 -34.24
N ALA A 352 -13.55 -20.16 -34.44
CA ALA A 352 -13.63 -21.14 -35.53
C ALA A 352 -14.92 -21.02 -36.30
N ALA A 353 -15.99 -21.54 -35.72
CA ALA A 353 -17.28 -21.40 -36.35
C ALA A 353 -17.32 -20.17 -37.25
N GLU A 354 -17.36 -18.98 -36.65
CA GLU A 354 -17.59 -17.83 -37.46
C GLU A 354 -16.47 -17.68 -38.42
N GLU A 355 -15.22 -17.81 -38.00
CA GLU A 355 -14.13 -17.76 -38.98
C GLU A 355 -14.57 -18.43 -40.29
N ILE A 356 -15.12 -19.63 -40.17
CA ILE A 356 -15.62 -20.41 -41.31
C ILE A 356 -16.88 -19.82 -41.90
N VAL A 357 -18.05 -20.23 -41.39
CA VAL A 357 -19.33 -19.88 -42.01
C VAL A 357 -19.33 -18.42 -42.38
N PHE A 358 -19.09 -17.62 -41.36
CA PHE A 358 -19.33 -16.22 -41.42
C PHE A 358 -18.43 -15.36 -42.27
N ASP A 359 -19.00 -14.18 -42.57
CA ASP A 359 -18.45 -13.17 -43.50
C ASP A 359 -17.00 -12.88 -43.32
N ASP A 360 -16.35 -13.92 -42.82
CA ASP A 360 -14.95 -14.00 -42.83
C ASP A 360 -14.46 -12.76 -42.07
N VAL A 361 -15.46 -12.02 -41.51
CA VAL A 361 -15.09 -11.11 -40.40
C VAL A 361 -15.46 -11.62 -39.06
N THR A 362 -14.66 -11.18 -38.09
CA THR A 362 -14.77 -11.62 -36.73
C THR A 362 -15.43 -10.68 -35.69
N THR A 363 -16.46 -11.21 -35.06
CA THR A 363 -17.09 -10.49 -34.03
C THR A 363 -16.22 -10.59 -32.74
N GLY A 364 -16.06 -9.46 -32.04
CA GLY A 364 -15.39 -9.39 -30.73
C GLY A 364 -16.12 -10.13 -29.63
N ALA A 365 -15.96 -11.46 -29.58
CA ALA A 365 -16.59 -12.35 -28.58
C ALA A 365 -15.57 -13.25 -27.87
N GLU A 366 -15.09 -12.71 -26.76
CA GLU A 366 -13.73 -12.97 -26.29
C GLU A 366 -13.55 -14.04 -25.26
N ASN A 367 -14.27 -13.90 -24.15
CA ASN A 367 -14.12 -14.76 -22.98
C ASN A 367 -13.46 -16.12 -23.29
N ASP A 368 -14.09 -16.89 -24.18
CA ASP A 368 -13.50 -18.08 -24.82
C ASP A 368 -11.99 -18.04 -24.85
N PHE A 369 -11.44 -17.11 -25.61
CA PHE A 369 -9.99 -16.99 -25.73
C PHE A 369 -9.34 -17.00 -24.38
N ARG A 370 -9.84 -16.15 -23.50
CA ARG A 370 -9.32 -16.06 -22.14
C ARG A 370 -9.37 -17.41 -21.51
N GLN A 371 -10.57 -17.99 -21.42
CA GLN A 371 -10.68 -19.32 -20.84
C GLN A 371 -9.53 -20.16 -21.42
N ALA A 372 -9.47 -20.30 -22.73
CA ALA A 372 -8.43 -21.10 -23.35
C ALA A 372 -7.03 -20.70 -22.87
N THR A 373 -6.73 -19.42 -22.82
CA THR A 373 -5.34 -18.99 -22.58
C THR A 373 -4.95 -19.22 -21.18
N GLU A 374 -5.92 -18.98 -20.30
CA GLU A 374 -5.77 -19.20 -18.86
C GLU A 374 -5.48 -20.66 -18.61
N LEU A 375 -6.34 -21.51 -19.22
CA LEU A 375 -6.22 -22.96 -19.22
C LEU A 375 -4.89 -23.42 -19.83
N ALA A 376 -4.25 -22.57 -20.57
CA ALA A 376 -3.01 -22.99 -21.15
C ALA A 376 -1.76 -22.30 -20.62
N ARG A 377 -1.86 -21.22 -19.84
CA ARG A 377 -0.66 -20.92 -19.07
C ARG A 377 -0.61 -21.88 -17.91
N ARG A 378 -1.78 -22.23 -17.42
CA ARG A 378 -1.84 -23.27 -16.41
C ARG A 378 -1.09 -24.41 -17.06
N MET A 379 -1.59 -24.88 -18.20
CA MET A 379 -0.98 -25.92 -18.99
C MET A 379 0.52 -26.00 -18.81
N ILE A 380 1.18 -24.88 -18.89
CA ILE A 380 2.62 -24.87 -18.95
C ILE A 380 3.29 -24.84 -17.57
N THR A 381 2.82 -23.87 -16.79
CA THR A 381 3.48 -23.38 -15.59
C THR A 381 3.03 -24.09 -14.35
N GLU A 382 1.76 -23.94 -14.05
CA GLU A 382 1.22 -24.25 -12.74
C GLU A 382 1.10 -25.77 -12.63
N TRP A 383 0.57 -26.38 -13.67
CA TRP A 383 0.58 -27.81 -13.79
C TRP A 383 1.91 -28.16 -14.39
N GLY A 384 2.14 -29.46 -14.54
CA GLY A 384 3.33 -29.91 -15.21
C GLY A 384 2.73 -30.65 -16.36
N MET A 385 2.79 -30.06 -17.55
CA MET A 385 2.40 -30.73 -18.77
C MET A 385 3.58 -30.35 -19.53
N HIS A 386 4.28 -31.39 -19.99
CA HIS A 386 5.73 -31.45 -20.46
C HIS A 386 6.03 -30.96 -21.92
N PRO A 387 5.50 -29.80 -22.29
CA PRO A 387 6.30 -28.95 -23.14
C PRO A 387 7.80 -29.19 -23.02
N GLU A 388 8.47 -28.32 -23.76
CA GLU A 388 9.79 -27.79 -23.51
C GLU A 388 9.98 -27.25 -22.08
N PHE A 389 8.91 -26.72 -21.43
CA PHE A 389 8.89 -26.60 -19.94
C PHE A 389 8.60 -27.93 -19.21
N GLY A 390 9.35 -28.20 -18.15
CA GLY A 390 9.39 -29.54 -17.59
C GLY A 390 8.22 -29.94 -16.69
N PRO A 391 8.53 -30.62 -15.61
CA PRO A 391 7.64 -30.69 -14.47
C PRO A 391 8.12 -29.73 -13.42
N VAL A 392 8.41 -28.52 -13.83
CA VAL A 392 8.90 -27.54 -12.92
C VAL A 392 7.72 -26.72 -12.61
N ALA A 393 7.78 -25.98 -11.52
CA ALA A 393 6.60 -25.26 -11.08
C ALA A 393 6.72 -23.77 -11.20
N TYR A 394 6.37 -23.19 -12.34
CA TYR A 394 6.66 -21.77 -12.50
C TYR A 394 5.56 -20.82 -11.93
N ALA A 395 4.77 -21.31 -10.99
CA ALA A 395 3.58 -20.60 -10.52
C ALA A 395 3.02 -21.19 -9.21
N VAL A 396 2.13 -20.48 -8.54
CA VAL A 396 1.62 -21.06 -7.29
C VAL A 396 0.19 -20.65 -6.82
N ARG A 397 -0.81 -20.77 -7.69
CA ARG A 397 -2.16 -20.32 -7.34
C ARG A 397 -2.45 -20.65 -5.86
N GLU A 398 -2.55 -19.61 -5.03
CA GLU A 398 -2.94 -19.76 -3.62
C GLU A 398 -4.46 -19.80 -3.50
N ASP A 399 -4.94 -20.33 -2.37
CA ASP A 399 -6.38 -20.56 -2.12
C ASP A 399 -6.65 -20.39 -0.64
N THR A 400 -6.23 -19.25 -0.08
CA THR A 400 -6.12 -19.00 1.37
C THR A 400 -7.42 -18.51 2.02
N TYR A 401 -7.41 -18.35 3.35
CA TYR A 401 -8.63 -18.05 4.10
C TYR A 401 -9.09 -16.56 4.13
N LEU A 402 -8.16 -15.63 3.88
CA LEU A 402 -8.52 -14.21 3.72
C LEU A 402 -8.05 -13.71 2.37
N GLY A 403 -6.85 -14.19 1.99
CA GLY A 403 -6.29 -14.03 0.64
C GLY A 403 -6.64 -15.25 -0.23
N GLY A 404 -5.90 -15.44 -1.33
CA GLY A 404 -6.10 -16.64 -2.13
C GLY A 404 -6.45 -16.42 -3.60
N TYR A 405 -5.41 -16.16 -4.39
CA TYR A 405 -5.46 -15.78 -5.81
C TYR A 405 -4.05 -15.86 -6.38
N ASP A 406 -3.95 -16.03 -7.69
CA ASP A 406 -2.65 -16.33 -8.33
C ASP A 406 -1.63 -15.16 -8.51
N VAL A 407 -0.36 -15.45 -8.15
CA VAL A 407 0.91 -14.76 -8.61
C VAL A 407 2.11 -15.74 -8.52
N ARG A 408 3.25 -15.34 -9.07
CA ARG A 408 4.17 -16.36 -9.53
C ARG A 408 5.47 -15.87 -10.20
N GLN A 409 6.52 -16.67 -10.07
CA GLN A 409 7.82 -16.24 -10.52
C GLN A 409 8.59 -17.25 -11.36
N TYR A 410 8.87 -16.80 -12.57
CA TYR A 410 9.87 -17.31 -13.48
C TYR A 410 10.72 -16.07 -13.69
N SER A 411 10.96 -15.64 -14.92
CA SER A 411 11.97 -14.61 -15.12
C SER A 411 11.91 -14.16 -16.54
N GLU A 412 12.17 -12.88 -16.80
CA GLU A 412 11.74 -12.29 -18.03
C GLU A 412 11.83 -13.22 -19.20
N GLU A 413 13.01 -13.79 -19.38
CA GLU A 413 13.23 -14.74 -20.48
C GLU A 413 12.23 -15.86 -20.45
N THR A 414 12.22 -16.62 -19.36
CA THR A 414 11.26 -17.70 -19.16
C THR A 414 9.85 -17.20 -19.38
N ALA A 415 9.68 -15.88 -19.41
CA ALA A 415 8.39 -15.27 -19.70
C ALA A 415 8.01 -15.27 -21.20
N LYS A 416 8.95 -14.80 -22.03
CA LYS A 416 8.86 -14.87 -23.49
C LYS A 416 8.69 -16.34 -23.92
N ARG A 417 9.52 -17.14 -23.28
CA ARG A 417 9.48 -18.60 -23.28
C ARG A 417 8.01 -18.99 -23.00
N ILE A 418 7.38 -18.57 -21.88
CA ILE A 418 5.95 -18.87 -21.65
C ILE A 418 5.04 -18.29 -22.73
N ASP A 419 5.37 -17.10 -23.20
CA ASP A 419 4.49 -16.49 -24.15
C ASP A 419 4.40 -17.24 -25.44
N GLU A 420 5.52 -17.28 -26.16
CA GLU A 420 5.63 -17.96 -27.44
C GLU A 420 4.85 -19.25 -27.29
N ALA A 421 5.20 -20.04 -26.29
CA ALA A 421 4.54 -21.31 -26.04
C ALA A 421 3.03 -21.24 -26.13
N VAL A 422 2.42 -20.27 -25.46
CA VAL A 422 0.95 -20.26 -25.43
C VAL A 422 0.40 -19.78 -26.76
N ARG A 423 1.19 -19.00 -27.49
CA ARG A 423 0.80 -18.72 -28.84
C ARG A 423 0.81 -20.03 -29.62
N ARG A 424 1.97 -20.72 -29.71
CA ARG A 424 1.98 -22.08 -30.34
C ARG A 424 0.72 -22.94 -29.88
N LEU A 425 0.59 -23.14 -28.55
CA LEU A 425 -0.42 -24.01 -28.05
C LEU A 425 -1.78 -23.57 -28.57
N ILE A 426 -2.23 -22.35 -28.30
CA ILE A 426 -3.60 -22.02 -28.70
C ILE A 426 -3.71 -21.98 -30.20
N GLU A 427 -2.71 -21.38 -30.86
CA GLU A 427 -2.86 -21.29 -32.30
C GLU A 427 -3.18 -22.66 -32.78
N GLU A 428 -2.22 -23.58 -32.55
CA GLU A 428 -2.26 -24.93 -33.14
C GLU A 428 -3.51 -25.76 -32.76
N GLN A 429 -3.95 -25.60 -31.53
CA GLN A 429 -5.17 -26.18 -31.11
C GLN A 429 -6.37 -25.53 -31.79
N TYR A 430 -6.28 -24.25 -32.11
CA TYR A 430 -7.41 -23.59 -32.76
C TYR A 430 -7.60 -24.16 -34.16
N GLN A 431 -6.47 -24.33 -34.84
CA GLN A 431 -6.46 -24.93 -36.16
C GLN A 431 -7.19 -26.28 -36.19
N ARG A 432 -6.97 -27.08 -35.15
CA ARG A 432 -7.71 -28.32 -34.95
C ARG A 432 -9.19 -28.13 -35.08
N VAL A 433 -9.71 -27.21 -34.28
CA VAL A 433 -11.14 -27.09 -34.16
C VAL A 433 -11.67 -26.42 -35.38
N LYS A 434 -10.79 -25.76 -36.12
CA LYS A 434 -11.25 -25.24 -37.40
C LYS A 434 -11.58 -26.44 -38.28
N ALA A 435 -10.58 -27.31 -38.46
CA ALA A 435 -10.77 -28.50 -39.29
C ALA A 435 -12.00 -29.28 -38.91
N LEU A 436 -12.08 -29.71 -37.66
CA LEU A 436 -13.21 -30.52 -37.21
C LEU A 436 -14.57 -29.89 -37.43
N LEU A 437 -14.60 -28.57 -37.32
CA LEU A 437 -15.76 -27.79 -37.67
C LEU A 437 -15.93 -27.83 -39.20
N LEU A 438 -14.92 -27.33 -39.91
CA LEU A 438 -14.86 -27.45 -41.35
C LEU A 438 -15.37 -28.82 -41.82
N GLU A 439 -14.68 -29.86 -41.36
CA GLU A 439 -14.97 -31.24 -41.72
C GLU A 439 -16.40 -31.68 -41.41
N LYS A 440 -17.01 -31.05 -40.42
CA LYS A 440 -18.39 -31.34 -40.12
C LYS A 440 -19.32 -30.20 -40.62
N ARG A 441 -18.80 -29.36 -41.52
CA ARG A 441 -19.47 -28.11 -41.92
C ARG A 441 -20.97 -28.25 -42.16
N GLU A 442 -21.36 -29.36 -42.74
CA GLU A 442 -22.75 -29.60 -43.03
C GLU A 442 -23.58 -29.55 -41.75
N VAL A 443 -23.01 -30.09 -40.67
CA VAL A 443 -23.72 -30.13 -39.40
C VAL A 443 -23.80 -28.78 -38.69
N LEU A 444 -22.83 -27.91 -38.95
CA LEU A 444 -22.90 -26.58 -38.36
C LEU A 444 -24.20 -25.88 -38.80
N GLU A 445 -24.34 -25.61 -40.09
CA GLU A 445 -25.56 -25.05 -40.66
C GLU A 445 -26.70 -25.76 -39.97
N ARG A 446 -26.75 -27.07 -40.11
CA ARG A 446 -27.79 -27.89 -39.47
C ARG A 446 -28.14 -27.48 -38.03
N VAL A 447 -27.16 -27.43 -37.14
CA VAL A 447 -27.41 -27.10 -35.74
C VAL A 447 -27.75 -25.64 -35.65
N ALA A 448 -26.80 -24.79 -35.99
CA ALA A 448 -26.99 -23.35 -35.89
C ALA A 448 -28.32 -22.89 -36.47
N GLU A 449 -28.65 -23.41 -37.64
CA GLU A 449 -29.92 -23.09 -38.23
C GLU A 449 -31.07 -23.52 -37.31
N THR A 450 -31.05 -24.77 -36.84
CA THR A 450 -32.09 -25.23 -35.92
C THR A 450 -32.09 -24.31 -34.71
N LEU A 451 -30.89 -24.10 -34.16
CA LEU A 451 -30.65 -23.19 -33.03
C LEU A 451 -31.37 -21.84 -33.22
N LEU A 452 -30.83 -21.02 -34.12
CA LEU A 452 -31.52 -19.80 -34.53
C LEU A 452 -33.00 -19.99 -34.38
N GLU A 453 -33.54 -21.01 -35.02
CA GLU A 453 -34.97 -21.14 -35.11
C GLU A 453 -35.73 -21.48 -33.82
N ARG A 454 -35.10 -22.22 -32.91
CA ARG A 454 -35.86 -22.65 -31.74
C ARG A 454 -35.21 -22.42 -30.36
N GLU A 455 -34.07 -21.69 -30.37
CA GLU A 455 -33.39 -21.25 -29.14
C GLU A 455 -32.67 -22.36 -28.38
N THR A 456 -33.35 -23.44 -28.08
CA THR A 456 -32.83 -24.39 -27.11
C THR A 456 -32.98 -25.82 -27.59
N LEU A 457 -31.89 -26.57 -27.57
CA LEU A 457 -31.98 -27.99 -27.83
C LEU A 457 -31.47 -28.78 -26.64
N THR A 458 -32.29 -29.69 -26.11
CA THR A 458 -31.79 -30.58 -25.07
C THR A 458 -30.92 -31.62 -25.75
N ALA A 459 -29.88 -32.07 -25.08
CA ALA A 459 -28.79 -32.77 -25.78
C ALA A 459 -29.18 -34.04 -26.56
N GLU A 460 -30.18 -34.76 -26.11
CA GLU A 460 -30.63 -35.87 -26.94
C GLU A 460 -31.27 -35.31 -28.23
N GLU A 461 -31.98 -34.18 -28.12
CA GLU A 461 -32.53 -33.47 -29.29
C GLU A 461 -31.39 -33.14 -30.24
N PHE A 462 -30.31 -32.64 -29.65
CA PHE A 462 -29.06 -32.43 -30.37
C PHE A 462 -28.65 -33.71 -31.05
N GLN A 463 -28.49 -34.77 -30.24
CA GLN A 463 -28.06 -36.06 -30.77
C GLN A 463 -28.77 -36.33 -32.10
N ARG A 464 -30.06 -35.97 -32.16
CA ARG A 464 -30.83 -36.18 -33.38
C ARG A 464 -30.42 -35.21 -34.48
N VAL A 465 -30.66 -33.92 -34.27
CA VAL A 465 -30.40 -32.97 -35.34
C VAL A 465 -29.03 -33.21 -36.00
N VAL A 466 -28.11 -33.78 -35.23
CA VAL A 466 -26.76 -34.07 -35.72
C VAL A 466 -26.78 -35.18 -36.75
N GLU A 467 -27.40 -36.30 -36.39
CA GLU A 467 -27.56 -37.40 -37.34
C GLU A 467 -28.74 -37.11 -38.26
N GLY A 468 -28.60 -36.07 -39.07
CA GLY A 468 -29.59 -35.65 -40.06
C GLY A 468 -31.01 -36.15 -39.88
N LEU A 469 -31.60 -35.86 -38.74
CA LEU A 469 -32.97 -36.27 -38.44
C LEU A 469 -33.73 -35.14 -37.76
N PRO A 470 -35.01 -34.99 -38.07
CA PRO A 470 -35.86 -34.04 -37.37
C PRO A 470 -36.27 -34.55 -36.00
N LEU A 471 -36.75 -33.63 -35.17
CA LEU A 471 -37.56 -33.96 -33.99
C LEU A 471 -38.41 -32.73 -33.61
N GLU A 472 -39.70 -32.78 -33.93
CA GLU A 472 -40.61 -31.66 -33.73
C GLU A 472 -41.30 -31.73 -32.37
N ALA A 473 -41.76 -30.57 -31.90
CA ALA A 473 -42.35 -30.42 -30.57
C ALA A 473 -43.87 -30.62 -30.57
N PRO A 474 -44.38 -31.39 -29.59
CA PRO A 474 -45.77 -31.91 -29.60
C PRO A 474 -47.00 -31.03 -29.21
N GLU A 475 -46.93 -30.21 -28.16
CA GLU A 475 -48.12 -29.46 -27.68
C GLU A 475 -49.36 -30.33 -27.46
N LEU B 22 -27.72 -37.02 37.01
CA LEU B 22 -26.52 -37.64 37.65
C LEU B 22 -25.82 -38.63 36.69
N THR B 23 -24.54 -38.87 36.94
CA THR B 23 -23.75 -39.79 36.11
C THR B 23 -23.11 -40.98 36.89
N GLU B 24 -22.33 -41.80 36.18
CA GLU B 24 -22.16 -43.22 36.50
C GLU B 24 -21.11 -43.82 35.56
N ALA B 25 -21.17 -45.14 35.36
CA ALA B 25 -20.23 -45.82 34.46
C ALA B 25 -20.60 -45.62 32.98
N PRO B 26 -19.78 -44.86 32.22
CA PRO B 26 -20.11 -44.51 30.84
C PRO B 26 -19.60 -45.52 29.81
N LYS B 27 -20.52 -46.26 29.21
CA LYS B 27 -20.21 -47.41 28.36
C LYS B 27 -19.40 -47.10 27.10
N VAL B 28 -18.90 -48.17 26.46
CA VAL B 28 -18.01 -48.13 25.29
C VAL B 28 -16.55 -47.96 25.70
N THR B 29 -15.81 -49.04 25.52
CA THR B 29 -14.38 -49.10 25.85
C THR B 29 -13.54 -48.93 24.59
N PHE B 30 -12.27 -49.35 24.66
CA PHE B 30 -11.41 -49.39 23.48
C PHE B 30 -11.61 -50.71 22.71
N LYS B 31 -12.32 -51.66 23.31
CA LYS B 31 -12.68 -52.88 22.61
C LYS B 31 -13.88 -52.64 21.70
N ASP B 32 -14.54 -51.50 21.91
CA ASP B 32 -15.73 -51.15 21.15
C ASP B 32 -15.50 -49.96 20.22
N VAL B 33 -14.24 -49.68 19.90
CA VAL B 33 -13.88 -48.65 18.94
C VAL B 33 -12.96 -49.26 17.88
N ALA B 34 -13.46 -49.30 16.65
CA ALA B 34 -12.78 -49.95 15.54
C ALA B 34 -11.48 -49.25 15.14
N GLY B 35 -10.60 -50.01 14.48
CA GLY B 35 -9.34 -49.50 13.95
C GLY B 35 -8.64 -48.52 14.88
N ALA B 36 -8.20 -47.41 14.31
CA ALA B 36 -7.61 -46.29 15.04
C ALA B 36 -6.62 -46.69 16.16
N GLU B 37 -5.94 -47.82 15.97
CA GLU B 37 -5.03 -48.38 16.98
C GLU B 37 -3.91 -47.41 17.34
N GLU B 38 -3.36 -46.72 16.34
CA GLU B 38 -2.31 -45.73 16.53
C GLU B 38 -2.56 -44.83 17.72
N ALA B 39 -3.77 -44.27 17.76
CA ALA B 39 -4.17 -43.30 18.77
C ALA B 39 -4.52 -43.95 20.10
N LYS B 40 -5.04 -45.17 20.04
CA LYS B 40 -5.37 -45.89 21.26
C LYS B 40 -4.11 -46.07 22.13
N GLU B 41 -3.00 -46.43 21.47
CA GLU B 41 -1.71 -46.66 22.13
C GLU B 41 -1.18 -45.41 22.84
N GLU B 42 -1.27 -44.29 22.14
CA GLU B 42 -0.89 -42.99 22.68
C GLU B 42 -1.76 -42.56 23.87
N LEU B 43 -2.98 -43.12 23.94
CA LEU B 43 -4.00 -42.67 24.88
C LEU B 43 -3.96 -43.40 26.22
N LYS B 44 -3.39 -44.62 26.23
CA LYS B 44 -3.18 -45.37 27.48
C LYS B 44 -2.46 -44.51 28.51
N GLU B 45 -1.78 -43.47 28.03
CA GLU B 45 -1.07 -42.49 28.84
C GLU B 45 -2.05 -41.70 29.68
N ILE B 46 -3.23 -41.47 29.12
CA ILE B 46 -4.26 -40.73 29.82
C ILE B 46 -5.08 -41.70 30.66
N VAL B 47 -5.19 -42.92 30.14
CA VAL B 47 -5.98 -43.99 30.75
C VAL B 47 -5.43 -44.41 32.12
N GLU B 48 -4.18 -44.89 32.16
CA GLU B 48 -3.52 -45.25 33.40
C GLU B 48 -3.57 -44.11 34.43
N PHE B 49 -3.31 -42.89 33.98
CA PHE B 49 -3.43 -41.71 34.84
C PHE B 49 -4.87 -41.43 35.23
N LEU B 50 -5.80 -41.59 34.29
CA LEU B 50 -7.21 -41.49 34.65
C LEU B 50 -7.63 -42.61 35.65
N LYS B 51 -6.98 -43.77 35.50
CA LYS B 51 -7.23 -44.93 36.34
C LYS B 51 -6.64 -44.76 37.72
N ASN B 52 -5.35 -44.43 37.80
CA ASN B 52 -4.69 -44.26 39.10
C ASN B 52 -3.90 -42.95 39.26
N PRO B 53 -4.59 -41.81 39.23
CA PRO B 53 -3.91 -40.50 39.41
C PRO B 53 -3.00 -40.43 40.65
N SER B 54 -3.40 -41.13 41.71
CA SER B 54 -2.60 -41.24 42.92
C SER B 54 -1.21 -41.78 42.59
N ARG B 55 -1.10 -42.52 41.48
CA ARG B 55 0.17 -43.09 41.06
C ARG B 55 1.03 -42.06 40.29
N PHE B 56 0.52 -40.84 40.14
CA PHE B 56 1.22 -39.84 39.37
C PHE B 56 1.68 -38.66 40.23
N HIS B 57 0.71 -37.94 40.79
CA HIS B 57 0.97 -36.69 41.50
C HIS B 57 2.19 -36.77 42.42
N GLU B 58 2.16 -37.71 43.36
CA GLU B 58 3.25 -37.92 44.31
C GLU B 58 4.49 -38.46 43.59
N MET B 59 4.27 -39.38 42.65
CA MET B 59 5.37 -39.99 41.92
C MET B 59 5.85 -39.06 40.80
N GLY B 60 6.32 -37.88 41.21
CA GLY B 60 6.86 -36.83 40.35
C GLY B 60 6.73 -36.88 38.83
N ALA B 61 5.50 -36.75 38.34
CA ALA B 61 5.23 -36.73 36.92
C ALA B 61 4.20 -35.66 36.56
N ARG B 62 3.86 -35.58 35.28
CA ARG B 62 2.89 -34.60 34.75
C ARG B 62 2.28 -35.18 33.48
N ILE B 63 1.04 -34.81 33.18
CA ILE B 63 0.34 -35.40 32.04
C ILE B 63 -0.40 -34.34 31.22
N PRO B 64 -0.36 -34.49 29.88
CA PRO B 64 -1.08 -33.61 28.94
C PRO B 64 -2.04 -32.52 29.46
N LYS B 65 -3.25 -32.89 29.86
CA LYS B 65 -4.21 -31.93 30.43
C LYS B 65 -5.28 -31.56 29.42
N GLY B 66 -4.83 -31.38 28.18
CA GLY B 66 -5.70 -30.88 27.11
C GLY B 66 -5.37 -31.51 25.77
N VAL B 67 -6.08 -32.57 25.44
CA VAL B 67 -5.88 -33.25 24.19
C VAL B 67 -7.00 -32.79 23.26
N LEU B 68 -6.62 -32.37 22.04
CA LEU B 68 -7.57 -32.14 20.94
C LEU B 68 -7.49 -33.23 19.88
N LEU B 69 -8.61 -33.51 19.23
CA LEU B 69 -8.64 -34.54 18.20
C LEU B 69 -8.65 -33.96 16.78
N VAL B 70 -7.86 -34.57 15.91
CA VAL B 70 -7.74 -34.08 14.55
C VAL B 70 -8.37 -35.10 13.63
N GLY B 71 -9.44 -34.68 12.96
CA GLY B 71 -10.09 -35.50 11.95
C GLY B 71 -11.40 -34.89 11.47
N PRO B 72 -11.94 -35.44 10.38
CA PRO B 72 -13.25 -35.03 9.84
C PRO B 72 -14.40 -35.26 10.81
N PRO B 73 -15.63 -34.85 10.47
CA PRO B 73 -16.82 -35.19 11.25
C PRO B 73 -17.32 -36.63 11.03
N GLY B 74 -17.23 -37.45 12.09
CA GLY B 74 -17.69 -38.83 12.07
C GLY B 74 -16.61 -39.86 11.75
N VAL B 75 -15.54 -39.87 12.54
CA VAL B 75 -14.37 -40.70 12.24
C VAL B 75 -14.14 -41.73 13.36
N GLY B 76 -14.22 -41.23 14.59
CA GLY B 76 -13.97 -41.98 15.80
C GLY B 76 -13.96 -41.00 16.94
N LYS B 77 -14.08 -39.72 16.60
CA LYS B 77 -13.77 -38.59 17.48
C LYS B 77 -14.38 -38.65 18.89
N THR B 78 -15.51 -38.00 19.08
CA THR B 78 -16.19 -37.98 20.37
C THR B 78 -16.20 -39.40 20.91
N HIS B 79 -16.73 -40.31 20.07
CA HIS B 79 -16.70 -41.76 20.27
C HIS B 79 -15.43 -42.26 20.97
N LEU B 80 -14.28 -41.63 20.69
CA LEU B 80 -13.02 -42.07 21.27
C LEU B 80 -12.73 -41.42 22.60
N ALA B 81 -13.03 -40.12 22.71
CA ALA B 81 -12.83 -39.37 23.96
C ALA B 81 -13.74 -39.93 25.06
N ARG B 82 -14.97 -40.28 24.65
CA ARG B 82 -15.90 -41.09 25.41
C ARG B 82 -15.28 -42.44 25.72
N ALA B 83 -14.71 -43.06 24.69
CA ALA B 83 -14.11 -44.39 24.78
C ALA B 83 -12.89 -44.48 25.70
N VAL B 84 -12.27 -43.35 26.02
CA VAL B 84 -11.27 -43.32 27.08
C VAL B 84 -11.99 -43.64 28.38
N ALA B 85 -12.99 -42.82 28.72
CA ALA B 85 -13.79 -43.03 29.93
C ALA B 85 -14.30 -44.47 30.11
N GLY B 86 -14.50 -45.18 29.01
CA GLY B 86 -14.97 -46.57 29.04
C GLY B 86 -13.90 -47.59 29.36
N GLU B 87 -12.67 -47.31 28.94
CA GLU B 87 -11.52 -48.11 29.31
C GLU B 87 -10.85 -47.51 30.55
N ALA B 88 -11.21 -46.27 30.87
CA ALA B 88 -10.62 -45.56 32.01
C ALA B 88 -11.50 -45.61 33.24
N ARG B 89 -12.80 -45.83 33.03
CA ARG B 89 -13.79 -45.88 34.10
C ARG B 89 -13.76 -44.56 34.89
N VAL B 90 -14.59 -43.61 34.47
CA VAL B 90 -14.44 -42.23 34.92
C VAL B 90 -15.66 -41.40 34.50
N PRO B 91 -15.92 -40.29 35.19
CA PRO B 91 -16.95 -39.34 34.75
C PRO B 91 -16.57 -38.61 33.46
N PHE B 92 -17.15 -39.04 32.35
CA PHE B 92 -17.01 -38.34 31.07
C PHE B 92 -18.02 -37.18 31.00
N ILE B 93 -17.58 -36.01 31.47
CA ILE B 93 -18.38 -34.78 31.41
C ILE B 93 -18.39 -34.28 29.98
N THR B 94 -19.50 -33.66 29.57
CA THR B 94 -19.62 -33.12 28.22
C THR B 94 -20.16 -31.70 28.19
N ALA B 95 -19.65 -30.92 27.24
CA ALA B 95 -20.14 -29.57 26.97
C ALA B 95 -20.05 -29.26 25.47
N SER B 96 -21.20 -28.96 24.88
CA SER B 96 -21.29 -28.60 23.46
C SER B 96 -20.94 -27.12 23.23
N GLY B 97 -19.88 -26.90 22.46
CA GLY B 97 -19.32 -25.59 22.21
C GLY B 97 -20.23 -24.60 21.52
N SER B 98 -21.11 -25.11 20.66
CA SER B 98 -22.13 -24.30 19.99
C SER B 98 -22.94 -23.49 21.00
N ASP B 99 -23.34 -24.14 22.09
CA ASP B 99 -24.19 -23.52 23.13
C ASP B 99 -23.48 -22.43 23.94
N PHE B 100 -22.14 -22.49 23.97
CA PHE B 100 -21.31 -21.53 24.69
C PHE B 100 -21.38 -20.10 24.14
N VAL B 101 -21.79 -19.98 22.87
CA VAL B 101 -21.78 -18.71 22.14
C VAL B 101 -23.19 -18.18 21.82
N GLU B 102 -24.18 -19.07 21.84
CA GLU B 102 -25.56 -18.76 21.46
C GLU B 102 -26.33 -17.93 22.50
N MET B 103 -25.81 -17.87 23.72
CA MET B 103 -26.52 -17.26 24.85
C MET B 103 -26.37 -15.73 24.92
N PHE B 104 -25.87 -15.21 26.05
CA PHE B 104 -25.77 -13.78 26.28
C PHE B 104 -24.41 -13.34 26.86
N VAL B 105 -24.26 -12.04 27.13
CA VAL B 105 -23.00 -11.45 27.59
C VAL B 105 -22.66 -11.85 29.02
N GLY B 106 -21.47 -12.44 29.20
CA GLY B 106 -21.04 -12.96 30.47
C GLY B 106 -21.56 -14.37 30.72
N VAL B 107 -22.81 -14.60 30.34
CA VAL B 107 -23.51 -15.87 30.55
C VAL B 107 -22.86 -17.00 29.77
N GLY B 108 -22.35 -16.68 28.58
CA GLY B 108 -21.63 -17.64 27.77
C GLY B 108 -20.30 -18.03 28.42
N ALA B 109 -19.66 -17.04 29.04
CA ALA B 109 -18.43 -17.24 29.78
C ALA B 109 -18.72 -17.92 31.13
N ALA B 110 -19.91 -17.68 31.66
CA ALA B 110 -20.35 -18.32 32.90
C ALA B 110 -20.43 -19.83 32.73
N ARG B 111 -21.12 -20.29 31.68
CA ARG B 111 -21.28 -21.71 31.38
C ARG B 111 -19.96 -22.46 31.58
N VAL B 112 -18.87 -21.77 31.24
CA VAL B 112 -17.53 -22.31 31.40
C VAL B 112 -17.11 -22.32 32.87
N ARG B 113 -17.09 -21.14 33.50
CA ARG B 113 -16.65 -20.99 34.89
C ARG B 113 -17.35 -21.97 35.83
N ASP B 114 -18.63 -22.25 35.57
CA ASP B 114 -19.40 -23.18 36.38
C ASP B 114 -19.05 -24.62 36.02
N LEU B 115 -18.97 -24.90 34.72
CA LEU B 115 -18.70 -26.25 34.23
C LEU B 115 -17.36 -26.81 34.73
N PHE B 116 -16.40 -25.91 34.96
CA PHE B 116 -15.07 -26.33 35.38
C PHE B 116 -14.95 -26.53 36.89
N GLU B 117 -15.79 -25.82 37.64
CA GLU B 117 -15.95 -26.04 39.07
C GLU B 117 -16.54 -27.44 39.25
N THR B 118 -17.50 -27.77 38.39
CA THR B 118 -18.16 -29.07 38.35
C THR B 118 -17.16 -30.22 38.19
N ALA B 119 -16.26 -30.07 37.21
CA ALA B 119 -15.28 -31.09 36.85
C ALA B 119 -14.26 -31.41 37.97
N LYS B 120 -13.94 -30.40 38.79
CA LYS B 120 -12.97 -30.52 39.87
C LYS B 120 -13.36 -31.59 40.90
N ARG B 121 -14.64 -31.56 41.29
CA ARG B 121 -15.19 -32.51 42.27
C ARG B 121 -15.13 -33.96 41.75
N HIS B 122 -15.29 -34.11 40.44
CA HIS B 122 -15.23 -35.40 39.79
C HIS B 122 -13.81 -35.74 39.34
N ALA B 123 -12.85 -35.70 40.26
CA ALA B 123 -11.46 -36.07 40.00
C ALA B 123 -11.22 -37.51 40.44
N PRO B 124 -10.80 -38.41 39.54
CA PRO B 124 -10.43 -38.10 38.16
C PRO B 124 -11.60 -38.07 37.16
N CYS B 125 -11.35 -37.54 35.95
CA CYS B 125 -12.38 -37.42 34.90
C CYS B 125 -11.82 -37.18 33.47
N ILE B 126 -12.75 -36.92 32.53
CA ILE B 126 -12.45 -36.30 31.23
C ILE B 126 -13.48 -35.18 30.98
N VAL B 127 -12.98 -34.03 30.53
CA VAL B 127 -13.82 -32.86 30.24
C VAL B 127 -13.83 -32.51 28.74
N PHE B 128 -14.82 -33.03 28.04
CA PHE B 128 -14.92 -32.93 26.58
C PHE B 128 -15.58 -31.65 26.11
N ILE B 129 -15.01 -31.08 25.04
CA ILE B 129 -15.63 -29.96 24.34
C ILE B 129 -15.79 -30.27 22.85
N ASP B 130 -17.03 -30.44 22.44
CA ASP B 130 -17.34 -30.56 21.01
C ASP B 130 -17.57 -29.18 20.41
N GLU B 131 -17.53 -29.09 19.08
CA GLU B 131 -17.65 -27.81 18.36
C GLU B 131 -16.67 -26.77 18.90
N ILE B 132 -15.48 -27.23 19.30
CA ILE B 132 -14.44 -26.36 19.86
C ILE B 132 -14.08 -25.24 18.88
N ASP B 133 -14.43 -25.45 17.61
CA ASP B 133 -14.35 -24.41 16.58
C ASP B 133 -15.15 -23.19 17.01
N ALA B 134 -16.43 -23.40 17.34
CA ALA B 134 -17.31 -22.31 17.77
C ALA B 134 -16.73 -21.51 18.91
N VAL B 135 -15.79 -22.12 19.63
CA VAL B 135 -15.11 -21.51 20.74
C VAL B 135 -13.85 -20.78 20.28
N GLY B 136 -12.91 -21.53 19.69
CA GLY B 136 -11.57 -21.03 19.40
C GLY B 136 -11.27 -20.46 18.02
N ARG B 137 -11.75 -19.25 17.76
CA ARG B 137 -11.41 -18.57 16.51
C ARG B 137 -11.04 -17.12 16.82
N LYS B 138 -10.43 -16.44 15.85
CA LYS B 138 -10.08 -15.04 16.00
C LYS B 138 -10.09 -14.31 14.67
N ASN B 147 -17.46 -9.19 17.88
CA ASN B 147 -16.28 -8.77 18.64
C ASN B 147 -16.17 -9.49 19.98
N ASP B 148 -17.30 -9.62 20.67
CA ASP B 148 -17.32 -10.13 22.04
C ASP B 148 -17.63 -11.61 22.13
N GLU B 149 -18.57 -12.07 21.29
CA GLU B 149 -19.13 -13.42 21.35
C GLU B 149 -18.14 -14.54 21.66
N ARG B 150 -17.28 -14.83 20.69
CA ARG B 150 -16.31 -15.91 20.81
C ARG B 150 -15.24 -15.63 21.88
N GLU B 151 -14.94 -14.36 22.08
CA GLU B 151 -13.98 -13.92 23.09
C GLU B 151 -14.42 -14.34 24.49
N GLN B 152 -15.68 -14.06 24.82
CA GLN B 152 -16.26 -14.34 26.13
C GLN B 152 -15.86 -15.73 26.61
N THR B 153 -16.29 -16.73 25.85
CA THR B 153 -16.06 -18.14 26.16
C THR B 153 -14.57 -18.50 26.06
N LEU B 154 -13.86 -17.82 25.17
CA LEU B 154 -12.46 -18.13 24.94
C LEU B 154 -11.58 -17.78 26.14
N ASN B 155 -11.63 -16.53 26.57
CA ASN B 155 -10.83 -16.08 27.70
C ASN B 155 -11.14 -16.85 28.98
N GLN B 156 -12.42 -17.16 29.16
CA GLN B 156 -12.86 -17.98 30.28
C GLN B 156 -12.30 -19.41 30.20
N LEU B 157 -12.52 -20.07 29.06
CA LEU B 157 -12.01 -21.42 28.86
C LEU B 157 -10.52 -21.49 29.15
N LEU B 158 -9.82 -20.44 28.75
CA LEU B 158 -8.37 -20.33 28.93
C LEU B 158 -7.93 -20.30 30.40
N VAL B 159 -8.42 -19.30 31.15
CA VAL B 159 -7.99 -19.08 32.54
C VAL B 159 -8.36 -20.25 33.45
N GLU B 160 -9.41 -21.00 33.10
CA GLU B 160 -9.78 -22.19 33.85
C GLU B 160 -8.81 -23.35 33.62
N MET B 161 -8.32 -23.48 32.37
CA MET B 161 -7.25 -24.42 32.04
C MET B 161 -5.95 -23.96 32.70
N ASP B 162 -5.80 -22.65 32.80
CA ASP B 162 -4.67 -22.00 33.46
C ASP B 162 -4.80 -22.06 34.99
N GLY B 163 -5.74 -22.87 35.46
CA GLY B 163 -5.99 -23.04 36.87
C GLY B 163 -6.01 -24.50 37.32
N PHE B 164 -5.35 -25.36 36.57
CA PHE B 164 -5.23 -26.78 36.91
C PHE B 164 -3.89 -27.09 37.59
N GLU B 165 -3.98 -27.55 38.85
CA GLU B 165 -2.83 -27.67 39.76
C GLU B 165 -2.15 -29.04 39.76
N LYS B 166 -1.02 -29.12 40.47
CA LYS B 166 -0.25 -30.36 40.62
C LYS B 166 -1.07 -31.45 41.30
N ASP B 167 -1.59 -31.14 42.49
CA ASP B 167 -2.50 -32.03 43.22
C ASP B 167 -3.91 -32.00 42.61
N THR B 168 -3.96 -31.82 41.28
CA THR B 168 -5.23 -31.82 40.55
C THR B 168 -5.14 -32.67 39.30
N ALA B 169 -6.06 -33.61 39.15
CA ALA B 169 -6.08 -34.52 38.02
C ALA B 169 -7.25 -34.18 37.10
N ILE B 170 -6.94 -33.95 35.83
CA ILE B 170 -7.93 -33.48 34.86
C ILE B 170 -7.42 -33.49 33.40
N VAL B 171 -8.13 -34.23 32.54
CA VAL B 171 -7.80 -34.31 31.13
C VAL B 171 -8.93 -33.72 30.32
N VAL B 172 -8.71 -32.54 29.74
CA VAL B 172 -9.71 -31.92 28.88
C VAL B 172 -9.64 -32.52 27.48
N MET B 173 -10.78 -32.91 26.95
CA MET B 173 -10.86 -33.34 25.56
C MET B 173 -11.52 -32.25 24.71
N ALA B 174 -11.23 -32.33 23.41
CA ALA B 174 -11.84 -31.52 22.36
C ALA B 174 -11.58 -32.22 21.03
N ALA B 175 -12.25 -31.77 19.99
CA ALA B 175 -12.10 -32.38 18.68
C ALA B 175 -12.69 -31.48 17.61
N THR B 176 -11.87 -31.17 16.59
CA THR B 176 -12.29 -30.35 15.45
C THR B 176 -11.72 -30.83 14.12
N ASN B 177 -12.38 -30.40 13.04
CA ASN B 177 -11.99 -30.77 11.69
C ASN B 177 -10.88 -29.90 11.14
N ARG B 178 -10.89 -28.62 11.51
CA ARG B 178 -9.93 -27.66 10.97
C ARG B 178 -9.10 -26.94 12.05
N PRO B 179 -7.96 -27.51 12.43
CA PRO B 179 -7.05 -26.86 13.38
C PRO B 179 -6.32 -25.69 12.72
N ASP B 180 -6.35 -25.63 11.39
CA ASP B 180 -5.84 -24.50 10.62
C ASP B 180 -6.44 -23.18 11.12
N ILE B 181 -7.74 -23.19 11.42
CA ILE B 181 -8.46 -21.99 11.87
C ILE B 181 -8.68 -21.92 13.38
N LEU B 182 -7.79 -22.57 14.13
CA LEU B 182 -7.91 -22.61 15.58
C LEU B 182 -6.94 -21.65 16.24
N ASP B 183 -7.47 -20.79 17.11
CA ASP B 183 -6.69 -19.81 17.86
C ASP B 183 -5.39 -20.38 18.43
N PRO B 184 -4.25 -19.84 18.00
CA PRO B 184 -2.94 -20.36 18.41
C PRO B 184 -2.70 -20.26 19.91
N ALA B 185 -3.38 -19.32 20.56
CA ALA B 185 -3.33 -19.22 22.00
C ALA B 185 -3.90 -20.49 22.64
N LEU B 186 -4.91 -21.07 21.99
CA LEU B 186 -5.52 -22.33 22.47
C LEU B 186 -4.59 -23.53 22.28
N LEU B 187 -3.38 -23.29 21.80
CA LEU B 187 -2.46 -24.39 21.54
C LEU B 187 -1.18 -24.29 22.35
N ARG B 188 -1.05 -23.18 23.08
CA ARG B 188 0.07 -22.92 23.99
C ARG B 188 0.42 -24.13 24.89
N PRO B 189 1.66 -24.21 25.38
CA PRO B 189 2.05 -25.27 26.32
C PRO B 189 1.42 -25.04 27.68
N GLY B 190 0.78 -26.08 28.24
CA GLY B 190 0.02 -25.95 29.47
C GLY B 190 -1.46 -26.01 29.17
N ARG B 191 -1.85 -25.38 28.07
CA ARG B 191 -3.21 -25.45 27.56
C ARG B 191 -3.31 -26.71 26.68
N PHE B 192 -3.90 -26.58 25.51
CA PHE B 192 -3.98 -27.71 24.59
C PHE B 192 -2.68 -28.06 23.85
N ASP B 193 -1.82 -28.82 24.53
CA ASP B 193 -0.48 -29.09 24.04
C ASP B 193 -0.28 -30.57 23.72
N ARG B 194 -1.16 -31.06 22.87
CA ARG B 194 -1.10 -32.41 22.39
C ARG B 194 -2.33 -32.66 21.57
N GLN B 195 -2.19 -33.51 20.55
CA GLN B 195 -3.30 -33.96 19.73
C GLN B 195 -2.98 -35.29 19.06
N ILE B 196 -4.01 -36.11 18.82
CA ILE B 196 -3.83 -37.22 17.91
C ILE B 196 -4.77 -37.07 16.75
N ALA B 197 -4.24 -37.40 15.57
CA ALA B 197 -5.05 -37.48 14.38
C ALA B 197 -5.64 -38.86 14.32
N ILE B 198 -6.86 -38.93 13.78
CA ILE B 198 -7.54 -40.19 13.53
C ILE B 198 -7.83 -40.23 12.04
N ASP B 199 -7.11 -41.08 11.32
CA ASP B 199 -7.28 -41.17 9.87
C ASP B 199 -8.56 -41.93 9.56
N ALA B 200 -9.37 -41.35 8.68
CA ALA B 200 -10.81 -41.63 8.63
C ALA B 200 -11.22 -43.08 8.31
N PRO B 201 -11.28 -43.44 7.05
CA PRO B 201 -11.83 -44.74 6.70
C PRO B 201 -10.79 -45.84 6.75
N ASP B 202 -10.84 -46.66 5.72
CA ASP B 202 -9.97 -47.80 5.54
C ASP B 202 -10.90 -48.97 5.34
N VAL B 203 -10.46 -50.02 4.65
CA VAL B 203 -11.33 -51.20 4.51
C VAL B 203 -11.37 -52.04 5.79
N LYS B 204 -10.19 -52.37 6.32
CA LYS B 204 -10.06 -53.10 7.59
C LYS B 204 -10.72 -52.35 8.74
N GLY B 205 -10.87 -51.04 8.59
CA GLY B 205 -11.62 -50.23 9.52
C GLY B 205 -13.09 -50.15 9.17
N ARG B 206 -13.43 -50.44 7.91
CA ARG B 206 -14.82 -50.44 7.50
C ARG B 206 -15.47 -51.76 7.93
N GLU B 207 -14.75 -52.85 7.72
CA GLU B 207 -15.06 -54.16 8.29
C GLU B 207 -15.37 -53.95 9.76
N GLN B 208 -14.30 -53.85 10.55
CA GLN B 208 -14.34 -53.59 11.99
C GLN B 208 -15.59 -52.80 12.41
N ILE B 209 -15.84 -51.67 11.75
CA ILE B 209 -16.95 -50.79 12.14
C ILE B 209 -18.33 -51.36 11.88
N LEU B 210 -18.50 -52.02 10.73
CA LEU B 210 -19.78 -52.61 10.39
C LEU B 210 -20.04 -53.89 11.22
N ARG B 211 -18.98 -54.65 11.42
CA ARG B 211 -19.00 -55.81 12.29
C ARG B 211 -19.25 -55.41 13.74
N ILE B 212 -18.92 -54.16 14.10
CA ILE B 212 -19.22 -53.68 15.45
C ILE B 212 -20.70 -53.34 15.58
N HIS B 213 -21.28 -52.82 14.51
CA HIS B 213 -22.70 -52.55 14.47
C HIS B 213 -23.47 -53.73 13.87
N ALA B 214 -23.00 -54.95 14.15
CA ALA B 214 -23.63 -56.18 13.67
C ALA B 214 -24.59 -56.79 14.69
N ARG B 215 -24.31 -56.53 15.97
CA ARG B 215 -25.11 -57.06 17.07
C ARG B 215 -26.60 -56.81 16.86
N GLY B 216 -26.95 -55.58 16.47
CA GLY B 216 -28.32 -55.19 16.19
C GLY B 216 -28.92 -55.87 14.97
N LYS B 217 -29.93 -56.72 15.21
CA LYS B 217 -30.69 -57.42 14.16
C LYS B 217 -29.86 -58.48 13.38
N PRO B 218 -30.53 -59.35 12.61
CA PRO B 218 -29.85 -60.48 11.97
C PRO B 218 -29.33 -60.23 10.54
N LEU B 219 -28.39 -61.08 10.12
CA LEU B 219 -27.79 -61.04 8.79
C LEU B 219 -27.50 -62.45 8.25
N ALA B 220 -28.11 -62.79 7.12
CA ALA B 220 -27.92 -64.11 6.48
C ALA B 220 -27.18 -63.99 5.14
N GLU B 221 -26.86 -62.75 4.76
CA GLU B 221 -26.24 -62.42 3.48
C GLU B 221 -24.77 -62.88 3.31
N ASP B 222 -24.44 -63.22 2.07
CA ASP B 222 -23.13 -63.77 1.67
C ASP B 222 -21.88 -62.94 2.06
N VAL B 223 -22.08 -61.74 2.59
CA VAL B 223 -21.00 -60.74 2.68
C VAL B 223 -20.19 -60.68 4.01
N ASP B 224 -20.87 -60.89 5.14
CA ASP B 224 -20.29 -60.75 6.49
C ASP B 224 -19.63 -59.38 6.68
N LEU B 225 -20.24 -58.37 6.05
CA LEU B 225 -19.70 -57.01 5.94
C LEU B 225 -18.25 -56.95 5.42
N ALA B 226 -17.77 -58.09 4.94
CA ALA B 226 -16.50 -58.14 4.26
C ALA B 226 -16.65 -57.34 2.98
N LEU B 227 -17.41 -57.90 2.04
CA LEU B 227 -17.56 -57.31 0.73
C LEU B 227 -18.46 -56.08 0.73
N LEU B 228 -18.97 -55.70 1.90
CA LEU B 228 -19.65 -54.42 2.00
C LEU B 228 -18.58 -53.35 2.18
N ALA B 229 -17.79 -53.49 3.26
CA ALA B 229 -16.66 -52.61 3.54
C ALA B 229 -15.86 -52.19 2.30
N LYS B 230 -15.82 -53.07 1.30
CA LYS B 230 -15.21 -52.79 0.00
C LYS B 230 -16.19 -52.07 -0.93
N ARG B 231 -17.38 -52.62 -1.12
CA ARG B 231 -18.38 -52.04 -2.04
C ARG B 231 -18.70 -50.62 -1.65
N THR B 232 -18.43 -50.28 -0.39
CA THR B 232 -18.42 -48.90 0.03
C THR B 232 -16.97 -48.44 0.01
N PRO B 233 -16.67 -47.39 -0.79
CA PRO B 233 -15.33 -46.78 -0.81
C PRO B 233 -15.22 -45.79 0.34
N GLY B 234 -14.88 -44.54 0.06
CA GLY B 234 -14.80 -43.53 1.10
C GLY B 234 -16.08 -43.49 1.92
N PHE B 235 -16.02 -44.01 3.15
CA PHE B 235 -17.16 -44.04 4.06
C PHE B 235 -16.66 -43.93 5.49
N VAL B 236 -16.94 -42.82 6.15
CA VAL B 236 -16.62 -42.72 7.57
C VAL B 236 -17.47 -43.72 8.39
N GLY B 237 -17.08 -43.97 9.63
CA GLY B 237 -17.84 -44.84 10.52
C GLY B 237 -19.27 -44.36 10.72
N ALA B 238 -19.43 -43.10 11.08
CA ALA B 238 -20.75 -42.49 11.22
C ALA B 238 -21.62 -42.75 10.00
N ASP B 239 -21.07 -42.48 8.81
CA ASP B 239 -21.79 -42.76 7.58
C ASP B 239 -21.83 -44.26 7.25
N LEU B 240 -21.79 -45.09 8.29
CA LEU B 240 -21.99 -46.52 8.15
C LEU B 240 -23.04 -47.02 9.13
N GLU B 241 -22.94 -46.52 10.37
CA GLU B 241 -24.00 -46.67 11.36
C GLU B 241 -25.30 -46.22 10.69
N ASN B 242 -25.29 -45.00 10.16
CA ASN B 242 -26.35 -44.46 9.32
C ASN B 242 -26.82 -45.37 8.16
N LEU B 243 -25.88 -46.12 7.57
CA LEU B 243 -26.23 -47.11 6.55
C LEU B 243 -26.99 -48.29 7.20
N LEU B 244 -26.46 -48.81 8.31
CA LEU B 244 -27.02 -49.99 8.97
C LEU B 244 -28.33 -49.71 9.71
N ASN B 245 -28.38 -48.56 10.39
CA ASN B 245 -29.61 -48.06 10.98
C ASN B 245 -30.74 -48.07 9.93
N GLU B 246 -30.44 -47.58 8.73
CA GLU B 246 -31.41 -47.51 7.64
C GLU B 246 -31.72 -48.88 7.03
N ALA B 247 -30.74 -49.78 7.09
CA ALA B 247 -30.87 -51.13 6.52
C ALA B 247 -32.02 -51.92 7.15
N ALA B 248 -32.11 -51.82 8.48
CA ALA B 248 -33.22 -52.39 9.22
C ALA B 248 -34.57 -51.80 8.77
N LEU B 249 -34.64 -50.47 8.65
CA LEU B 249 -35.86 -49.76 8.20
C LEU B 249 -36.12 -49.97 6.71
N LEU B 250 -35.24 -50.71 6.06
CA LEU B 250 -35.40 -51.14 4.67
C LEU B 250 -36.00 -52.54 4.62
N ALA B 251 -35.74 -53.29 5.70
CA ALA B 251 -36.22 -54.65 5.84
C ALA B 251 -37.62 -54.72 6.50
N ALA B 252 -37.75 -54.13 7.69
CA ALA B 252 -38.98 -54.17 8.46
C ALA B 252 -40.13 -53.41 7.81
N ARG B 253 -39.82 -52.44 6.96
CA ARG B 253 -40.83 -51.73 6.17
C ARG B 253 -41.35 -52.60 5.03
N GLU B 254 -40.55 -53.61 4.67
CA GLU B 254 -40.97 -54.64 3.73
C GLU B 254 -41.49 -55.87 4.50
N GLY B 255 -41.18 -55.89 5.81
CA GLY B 255 -41.59 -56.98 6.68
C GLY B 255 -40.55 -58.06 6.72
N ARG B 256 -39.48 -57.81 7.48
CA ARG B 256 -38.35 -58.72 7.53
C ARG B 256 -37.58 -58.57 8.82
N ARG B 257 -37.61 -59.63 9.62
CA ARG B 257 -36.74 -59.74 10.77
C ARG B 257 -35.47 -60.46 10.32
N LYS B 258 -34.71 -59.79 9.44
CA LYS B 258 -33.48 -60.32 8.84
C LYS B 258 -33.07 -59.48 7.63
N ILE B 259 -31.96 -58.77 7.73
CA ILE B 259 -31.45 -57.98 6.61
C ILE B 259 -30.60 -58.83 5.67
N THR B 260 -30.59 -58.45 4.40
CA THR B 260 -29.82 -59.17 3.38
C THR B 260 -28.69 -58.31 2.82
N MET B 261 -28.08 -58.79 1.74
CA MET B 261 -27.12 -58.01 0.98
C MET B 261 -27.88 -56.95 0.18
N LYS B 262 -28.81 -57.42 -0.65
CA LYS B 262 -29.70 -56.56 -1.44
C LYS B 262 -30.59 -55.62 -0.58
N ASP B 263 -30.36 -55.65 0.74
CA ASP B 263 -31.01 -54.75 1.70
C ASP B 263 -29.96 -53.84 2.34
N LEU B 264 -28.70 -54.25 2.23
CA LEU B 264 -27.57 -53.52 2.79
C LEU B 264 -26.80 -52.72 1.74
N GLU B 265 -26.73 -53.28 0.53
CA GLU B 265 -26.23 -52.59 -0.64
C GLU B 265 -27.13 -51.38 -0.92
N GLU B 266 -28.44 -51.58 -0.80
CA GLU B 266 -29.42 -50.50 -0.96
C GLU B 266 -29.37 -49.53 0.22
N ALA B 267 -28.86 -50.00 1.36
CA ALA B 267 -28.58 -49.15 2.50
C ALA B 267 -27.46 -48.16 2.16
N ALA B 268 -26.66 -48.53 1.15
CA ALA B 268 -25.62 -47.65 0.61
C ALA B 268 -26.15 -46.67 -0.43
N ASP B 269 -26.45 -47.17 -1.64
CA ASP B 269 -26.86 -46.33 -2.77
C ASP B 269 -27.97 -45.31 -2.45
N ARG B 270 -28.64 -45.48 -1.30
CA ARG B 270 -29.66 -44.53 -0.85
C ARG B 270 -29.05 -43.42 0.02
N VAL B 271 -28.20 -43.83 0.95
CA VAL B 271 -27.38 -42.88 1.69
C VAL B 271 -25.97 -42.84 1.04
N MET B 272 -25.96 -42.54 -0.26
CA MET B 272 -24.75 -42.36 -1.06
C MET B 272 -24.99 -41.37 -2.19
N MET B 273 -26.24 -41.27 -2.64
CA MET B 273 -26.63 -40.33 -3.69
C MET B 273 -27.23 -39.03 -3.14
N LEU B 274 -27.25 -38.92 -1.80
CA LEU B 274 -27.63 -37.69 -1.12
C LEU B 274 -26.38 -36.92 -0.60
N PRO B 275 -25.40 -37.62 -0.01
CA PRO B 275 -24.09 -36.99 0.26
C PRO B 275 -23.32 -36.59 -1.01
N ALA B 276 -23.47 -37.35 -2.09
CA ALA B 276 -22.75 -37.13 -3.35
C ALA B 276 -22.87 -35.70 -3.90
N LYS B 277 -23.98 -35.04 -3.56
CA LYS B 277 -24.22 -33.66 -3.98
C LYS B 277 -23.31 -32.64 -3.27
N LYS B 278 -22.68 -33.06 -2.16
CA LYS B 278 -21.80 -32.19 -1.39
C LYS B 278 -20.54 -32.89 -0.90
N SER B 279 -20.50 -34.22 -0.99
CA SER B 279 -19.36 -34.99 -0.51
C SER B 279 -18.65 -35.72 -1.60
N LEU B 280 -17.32 -35.55 -1.51
CA LEU B 280 -16.45 -36.02 -2.57
C LEU B 280 -16.40 -37.52 -2.65
N VAL B 281 -16.27 -37.98 -3.89
CA VAL B 281 -16.26 -39.39 -4.26
C VAL B 281 -15.27 -39.47 -5.40
N LEU B 282 -14.69 -40.65 -5.61
CA LEU B 282 -13.70 -40.86 -6.69
C LEU B 282 -14.08 -42.04 -7.62
N SER B 283 -13.64 -41.94 -8.87
CA SER B 283 -13.96 -42.92 -9.90
C SER B 283 -12.93 -44.04 -9.97
N PRO B 284 -13.40 -45.25 -10.30
CA PRO B 284 -12.51 -46.40 -10.57
C PRO B 284 -11.29 -46.11 -11.47
N ARG B 285 -11.18 -44.90 -11.99
CA ARG B 285 -9.94 -44.46 -12.60
C ARG B 285 -9.27 -43.56 -11.59
N ASP B 286 -10.01 -42.56 -11.12
CA ASP B 286 -9.49 -41.57 -10.17
C ASP B 286 -8.57 -42.25 -9.16
N ARG B 287 -9.18 -43.18 -8.42
CA ARG B 287 -8.57 -43.88 -7.32
C ARG B 287 -7.39 -44.68 -7.83
N ARG B 288 -7.65 -45.51 -8.84
CA ARG B 288 -6.59 -46.29 -9.47
C ARG B 288 -5.45 -45.41 -9.97
N ILE B 289 -5.69 -44.12 -10.15
CA ILE B 289 -4.55 -43.25 -10.37
C ILE B 289 -3.81 -43.11 -9.05
N THR B 290 -4.44 -42.43 -8.09
CA THR B 290 -3.75 -42.05 -6.87
C THR B 290 -2.98 -43.23 -6.28
N ALA B 291 -3.53 -44.43 -6.44
CA ALA B 291 -2.94 -45.65 -5.94
C ALA B 291 -1.62 -45.98 -6.62
N TYR B 292 -1.53 -45.80 -7.94
CA TYR B 292 -0.24 -45.93 -8.62
C TYR B 292 0.59 -44.80 -8.16
N HIS B 293 -0.05 -43.65 -8.20
CA HIS B 293 0.59 -42.42 -7.88
C HIS B 293 1.32 -42.43 -6.54
N GLU B 294 0.64 -42.97 -5.53
CA GLU B 294 1.17 -42.97 -4.19
C GLU B 294 2.17 -44.09 -4.02
N ALA B 295 2.09 -45.10 -4.89
CA ALA B 295 3.08 -46.17 -4.88
C ALA B 295 4.36 -45.55 -5.35
N GLY B 296 4.32 -44.99 -6.56
CA GLY B 296 5.46 -44.28 -7.14
C GLY B 296 6.23 -43.61 -6.03
N HIS B 297 5.52 -42.86 -5.20
CA HIS B 297 6.11 -42.20 -4.05
C HIS B 297 6.74 -43.20 -3.12
N ALA B 298 5.95 -44.14 -2.63
CA ALA B 298 6.48 -45.11 -1.69
C ALA B 298 7.81 -45.71 -2.19
N LEU B 299 7.74 -46.38 -3.34
CA LEU B 299 8.91 -47.01 -3.94
C LEU B 299 9.98 -45.98 -3.94
N ALA B 300 9.82 -44.97 -4.76
CA ALA B 300 10.74 -43.85 -4.75
C ALA B 300 11.59 -43.73 -3.48
N ALA B 301 10.97 -43.50 -2.34
CA ALA B 301 11.77 -43.29 -1.15
C ALA B 301 12.33 -44.63 -0.63
N HIS B 302 12.23 -45.67 -1.45
CA HIS B 302 12.71 -46.97 -1.07
C HIS B 302 13.59 -47.62 -2.16
N PHE B 303 14.85 -47.80 -1.79
CA PHE B 303 15.82 -48.48 -2.63
C PHE B 303 16.94 -49.16 -1.76
N LEU B 304 18.14 -49.34 -2.34
CA LEU B 304 19.29 -50.01 -1.68
C LEU B 304 20.63 -49.59 -2.31
N GLU B 305 21.61 -49.26 -1.45
CA GLU B 305 22.92 -48.62 -1.80
C GLU B 305 22.80 -47.25 -2.52
N HIS B 306 23.45 -46.22 -1.99
CA HIS B 306 23.53 -44.91 -2.66
C HIS B 306 22.13 -44.23 -2.86
N ALA B 307 21.25 -44.38 -1.85
CA ALA B 307 19.81 -44.01 -1.90
C ALA B 307 19.25 -43.57 -0.52
N ASP B 308 18.33 -42.59 -0.49
CA ASP B 308 17.99 -41.90 0.77
C ASP B 308 16.50 -41.45 0.98
N GLY B 309 15.73 -42.13 1.87
CA GLY B 309 14.30 -41.86 2.07
C GLY B 309 13.56 -42.13 3.41
N VAL B 310 12.39 -42.80 3.37
CA VAL B 310 11.51 -43.14 4.57
C VAL B 310 10.33 -44.19 4.30
N HIS B 311 9.29 -44.29 5.18
CA HIS B 311 8.07 -45.12 4.92
C HIS B 311 6.76 -45.18 5.78
N LYS B 312 5.59 -45.19 5.08
CA LYS B 312 4.20 -45.64 5.51
C LYS B 312 2.99 -44.96 4.74
N VAL B 313 2.17 -45.76 4.03
CA VAL B 313 1.27 -45.28 2.94
C VAL B 313 -0.26 -45.26 3.16
N THR B 314 -0.99 -44.39 2.45
CA THR B 314 -2.46 -44.23 2.58
C THR B 314 -3.17 -43.77 1.30
N ILE B 315 -4.50 -43.75 1.37
CA ILE B 315 -5.38 -43.01 0.44
C ILE B 315 -6.64 -42.55 1.19
N VAL B 316 -6.76 -41.24 1.43
CA VAL B 316 -7.92 -40.66 2.12
C VAL B 316 -8.32 -39.35 1.43
N PRO B 317 -9.58 -39.29 0.97
CA PRO B 317 -10.10 -38.16 0.16
C PRO B 317 -9.88 -36.72 0.67
N ARG B 318 -10.31 -36.44 1.91
CA ARG B 318 -10.16 -35.11 2.53
C ARG B 318 -8.81 -34.92 3.25
N GLY B 319 -8.44 -35.93 4.06
CA GLY B 319 -7.23 -35.91 4.88
C GLY B 319 -5.90 -35.54 4.22
N ARG B 320 -5.72 -35.94 2.96
CA ARG B 320 -4.46 -35.67 2.25
C ARG B 320 -4.28 -34.18 1.80
N ALA B 321 -5.33 -33.38 1.98
CA ALA B 321 -5.29 -31.92 1.70
C ALA B 321 -4.64 -31.12 2.85
N LEU B 322 -4.94 -31.55 4.10
CA LEU B 322 -4.40 -30.94 5.33
C LEU B 322 -2.90 -31.19 5.59
N GLY B 323 -2.48 -32.46 5.46
CA GLY B 323 -1.16 -32.94 5.82
C GLY B 323 0.09 -32.40 5.12
N PHE B 324 -0.02 -32.13 3.81
CA PHE B 324 1.09 -31.55 3.03
C PHE B 324 1.37 -30.11 3.45
N MET B 325 0.31 -29.46 3.97
CA MET B 325 0.33 -28.04 4.35
C MET B 325 1.01 -27.76 5.70
N MET B 326 0.81 -28.63 6.70
CA MET B 326 1.46 -28.49 8.01
C MET B 326 3.00 -28.42 7.93
N PRO B 327 3.68 -29.42 7.34
CA PRO B 327 5.07 -29.24 6.86
C PRO B 327 5.17 -28.67 5.43
N ARG B 328 4.44 -27.57 5.17
CA ARG B 328 4.73 -26.66 4.06
C ARG B 328 5.05 -25.28 4.67
N ARG B 329 4.49 -25.05 5.85
CA ARG B 329 4.85 -23.96 6.76
C ARG B 329 6.07 -24.37 7.60
N GLU B 330 5.85 -25.28 8.56
CA GLU B 330 6.84 -25.73 9.58
C GLU B 330 7.77 -26.92 9.16
N ASP B 331 8.38 -26.78 7.98
CA ASP B 331 9.43 -27.67 7.46
C ASP B 331 10.75 -27.20 8.07
N MET B 332 11.46 -28.05 8.84
CA MET B 332 12.88 -27.75 9.19
C MET B 332 13.78 -28.75 10.01
N LEU B 333 14.63 -29.49 9.28
CA LEU B 333 15.98 -29.90 9.73
C LEU B 333 17.06 -29.54 8.67
N HIS B 334 18.32 -29.55 9.13
CA HIS B 334 19.49 -29.29 8.29
C HIS B 334 19.98 -30.55 7.57
N TRP B 335 19.28 -30.80 6.46
CA TRP B 335 19.45 -31.95 5.58
C TRP B 335 20.81 -31.92 4.90
N SER B 336 21.05 -32.88 4.02
CA SER B 336 22.29 -32.93 3.24
C SER B 336 22.02 -32.87 1.78
N ARG B 337 22.85 -32.13 1.06
CA ARG B 337 22.73 -31.98 -0.39
C ARG B 337 22.33 -33.25 -1.13
N LYS B 338 22.87 -34.39 -0.70
CA LYS B 338 22.66 -35.57 -1.48
C LYS B 338 21.20 -35.95 -1.44
N ARG B 339 20.60 -35.85 -0.26
CA ARG B 339 19.26 -36.39 -0.06
C ARG B 339 18.29 -35.55 -0.85
N LEU B 340 18.42 -34.23 -0.73
CA LEU B 340 17.57 -33.31 -1.45
C LEU B 340 17.40 -33.79 -2.88
N LEU B 341 18.45 -34.37 -3.43
CA LEU B 341 18.43 -34.87 -4.79
C LEU B 341 17.73 -36.19 -4.99
N ASP B 342 17.59 -36.96 -3.91
CA ASP B 342 16.74 -38.11 -3.93
C ASP B 342 15.43 -37.57 -3.49
N GLN B 343 15.46 -36.81 -2.41
CA GLN B 343 14.31 -36.05 -1.93
C GLN B 343 13.54 -35.24 -3.00
N ILE B 344 14.22 -34.67 -3.98
CA ILE B 344 13.54 -34.07 -5.12
C ILE B 344 12.91 -35.14 -5.97
N ALA B 345 13.62 -36.22 -6.19
CA ALA B 345 13.12 -37.26 -7.07
C ALA B 345 12.08 -38.16 -6.41
N VAL B 346 12.02 -38.14 -5.10
CA VAL B 346 10.96 -38.83 -4.40
C VAL B 346 9.68 -38.09 -4.68
N ALA B 347 9.85 -36.85 -5.07
CA ALA B 347 8.71 -36.01 -5.27
C ALA B 347 8.19 -36.27 -6.66
N LEU B 348 9.12 -36.26 -7.60
CA LEU B 348 8.78 -36.35 -9.01
C LEU B 348 8.27 -37.74 -9.41
N ALA B 349 8.66 -38.76 -8.62
CA ALA B 349 8.18 -40.13 -8.80
C ALA B 349 6.69 -40.16 -8.84
N GLY B 350 6.07 -39.11 -8.34
CA GLY B 350 4.61 -39.05 -8.25
C GLY B 350 4.01 -39.05 -9.63
N ARG B 351 4.45 -38.09 -10.42
CA ARG B 351 4.16 -38.02 -11.84
C ARG B 351 4.63 -39.34 -12.39
N ALA B 352 5.95 -39.42 -12.59
CA ALA B 352 6.66 -40.64 -13.02
C ALA B 352 5.73 -41.85 -13.08
N ALA B 353 5.48 -42.48 -11.94
CA ALA B 353 4.63 -43.64 -11.87
C ALA B 353 3.62 -43.50 -12.96
N GLU B 354 2.77 -42.49 -12.83
CA GLU B 354 1.62 -42.40 -13.71
C GLU B 354 2.05 -42.33 -15.14
N GLU B 355 3.02 -41.47 -15.46
CA GLU B 355 3.55 -41.41 -16.81
C GLU B 355 3.85 -42.82 -17.36
N ILE B 356 4.39 -43.70 -16.53
CA ILE B 356 4.72 -45.06 -16.95
C ILE B 356 3.48 -45.89 -17.12
N VAL B 357 2.82 -46.19 -16.02
CA VAL B 357 1.71 -47.12 -16.00
C VAL B 357 0.45 -46.64 -16.73
N PHE B 358 0.21 -45.34 -16.72
CA PHE B 358 -1.06 -44.88 -17.20
C PHE B 358 -1.17 -44.52 -18.64
N ASP B 359 -2.38 -44.74 -19.15
CA ASP B 359 -2.70 -44.66 -20.57
C ASP B 359 -2.17 -43.39 -21.23
N ASP B 360 -0.87 -43.17 -20.99
CA ASP B 360 -0.08 -42.09 -21.55
C ASP B 360 -0.96 -40.86 -21.52
N VAL B 361 -1.45 -40.54 -20.32
CA VAL B 361 -1.82 -39.16 -20.00
C VAL B 361 -1.51 -38.81 -18.58
N THR B 362 -1.42 -37.54 -18.33
CA THR B 362 -1.05 -37.11 -17.04
C THR B 362 -2.14 -36.18 -16.51
N THR B 363 -2.10 -35.85 -15.23
CA THR B 363 -3.28 -35.22 -14.67
C THR B 363 -2.86 -34.10 -13.72
N GLY B 364 -3.67 -33.04 -13.60
CA GLY B 364 -3.45 -31.95 -12.64
C GLY B 364 -3.15 -32.54 -11.25
N ALA B 365 -1.87 -32.55 -10.83
CA ALA B 365 -1.41 -33.12 -9.54
C ALA B 365 -0.14 -32.36 -9.17
N GLU B 366 -0.38 -31.06 -8.98
CA GLU B 366 0.62 -29.98 -9.06
C GLU B 366 1.67 -30.07 -7.99
N ASN B 367 1.20 -30.10 -6.76
CA ASN B 367 2.07 -29.99 -5.63
C ASN B 367 3.39 -30.65 -5.82
N ASP B 368 3.38 -31.95 -6.08
CA ASP B 368 4.63 -32.69 -6.10
C ASP B 368 5.69 -31.86 -6.80
N PHE B 369 5.37 -31.30 -7.96
CA PHE B 369 6.31 -30.43 -8.65
C PHE B 369 6.70 -29.25 -7.78
N ARG B 370 5.68 -28.52 -7.33
CA ARG B 370 5.90 -27.26 -6.63
C ARG B 370 6.85 -27.41 -5.48
N GLN B 371 6.64 -28.46 -4.71
CA GLN B 371 7.50 -28.72 -3.57
C GLN B 371 8.82 -29.24 -4.06
N ALA B 372 8.86 -29.91 -5.19
CA ALA B 372 10.13 -30.34 -5.72
C ALA B 372 10.84 -29.14 -6.32
N THR B 373 10.12 -28.12 -6.71
CA THR B 373 10.81 -27.03 -7.38
C THR B 373 11.42 -26.13 -6.32
N GLU B 374 10.68 -25.89 -5.22
CA GLU B 374 11.13 -24.96 -4.16
C GLU B 374 12.40 -25.48 -3.44
N LEU B 375 12.71 -26.77 -3.60
CA LEU B 375 13.94 -27.34 -3.06
C LEU B 375 14.92 -26.85 -4.04
N ALA B 376 14.95 -27.46 -5.22
CA ALA B 376 15.82 -26.97 -6.28
C ALA B 376 16.06 -25.43 -6.28
N ARG B 377 14.95 -24.69 -6.29
CA ARG B 377 14.98 -23.25 -6.38
C ARG B 377 15.76 -22.83 -5.16
N ARG B 378 15.52 -23.53 -4.06
CA ARG B 378 16.20 -23.20 -2.80
C ARG B 378 17.66 -23.62 -2.96
N MET B 379 17.85 -24.92 -3.17
CA MET B 379 19.14 -25.60 -3.42
C MET B 379 20.12 -24.88 -4.34
N ILE B 380 19.62 -24.15 -5.32
CA ILE B 380 20.52 -23.32 -6.10
C ILE B 380 20.99 -22.09 -5.34
N THR B 381 20.06 -21.47 -4.66
CA THR B 381 19.98 -20.04 -4.63
C THR B 381 20.20 -19.44 -3.27
N GLU B 382 20.21 -20.31 -2.28
CA GLU B 382 19.91 -19.90 -0.95
C GLU B 382 20.73 -20.80 -0.07
N TRP B 383 20.58 -22.09 -0.30
CA TRP B 383 21.50 -23.01 0.26
C TRP B 383 22.74 -22.81 -0.53
N GLY B 384 23.80 -23.49 -0.12
CA GLY B 384 25.01 -23.49 -0.92
C GLY B 384 24.95 -24.85 -1.54
N MET B 385 24.50 -24.95 -2.77
CA MET B 385 24.64 -26.20 -3.51
C MET B 385 25.13 -25.76 -4.88
N HIS B 386 26.28 -26.35 -5.24
CA HIS B 386 27.39 -25.77 -6.09
C HIS B 386 27.23 -26.06 -7.57
N PRO B 387 26.00 -25.96 -8.07
CA PRO B 387 25.93 -25.59 -9.45
C PRO B 387 27.14 -24.65 -9.82
N GLU B 388 27.13 -24.31 -11.11
CA GLU B 388 27.21 -23.00 -11.64
C GLU B 388 26.79 -21.76 -10.80
N PHE B 389 26.23 -21.91 -9.59
CA PHE B 389 25.89 -20.74 -8.72
C PHE B 389 26.80 -20.58 -7.55
N GLY B 390 27.02 -21.67 -6.79
CA GLY B 390 28.00 -21.68 -5.69
C GLY B 390 27.77 -20.78 -4.46
N PRO B 391 28.64 -20.86 -3.49
CA PRO B 391 28.42 -20.27 -2.15
C PRO B 391 27.70 -18.95 -1.96
N VAL B 392 27.28 -18.29 -3.03
CA VAL B 392 26.59 -17.01 -2.89
C VAL B 392 25.22 -17.19 -2.30
N ALA B 393 24.73 -16.09 -1.72
CA ALA B 393 23.39 -16.03 -1.14
C ALA B 393 22.47 -15.16 -2.01
N TYR B 394 22.05 -15.67 -3.17
CA TYR B 394 21.06 -15.04 -4.06
C TYR B 394 19.64 -14.94 -3.46
N ALA B 395 19.41 -15.47 -2.27
CA ALA B 395 18.11 -15.28 -1.63
C ALA B 395 18.20 -15.55 -0.15
N VAL B 396 17.40 -14.82 0.62
CA VAL B 396 17.33 -15.08 2.06
C VAL B 396 15.94 -15.62 2.45
N ARG B 397 15.82 -16.17 3.66
CA ARG B 397 14.53 -16.69 4.05
C ARG B 397 13.90 -15.83 5.11
N GLU B 398 12.74 -15.32 4.78
CA GLU B 398 11.88 -14.64 5.74
C GLU B 398 11.18 -15.68 6.62
N ASP B 399 11.42 -15.60 7.94
CA ASP B 399 11.05 -16.69 8.86
C ASP B 399 10.05 -16.38 9.98
N THR B 400 10.36 -16.95 11.14
CA THR B 400 9.52 -16.97 12.35
C THR B 400 8.10 -17.55 12.18
N TYR B 401 7.40 -17.72 13.31
CA TYR B 401 6.04 -18.28 13.42
C TYR B 401 5.06 -17.91 12.28
N LEU B 402 4.39 -16.77 12.44
CA LEU B 402 3.22 -16.38 11.64
C LEU B 402 3.43 -16.46 10.14
N GLY B 403 4.62 -16.03 9.72
CA GLY B 403 4.99 -16.01 8.31
C GLY B 403 6.30 -16.72 8.00
N GLY B 404 6.46 -17.07 6.71
CA GLY B 404 7.66 -17.71 6.21
C GLY B 404 7.66 -17.92 4.71
N TYR B 405 8.19 -16.94 3.96
CA TYR B 405 8.41 -17.05 2.50
C TYR B 405 9.57 -16.16 2.08
N ASP B 406 10.34 -16.63 1.10
CA ASP B 406 11.75 -16.24 0.89
C ASP B 406 12.08 -15.10 -0.14
N VAL B 407 12.79 -14.08 0.32
CA VAL B 407 13.05 -12.89 -0.49
C VAL B 407 14.17 -13.05 -1.42
N ARG B 408 13.88 -12.63 -2.63
CA ARG B 408 14.75 -12.85 -3.75
C ARG B 408 15.61 -11.59 -3.92
N GLN B 409 16.74 -11.76 -4.63
CA GLN B 409 17.79 -10.72 -4.80
C GLN B 409 18.91 -11.04 -5.80
N TYR B 410 18.63 -10.94 -7.09
CA TYR B 410 19.57 -11.24 -8.18
C TYR B 410 19.20 -10.47 -9.43
N SER B 411 20.16 -10.23 -10.31
CA SER B 411 19.82 -9.57 -11.56
C SER B 411 18.93 -10.47 -12.38
N GLU B 412 18.11 -9.86 -13.21
CA GLU B 412 17.25 -10.56 -14.12
C GLU B 412 17.95 -11.74 -14.72
N GLU B 413 19.17 -11.49 -15.20
CA GLU B 413 20.04 -12.52 -15.81
C GLU B 413 20.17 -13.69 -14.83
N THR B 414 20.89 -13.47 -13.73
CA THR B 414 21.02 -14.49 -12.76
C THR B 414 19.63 -15.13 -12.54
N ALA B 415 18.53 -14.49 -12.88
CA ALA B 415 17.22 -15.14 -12.71
C ALA B 415 16.84 -16.05 -13.83
N LYS B 416 17.33 -15.72 -15.03
CA LYS B 416 17.30 -16.66 -16.15
C LYS B 416 18.19 -17.85 -15.75
N ARG B 417 19.33 -17.47 -15.23
CA ARG B 417 20.31 -18.40 -14.79
C ARG B 417 19.58 -19.35 -13.86
N ILE B 418 18.90 -18.82 -12.84
CA ILE B 418 18.29 -19.69 -11.83
C ILE B 418 17.23 -20.46 -12.57
N ASP B 419 16.47 -19.85 -13.46
CA ASP B 419 15.37 -20.62 -13.98
C ASP B 419 15.84 -21.83 -14.69
N GLU B 420 16.72 -21.60 -15.69
CA GLU B 420 17.32 -22.67 -16.53
C GLU B 420 17.75 -23.80 -15.59
N ALA B 421 18.90 -23.67 -14.95
CA ALA B 421 19.12 -24.34 -13.67
C ALA B 421 18.03 -25.32 -13.12
N VAL B 422 16.89 -24.74 -12.76
CA VAL B 422 15.84 -25.47 -12.08
C VAL B 422 15.16 -26.43 -13.04
N ARG B 423 15.08 -26.08 -14.33
CA ARG B 423 14.58 -27.05 -15.27
C ARG B 423 15.52 -28.23 -15.31
N ARG B 424 16.75 -27.93 -15.71
CA ARG B 424 17.89 -28.85 -15.57
C ARG B 424 17.75 -29.70 -14.26
N LEU B 425 17.84 -29.07 -13.09
CA LEU B 425 17.99 -29.90 -11.88
C LEU B 425 16.84 -30.89 -11.75
N ILE B 426 15.68 -30.42 -12.21
CA ILE B 426 14.47 -31.16 -11.96
C ILE B 426 14.23 -32.16 -13.07
N GLU B 427 14.47 -31.73 -14.30
CA GLU B 427 14.31 -32.65 -15.37
C GLU B 427 15.13 -33.87 -15.05
N GLU B 428 16.44 -33.65 -14.90
CA GLU B 428 17.43 -34.71 -14.63
C GLU B 428 16.87 -35.73 -13.62
N GLN B 429 16.33 -35.16 -12.53
CA GLN B 429 15.78 -35.92 -11.45
C GLN B 429 14.59 -36.67 -11.90
N TYR B 430 13.72 -36.03 -12.66
CA TYR B 430 12.48 -36.68 -13.00
C TYR B 430 12.74 -37.85 -13.89
N GLN B 431 13.78 -37.70 -14.71
CA GLN B 431 14.17 -38.79 -15.59
C GLN B 431 14.70 -39.97 -14.76
N ARG B 432 15.45 -39.61 -13.70
CA ARG B 432 15.95 -40.55 -12.68
C ARG B 432 14.90 -41.43 -12.11
N VAL B 433 13.85 -40.82 -11.59
CA VAL B 433 12.81 -41.58 -10.93
C VAL B 433 11.96 -42.29 -11.94
N LYS B 434 11.97 -41.81 -13.18
CA LYS B 434 11.22 -42.54 -14.17
C LYS B 434 11.95 -43.83 -14.20
N ALA B 435 13.28 -43.76 -14.33
CA ALA B 435 14.10 -44.95 -14.42
C ALA B 435 13.82 -45.92 -13.26
N LEU B 436 13.99 -45.44 -12.03
CA LEU B 436 13.89 -46.27 -10.82
C LEU B 436 12.57 -46.97 -10.74
N LEU B 437 11.54 -46.29 -11.19
CA LEU B 437 10.24 -46.91 -11.23
C LEU B 437 10.19 -47.96 -12.32
N LEU B 438 10.50 -47.56 -13.55
CA LEU B 438 10.57 -48.46 -14.69
C LEU B 438 11.23 -49.80 -14.34
N GLU B 439 12.46 -49.66 -13.85
CA GLU B 439 13.32 -50.77 -13.53
C GLU B 439 12.81 -51.48 -12.32
N LYS B 440 11.61 -51.11 -11.89
CA LYS B 440 10.91 -51.81 -10.81
C LYS B 440 9.44 -51.95 -11.21
N ARG B 441 9.12 -51.59 -12.45
CA ARG B 441 7.72 -51.35 -12.90
C ARG B 441 6.74 -52.51 -12.70
N GLU B 442 7.23 -53.48 -11.95
CA GLU B 442 6.53 -54.69 -11.69
C GLU B 442 6.25 -54.71 -10.19
N VAL B 443 7.03 -53.93 -9.43
CA VAL B 443 6.77 -53.78 -8.00
C VAL B 443 5.74 -52.71 -7.84
N LEU B 444 5.78 -51.78 -8.79
CA LEU B 444 4.83 -50.69 -8.83
C LEU B 444 3.45 -51.33 -8.86
N GLU B 445 3.08 -51.85 -10.02
CA GLU B 445 1.77 -52.47 -10.22
C GLU B 445 1.66 -53.74 -9.38
N ARG B 446 2.06 -53.57 -8.13
CA ARG B 446 1.86 -54.55 -7.10
C ARG B 446 1.53 -53.70 -5.88
N VAL B 447 2.41 -52.75 -5.56
CA VAL B 447 2.21 -51.87 -4.40
C VAL B 447 0.99 -51.02 -4.66
N ALA B 448 0.96 -50.40 -5.83
CA ALA B 448 -0.26 -49.75 -6.28
C ALA B 448 -1.40 -50.74 -6.13
N GLU B 449 -1.22 -51.92 -6.71
CA GLU B 449 -2.31 -52.89 -6.78
C GLU B 449 -2.86 -53.28 -5.45
N THR B 450 -1.97 -53.57 -4.49
CA THR B 450 -2.37 -53.94 -3.14
C THR B 450 -3.00 -52.76 -2.44
N LEU B 451 -2.41 -51.58 -2.64
CA LEU B 451 -2.91 -50.33 -2.09
C LEU B 451 -4.32 -50.09 -2.61
N LEU B 452 -4.43 -50.02 -3.92
CA LEU B 452 -5.71 -49.88 -4.59
C LEU B 452 -6.73 -50.80 -4.00
N GLU B 453 -6.26 -52.00 -3.67
CA GLU B 453 -7.08 -53.06 -3.11
C GLU B 453 -7.43 -52.81 -1.65
N ARG B 454 -6.40 -52.62 -0.82
CA ARG B 454 -6.60 -52.61 0.63
C ARG B 454 -6.59 -51.20 1.25
N GLU B 455 -6.59 -50.17 0.40
CA GLU B 455 -6.69 -48.74 0.79
C GLU B 455 -5.72 -48.24 1.86
N THR B 456 -4.63 -48.99 2.10
CA THR B 456 -3.53 -48.59 2.98
C THR B 456 -2.58 -49.71 3.39
N LEU B 457 -1.29 -49.48 3.15
CA LEU B 457 -0.23 -50.38 3.61
C LEU B 457 0.42 -49.77 4.82
N THR B 458 0.92 -50.59 5.71
CA THR B 458 1.49 -50.06 6.92
C THR B 458 2.92 -50.50 7.06
N ALA B 459 3.81 -49.60 6.64
CA ALA B 459 5.23 -49.73 6.83
C ALA B 459 5.70 -51.14 6.45
N GLU B 460 5.76 -52.03 7.43
CA GLU B 460 6.17 -53.41 7.20
C GLU B 460 5.34 -54.10 6.11
N GLU B 461 4.01 -53.91 6.16
CA GLU B 461 3.10 -54.40 5.11
C GLU B 461 3.68 -54.15 3.72
N PHE B 462 4.02 -52.89 3.48
CA PHE B 462 4.72 -52.48 2.27
C PHE B 462 5.99 -53.29 2.08
N GLN B 463 6.89 -53.22 3.07
CA GLN B 463 8.15 -53.95 3.04
C GLN B 463 7.93 -55.37 2.52
N ARG B 464 6.87 -56.01 2.99
CA ARG B 464 6.57 -57.37 2.56
C ARG B 464 6.07 -57.43 1.12
N VAL B 465 5.14 -56.54 0.75
CA VAL B 465 4.60 -56.52 -0.61
C VAL B 465 5.71 -56.38 -1.65
N VAL B 466 6.65 -55.48 -1.39
CA VAL B 466 7.84 -55.29 -2.21
C VAL B 466 8.57 -56.60 -2.43
N GLU B 467 8.95 -57.19 -1.30
CA GLU B 467 9.76 -58.39 -1.24
C GLU B 467 8.94 -59.62 -1.66
N GLY B 468 8.72 -59.75 -2.97
CA GLY B 468 7.98 -60.86 -3.55
C GLY B 468 7.45 -61.90 -2.56
N LEU B 469 6.44 -61.51 -1.78
CA LEU B 469 5.78 -62.38 -0.83
C LEU B 469 4.33 -61.92 -0.65
N PRO B 470 3.37 -62.81 -0.87
CA PRO B 470 1.98 -62.52 -0.49
C PRO B 470 1.84 -62.28 1.02
N LEU B 471 0.70 -61.73 1.40
CA LEU B 471 0.32 -61.61 2.80
C LEU B 471 -1.11 -62.13 2.98
N GLU B 472 -1.29 -63.15 3.83
CA GLU B 472 -2.60 -63.79 3.98
C GLU B 472 -3.53 -62.92 4.83
N ALA B 473 -4.66 -63.50 5.28
CA ALA B 473 -5.64 -62.84 6.15
C ALA B 473 -5.06 -62.43 7.53
N PRO B 474 -4.52 -61.20 7.62
CA PRO B 474 -3.63 -60.77 8.72
C PRO B 474 -4.19 -60.81 10.16
N GLU B 475 -3.30 -60.63 11.15
CA GLU B 475 -3.63 -60.57 12.59
C GLU B 475 -5.02 -61.06 12.98
N ARG C 18 -6.25 -7.32 28.02
CA ARG C 18 -6.00 -8.44 28.97
C ARG C 18 -4.77 -9.26 28.59
N ALA C 19 -4.16 -9.89 29.60
CA ALA C 19 -2.99 -10.75 29.43
C ALA C 19 -2.88 -11.75 30.59
N ARG C 20 -1.70 -12.32 30.78
CA ARG C 20 -1.43 -13.28 31.86
C ARG C 20 -0.82 -12.60 33.08
N VAL C 21 -1.65 -12.42 34.12
CA VAL C 21 -1.22 -11.75 35.35
C VAL C 21 -0.80 -12.77 36.42
N LEU C 22 0.32 -12.49 37.09
CA LEU C 22 0.75 -13.27 38.24
C LEU C 22 0.73 -12.40 39.49
N THR C 23 -0.42 -12.38 40.18
CA THR C 23 -0.63 -11.55 41.35
C THR C 23 -0.15 -12.24 42.62
N GLU C 24 -0.56 -11.67 43.76
CA GLU C 24 -0.27 -12.19 45.11
C GLU C 24 1.22 -12.33 45.43
N ALA C 25 1.93 -13.02 44.53
CA ALA C 25 3.38 -13.22 44.58
C ALA C 25 3.75 -14.42 43.72
N PRO C 26 4.65 -14.23 42.75
CA PRO C 26 5.18 -15.37 41.99
C PRO C 26 6.15 -16.23 42.81
N LYS C 27 6.25 -17.51 42.44
CA LYS C 27 7.37 -18.35 42.83
C LYS C 27 8.38 -18.30 41.68
N VAL C 28 9.41 -19.13 41.74
CA VAL C 28 10.51 -19.13 40.76
C VAL C 28 11.43 -17.93 40.98
N THR C 29 12.65 -18.22 41.42
CA THR C 29 13.65 -17.20 41.69
C THR C 29 15.02 -17.67 41.18
N PHE C 30 16.05 -16.85 41.38
CA PHE C 30 17.40 -17.17 40.91
C PHE C 30 18.00 -18.43 41.55
N LYS C 31 17.42 -18.89 42.65
CA LYS C 31 17.77 -20.17 43.24
C LYS C 31 17.11 -21.32 42.46
N ASP C 32 15.97 -21.01 41.85
CA ASP C 32 15.26 -21.92 40.96
C ASP C 32 15.70 -21.75 39.50
N VAL C 33 16.81 -21.03 39.29
CA VAL C 33 17.41 -20.89 37.96
C VAL C 33 18.85 -21.39 38.03
N ALA C 34 19.20 -22.31 37.15
CA ALA C 34 20.49 -22.98 37.21
C ALA C 34 21.46 -22.50 36.14
N GLY C 35 22.72 -22.35 36.54
CA GLY C 35 23.77 -21.85 35.66
C GLY C 35 23.55 -20.38 35.37
N ALA C 36 23.44 -20.05 34.09
CA ALA C 36 23.09 -18.70 33.60
C ALA C 36 23.82 -17.54 34.30
N GLU C 37 25.09 -17.77 34.64
CA GLU C 37 25.94 -16.78 35.31
C GLU C 37 26.14 -15.52 34.46
N GLU C 38 26.53 -15.73 33.20
CA GLU C 38 26.76 -14.66 32.24
C GLU C 38 25.50 -13.82 32.01
N ALA C 39 24.45 -14.18 32.73
CA ALA C 39 23.17 -13.49 32.69
C ALA C 39 22.75 -13.01 34.07
N LYS C 40 22.77 -13.90 35.05
CA LYS C 40 22.31 -13.62 36.40
C LYS C 40 22.89 -12.33 36.97
N GLU C 41 24.22 -12.31 37.09
CA GLU C 41 24.95 -11.17 37.66
C GLU C 41 24.75 -9.91 36.81
N GLU C 42 24.67 -10.09 35.49
CA GLU C 42 24.43 -8.98 34.56
C GLU C 42 22.99 -8.47 34.63
N LEU C 43 22.11 -9.27 35.24
CA LEU C 43 20.70 -8.90 35.41
C LEU C 43 20.41 -8.35 36.81
N LYS C 44 21.30 -8.68 37.76
CA LYS C 44 21.15 -8.28 39.16
C LYS C 44 20.88 -6.79 39.36
N GLU C 45 21.27 -5.98 38.37
CA GLU C 45 21.03 -4.53 38.41
C GLU C 45 19.62 -4.14 37.94
N ILE C 46 19.03 -4.95 37.06
CA ILE C 46 17.64 -4.76 36.69
C ILE C 46 16.73 -5.12 37.86
N VAL C 47 17.14 -6.15 38.61
CA VAL C 47 16.40 -6.67 39.75
C VAL C 47 16.26 -5.63 40.85
N GLU C 48 17.40 -5.02 41.23
CA GLU C 48 17.47 -4.07 42.34
C GLU C 48 16.71 -2.78 42.05
N PHE C 49 16.37 -2.55 40.79
CA PHE C 49 15.51 -1.44 40.40
C PHE C 49 14.05 -1.71 40.78
N LEU C 50 13.62 -2.96 40.66
CA LEU C 50 12.28 -3.36 41.10
C LEU C 50 12.19 -3.34 42.63
N LYS C 51 13.26 -3.83 43.27
CA LYS C 51 13.40 -3.80 44.71
C LYS C 51 13.24 -2.35 45.18
N ASN C 52 14.21 -1.51 44.82
CA ASN C 52 14.20 -0.09 45.21
C ASN C 52 14.30 0.88 44.03
N PRO C 53 13.17 1.18 43.38
CA PRO C 53 13.13 2.23 42.36
C PRO C 53 13.23 3.62 42.99
N SER C 54 12.91 3.71 44.27
CA SER C 54 13.06 4.93 45.05
C SER C 54 14.53 5.30 45.30
N ARG C 55 15.45 4.41 44.90
CA ARG C 55 16.88 4.68 44.96
C ARG C 55 17.54 4.61 43.58
N PHE C 56 16.76 4.96 42.56
CA PHE C 56 17.23 5.01 41.18
C PHE C 56 16.69 6.25 40.44
N HIS C 57 15.42 6.57 40.69
CA HIS C 57 14.76 7.74 40.08
C HIS C 57 15.42 9.03 40.54
N GLU C 58 15.73 9.09 41.83
CA GLU C 58 16.14 10.32 42.50
C GLU C 58 17.67 10.44 42.66
N MET C 59 18.38 9.36 42.35
CA MET C 59 19.84 9.34 42.46
C MET C 59 20.51 10.08 41.30
N GLY C 60 20.35 9.56 40.08
CA GLY C 60 20.93 10.19 38.90
C GLY C 60 21.04 9.27 37.70
N ALA C 61 21.04 7.97 37.94
CA ALA C 61 21.16 6.98 36.88
C ALA C 61 19.81 6.72 36.17
N ARG C 62 19.79 5.71 35.30
CA ARG C 62 18.59 5.28 34.55
C ARG C 62 18.59 3.77 34.39
N ILE C 63 17.40 3.18 34.21
CA ILE C 63 17.27 1.73 34.02
C ILE C 63 16.63 1.37 32.67
N PRO C 64 17.13 0.31 32.04
CA PRO C 64 16.64 -0.22 30.77
C PRO C 64 15.18 0.06 30.37
N LYS C 65 14.24 -0.06 31.31
CA LYS C 65 12.79 -0.07 31.00
C LYS C 65 12.40 -1.31 30.18
N GLY C 66 13.34 -1.84 29.42
CA GLY C 66 13.15 -3.03 28.63
C GLY C 66 14.46 -3.77 28.42
N VAL C 67 14.38 -5.09 28.44
CA VAL C 67 15.53 -5.95 28.19
C VAL C 67 15.09 -7.13 27.34
N LEU C 68 15.69 -7.27 26.16
CA LEU C 68 15.51 -8.47 25.35
C LEU C 68 16.65 -9.47 25.60
N LEU C 69 16.25 -10.65 26.01
CA LEU C 69 17.17 -11.76 26.12
C LEU C 69 16.94 -12.72 24.94
N VAL C 70 18.02 -13.28 24.41
CA VAL C 70 17.94 -14.03 23.17
C VAL C 70 18.52 -15.43 23.26
N GLY C 71 17.83 -16.39 22.63
CA GLY C 71 18.29 -17.76 22.60
C GLY C 71 17.35 -18.71 21.89
N PRO C 72 17.67 -20.01 21.95
CA PRO C 72 16.90 -21.07 21.29
C PRO C 72 15.49 -21.27 21.87
N PRO C 73 14.78 -22.35 21.52
CA PRO C 73 13.45 -22.61 22.09
C PRO C 73 13.52 -23.39 23.42
N GLY C 74 13.15 -22.73 24.52
CA GLY C 74 13.20 -23.33 25.84
C GLY C 74 14.60 -23.45 26.42
N VAL C 75 15.30 -22.32 26.53
CA VAL C 75 16.67 -22.31 27.02
C VAL C 75 16.74 -21.93 28.49
N GLY C 76 15.71 -21.20 28.92
CA GLY C 76 15.61 -20.70 30.27
C GLY C 76 15.01 -19.31 30.28
N LYS C 77 14.54 -18.86 29.11
CA LYS C 77 14.19 -17.46 28.87
C LYS C 77 13.01 -16.93 29.72
N THR C 78 11.80 -17.41 29.45
CA THR C 78 10.66 -17.10 30.30
C THR C 78 11.06 -17.46 31.73
N HIS C 79 11.74 -18.60 31.88
CA HIS C 79 12.22 -19.11 33.17
C HIS C 79 13.00 -18.05 33.95
N LEU C 80 13.90 -17.35 33.26
CA LEU C 80 14.64 -16.26 33.87
C LEU C 80 13.78 -15.01 34.00
N ALA C 81 12.83 -14.82 33.09
CA ALA C 81 11.91 -13.68 33.11
C ALA C 81 11.06 -13.67 34.39
N ARG C 82 10.43 -14.81 34.68
CA ARG C 82 9.76 -15.08 35.94
C ARG C 82 10.74 -14.90 37.10
N ALA C 83 11.91 -15.52 36.97
CA ALA C 83 12.93 -15.53 38.01
C ALA C 83 13.30 -14.13 38.49
N VAL C 84 13.34 -13.19 37.56
CA VAL C 84 13.61 -11.79 37.87
C VAL C 84 12.46 -11.16 38.64
N ALA C 85 11.23 -11.52 38.32
CA ALA C 85 10.05 -10.98 39.00
C ALA C 85 9.96 -11.41 40.47
N GLY C 86 10.04 -12.72 40.71
CA GLY C 86 9.95 -13.28 42.04
C GLY C 86 11.10 -12.90 42.97
N GLU C 87 12.28 -12.75 42.37
CA GLU C 87 13.49 -12.28 43.06
C GLU C 87 13.29 -10.83 43.54
N ALA C 88 12.78 -9.99 42.66
CA ALA C 88 12.53 -8.59 42.96
C ALA C 88 11.17 -8.43 43.64
N ARG C 89 10.50 -9.54 43.90
CA ARG C 89 9.16 -9.57 44.50
C ARG C 89 8.23 -8.58 43.80
N VAL C 90 7.96 -8.86 42.53
CA VAL C 90 7.26 -7.94 41.65
C VAL C 90 6.18 -8.71 40.86
N PRO C 91 5.06 -8.06 40.57
CA PRO C 91 4.00 -8.70 39.77
C PRO C 91 4.52 -9.09 38.41
N PHE C 92 4.13 -10.25 37.90
CA PHE C 92 4.62 -10.73 36.61
C PHE C 92 3.56 -10.66 35.49
N ILE C 93 3.82 -9.79 34.51
CA ILE C 93 2.94 -9.65 33.36
C ILE C 93 3.56 -10.33 32.12
N THR C 94 2.82 -11.27 31.55
CA THR C 94 3.26 -12.01 30.36
C THR C 94 2.24 -11.94 29.23
N ALA C 95 2.75 -11.84 28.00
CA ALA C 95 1.93 -11.85 26.80
C ALA C 95 2.79 -12.21 25.60
N SER C 96 2.43 -13.29 24.90
CA SER C 96 3.16 -13.71 23.71
C SER C 96 2.78 -12.84 22.50
N GLY C 97 3.80 -12.30 21.85
CA GLY C 97 3.65 -11.41 20.72
C GLY C 97 2.53 -11.77 19.77
N SER C 98 2.48 -13.05 19.38
CA SER C 98 1.50 -13.58 18.44
C SER C 98 0.10 -12.99 18.56
N ASP C 99 -0.32 -12.78 19.82
CA ASP C 99 -1.68 -12.31 20.14
C ASP C 99 -2.00 -10.90 19.63
N PHE C 100 -0.96 -10.15 19.28
CA PHE C 100 -1.10 -8.73 18.89
C PHE C 100 -1.27 -8.52 17.38
N VAL C 101 -0.91 -9.53 16.59
CA VAL C 101 -0.99 -9.41 15.14
C VAL C 101 -2.14 -10.24 14.59
N GLU C 102 -2.47 -11.32 15.30
CA GLU C 102 -3.56 -12.23 14.93
C GLU C 102 -4.87 -11.49 14.60
N MET C 103 -5.02 -10.31 15.20
CA MET C 103 -6.22 -9.48 15.05
C MET C 103 -6.12 -8.57 13.83
N PHE C 104 -7.22 -7.86 13.55
CA PHE C 104 -7.36 -6.95 12.40
C PHE C 104 -6.44 -5.71 12.48
N VAL C 105 -6.62 -4.78 11.55
CA VAL C 105 -5.89 -3.50 11.53
C VAL C 105 -6.54 -2.47 12.45
N GLY C 106 -5.93 -2.27 13.61
CA GLY C 106 -6.47 -1.39 14.64
C GLY C 106 -6.32 -1.97 16.03
N VAL C 107 -7.04 -3.06 16.29
CA VAL C 107 -7.04 -3.73 17.60
C VAL C 107 -5.62 -4.22 17.98
N GLY C 108 -4.73 -4.25 17.01
CA GLY C 108 -3.33 -4.51 17.26
C GLY C 108 -2.76 -3.43 18.17
N ALA C 109 -3.01 -2.18 17.82
CA ALA C 109 -2.56 -1.03 18.59
C ALA C 109 -3.19 -0.98 19.98
N ALA C 110 -4.51 -1.15 20.02
CA ALA C 110 -5.27 -1.08 21.27
C ALA C 110 -4.73 -2.06 22.33
N ARG C 111 -4.52 -3.31 21.94
CA ARG C 111 -4.11 -4.35 22.88
C ARG C 111 -2.81 -4.03 23.59
N VAL C 112 -1.93 -3.28 22.91
CA VAL C 112 -0.63 -2.90 23.45
C VAL C 112 -0.77 -1.81 24.51
N ARG C 113 -1.47 -0.74 24.14
CA ARG C 113 -1.69 0.41 25.02
C ARG C 113 -2.33 -0.02 26.33
N ASP C 114 -3.38 -0.84 26.23
CA ASP C 114 -4.12 -1.29 27.40
C ASP C 114 -3.40 -2.41 28.18
N LEU C 115 -2.44 -3.06 27.54
CA LEU C 115 -1.52 -3.94 28.26
C LEU C 115 -0.62 -3.07 29.11
N PHE C 116 -0.30 -1.88 28.61
CA PHE C 116 0.60 -0.97 29.29
C PHE C 116 -0.11 0.06 30.16
N GLU C 117 -1.44 0.05 30.10
CA GLU C 117 -2.25 0.73 31.09
C GLU C 117 -2.73 -0.29 32.13
N THR C 118 -2.33 -1.54 31.91
CA THR C 118 -2.53 -2.63 32.86
C THR C 118 -1.28 -2.77 33.71
N ALA C 119 -0.12 -2.67 33.06
CA ALA C 119 1.16 -2.79 33.74
C ALA C 119 1.54 -1.53 34.51
N LYS C 120 1.03 -0.38 34.06
CA LYS C 120 1.24 0.90 34.73
C LYS C 120 0.64 0.91 36.14
N ARG C 121 -0.51 0.27 36.28
CA ARG C 121 -1.22 0.17 37.56
C ARG C 121 -0.44 -0.61 38.61
N HIS C 122 0.43 -1.52 38.13
CA HIS C 122 1.32 -2.26 39.01
C HIS C 122 2.72 -1.66 38.94
N ALA C 123 2.97 -0.67 39.80
CA ALA C 123 4.29 -0.08 39.92
C ALA C 123 4.90 -0.51 41.26
N PRO C 124 5.95 -1.33 41.21
CA PRO C 124 6.55 -1.80 39.95
C PRO C 124 6.00 -3.15 39.48
N CYS C 125 6.50 -3.61 38.33
CA CYS C 125 6.19 -4.92 37.73
C CYS C 125 7.05 -5.24 36.49
N ILE C 126 7.08 -6.51 36.09
CA ILE C 126 7.74 -6.92 34.86
C ILE C 126 6.75 -7.37 33.81
N VAL C 127 6.73 -6.64 32.69
CA VAL C 127 6.03 -7.07 31.48
C VAL C 127 6.99 -7.93 30.70
N PHE C 128 6.44 -8.95 30.07
CA PHE C 128 7.23 -9.94 29.37
C PHE C 128 6.51 -10.42 28.13
N ILE C 129 6.88 -9.83 26.99
CA ILE C 129 6.31 -10.28 25.72
C ILE C 129 7.21 -11.39 25.19
N ASP C 130 6.56 -12.49 24.81
CA ASP C 130 7.25 -13.66 24.26
C ASP C 130 7.08 -13.72 22.76
N GLU C 131 8.12 -14.18 22.07
CA GLU C 131 8.23 -14.04 20.63
C GLU C 131 7.74 -12.68 20.14
N ILE C 132 8.37 -11.63 20.69
CA ILE C 132 8.21 -10.27 20.20
C ILE C 132 8.64 -10.22 18.72
N ASP C 133 9.32 -11.30 18.31
CA ASP C 133 9.53 -11.71 16.93
C ASP C 133 8.35 -11.37 16.04
N ALA C 134 7.16 -11.33 16.63
CA ALA C 134 5.93 -11.19 15.87
C ALA C 134 5.45 -9.76 15.78
N VAL C 135 6.26 -8.81 16.24
CA VAL C 135 5.91 -7.40 16.11
C VAL C 135 7.00 -6.50 15.51
N GLY C 136 8.23 -7.01 15.37
CA GLY C 136 9.33 -6.21 14.86
C GLY C 136 9.89 -6.57 13.50
N ARG C 137 9.53 -5.78 12.48
CA ARG C 137 10.13 -5.80 11.13
C ARG C 137 9.31 -5.06 10.06
N LYS C 138 10.02 -4.38 9.14
CA LYS C 138 9.43 -3.67 8.00
C LYS C 138 10.51 -3.34 6.96
N ARG C 139 10.22 -3.58 5.66
CA ARG C 139 11.19 -3.30 4.60
C ARG C 139 10.56 -2.89 3.25
N GLY C 140 9.70 -3.76 2.71
CA GLY C 140 9.05 -3.55 1.42
C GLY C 140 8.87 -4.84 0.64
N SER C 141 8.88 -5.97 1.36
CA SER C 141 8.84 -7.30 0.76
C SER C 141 7.42 -7.80 0.46
N GLY C 142 6.63 -8.04 1.51
CA GLY C 142 5.29 -8.55 1.35
C GLY C 142 4.23 -7.47 1.23
N VAL C 143 4.18 -6.84 0.06
CA VAL C 143 3.21 -5.77 -0.23
C VAL C 143 1.80 -6.35 -0.37
N GLY C 144 0.95 -6.09 0.63
CA GLY C 144 -0.41 -6.58 0.64
C GLY C 144 -1.01 -6.68 2.03
N GLY C 145 -0.56 -7.67 2.80
CA GLY C 145 -1.08 -7.92 4.13
C GLY C 145 0.00 -8.18 5.17
N GLY C 146 1.08 -7.41 5.10
CA GLY C 146 2.16 -7.48 6.08
C GLY C 146 2.68 -6.10 6.45
N ASN C 147 2.05 -5.07 5.88
CA ASN C 147 2.49 -3.68 6.01
C ASN C 147 1.85 -2.93 7.19
N ASP C 148 0.58 -2.56 7.06
CA ASP C 148 -0.11 -1.66 7.99
C ASP C 148 -0.43 -2.27 9.36
N GLU C 149 -0.39 -3.60 9.45
CA GLU C 149 -0.61 -4.32 10.71
C GLU C 149 0.66 -4.37 11.57
N ARG C 150 1.81 -4.21 10.92
CA ARG C 150 3.10 -4.15 11.60
C ARG C 150 3.54 -2.70 11.76
N GLU C 151 3.12 -1.86 10.81
CA GLU C 151 3.34 -0.42 10.87
C GLU C 151 2.69 0.14 12.12
N GLN C 152 1.42 -0.21 12.33
CA GLN C 152 0.66 0.27 13.48
C GLN C 152 1.10 -0.43 14.78
N THR C 153 0.61 -1.65 14.98
CA THR C 153 0.81 -2.42 16.22
C THR C 153 2.15 -2.22 16.93
N LEU C 154 3.27 -2.33 16.20
CA LEU C 154 4.60 -2.17 16.78
C LEU C 154 4.83 -0.75 17.26
N ASN C 155 4.52 0.22 16.39
CA ASN C 155 4.66 1.64 16.71
C ASN C 155 3.59 2.12 17.70
N GLN C 156 3.26 1.21 18.61
CA GLN C 156 2.48 1.50 19.80
C GLN C 156 3.36 1.16 20.99
N LEU C 157 3.86 -0.09 21.04
CA LEU C 157 4.81 -0.49 22.07
C LEU C 157 5.99 0.46 22.01
N LEU C 158 6.41 0.77 20.79
CA LEU C 158 7.51 1.70 20.56
C LEU C 158 7.24 3.08 21.15
N VAL C 159 5.96 3.43 21.29
CA VAL C 159 5.55 4.72 21.85
C VAL C 159 5.18 4.62 23.34
N GLU C 160 4.63 3.48 23.76
CA GLU C 160 4.30 3.22 25.17
C GLU C 160 5.55 3.02 26.02
N MET C 161 6.58 2.44 25.41
CA MET C 161 7.87 2.26 26.06
C MET C 161 8.58 3.59 26.28
N ASP C 162 8.51 4.45 25.27
CA ASP C 162 9.03 5.81 25.40
C ASP C 162 8.14 6.66 26.31
N GLY C 163 7.09 6.04 26.85
CA GLY C 163 6.21 6.68 27.81
C GLY C 163 6.72 6.52 29.23
N PHE C 164 7.57 5.52 29.44
CA PHE C 164 8.17 5.27 30.75
C PHE C 164 9.22 6.32 31.09
N GLU C 165 8.80 7.36 31.80
CA GLU C 165 9.70 8.41 32.22
C GLU C 165 10.36 8.01 33.54
N LYS C 166 10.35 8.92 34.53
CA LYS C 166 11.03 8.69 35.80
C LYS C 166 10.19 7.85 36.78
N ASP C 167 9.10 8.41 37.28
CA ASP C 167 8.33 7.81 38.36
C ASP C 167 7.36 6.71 37.91
N THR C 168 7.79 5.88 36.97
CA THR C 168 7.04 4.70 36.56
C THR C 168 7.99 3.52 36.37
N ALA C 169 8.10 2.70 37.41
CA ALA C 169 9.03 1.58 37.42
C ALA C 169 8.45 0.41 36.66
N ILE C 170 9.18 -0.02 35.62
CA ILE C 170 8.77 -1.12 34.75
C ILE C 170 9.98 -1.74 34.04
N VAL C 171 9.87 -3.02 33.70
CA VAL C 171 10.91 -3.71 32.95
C VAL C 171 10.24 -4.60 31.88
N VAL C 172 10.26 -4.13 30.63
CA VAL C 172 9.66 -4.90 29.55
C VAL C 172 10.67 -5.91 29.03
N MET C 173 10.50 -7.16 29.45
CA MET C 173 11.37 -8.26 29.05
C MET C 173 10.87 -8.96 27.78
N ALA C 174 11.78 -9.16 26.82
CA ALA C 174 11.41 -9.74 25.53
C ALA C 174 12.15 -11.05 25.27
N ALA C 175 11.42 -12.04 24.77
CA ALA C 175 11.98 -13.32 24.33
C ALA C 175 11.84 -13.40 22.82
N THR C 176 12.75 -14.14 22.20
CA THR C 176 12.90 -14.16 20.75
C THR C 176 13.98 -15.19 20.38
N ASN C 177 13.73 -15.99 19.34
CA ASN C 177 14.72 -16.99 18.91
C ASN C 177 15.59 -16.57 17.73
N ARG C 178 15.19 -15.51 17.05
CA ARG C 178 16.05 -14.87 16.05
C ARG C 178 16.09 -13.37 16.31
N PRO C 179 17.15 -12.90 16.98
CA PRO C 179 17.26 -11.49 17.36
C PRO C 179 17.44 -10.56 16.15
N ASP C 180 18.14 -11.06 15.13
CA ASP C 180 18.50 -10.28 13.97
C ASP C 180 17.29 -9.88 13.12
N ILE C 181 16.17 -10.59 13.28
CA ILE C 181 14.97 -10.32 12.47
C ILE C 181 14.10 -9.22 13.06
N LEU C 182 14.68 -8.48 14.01
CA LEU C 182 13.96 -7.41 14.68
C LEU C 182 14.32 -6.03 14.17
N ASP C 183 13.31 -5.16 14.12
CA ASP C 183 13.44 -3.77 13.71
C ASP C 183 14.51 -3.02 14.52
N PRO C 184 15.48 -2.42 13.83
CA PRO C 184 16.60 -1.72 14.50
C PRO C 184 16.21 -0.60 15.48
N ALA C 185 14.91 -0.40 15.69
CA ALA C 185 14.42 0.64 16.60
C ALA C 185 14.17 0.13 18.02
N LEU C 186 13.98 -1.19 18.15
CA LEU C 186 13.73 -1.79 19.46
C LEU C 186 15.00 -1.87 20.30
N LEU C 187 16.14 -2.13 19.66
CA LEU C 187 17.42 -2.15 20.36
C LEU C 187 17.99 -0.74 20.53
N ARG C 188 17.30 0.24 19.94
CA ARG C 188 17.75 1.64 19.94
C ARG C 188 17.45 2.33 21.29
N PRO C 189 18.01 3.53 21.52
CA PRO C 189 17.92 4.23 22.81
C PRO C 189 16.52 4.35 23.43
N GLY C 190 16.46 4.25 24.77
CA GLY C 190 15.21 4.39 25.49
C GLY C 190 14.38 3.13 25.54
N ARG C 191 14.29 2.44 24.40
CA ARG C 191 13.55 1.19 24.29
C ARG C 191 14.40 0.01 24.77
N PHE C 192 14.23 -1.18 24.18
CA PHE C 192 14.99 -2.38 24.61
C PHE C 192 16.51 -2.27 24.43
N ASP C 193 17.19 -1.62 25.37
CA ASP C 193 18.62 -1.36 25.22
C ASP C 193 19.48 -2.29 26.06
N ARG C 194 19.21 -3.59 25.96
CA ARG C 194 20.00 -4.59 26.70
C ARG C 194 20.22 -5.91 25.95
N GLN C 195 21.45 -6.40 26.02
CA GLN C 195 21.89 -7.55 25.24
C GLN C 195 22.45 -8.69 26.09
N ILE C 196 21.59 -9.64 26.44
CA ILE C 196 22.02 -10.91 27.03
C ILE C 196 21.38 -12.11 26.35
N ALA C 197 22.20 -12.89 25.66
CA ALA C 197 21.79 -14.16 25.09
C ALA C 197 22.23 -15.25 26.06
N ILE C 198 21.68 -16.45 25.92
CA ILE C 198 21.97 -17.54 26.86
C ILE C 198 22.32 -18.89 26.21
N ASP C 199 23.60 -19.25 26.27
CA ASP C 199 24.10 -20.51 25.73
C ASP C 199 23.97 -21.61 26.78
N ALA C 200 22.73 -21.88 27.20
CA ALA C 200 22.49 -22.59 28.47
C ALA C 200 22.80 -24.10 28.59
N PRO C 201 22.75 -24.89 27.51
CA PRO C 201 22.91 -26.34 27.60
C PRO C 201 24.24 -26.82 28.18
N ASP C 202 24.96 -25.93 28.87
CA ASP C 202 26.30 -26.18 29.43
C ASP C 202 26.45 -27.53 30.15
N VAL C 203 27.71 -27.95 30.38
CA VAL C 203 28.04 -29.20 31.07
C VAL C 203 27.56 -29.22 32.51
N LYS C 204 28.14 -28.31 33.31
CA LYS C 204 27.78 -28.15 34.72
C LYS C 204 26.32 -27.71 34.84
N GLY C 205 25.88 -26.88 33.89
CA GLY C 205 24.50 -26.48 33.79
C GLY C 205 23.60 -27.67 33.63
N ARG C 206 23.92 -28.54 32.67
CA ARG C 206 23.15 -29.75 32.40
C ARG C 206 22.89 -30.53 33.69
N GLU C 207 23.96 -30.69 34.47
CA GLU C 207 23.87 -31.33 35.78
C GLU C 207 22.83 -30.63 36.63
N GLN C 208 23.12 -29.40 37.02
CA GLN C 208 22.26 -28.58 37.89
C GLN C 208 20.80 -28.58 37.44
N ILE C 209 20.57 -28.48 36.13
CA ILE C 209 19.21 -28.55 35.58
C ILE C 209 18.67 -29.97 35.79
N LEU C 210 19.50 -30.96 35.50
CA LEU C 210 19.11 -32.36 35.70
C LEU C 210 18.89 -32.70 37.18
N ARG C 211 19.62 -32.00 38.06
CA ARG C 211 19.47 -32.14 39.51
C ARG C 211 18.15 -31.49 39.94
N ILE C 212 18.04 -30.18 39.70
CA ILE C 212 16.89 -29.34 40.11
C ILE C 212 15.55 -29.93 39.68
N HIS C 213 15.55 -30.65 38.56
CA HIS C 213 14.33 -31.23 38.02
C HIS C 213 14.16 -32.71 38.36
N ALA C 214 14.87 -33.14 39.40
CA ALA C 214 14.74 -34.48 39.96
C ALA C 214 14.39 -34.42 41.44
N ARG C 215 13.81 -33.29 41.85
CA ARG C 215 13.36 -33.07 43.22
C ARG C 215 12.15 -33.94 43.54
N GLY C 216 11.10 -33.84 42.71
CA GLY C 216 10.02 -34.81 42.73
C GLY C 216 10.52 -36.12 42.12
N LYS C 217 9.92 -37.23 42.53
CA LYS C 217 10.32 -38.58 42.09
C LYS C 217 11.75 -38.95 42.50
N PRO C 218 11.89 -40.16 43.04
CA PRO C 218 13.19 -40.69 43.44
C PRO C 218 13.87 -41.57 42.39
N LEU C 219 15.14 -41.87 42.66
CA LEU C 219 16.00 -42.60 41.74
C LEU C 219 16.98 -43.46 42.55
N ALA C 220 17.02 -44.75 42.24
CA ALA C 220 17.96 -45.70 42.86
C ALA C 220 19.22 -45.81 42.01
N GLU C 221 19.81 -44.65 41.69
CA GLU C 221 20.78 -44.52 40.62
C GLU C 221 22.18 -45.12 40.85
N ASP C 222 23.05 -44.92 39.85
CA ASP C 222 24.43 -45.37 39.84
C ASP C 222 25.28 -44.49 38.90
N VAL C 223 24.59 -43.63 38.14
CA VAL C 223 25.21 -42.74 37.13
C VAL C 223 25.47 -41.33 37.69
N ASP C 224 24.64 -40.92 38.65
CA ASP C 224 24.75 -39.63 39.36
C ASP C 224 24.39 -38.42 38.49
N LEU C 225 23.54 -38.66 37.48
CA LEU C 225 23.11 -37.64 36.52
C LEU C 225 24.26 -37.06 35.68
N ALA C 226 25.48 -37.14 36.21
CA ALA C 226 26.67 -36.73 35.49
C ALA C 226 26.81 -37.52 34.20
N LEU C 227 26.84 -38.85 34.33
CA LEU C 227 26.96 -39.74 33.18
C LEU C 227 25.69 -39.69 32.33
N LEU C 228 24.72 -38.88 32.74
CA LEU C 228 23.58 -38.54 31.89
C LEU C 228 23.82 -37.22 31.17
N ALA C 229 24.47 -36.27 31.84
CA ALA C 229 24.87 -35.00 31.21
C ALA C 229 25.70 -35.24 29.95
N LYS C 230 26.76 -36.04 30.08
CA LYS C 230 27.62 -36.39 28.96
C LYS C 230 26.92 -37.26 27.92
N ARG C 231 25.87 -37.97 28.34
CA ARG C 231 25.04 -38.74 27.41
C ARG C 231 23.88 -37.92 26.85
N THR C 232 23.77 -36.67 27.29
CA THR C 232 22.86 -35.70 26.66
C THR C 232 23.52 -34.32 26.49
N PRO C 233 24.67 -34.27 25.81
CA PRO C 233 25.51 -33.06 25.79
C PRO C 233 24.71 -31.91 25.21
N GLY C 234 24.38 -32.01 23.92
CA GLY C 234 23.38 -31.15 23.33
C GLY C 234 22.06 -31.49 23.98
N PHE C 235 21.45 -30.48 24.58
CA PHE C 235 20.15 -30.60 25.23
C PHE C 235 19.87 -29.33 26.03
N VAL C 236 18.69 -28.76 25.82
CA VAL C 236 18.27 -27.58 26.57
C VAL C 236 17.54 -28.02 27.82
N GLY C 237 17.26 -27.07 28.71
CA GLY C 237 16.64 -27.36 29.98
C GLY C 237 15.19 -27.81 29.90
N ALA C 238 14.40 -27.08 29.10
CA ALA C 238 13.01 -27.46 28.83
C ALA C 238 13.00 -28.77 28.06
N ASP C 239 14.03 -28.98 27.24
CA ASP C 239 14.30 -30.31 26.68
C ASP C 239 14.54 -31.28 27.85
N LEU C 240 15.46 -30.90 28.75
CA LEU C 240 15.84 -31.71 29.90
C LEU C 240 14.66 -32.07 30.79
N GLU C 241 13.87 -31.06 31.18
CA GLU C 241 12.72 -31.26 32.06
C GLU C 241 11.78 -32.33 31.50
N ASN C 242 11.32 -32.11 30.28
CA ASN C 242 10.47 -33.07 29.57
C ASN C 242 11.18 -34.40 29.22
N LEU C 243 12.47 -34.49 29.58
CA LEU C 243 13.19 -35.75 29.54
C LEU C 243 12.89 -36.53 30.80
N LEU C 244 13.01 -35.86 31.95
CA LEU C 244 12.81 -36.51 33.26
C LEU C 244 11.34 -36.81 33.49
N ASN C 245 10.52 -35.78 33.40
CA ASN C 245 9.08 -35.91 33.49
C ASN C 245 8.53 -37.06 32.65
N GLU C 246 9.18 -37.32 31.52
CA GLU C 246 8.83 -38.48 30.70
C GLU C 246 9.39 -39.76 31.33
N ALA C 247 10.65 -39.70 31.79
CA ALA C 247 11.30 -40.82 32.46
C ALA C 247 10.41 -41.42 33.57
N ALA C 248 9.84 -40.55 34.41
CA ALA C 248 8.96 -40.96 35.50
C ALA C 248 7.72 -41.65 34.98
N LEU C 249 7.04 -41.07 33.99
CA LEU C 249 5.82 -41.65 33.44
C LEU C 249 6.05 -43.01 32.77
N LEU C 250 7.32 -43.40 32.66
CA LEU C 250 7.70 -44.76 32.29
C LEU C 250 7.26 -45.70 33.41
N ALA C 251 7.61 -45.32 34.63
CA ALA C 251 7.22 -46.04 35.83
C ALA C 251 5.71 -46.01 36.00
N ALA C 252 5.14 -44.82 36.10
CA ALA C 252 3.71 -44.63 36.34
C ALA C 252 2.84 -45.23 35.25
N ARG C 253 3.47 -45.68 34.17
CA ARG C 253 2.78 -46.40 33.11
C ARG C 253 2.55 -47.88 33.49
N GLU C 254 3.46 -48.41 34.30
CA GLU C 254 3.37 -49.79 34.79
C GLU C 254 3.19 -49.85 36.32
N GLY C 255 3.54 -48.75 36.98
CA GLY C 255 3.53 -48.66 38.43
C GLY C 255 4.82 -49.20 39.00
N ARG C 256 5.93 -48.49 38.78
CA ARG C 256 7.23 -48.91 39.29
C ARG C 256 7.74 -47.93 40.35
N ARG C 257 8.30 -48.47 41.42
CA ARG C 257 8.92 -47.66 42.47
C ARG C 257 10.34 -47.31 42.04
N LYS C 258 10.59 -46.01 41.89
CA LYS C 258 11.89 -45.47 41.46
C LYS C 258 12.19 -45.82 40.00
N ILE C 259 12.93 -44.94 39.32
CA ILE C 259 13.35 -45.16 37.93
C ILE C 259 14.86 -45.17 37.80
N THR C 260 15.39 -46.24 37.21
CA THR C 260 16.85 -46.43 37.03
C THR C 260 17.44 -45.40 36.06
N MET C 261 18.76 -45.50 35.84
CA MET C 261 19.43 -44.71 34.79
C MET C 261 19.39 -45.41 33.44
N LYS C 262 18.99 -46.68 33.45
CA LYS C 262 18.63 -47.41 32.23
C LYS C 262 17.18 -47.07 31.81
N ASP C 263 16.45 -46.44 32.72
CA ASP C 263 15.13 -45.86 32.45
C ASP C 263 15.28 -44.40 32.03
N LEU C 264 16.51 -43.88 32.15
CA LEU C 264 16.83 -42.49 31.82
C LEU C 264 17.44 -42.34 30.42
N GLU C 265 18.26 -43.30 30.01
CA GLU C 265 18.77 -43.38 28.65
C GLU C 265 17.61 -43.47 27.66
N GLU C 266 16.67 -44.35 27.94
CA GLU C 266 15.45 -44.51 27.13
C GLU C 266 14.61 -43.24 27.15
N ALA C 267 14.72 -42.47 28.23
CA ALA C 267 14.00 -41.21 28.37
C ALA C 267 14.61 -40.13 27.49
N ALA C 268 15.85 -40.35 27.07
CA ALA C 268 16.55 -39.49 26.09
C ALA C 268 16.49 -40.09 24.67
N ASP C 269 16.16 -41.38 24.60
CA ASP C 269 15.94 -42.06 23.32
C ASP C 269 14.46 -41.93 22.90
N ARG C 270 13.68 -41.23 23.73
CA ARG C 270 12.26 -40.97 23.45
C ARG C 270 12.06 -39.53 22.98
N VAL C 271 12.84 -38.61 23.58
CA VAL C 271 12.78 -37.18 23.26
C VAL C 271 13.74 -36.84 22.12
N MET C 272 14.62 -37.78 21.79
CA MET C 272 15.52 -37.68 20.64
C MET C 272 14.77 -37.70 19.29
N MET C 273 13.57 -38.26 19.27
CA MET C 273 12.80 -38.41 18.02
C MET C 273 11.39 -37.80 18.08
N LEU C 274 11.25 -36.62 18.70
CA LEU C 274 9.94 -35.95 18.78
C LEU C 274 9.87 -34.46 18.34
N PRO C 275 10.97 -33.69 18.48
CA PRO C 275 10.97 -32.28 18.04
C PRO C 275 10.70 -32.03 16.53
N ALA C 276 9.43 -32.13 16.14
CA ALA C 276 8.91 -31.80 14.79
C ALA C 276 7.65 -32.61 14.46
N LYS C 277 7.59 -33.15 13.25
CA LYS C 277 6.54 -34.08 12.84
C LYS C 277 7.13 -35.30 12.15
N LYS C 278 8.16 -35.09 11.32
CA LYS C 278 8.99 -36.17 10.79
C LYS C 278 10.27 -36.20 11.61
N SER C 279 10.42 -37.28 12.38
CA SER C 279 11.32 -37.31 13.54
C SER C 279 12.78 -37.16 13.26
N LEU C 280 13.35 -36.28 14.05
CA LEU C 280 14.70 -35.88 13.78
C LEU C 280 15.53 -35.65 15.04
N VAL C 281 16.86 -35.74 14.88
CA VAL C 281 17.78 -35.73 16.00
C VAL C 281 19.12 -35.00 15.79
N LEU C 282 19.90 -34.93 16.88
CA LEU C 282 21.27 -34.43 16.93
C LEU C 282 22.23 -35.62 17.07
N SER C 283 22.35 -36.36 15.97
CA SER C 283 23.05 -37.64 15.90
C SER C 283 24.56 -37.53 16.04
N PRO C 284 25.19 -38.64 16.43
CA PRO C 284 26.65 -38.77 16.41
C PRO C 284 27.33 -38.35 15.10
N ARG C 285 26.56 -38.10 14.06
CA ARG C 285 27.17 -37.53 12.88
C ARG C 285 26.72 -36.07 12.68
N ASP C 286 25.67 -35.66 13.39
CA ASP C 286 25.19 -34.28 13.31
C ASP C 286 26.03 -33.37 14.19
N ARG C 287 26.45 -33.88 15.34
CA ARG C 287 27.43 -33.18 16.14
C ARG C 287 28.73 -33.19 15.34
N ARG C 288 29.18 -34.39 15.02
CA ARG C 288 30.41 -34.63 14.27
C ARG C 288 30.46 -33.74 13.00
N ILE C 289 29.33 -33.47 12.37
CA ILE C 289 29.37 -32.46 11.35
C ILE C 289 29.61 -31.10 12.00
N THR C 290 28.66 -30.63 12.80
CA THR C 290 28.67 -29.27 13.34
C THR C 290 29.99 -28.94 13.97
N ALA C 291 30.61 -29.96 14.55
CA ALA C 291 31.96 -29.85 15.08
C ALA C 291 33.00 -29.43 14.02
N TYR C 292 33.13 -30.18 12.91
CA TYR C 292 34.13 -29.85 11.89
C TYR C 292 33.89 -28.46 11.39
N HIS C 293 32.63 -28.10 11.42
CA HIS C 293 32.13 -26.85 10.91
C HIS C 293 32.52 -25.70 11.81
N GLU C 294 32.41 -25.94 13.08
CA GLU C 294 32.75 -24.91 14.02
C GLU C 294 34.27 -24.81 14.21
N ALA C 295 34.98 -25.87 13.85
CA ALA C 295 36.42 -25.89 13.93
C ALA C 295 36.93 -25.15 12.73
N GLY C 296 36.21 -25.23 11.63
CA GLY C 296 36.61 -24.53 10.46
C GLY C 296 36.79 -23.05 10.75
N HIS C 297 35.70 -22.41 11.16
CA HIS C 297 35.69 -20.99 11.56
C HIS C 297 36.82 -20.72 12.55
N ALA C 298 36.89 -21.55 13.58
CA ALA C 298 37.92 -21.38 14.56
C ALA C 298 39.25 -21.36 13.79
N LEU C 299 39.55 -22.46 13.13
CA LEU C 299 40.83 -22.63 12.47
C LEU C 299 41.04 -21.64 11.36
N ALA C 300 39.98 -20.94 11.00
CA ALA C 300 40.10 -19.90 10.00
C ALA C 300 40.60 -18.67 10.66
N ALA C 301 39.70 -17.89 11.25
CA ALA C 301 40.06 -16.59 11.81
C ALA C 301 41.41 -16.58 12.54
N HIS C 302 41.91 -17.74 12.93
CA HIS C 302 43.21 -17.81 13.59
C HIS C 302 44.35 -17.96 12.57
N PHE C 303 45.16 -16.92 12.46
CA PHE C 303 46.49 -17.11 11.86
C PHE C 303 47.75 -16.38 12.53
N LEU C 304 48.74 -16.06 11.69
CA LEU C 304 50.03 -15.45 12.01
C LEU C 304 50.52 -14.84 10.69
N GLU C 305 51.12 -13.64 10.73
CA GLU C 305 51.47 -12.79 9.51
C GLU C 305 50.31 -12.39 8.53
N HIS C 306 49.67 -11.26 8.84
CA HIS C 306 48.75 -10.58 7.90
C HIS C 306 47.25 -11.01 7.93
N ALA C 307 46.96 -12.09 8.65
CA ALA C 307 45.60 -12.61 8.77
C ALA C 307 44.81 -11.80 9.80
N ASP C 308 43.48 -11.88 9.76
CA ASP C 308 42.63 -10.94 10.52
C ASP C 308 41.28 -11.52 11.06
N GLY C 309 40.99 -11.33 12.35
CA GLY C 309 39.86 -11.94 13.06
C GLY C 309 40.04 -12.04 14.58
N VAL C 310 39.23 -12.86 15.28
CA VAL C 310 39.28 -12.97 16.77
C VAL C 310 39.25 -14.44 17.37
N HIS C 311 38.76 -14.63 18.63
CA HIS C 311 38.57 -16.00 19.20
C HIS C 311 37.80 -16.28 20.53
N LYS C 312 36.93 -17.31 20.48
CA LYS C 312 36.36 -18.10 21.63
C LYS C 312 35.34 -19.19 21.19
N VAL C 313 35.70 -20.48 21.28
CA VAL C 313 35.00 -21.58 20.56
C VAL C 313 34.02 -22.40 21.35
N THR C 314 32.82 -22.65 20.81
CA THR C 314 31.82 -23.52 21.44
C THR C 314 30.86 -24.18 20.44
N ILE C 315 30.13 -25.18 20.91
CA ILE C 315 29.02 -25.78 20.17
C ILE C 315 27.65 -25.51 20.84
N VAL C 316 26.64 -25.27 19.99
CA VAL C 316 25.25 -24.85 20.32
C VAL C 316 25.07 -23.39 20.83
N PRO C 317 24.98 -22.42 19.88
CA PRO C 317 24.57 -21.04 20.19
C PRO C 317 23.16 -20.63 19.67
N ARG C 318 22.86 -21.01 18.41
CA ARG C 318 21.73 -20.57 17.54
C ARG C 318 21.89 -19.19 16.89
N GLY C 319 21.96 -18.14 17.71
CA GLY C 319 22.07 -16.77 17.23
C GLY C 319 23.48 -16.24 17.00
N ARG C 320 24.28 -16.23 18.07
CA ARG C 320 25.58 -15.55 18.11
C ARG C 320 26.49 -15.50 16.84
N ALA C 321 26.50 -16.56 16.03
CA ALA C 321 27.42 -16.68 14.87
C ALA C 321 27.22 -15.66 13.73
N LEU C 322 26.68 -14.49 14.07
CA LEU C 322 26.56 -13.37 13.14
C LEU C 322 27.63 -12.32 13.44
N GLY C 323 28.02 -12.24 14.72
CA GLY C 323 28.99 -11.27 15.25
C GLY C 323 30.02 -10.64 14.34
N PHE C 324 30.49 -11.40 13.35
CA PHE C 324 31.46 -10.89 12.37
C PHE C 324 30.90 -9.95 11.26
N MET C 325 29.89 -9.18 11.67
CA MET C 325 29.37 -8.03 10.93
C MET C 325 28.24 -7.28 11.69
N MET C 326 27.02 -7.83 11.64
CA MET C 326 25.78 -7.11 12.06
C MET C 326 25.87 -6.28 13.36
N PRO C 327 26.03 -6.91 14.55
CA PRO C 327 26.21 -6.15 15.80
C PRO C 327 27.46 -5.21 15.83
N ARG C 328 27.93 -4.85 14.62
CA ARG C 328 29.07 -3.97 14.43
C ARG C 328 28.82 -2.90 13.34
N ARG C 329 27.90 -3.16 12.40
CA ARG C 329 27.50 -2.13 11.42
C ARG C 329 26.50 -1.14 12.04
N GLU C 330 25.80 -1.63 13.06
CA GLU C 330 25.01 -0.80 13.99
C GLU C 330 25.90 -0.43 15.18
N ASP C 331 27.22 -0.51 14.96
CA ASP C 331 28.23 0.15 15.81
C ASP C 331 29.45 0.69 15.05
N MET C 332 29.16 1.45 13.97
CA MET C 332 30.11 2.35 13.25
C MET C 332 31.64 2.33 13.61
N LEU C 333 32.47 2.03 12.60
CA LEU C 333 33.94 2.21 12.64
C LEU C 333 34.59 1.73 11.37
N HIS C 334 35.67 2.39 10.95
CA HIS C 334 36.44 1.93 9.80
C HIS C 334 37.06 0.52 9.93
N TRP C 335 36.34 -0.45 9.34
CA TRP C 335 36.76 -1.84 9.01
C TRP C 335 37.80 -1.74 7.86
N SER C 336 38.17 -2.83 7.18
CA SER C 336 39.13 -2.72 6.04
C SER C 336 39.06 -3.78 4.95
N ARG C 337 39.08 -3.36 3.67
CA ARG C 337 39.04 -4.30 2.53
C ARG C 337 39.74 -5.59 2.92
N LYS C 338 40.91 -5.45 3.55
CA LYS C 338 41.73 -6.60 3.88
C LYS C 338 41.04 -7.35 4.99
N ARG C 339 40.56 -6.61 5.96
CA ARG C 339 39.93 -7.23 7.10
C ARG C 339 38.74 -7.99 6.64
N LEU C 340 37.87 -7.33 5.88
CA LEU C 340 36.63 -7.94 5.39
C LEU C 340 36.84 -9.22 4.60
N LEU C 341 37.87 -9.25 3.76
CA LEU C 341 38.10 -10.44 2.96
C LEU C 341 38.35 -11.62 3.85
N ASP C 342 39.22 -11.49 4.82
CA ASP C 342 39.42 -12.58 5.71
C ASP C 342 38.14 -12.78 6.48
N GLN C 343 37.46 -11.70 6.81
CA GLN C 343 36.14 -11.85 7.37
C GLN C 343 35.27 -12.74 6.48
N ILE C 344 35.21 -12.42 5.20
CA ILE C 344 34.52 -13.26 4.23
C ILE C 344 35.14 -14.62 4.14
N ALA C 345 36.37 -14.77 4.60
CA ALA C 345 37.06 -16.04 4.49
C ALA C 345 36.56 -16.86 5.58
N VAL C 346 36.75 -16.36 6.78
CA VAL C 346 36.28 -17.06 7.95
C VAL C 346 34.82 -17.34 7.80
N ALA C 347 34.17 -16.62 6.88
CA ALA C 347 32.76 -16.87 6.64
C ALA C 347 32.61 -18.27 6.09
N LEU C 348 33.27 -18.49 4.97
CA LEU C 348 33.07 -19.71 4.24
C LEU C 348 33.77 -20.90 4.84
N ALA C 349 34.65 -20.65 5.80
CA ALA C 349 35.37 -21.70 6.59
C ALA C 349 34.47 -22.83 6.96
N GLY C 350 33.26 -22.46 7.35
CA GLY C 350 32.29 -23.41 7.86
C GLY C 350 32.04 -24.52 6.84
N ARG C 351 31.74 -24.08 5.60
CA ARG C 351 31.49 -24.93 4.46
C ARG C 351 32.76 -25.70 4.23
N ALA C 352 33.74 -25.02 3.60
CA ALA C 352 35.08 -25.53 3.42
C ALA C 352 35.29 -26.77 4.27
N ALA C 353 35.48 -26.57 5.57
CA ALA C 353 35.62 -27.68 6.51
C ALA C 353 34.95 -28.93 5.95
N GLU C 354 33.63 -28.96 5.97
CA GLU C 354 32.95 -30.17 5.61
C GLU C 354 33.23 -30.52 4.16
N GLU C 355 33.20 -29.58 3.23
CA GLU C 355 33.62 -29.91 1.87
C GLU C 355 34.79 -30.91 1.94
N ILE C 356 35.80 -30.59 2.78
CA ILE C 356 37.02 -31.38 2.91
C ILE C 356 36.80 -32.66 3.67
N VAL C 357 36.91 -32.60 4.99
CA VAL C 357 36.78 -33.80 5.83
C VAL C 357 35.61 -34.66 5.41
N PHE C 358 34.46 -34.04 5.38
CA PHE C 358 33.24 -34.76 5.32
C PHE C 358 32.92 -35.45 4.03
N ASP C 359 32.00 -36.40 4.18
CA ASP C 359 31.48 -37.26 3.11
C ASP C 359 31.14 -36.59 1.80
N ASP C 360 31.89 -35.52 1.55
CA ASP C 360 31.95 -34.90 0.26
C ASP C 360 30.52 -34.59 -0.18
N VAL C 361 29.58 -34.76 0.78
CA VAL C 361 28.30 -34.05 0.65
C VAL C 361 28.16 -32.98 1.66
N THR C 362 27.31 -32.06 1.31
CA THR C 362 27.18 -30.87 2.07
C THR C 362 25.86 -30.76 2.83
N THR C 363 26.01 -30.39 4.09
CA THR C 363 24.91 -30.09 4.95
C THR C 363 24.40 -28.65 4.73
N GLY C 364 23.08 -28.48 4.53
CA GLY C 364 22.46 -27.16 4.37
C GLY C 364 22.64 -26.29 5.60
N ALA C 365 23.83 -25.71 5.78
CA ALA C 365 24.14 -24.79 6.89
C ALA C 365 24.62 -23.38 6.44
N GLU C 366 23.63 -22.50 6.30
CA GLU C 366 23.65 -21.45 5.30
C GLU C 366 24.13 -20.12 5.80
N ASN C 367 23.50 -19.61 6.86
CA ASN C 367 23.68 -18.23 7.29
C ASN C 367 25.03 -17.63 6.91
N ASP C 368 26.12 -18.31 7.33
CA ASP C 368 27.49 -18.10 6.85
C ASP C 368 27.53 -17.52 5.41
N PHE C 369 27.03 -18.26 4.42
CA PHE C 369 27.05 -17.73 3.07
C PHE C 369 26.41 -16.39 3.01
N ARG C 370 25.21 -16.26 3.59
CA ARG C 370 24.55 -14.97 3.58
C ARG C 370 25.49 -13.88 4.09
N GLN C 371 25.94 -14.05 5.35
CA GLN C 371 26.86 -13.12 6.00
C GLN C 371 27.95 -12.78 5.01
N ALA C 372 28.58 -13.78 4.38
CA ALA C 372 29.61 -13.51 3.41
C ALA C 372 29.09 -12.70 2.24
N THR C 373 27.90 -13.01 1.76
CA THR C 373 27.44 -12.41 0.51
C THR C 373 27.03 -10.98 0.75
N GLU C 374 26.35 -10.77 1.86
CA GLU C 374 25.93 -9.45 2.29
C GLU C 374 27.16 -8.55 2.45
N LEU C 375 28.17 -9.13 3.07
CA LEU C 375 29.46 -8.50 3.36
C LEU C 375 30.15 -8.18 2.10
N ALA C 376 29.72 -8.80 1.04
CA ALA C 376 30.41 -8.58 -0.19
C ALA C 376 29.60 -7.82 -1.24
N ARG C 377 28.27 -7.72 -1.10
CA ARG C 377 27.66 -6.72 -1.96
C ARG C 377 27.90 -5.39 -1.30
N ARG C 378 28.10 -5.40 0.00
CA ARG C 378 28.54 -4.17 0.60
C ARG C 378 29.87 -3.83 -0.03
N MET C 379 30.76 -4.82 0.00
CA MET C 379 32.10 -4.74 -0.60
C MET C 379 32.12 -3.87 -1.83
N ILE C 380 31.24 -4.16 -2.76
CA ILE C 380 31.27 -3.59 -4.08
C ILE C 380 30.57 -2.24 -4.15
N THR C 381 29.36 -2.17 -3.59
CA THR C 381 28.39 -1.12 -3.86
C THR C 381 28.43 0.01 -2.81
N GLU C 382 28.23 -0.36 -1.57
CA GLU C 382 27.78 0.59 -0.57
C GLU C 382 29.09 1.23 -0.08
N TRP C 383 30.10 0.37 0.11
CA TRP C 383 31.43 0.86 0.43
C TRP C 383 32.04 1.08 -0.94
N GLY C 384 33.23 1.69 -0.99
CA GLY C 384 33.98 1.81 -2.23
C GLY C 384 35.09 0.88 -1.95
N MET C 385 35.06 -0.26 -2.58
CA MET C 385 36.18 -1.18 -2.56
C MET C 385 36.22 -1.39 -4.02
N HIS C 386 37.43 -1.16 -4.56
CA HIS C 386 37.74 -0.82 -6.00
C HIS C 386 37.96 -2.05 -6.96
N PRO C 387 37.08 -3.04 -6.85
CA PRO C 387 36.67 -3.67 -8.08
C PRO C 387 36.85 -2.80 -9.35
N GLU C 388 36.49 -3.50 -10.42
CA GLU C 388 35.93 -3.00 -11.62
C GLU C 388 34.87 -1.94 -11.39
N PHE C 389 33.99 -2.07 -10.34
CA PHE C 389 33.22 -0.91 -9.79
C PHE C 389 34.07 0.02 -8.89
N GLY C 390 33.84 1.34 -9.07
CA GLY C 390 34.80 2.35 -8.65
C GLY C 390 34.76 2.74 -7.20
N PRO C 391 34.88 4.01 -6.89
CA PRO C 391 34.45 4.51 -5.62
C PRO C 391 33.11 5.17 -5.83
N VAL C 392 32.24 4.52 -6.60
CA VAL C 392 30.91 5.07 -6.85
C VAL C 392 30.02 4.40 -5.88
N ALA C 393 28.85 4.98 -5.67
CA ALA C 393 28.01 4.60 -4.54
C ALA C 393 26.73 3.98 -4.99
N TYR C 394 26.71 2.68 -5.28
CA TYR C 394 25.51 2.10 -5.92
C TYR C 394 24.42 1.68 -4.93
N ALA C 395 24.34 2.33 -3.77
CA ALA C 395 23.50 1.89 -2.66
C ALA C 395 23.44 2.90 -1.53
N VAL C 396 22.55 2.74 -0.58
CA VAL C 396 22.48 3.75 0.47
C VAL C 396 21.86 3.33 1.81
N ARG C 397 22.37 2.26 2.42
CA ARG C 397 21.80 1.83 3.73
C ARG C 397 21.42 3.01 4.66
N GLU C 398 20.11 3.21 4.84
CA GLU C 398 19.58 4.24 5.72
C GLU C 398 19.54 3.71 7.14
N ASP C 399 19.43 4.62 8.11
CA ASP C 399 19.52 4.28 9.54
C ASP C 399 18.67 5.27 10.35
N THR C 400 17.42 5.45 9.88
CA THR C 400 16.54 6.56 10.28
C THR C 400 15.81 6.35 11.64
N TYR C 401 15.07 7.36 12.08
CA TYR C 401 14.43 7.33 13.42
C TYR C 401 13.10 6.56 13.52
N LEU C 402 12.39 6.38 12.39
CA LEU C 402 11.20 5.52 12.36
C LEU C 402 11.38 4.44 11.29
N GLY C 403 11.99 4.85 10.15
CA GLY C 403 12.49 3.97 9.08
C GLY C 403 13.95 3.61 9.31
N GLY C 404 14.66 3.12 8.31
CA GLY C 404 16.07 2.84 8.52
C GLY C 404 16.52 1.41 8.24
N TYR C 405 16.65 1.10 6.94
CA TYR C 405 16.97 -0.20 6.33
C TYR C 405 17.33 0.01 4.85
N ASP C 406 18.05 -0.96 4.29
CA ASP C 406 18.62 -0.84 2.91
C ASP C 406 17.69 -1.01 1.67
N VAL C 407 17.84 -0.06 0.72
CA VAL C 407 17.44 -0.13 -0.73
C VAL C 407 18.27 0.88 -1.55
N ARG C 408 18.25 0.73 -2.87
CA ARG C 408 19.38 1.21 -3.67
C ARG C 408 19.24 1.04 -5.19
N GLN C 409 19.87 1.95 -5.94
CA GLN C 409 19.72 1.93 -7.38
C GLN C 409 21.01 2.04 -8.15
N TYR C 410 21.22 0.99 -8.95
CA TYR C 410 22.14 0.94 -10.08
C TYR C 410 21.24 0.73 -11.26
N SER C 411 21.38 -0.35 -12.00
CA SER C 411 20.51 -0.51 -13.17
C SER C 411 20.68 -1.89 -13.75
N GLU C 412 19.60 -2.55 -14.16
CA GLU C 412 19.72 -3.97 -14.52
C GLU C 412 21.07 -4.46 -14.93
N GLU C 413 21.67 -3.78 -15.90
CA GLU C 413 23.00 -4.18 -16.33
C GLU C 413 24.00 -4.17 -15.20
N THR C 414 24.14 -3.01 -14.56
CA THR C 414 25.07 -2.88 -13.44
C THR C 414 24.71 -3.89 -12.37
N ALA C 415 23.58 -4.56 -12.49
CA ALA C 415 23.15 -5.55 -11.53
C ALA C 415 23.79 -6.93 -11.71
N LYS C 416 23.79 -7.39 -12.98
CA LYS C 416 24.54 -8.58 -13.48
C LYS C 416 26.01 -8.34 -13.12
N ARG C 417 26.41 -7.12 -13.45
CA ARG C 417 27.72 -6.61 -13.18
C ARG C 417 27.94 -6.90 -11.69
N ILE C 418 27.06 -6.49 -10.78
CA ILE C 418 27.25 -6.79 -9.32
C ILE C 418 27.14 -8.25 -9.06
N ASP C 419 26.24 -8.91 -9.75
CA ASP C 419 26.10 -10.30 -9.49
C ASP C 419 27.34 -11.11 -9.76
N GLU C 420 27.79 -11.05 -11.03
CA GLU C 420 28.96 -11.78 -11.49
C GLU C 420 30.04 -11.54 -10.47
N ALA C 421 30.34 -10.28 -10.25
CA ALA C 421 31.28 -9.87 -9.22
C ALA C 421 31.26 -10.64 -7.88
N VAL C 422 30.10 -10.71 -7.23
CA VAL C 422 30.01 -11.39 -5.95
C VAL C 422 30.15 -12.91 -6.13
N ARG C 423 29.81 -13.41 -7.29
CA ARG C 423 30.15 -14.78 -7.50
C ARG C 423 31.66 -14.84 -7.45
N ARG C 424 32.32 -14.10 -8.34
CA ARG C 424 33.78 -14.11 -8.35
C ARG C 424 34.32 -13.93 -6.89
N LEU C 425 33.92 -12.86 -6.23
CA LEU C 425 34.48 -12.61 -4.91
C LEU C 425 34.31 -13.78 -3.96
N ILE C 426 33.09 -14.21 -3.70
CA ILE C 426 32.97 -15.32 -2.77
C ILE C 426 33.64 -16.58 -3.29
N GLU C 427 33.44 -16.91 -4.55
CA GLU C 427 33.99 -18.19 -4.96
C GLU C 427 35.42 -18.16 -4.52
N GLU C 428 36.13 -17.16 -5.00
CA GLU C 428 37.58 -17.17 -4.98
C GLU C 428 38.14 -17.09 -3.57
N GLN C 429 37.38 -16.39 -2.74
CA GLN C 429 37.71 -16.28 -1.33
C GLN C 429 37.46 -17.59 -0.63
N TYR C 430 36.48 -18.35 -1.09
CA TYR C 430 36.16 -19.64 -0.46
C TYR C 430 37.28 -20.60 -0.74
N GLN C 431 37.74 -20.60 -1.99
CA GLN C 431 38.85 -21.44 -2.37
C GLN C 431 40.06 -21.25 -1.45
N ARG C 432 40.30 -19.97 -1.09
CA ARG C 432 41.31 -19.58 -0.10
C ARG C 432 41.22 -20.35 1.17
N VAL C 433 40.04 -20.31 1.77
CA VAL C 433 39.82 -20.94 3.05
C VAL C 433 39.70 -22.40 2.88
N LYS C 434 39.53 -22.89 1.65
CA LYS C 434 39.62 -24.34 1.50
C LYS C 434 41.07 -24.71 1.69
N ALA C 435 41.95 -24.10 0.89
CA ALA C 435 43.38 -24.42 0.99
C ALA C 435 43.90 -24.39 2.44
N LEU C 436 43.72 -23.25 3.11
CA LEU C 436 44.21 -23.02 4.48
C LEU C 436 43.67 -24.03 5.48
N LEU C 437 42.46 -24.50 5.25
CA LEU C 437 41.93 -25.60 6.03
C LEU C 437 42.65 -26.86 5.62
N LEU C 438 42.55 -27.16 4.33
CA LEU C 438 43.32 -28.23 3.73
C LEU C 438 44.76 -28.31 4.30
N GLU C 439 45.51 -27.24 4.02
CA GLU C 439 46.90 -27.10 4.42
C GLU C 439 47.08 -27.35 5.91
N LYS C 440 46.07 -27.02 6.70
CA LYS C 440 46.13 -27.21 8.13
C LYS C 440 45.35 -28.48 8.54
N ARG C 441 44.98 -29.29 7.56
CA ARG C 441 44.08 -30.44 7.79
C ARG C 441 44.29 -31.25 9.07
N GLU C 442 45.55 -31.47 9.42
CA GLU C 442 45.84 -32.23 10.61
C GLU C 442 45.13 -31.57 11.79
N VAL C 443 45.19 -30.23 11.86
CA VAL C 443 44.66 -29.51 13.01
C VAL C 443 43.14 -29.55 13.10
N LEU C 444 42.48 -29.66 11.95
CA LEU C 444 41.04 -29.72 11.91
C LEU C 444 40.57 -30.90 12.75
N GLU C 445 40.92 -32.11 12.31
CA GLU C 445 40.63 -33.32 13.06
C GLU C 445 40.92 -33.00 14.51
N ARG C 446 42.13 -32.52 14.76
CA ARG C 446 42.59 -32.19 16.13
C ARG C 446 41.58 -31.34 16.89
N VAL C 447 41.15 -30.23 16.28
CA VAL C 447 40.21 -29.33 16.93
C VAL C 447 38.83 -29.97 17.02
N ALA C 448 38.20 -30.16 15.87
CA ALA C 448 36.87 -30.76 15.82
C ALA C 448 36.80 -31.97 16.75
N GLU C 449 37.77 -32.87 16.65
CA GLU C 449 37.70 -34.06 17.48
C GLU C 449 37.59 -33.65 18.92
N THR C 450 38.51 -32.80 19.37
CA THR C 450 38.50 -32.32 20.76
C THR C 450 37.15 -31.69 21.04
N LEU C 451 36.72 -30.85 20.09
CA LEU C 451 35.47 -30.13 20.18
C LEU C 451 34.35 -31.09 20.42
N LEU C 452 34.13 -32.01 19.48
CA LEU C 452 33.17 -33.08 19.66
C LEU C 452 33.19 -33.53 21.13
N GLU C 453 34.37 -33.90 21.58
CA GLU C 453 34.50 -34.56 22.85
C GLU C 453 34.17 -33.69 24.04
N ARG C 454 34.43 -32.39 23.97
CA ARG C 454 34.28 -31.57 25.18
C ARG C 454 33.47 -30.27 25.06
N GLU C 455 32.79 -30.09 23.94
CA GLU C 455 31.88 -28.97 23.74
C GLU C 455 32.54 -27.60 23.64
N THR C 456 33.33 -27.22 24.62
CA THR C 456 33.79 -25.84 24.71
C THR C 456 35.29 -25.76 24.95
N LEU C 457 35.97 -24.95 24.15
CA LEU C 457 37.36 -24.64 24.40
C LEU C 457 37.53 -23.12 24.54
N THR C 458 38.07 -22.67 25.68
CA THR C 458 38.42 -21.26 25.79
C THR C 458 39.69 -21.02 24.96
N ALA C 459 39.81 -19.83 24.36
CA ALA C 459 40.76 -19.63 23.25
C ALA C 459 42.23 -19.90 23.56
N GLU C 460 42.66 -19.70 24.81
CA GLU C 460 44.01 -20.14 25.16
C GLU C 460 44.10 -21.68 25.14
N GLU C 461 43.04 -22.35 25.61
CA GLU C 461 42.88 -23.82 25.46
C GLU C 461 43.02 -24.22 24.00
N PHE C 462 42.32 -23.48 23.14
CA PHE C 462 42.50 -23.58 21.71
C PHE C 462 43.97 -23.46 21.37
N GLN C 463 44.57 -22.34 21.80
CA GLN C 463 45.97 -22.04 21.48
C GLN C 463 46.82 -23.28 21.67
N ARG C 464 46.50 -24.04 22.70
CA ARG C 464 47.23 -25.28 22.97
C ARG C 464 46.87 -26.39 21.97
N VAL C 465 45.61 -26.83 21.95
CA VAL C 465 45.21 -27.96 21.10
C VAL C 465 45.74 -27.83 19.67
N VAL C 466 45.89 -26.58 19.23
CA VAL C 466 46.42 -26.29 17.91
C VAL C 466 47.90 -26.68 17.77
N GLU C 467 48.72 -26.22 18.72
CA GLU C 467 50.15 -26.59 18.74
C GLU C 467 50.32 -27.97 19.37
N GLY C 468 49.74 -28.98 18.72
CA GLY C 468 49.79 -30.37 19.18
C GLY C 468 50.12 -30.63 20.64
N LEU C 469 49.33 -30.08 21.55
CA LEU C 469 49.53 -30.29 22.98
C LEU C 469 48.21 -30.50 23.70
N PRO C 470 48.19 -31.38 24.70
CA PRO C 470 46.99 -31.56 25.51
C PRO C 470 46.83 -30.43 26.51
N LEU C 471 45.62 -30.35 27.09
CA LEU C 471 45.36 -29.62 28.32
C LEU C 471 44.08 -30.18 28.95
N GLU C 472 44.27 -30.98 30.01
CA GLU C 472 43.16 -31.65 30.69
C GLU C 472 42.60 -30.83 31.84
N ALA C 473 41.34 -31.12 32.18
CA ALA C 473 40.60 -30.33 33.16
C ALA C 473 40.75 -30.93 34.56
N PRO C 474 41.01 -30.07 35.55
CA PRO C 474 41.44 -30.50 36.90
C PRO C 474 40.33 -31.22 37.69
N GLU C 475 39.17 -31.31 37.00
CA GLU C 475 38.00 -32.17 37.26
C GLU C 475 38.15 -33.19 38.40
N THR D 23 17.36 35.38 41.68
CA THR D 23 16.89 36.20 42.84
C THR D 23 18.06 36.91 43.57
N GLU D 24 19.16 36.20 43.84
CA GLU D 24 20.42 36.87 44.19
C GLU D 24 21.42 36.82 43.02
N ALA D 25 22.68 37.20 43.28
CA ALA D 25 23.72 37.21 42.24
C ALA D 25 24.23 35.80 41.94
N PRO D 26 23.93 35.27 40.74
CA PRO D 26 24.27 33.88 40.38
C PRO D 26 25.65 33.75 39.75
N LYS D 27 26.59 33.16 40.51
CA LYS D 27 28.02 33.12 40.19
C LYS D 27 28.35 32.38 38.88
N VAL D 28 29.59 32.55 38.43
CA VAL D 28 30.10 32.02 37.15
C VAL D 28 29.79 32.93 35.94
N THR D 29 30.83 33.58 35.44
CA THR D 29 30.70 34.52 34.35
C THR D 29 31.22 33.85 33.11
N PHE D 30 31.54 34.63 32.09
CA PHE D 30 32.15 34.11 30.86
C PHE D 30 33.67 33.94 31.01
N LYS D 31 34.22 34.53 32.08
CA LYS D 31 35.63 34.33 32.44
C LYS D 31 35.83 32.98 33.14
N ASP D 32 34.72 32.36 33.53
CA ASP D 32 34.74 31.07 34.19
C ASP D 32 34.12 29.94 33.36
N VAL D 33 34.07 30.15 32.05
CA VAL D 33 33.64 29.12 31.10
C VAL D 33 34.68 28.98 30.00
N ALA D 34 35.31 27.80 29.96
CA ALA D 34 36.44 27.53 29.06
C ALA D 34 36.04 27.52 27.59
N GLY D 35 37.03 27.68 26.71
CA GLY D 35 36.83 27.62 25.27
C GLY D 35 35.54 28.26 24.79
N ALA D 36 34.82 27.57 23.90
CA ALA D 36 33.47 27.95 23.45
C ALA D 36 33.32 29.44 23.12
N GLU D 37 34.39 30.04 22.63
CA GLU D 37 34.43 31.48 22.35
C GLU D 37 33.41 31.90 21.30
N GLU D 38 33.29 31.06 20.25
CA GLU D 38 32.34 31.25 19.18
C GLU D 38 30.96 31.69 19.68
N ALA D 39 30.44 30.95 20.65
CA ALA D 39 29.10 31.16 21.19
C ALA D 39 29.04 32.32 22.20
N LYS D 40 30.13 32.54 22.91
CA LYS D 40 30.21 33.67 23.84
C LYS D 40 29.97 35.00 23.09
N GLU D 41 30.64 35.18 21.95
CA GLU D 41 30.51 36.37 21.08
C GLU D 41 29.07 36.62 20.61
N GLU D 42 28.40 35.56 20.18
CA GLU D 42 27.01 35.58 19.75
C GLU D 42 26.07 35.91 20.92
N LEU D 43 26.52 35.65 22.15
CA LEU D 43 25.69 35.77 23.34
C LEU D 43 25.69 37.14 24.01
N LYS D 44 26.73 37.94 23.75
CA LYS D 44 26.81 39.33 24.23
C LYS D 44 25.56 40.10 23.81
N GLU D 45 24.88 39.58 22.78
CA GLU D 45 23.65 40.13 22.24
C GLU D 45 22.54 40.00 23.26
N ILE D 46 22.59 38.93 24.03
CA ILE D 46 21.58 38.71 25.05
C ILE D 46 22.05 39.40 26.31
N VAL D 47 23.38 39.48 26.44
CA VAL D 47 24.02 40.05 27.63
C VAL D 47 23.75 41.57 27.82
N GLU D 48 24.16 42.37 26.83
CA GLU D 48 23.88 43.80 26.84
C GLU D 48 22.40 44.09 27.05
N PHE D 49 21.52 43.33 26.36
CA PHE D 49 20.07 43.43 26.55
C PHE D 49 19.62 42.95 27.92
N LEU D 50 20.20 41.86 28.41
CA LEU D 50 19.93 41.45 29.77
C LEU D 50 20.43 42.48 30.78
N LYS D 51 21.51 43.17 30.39
CA LYS D 51 22.14 44.22 31.19
C LYS D 51 21.34 45.54 31.19
N ASN D 52 21.02 46.04 29.99
CA ASN D 52 20.26 47.27 29.88
C ASN D 52 19.04 47.20 28.95
N PRO D 53 18.03 46.39 29.30
CA PRO D 53 16.81 46.29 28.48
C PRO D 53 16.16 47.64 28.17
N SER D 54 16.26 48.57 29.10
CA SER D 54 15.81 49.94 28.88
C SER D 54 16.45 50.56 27.64
N ARG D 55 17.64 50.07 27.28
CA ARG D 55 18.35 50.54 26.10
C ARG D 55 17.84 49.88 24.81
N PHE D 56 16.82 49.03 24.93
CA PHE D 56 16.32 48.34 23.76
C PHE D 56 14.88 48.74 23.43
N HIS D 57 13.96 48.44 24.35
CA HIS D 57 12.52 48.59 24.13
C HIS D 57 12.15 49.89 23.41
N GLU D 58 12.53 51.01 24.01
CA GLU D 58 12.27 52.34 23.46
C GLU D 58 13.10 52.57 22.20
N MET D 59 14.35 52.12 22.23
CA MET D 59 15.27 52.27 21.11
C MET D 59 15.00 51.22 20.03
N GLY D 60 13.76 51.25 19.52
CA GLY D 60 13.25 50.39 18.44
C GLY D 60 14.03 49.18 17.97
N ALA D 61 14.13 48.18 18.84
CA ALA D 61 14.78 46.90 18.51
C ALA D 61 14.00 45.71 19.05
N ARG D 62 14.55 44.51 18.83
CA ARG D 62 13.93 43.25 19.25
C ARG D 62 15.03 42.21 19.41
N ILE D 63 14.88 41.30 20.37
CA ILE D 63 15.93 40.30 20.67
C ILE D 63 15.40 38.88 20.77
N PRO D 64 16.12 37.93 20.19
CA PRO D 64 15.79 36.50 20.23
C PRO D 64 14.58 36.04 21.10
N LYS D 65 14.69 35.98 22.43
CA LYS D 65 13.58 35.53 23.28
C LYS D 65 13.75 34.08 23.73
N GLY D 66 14.14 33.22 22.80
CA GLY D 66 14.23 31.79 23.06
C GLY D 66 15.43 31.14 22.37
N VAL D 67 16.52 31.03 23.12
CA VAL D 67 17.71 30.42 22.59
C VAL D 67 17.76 28.99 23.10
N LEU D 68 17.91 28.05 22.17
CA LEU D 68 18.24 26.66 22.50
C LEU D 68 19.74 26.35 22.27
N LEU D 69 20.27 25.41 23.05
CA LEU D 69 21.66 25.01 22.89
C LEU D 69 21.80 23.64 22.22
N VAL D 70 22.76 23.56 21.32
CA VAL D 70 22.99 22.34 20.59
C VAL D 70 24.33 21.76 20.99
N GLY D 71 24.29 20.53 21.51
CA GLY D 71 25.49 19.82 21.94
C GLY D 71 25.16 18.62 22.80
N PRO D 72 26.17 17.76 23.01
CA PRO D 72 26.05 16.56 23.85
C PRO D 72 25.77 16.89 25.32
N PRO D 73 25.55 15.88 26.17
CA PRO D 73 25.44 16.11 27.62
C PRO D 73 26.81 16.33 28.30
N GLY D 74 27.00 17.55 28.82
CA GLY D 74 28.22 17.92 29.53
C GLY D 74 29.28 18.58 28.68
N VAL D 75 28.93 19.69 28.04
CA VAL D 75 29.82 20.34 27.07
C VAL D 75 30.19 21.73 27.51
N GLY D 76 29.18 22.45 27.97
CA GLY D 76 29.31 23.83 28.41
C GLY D 76 27.91 24.32 28.67
N LYS D 77 26.93 23.46 28.37
CA LYS D 77 25.51 23.84 28.17
C LYS D 77 24.85 24.69 29.26
N THR D 78 24.18 24.04 30.22
CA THR D 78 23.56 24.73 31.35
C THR D 78 24.56 25.73 31.90
N HIS D 79 25.74 25.22 32.22
CA HIS D 79 26.92 26.00 32.57
C HIS D 79 27.07 27.33 31.82
N LEU D 80 26.64 27.38 30.56
CA LEU D 80 26.76 28.59 29.74
C LEU D 80 25.55 29.49 29.84
N ALA D 81 24.36 28.89 29.86
CA ALA D 81 23.13 29.64 30.04
C ALA D 81 23.12 30.33 31.42
N ARG D 82 23.58 29.57 32.42
CA ARG D 82 23.89 30.09 33.75
C ARG D 82 24.91 31.21 33.57
N ALA D 83 25.96 30.91 32.81
CA ALA D 83 27.10 31.82 32.65
C ALA D 83 26.74 33.13 31.97
N VAL D 84 25.61 33.18 31.26
CA VAL D 84 25.13 34.46 30.80
C VAL D 84 24.82 35.27 32.05
N ALA D 85 23.91 34.76 32.89
CA ALA D 85 23.47 35.46 34.09
C ALA D 85 24.62 35.97 34.95
N GLY D 86 25.79 35.32 34.83
CA GLY D 86 26.98 35.68 35.58
C GLY D 86 27.75 36.84 34.98
N GLU D 87 27.71 36.94 33.65
CA GLU D 87 28.24 38.10 32.96
C GLU D 87 27.13 39.11 32.72
N ALA D 88 25.88 38.67 32.90
CA ALA D 88 24.71 39.53 32.67
C ALA D 88 24.15 40.12 33.93
N ARG D 89 24.43 39.47 35.06
CA ARG D 89 23.96 39.86 36.39
C ARG D 89 22.43 39.95 36.37
N VAL D 90 21.79 38.84 36.71
CA VAL D 90 20.37 38.67 36.45
C VAL D 90 19.82 37.45 37.18
N PRO D 91 18.51 37.42 37.47
CA PRO D 91 17.87 36.21 38.01
C PRO D 91 17.85 35.07 36.98
N PHE D 92 18.79 34.14 37.13
CA PHE D 92 18.78 32.91 36.34
C PHE D 92 17.79 31.90 36.95
N ILE D 93 16.53 31.98 36.50
CA ILE D 93 15.47 31.03 36.89
C ILE D 93 15.69 29.68 36.22
N THR D 94 15.35 28.59 36.92
CA THR D 94 15.51 27.24 36.38
C THR D 94 14.28 26.37 36.54
N ALA D 95 14.04 25.54 35.52
CA ALA D 95 12.98 24.54 35.53
C ALA D 95 13.42 23.28 34.80
N SER D 96 13.44 22.16 35.52
CA SER D 96 13.81 20.85 34.97
C SER D 96 12.63 20.20 34.23
N GLY D 97 12.81 20.02 32.93
CA GLY D 97 11.78 19.53 32.02
C GLY D 97 11.23 18.16 32.34
N SER D 98 12.07 17.31 32.93
CA SER D 98 11.68 15.97 33.36
C SER D 98 10.46 16.02 34.31
N ASP D 99 10.50 16.96 35.25
CA ASP D 99 9.45 17.13 36.27
C ASP D 99 8.11 17.63 35.71
N PHE D 100 8.16 18.29 34.55
CA PHE D 100 6.97 18.83 33.87
C PHE D 100 5.99 17.76 33.39
N VAL D 101 6.49 16.54 33.22
CA VAL D 101 5.73 15.43 32.63
C VAL D 101 5.41 14.31 33.64
N GLU D 102 6.17 14.26 34.73
CA GLU D 102 6.06 13.20 35.74
C GLU D 102 4.83 13.30 36.65
N MET D 103 4.20 14.48 36.66
CA MET D 103 3.12 14.79 37.59
C MET D 103 1.75 14.27 37.14
N PHE D 104 0.76 15.16 37.04
CA PHE D 104 -0.63 14.78 36.72
C PHE D 104 -1.27 15.66 35.63
N VAL D 105 -2.53 15.40 35.32
CA VAL D 105 -3.26 16.09 34.25
C VAL D 105 -3.60 17.53 34.62
N GLY D 106 -3.15 18.46 33.76
CA GLY D 106 -3.30 19.89 34.02
C GLY D 106 -2.18 20.44 34.88
N VAL D 107 -1.81 19.66 35.90
CA VAL D 107 -0.79 20.05 36.88
C VAL D 107 0.58 20.21 36.24
N GLY D 108 0.89 19.38 35.25
CA GLY D 108 2.11 19.48 34.50
C GLY D 108 2.15 20.74 33.67
N ALA D 109 0.99 21.10 33.13
CA ALA D 109 0.81 22.34 32.37
C ALA D 109 0.77 23.54 33.32
N ALA D 110 0.31 23.31 34.54
CA ALA D 110 0.26 24.36 35.56
C ALA D 110 1.67 24.83 35.92
N ARG D 111 2.55 23.87 36.21
CA ARG D 111 3.94 24.17 36.55
C ARG D 111 4.52 25.22 35.61
N VAL D 112 4.09 25.18 34.35
CA VAL D 112 4.51 26.14 33.34
C VAL D 112 3.84 27.50 33.54
N ARG D 113 2.51 27.50 33.53
CA ARG D 113 1.71 28.73 33.65
C ARG D 113 2.12 29.57 34.86
N ASP D 114 2.45 28.90 35.97
CA ASP D 114 2.89 29.57 37.18
C ASP D 114 4.34 30.05 37.06
N LEU D 115 5.21 29.19 36.55
CA LEU D 115 6.63 29.52 36.43
C LEU D 115 6.87 30.75 35.56
N PHE D 116 5.98 30.96 34.58
CA PHE D 116 6.14 32.08 33.66
C PHE D 116 5.59 33.39 34.19
N GLU D 117 4.58 33.30 35.05
CA GLU D 117 4.12 34.44 35.83
C GLU D 117 5.26 34.90 36.74
N THR D 118 5.98 33.92 37.30
CA THR D 118 7.12 34.15 38.17
C THR D 118 8.23 34.95 37.48
N ALA D 119 8.54 34.56 36.25
CA ALA D 119 9.62 35.16 35.46
C ALA D 119 9.38 36.63 35.07
N LYS D 120 8.11 36.99 34.89
CA LYS D 120 7.72 38.34 34.48
C LYS D 120 8.18 39.40 35.48
N ARG D 121 7.93 39.14 36.76
CA ARG D 121 8.32 40.03 37.86
C ARG D 121 9.83 40.25 37.93
N HIS D 122 10.59 39.21 37.58
CA HIS D 122 12.04 39.26 37.56
C HIS D 122 12.55 39.69 36.18
N ALA D 123 12.08 40.83 35.68
CA ALA D 123 12.56 41.42 34.42
C ALA D 123 13.63 42.48 34.73
N PRO D 124 14.85 42.33 34.21
CA PRO D 124 15.24 41.28 33.24
C PRO D 124 15.69 39.98 33.90
N CYS D 125 15.86 38.92 33.10
CA CYS D 125 16.21 37.58 33.59
C CYS D 125 16.69 36.61 32.49
N ILE D 126 16.87 35.35 32.85
CA ILE D 126 16.93 34.22 31.92
C ILE D 126 16.05 33.08 32.46
N VAL D 127 15.27 32.47 31.58
CA VAL D 127 14.38 31.38 31.99
C VAL D 127 14.77 30.05 31.32
N PHE D 128 15.57 29.26 32.04
CA PHE D 128 16.18 28.06 31.51
C PHE D 128 15.27 26.83 31.61
N ILE D 129 15.26 26.04 30.53
CA ILE D 129 14.61 24.72 30.56
C ILE D 129 15.60 23.60 30.19
N ASP D 130 15.92 22.76 31.18
CA ASP D 130 16.70 21.55 30.94
C ASP D 130 15.76 20.41 30.57
N GLU D 131 16.33 19.35 30.01
CA GLU D 131 15.56 18.20 29.55
C GLU D 131 14.40 18.65 28.66
N ILE D 132 14.62 19.71 27.88
CA ILE D 132 13.63 20.24 26.96
C ILE D 132 13.09 19.14 26.01
N ASP D 133 13.89 18.08 25.84
CA ASP D 133 13.46 16.86 25.14
C ASP D 133 12.18 16.31 25.72
N ALA D 134 12.19 16.09 27.03
CA ALA D 134 11.02 15.56 27.75
C ALA D 134 9.79 16.42 27.51
N VAL D 135 10.02 17.65 27.09
CA VAL D 135 8.96 18.60 26.78
C VAL D 135 8.55 18.50 25.31
N GLY D 136 9.48 18.78 24.41
CA GLY D 136 9.20 18.94 22.99
C GLY D 136 9.39 17.75 22.06
N ARG D 137 8.45 16.80 22.11
CA ARG D 137 8.41 15.69 21.17
C ARG D 137 6.99 15.51 20.61
N LYS D 138 6.86 14.74 19.54
CA LYS D 138 5.54 14.42 18.97
C LYS D 138 5.54 13.05 18.29
N ASN D 147 -0.53 10.06 24.94
CA ASN D 147 -1.26 11.01 24.11
C ASN D 147 -1.28 12.42 24.71
N ASP D 148 -1.50 12.50 26.02
CA ASP D 148 -1.72 13.78 26.70
C ASP D 148 -0.44 14.33 27.34
N GLU D 149 0.35 13.43 27.94
CA GLU D 149 1.49 13.79 28.78
C GLU D 149 2.34 14.95 28.27
N ARG D 150 3.06 14.71 27.18
CA ARG D 150 3.98 15.72 26.62
C ARG D 150 3.23 16.93 26.02
N GLU D 151 2.01 16.68 25.56
CA GLU D 151 1.15 17.72 24.99
C GLU D 151 0.83 18.80 26.03
N GLN D 152 0.40 18.36 27.22
CA GLN D 152 0.03 19.25 28.31
C GLN D 152 1.02 20.38 28.47
N THR D 153 2.26 20.00 28.79
CA THR D 153 3.35 20.95 29.01
C THR D 153 3.72 21.70 27.74
N LEU D 154 3.57 21.03 26.60
CA LEU D 154 3.97 21.61 25.32
C LEU D 154 3.12 22.81 24.94
N ASN D 155 1.81 22.61 24.87
CA ASN D 155 0.88 23.67 24.50
C ASN D 155 0.94 24.85 25.46
N GLN D 156 1.13 24.56 26.75
CA GLN D 156 1.29 25.59 27.76
C GLN D 156 2.57 26.38 27.58
N LEU D 157 3.69 25.67 27.46
CA LEU D 157 4.99 26.30 27.23
C LEU D 157 4.94 27.24 26.02
N LEU D 158 4.22 26.79 24.99
CA LEU D 158 4.05 27.55 23.76
C LEU D 158 3.33 28.88 23.96
N VAL D 159 2.09 28.82 24.44
CA VAL D 159 1.24 30.02 24.56
C VAL D 159 1.82 31.07 25.52
N GLU D 160 2.63 30.63 26.48
CA GLU D 160 3.31 31.56 27.39
C GLU D 160 4.46 32.31 26.69
N MET D 161 5.17 31.62 25.80
CA MET D 161 6.16 32.25 24.93
C MET D 161 5.45 33.17 23.93
N ASP D 162 4.26 32.75 23.53
CA ASP D 162 3.41 33.50 22.63
C ASP D 162 2.74 34.66 23.37
N GLY D 163 3.24 34.96 24.57
CA GLY D 163 2.68 36.01 25.40
C GLY D 163 3.72 36.99 25.92
N PHE D 164 4.85 37.06 25.21
CA PHE D 164 5.93 37.97 25.59
C PHE D 164 5.89 39.24 24.75
N GLU D 165 5.72 40.37 25.43
CA GLU D 165 5.41 41.65 24.81
C GLU D 165 6.63 42.53 24.50
N LYS D 166 6.38 43.63 23.80
CA LYS D 166 7.40 44.61 23.43
C LYS D 166 8.01 45.24 24.69
N ASP D 167 7.15 45.81 25.54
CA ASP D 167 7.57 46.35 26.85
C ASP D 167 7.83 45.21 27.85
N THR D 168 8.29 44.07 27.34
CA THR D 168 8.62 42.91 28.17
C THR D 168 9.96 42.31 27.77
N ALA D 169 10.85 42.18 28.75
CA ALA D 169 12.20 41.68 28.54
C ALA D 169 12.36 40.28 29.13
N ILE D 170 12.76 39.32 28.29
CA ILE D 170 12.78 37.90 28.70
C ILE D 170 13.44 36.97 27.66
N VAL D 171 14.53 36.34 28.10
CA VAL D 171 15.30 35.42 27.28
C VAL D 171 15.16 34.01 27.85
N VAL D 172 14.38 33.18 27.17
CA VAL D 172 14.25 31.78 27.58
C VAL D 172 15.43 30.96 27.05
N MET D 173 16.03 30.18 27.93
CA MET D 173 17.05 29.23 27.54
C MET D 173 16.52 27.82 27.59
N ALA D 174 17.21 26.96 26.84
CA ALA D 174 17.00 25.51 26.81
C ALA D 174 18.26 24.91 26.22
N ALA D 175 18.34 23.58 26.21
CA ALA D 175 19.50 22.90 25.67
C ALA D 175 19.22 21.43 25.58
N THR D 176 19.44 20.87 24.39
CA THR D 176 19.24 19.43 24.17
C THR D 176 20.30 18.83 23.25
N ASN D 177 20.46 17.51 23.34
CA ASN D 177 21.43 16.77 22.52
C ASN D 177 20.93 16.48 21.09
N ARG D 178 19.63 16.25 20.96
CA ARG D 178 19.07 15.86 19.67
C ARG D 178 17.94 16.76 19.22
N PRO D 179 18.25 17.83 18.49
CA PRO D 179 17.22 18.71 17.91
C PRO D 179 16.50 18.01 16.73
N ASP D 180 17.10 16.94 16.21
CA ASP D 180 16.48 16.10 15.19
C ASP D 180 15.09 15.67 15.65
N ILE D 181 14.95 15.33 16.93
CA ILE D 181 13.67 14.85 17.47
C ILE D 181 12.90 15.91 18.26
N LEU D 182 13.12 17.17 17.91
CA LEU D 182 12.44 18.26 18.59
C LEU D 182 11.29 18.81 17.76
N ASP D 183 10.12 18.90 18.39
CA ASP D 183 8.91 19.42 17.76
C ASP D 183 9.15 20.70 16.96
N PRO D 184 8.92 20.64 15.65
CA PRO D 184 9.21 21.78 14.76
C PRO D 184 8.45 23.03 15.15
N ALA D 185 7.28 22.86 15.79
CA ALA D 185 6.48 23.99 16.27
C ALA D 185 7.25 24.77 17.34
N LEU D 186 8.02 24.04 18.15
CA LEU D 186 8.88 24.65 19.13
C LEU D 186 10.05 25.41 18.49
N LEU D 187 10.09 25.45 17.16
CA LEU D 187 11.19 26.12 16.48
C LEU D 187 10.73 27.32 15.66
N ARG D 188 9.41 27.48 15.58
CA ARG D 188 8.75 28.62 14.91
C ARG D 188 9.39 29.99 15.21
N PRO D 189 9.23 30.97 14.32
CA PRO D 189 9.73 32.32 14.58
C PRO D 189 8.85 33.01 15.63
N GLY D 190 9.47 33.60 16.65
CA GLY D 190 8.75 34.15 17.78
C GLY D 190 8.92 33.28 19.01
N ARG D 191 8.90 31.96 18.78
CA ARG D 191 9.24 30.99 19.81
C ARG D 191 10.75 30.75 19.76
N PHE D 192 11.20 29.50 19.79
CA PHE D 192 12.63 29.21 19.79
C PHE D 192 13.29 29.37 18.41
N ASP D 193 13.64 30.62 18.09
CA ASP D 193 14.13 30.97 16.76
C ASP D 193 15.59 31.42 16.76
N ARG D 194 16.42 30.58 17.38
CA ARG D 194 17.85 30.81 17.45
C ARG D 194 18.46 29.70 18.29
N GLN D 195 19.66 29.29 17.91
CA GLN D 195 20.46 28.35 18.70
C GLN D 195 21.94 28.56 18.44
N ILE D 196 22.76 28.29 19.45
CA ILE D 196 24.18 28.09 19.19
C ILE D 196 24.61 26.67 19.53
N ALA D 197 25.43 26.13 18.66
CA ALA D 197 26.06 24.86 18.92
C ALA D 197 27.29 25.11 19.77
N ILE D 198 27.60 24.16 20.65
CA ILE D 198 28.83 24.20 21.41
C ILE D 198 29.57 22.92 21.07
N ASP D 199 30.67 23.05 20.33
CA ASP D 199 31.44 21.88 19.93
C ASP D 199 32.25 21.36 21.12
N ALA D 200 32.19 20.05 21.34
CA ALA D 200 32.44 19.48 22.66
C ALA D 200 33.85 19.65 23.24
N PRO D 201 34.79 18.79 22.87
CA PRO D 201 36.09 18.85 23.51
C PRO D 201 36.99 19.80 22.77
N ASP D 202 38.10 19.27 22.30
CA ASP D 202 39.19 20.00 21.66
C ASP D 202 40.28 19.87 22.66
N VAL D 203 41.54 19.90 22.24
CA VAL D 203 42.64 19.85 23.21
C VAL D 203 42.81 21.19 23.98
N LYS D 204 42.91 22.28 23.22
CA LYS D 204 43.02 23.63 23.80
C LYS D 204 41.80 23.95 24.65
N GLY D 205 40.71 23.22 24.42
CA GLY D 205 39.52 23.32 25.25
C GLY D 205 39.54 22.34 26.41
N ARG D 206 40.36 21.30 26.30
CA ARG D 206 40.48 20.34 27.39
C ARG D 206 41.48 20.88 28.40
N GLU D 207 42.59 21.44 27.93
CA GLU D 207 43.49 22.24 28.77
C GLU D 207 42.61 23.19 29.55
N GLN D 208 42.25 24.29 28.89
CA GLN D 208 41.40 25.32 29.46
C GLN D 208 40.49 24.80 30.55
N ILE D 209 39.77 23.70 30.27
CA ILE D 209 38.76 23.20 31.19
C ILE D 209 39.30 22.52 32.45
N LEU D 210 40.41 21.83 32.30
CA LEU D 210 41.06 21.16 33.42
C LEU D 210 41.79 22.21 34.27
N ARG D 211 42.43 23.15 33.59
CA ARG D 211 43.08 24.27 34.25
C ARG D 211 42.07 25.17 34.95
N ILE D 212 40.81 25.16 34.51
CA ILE D 212 39.79 25.92 35.20
C ILE D 212 39.38 25.21 36.49
N HIS D 213 39.37 23.89 36.45
CA HIS D 213 39.06 23.09 37.64
C HIS D 213 40.37 22.70 38.34
N ALA D 214 41.37 23.59 38.30
CA ALA D 214 42.65 23.37 38.98
C ALA D 214 42.69 24.01 40.36
N ARG D 215 41.96 25.10 40.55
CA ARG D 215 41.89 25.77 41.83
C ARG D 215 41.73 24.78 42.99
N GLY D 216 40.77 23.86 42.86
CA GLY D 216 40.49 22.87 43.88
C GLY D 216 41.62 21.87 44.07
N LYS D 217 42.26 21.93 45.24
CA LYS D 217 43.31 20.99 45.67
C LYS D 217 44.60 21.12 44.87
N PRO D 218 45.69 20.49 45.32
CA PRO D 218 47.01 20.74 44.74
C PRO D 218 47.44 19.76 43.66
N LEU D 219 48.44 20.19 42.89
CA LEU D 219 49.00 19.39 41.81
C LEU D 219 50.52 19.58 41.67
N ALA D 220 51.30 18.50 41.84
CA ALA D 220 52.76 18.58 41.69
C ALA D 220 53.29 17.82 40.48
N GLU D 221 52.37 17.16 39.78
CA GLU D 221 52.66 16.32 38.62
C GLU D 221 53.18 17.04 37.38
N ASP D 222 54.09 16.36 36.70
CA ASP D 222 54.77 16.83 35.48
C ASP D 222 53.88 17.42 34.35
N VAL D 223 52.55 17.32 34.46
CA VAL D 223 51.67 17.50 33.29
C VAL D 223 51.07 18.90 33.06
N ASP D 224 50.75 19.58 34.16
CA ASP D 224 50.04 20.87 34.16
C ASP D 224 48.74 20.79 33.31
N LEU D 225 48.09 19.62 33.38
CA LEU D 225 46.94 19.29 32.57
C LEU D 225 47.18 19.52 31.06
N ALA D 226 48.44 19.75 30.71
CA ALA D 226 48.82 19.86 29.31
C ALA D 226 48.68 18.47 28.72
N LEU D 227 49.53 17.57 29.17
CA LEU D 227 49.59 16.23 28.62
C LEU D 227 48.44 15.35 29.13
N LEU D 228 47.57 15.91 29.97
CA LEU D 228 46.36 15.19 30.31
C LEU D 228 45.37 15.47 29.19
N ALA D 229 45.03 16.74 29.00
CA ALA D 229 44.14 17.15 27.91
C ALA D 229 44.34 16.36 26.58
N LYS D 230 45.58 15.93 26.35
CA LYS D 230 45.93 15.06 25.24
C LYS D 230 45.69 13.58 25.57
N ARG D 231 46.23 13.08 26.68
CA ARG D 231 46.05 11.66 27.04
C ARG D 231 44.59 11.29 27.24
N THR D 232 43.76 12.30 27.41
CA THR D 232 42.33 12.14 27.20
C THR D 232 41.97 12.59 25.75
N PRO D 233 41.36 11.70 24.95
CA PRO D 233 40.92 12.06 23.62
C PRO D 233 39.54 12.60 23.79
N GLY D 234 38.54 12.04 23.13
CA GLY D 234 37.19 12.59 23.22
C GLY D 234 36.75 12.63 24.66
N PHE D 235 36.61 13.84 25.21
CA PHE D 235 36.21 14.06 26.61
C PHE D 235 35.49 15.38 26.70
N VAL D 236 34.21 15.35 27.00
CA VAL D 236 33.49 16.61 27.18
C VAL D 236 33.96 17.24 28.47
N GLY D 237 33.62 18.52 28.69
CA GLY D 237 33.99 19.22 29.91
C GLY D 237 33.46 18.54 31.15
N ALA D 238 32.16 18.29 31.18
CA ALA D 238 31.54 17.57 32.27
C ALA D 238 32.28 16.28 32.58
N ASP D 239 32.63 15.53 31.56
CA ASP D 239 33.38 14.30 31.76
C ASP D 239 34.86 14.53 32.05
N LEU D 240 35.18 15.70 32.61
CA LEU D 240 36.51 16.06 33.08
C LEU D 240 36.46 16.53 34.52
N GLU D 241 35.50 17.41 34.80
CA GLU D 241 35.15 17.76 36.16
C GLU D 241 34.99 16.44 36.91
N ASN D 242 34.08 15.59 36.43
CA ASN D 242 33.94 14.21 36.91
C ASN D 242 35.29 13.45 37.05
N LEU D 243 36.25 13.70 36.16
CA LEU D 243 37.59 13.10 36.28
C LEU D 243 38.32 13.69 37.48
N LEU D 244 38.30 15.02 37.59
CA LEU D 244 39.05 15.72 38.65
C LEU D 244 38.40 15.56 40.02
N ASN D 245 37.08 15.66 40.07
CA ASN D 245 36.35 15.39 41.29
C ASN D 245 36.82 14.06 41.83
N GLU D 246 36.94 13.07 40.96
CA GLU D 246 37.32 11.70 41.36
C GLU D 246 38.79 11.56 41.69
N ALA D 247 39.62 12.39 41.06
CA ALA D 247 41.06 12.35 41.28
C ALA D 247 41.42 12.63 42.74
N ALA D 248 40.77 13.63 43.32
CA ALA D 248 40.90 13.92 44.74
C ALA D 248 40.53 12.70 45.61
N LEU D 249 39.38 12.10 45.31
CA LEU D 249 38.90 10.92 46.04
C LEU D 249 39.73 9.67 45.73
N LEU D 250 40.75 9.84 44.91
CA LEU D 250 41.71 8.78 44.61
C LEU D 250 42.96 9.01 45.43
N ALA D 251 43.14 10.27 45.83
CA ALA D 251 44.30 10.68 46.60
C ALA D 251 44.01 10.58 48.09
N ALA D 252 42.97 11.28 48.54
CA ALA D 252 42.63 11.34 49.95
C ALA D 252 42.21 9.98 50.52
N ARG D 253 41.74 9.07 49.67
CA ARG D 253 41.39 7.73 50.11
C ARG D 253 42.65 6.90 50.31
N GLU D 254 43.75 7.37 49.73
CA GLU D 254 45.07 6.79 49.97
C GLU D 254 45.81 7.67 50.98
N GLY D 255 45.24 8.84 51.27
CA GLY D 255 45.83 9.76 52.21
C GLY D 255 46.81 10.69 51.53
N ARG D 256 46.28 11.70 50.85
CA ARG D 256 47.13 12.59 50.08
C ARG D 256 46.44 13.90 49.86
N ARG D 257 46.99 14.93 50.48
CA ARG D 257 46.62 16.31 50.18
C ARG D 257 47.50 16.78 49.02
N LYS D 258 47.30 16.19 47.84
CA LYS D 258 48.11 16.50 46.67
C LYS D 258 47.94 15.40 45.64
N ILE D 259 47.30 15.72 44.51
CA ILE D 259 47.10 14.76 43.42
C ILE D 259 48.30 14.72 42.50
N THR D 260 48.50 13.56 41.89
CA THR D 260 49.62 13.37 40.97
C THR D 260 49.15 13.09 39.56
N MET D 261 50.08 12.67 38.71
CA MET D 261 49.73 12.24 37.37
C MET D 261 49.12 10.87 37.49
N LYS D 262 49.87 9.96 38.07
CA LYS D 262 49.41 8.58 38.32
C LYS D 262 48.19 8.51 39.25
N ASP D 263 47.64 9.68 39.59
CA ASP D 263 46.39 9.83 40.35
C ASP D 263 45.32 10.48 39.48
N LEU D 264 45.75 11.12 38.40
CA LEU D 264 44.87 11.83 37.49
C LEU D 264 44.67 11.02 36.22
N GLU D 265 45.71 10.31 35.80
CA GLU D 265 45.62 9.38 34.68
C GLU D 265 44.63 8.30 35.10
N GLU D 266 44.75 7.82 36.34
CA GLU D 266 43.82 6.82 36.86
C GLU D 266 42.44 7.42 37.06
N ALA D 267 42.38 8.74 37.14
CA ALA D 267 41.09 9.43 37.20
C ALA D 267 40.42 9.27 35.87
N ALA D 268 41.21 9.00 34.84
CA ALA D 268 40.69 8.74 33.50
C ALA D 268 40.24 7.29 33.35
N ASP D 269 41.20 6.38 33.18
CA ASP D 269 40.93 4.97 32.91
C ASP D 269 39.84 4.33 33.79
N ARG D 270 39.47 5.01 34.88
CA ARG D 270 38.39 4.52 35.75
C ARG D 270 37.06 5.10 35.32
N VAL D 271 37.03 6.39 35.02
CA VAL D 271 35.86 6.99 34.39
C VAL D 271 36.15 7.11 32.88
N MET D 272 36.47 5.95 32.29
CA MET D 272 36.70 5.81 30.85
C MET D 272 36.29 4.42 30.37
N MET D 273 36.37 3.45 31.28
CA MET D 273 35.98 2.07 30.97
C MET D 273 34.56 1.75 31.44
N LEU D 274 33.87 2.77 31.95
CA LEU D 274 32.44 2.67 32.25
C LEU D 274 31.56 3.37 31.20
N PRO D 275 31.96 4.56 30.71
CA PRO D 275 31.33 5.15 29.52
C PRO D 275 31.55 4.34 28.24
N ALA D 276 32.72 3.70 28.12
CA ALA D 276 33.10 2.93 26.93
C ALA D 276 32.07 1.91 26.50
N LYS D 277 31.28 1.43 27.46
CA LYS D 277 30.23 0.46 27.19
C LYS D 277 29.04 1.07 26.43
N LYS D 278 28.96 2.40 26.41
CA LYS D 278 27.87 3.11 25.74
C LYS D 278 28.32 4.36 24.97
N SER D 279 29.58 4.77 25.17
CA SER D 279 30.15 5.93 24.49
C SER D 279 31.46 5.54 23.80
N LEU D 280 31.66 5.98 22.57
CA LEU D 280 32.74 5.49 21.73
C LEU D 280 34.16 5.99 22.03
N VAL D 281 35.13 5.20 21.54
CA VAL D 281 36.58 5.47 21.68
C VAL D 281 37.25 5.01 20.39
N LEU D 282 38.39 5.61 20.05
CA LEU D 282 39.08 5.31 18.80
C LEU D 282 40.54 4.92 19.04
N SER D 283 41.07 4.08 18.16
CA SER D 283 42.42 3.53 18.25
C SER D 283 43.49 4.40 17.58
N PRO D 284 44.71 4.43 18.15
CA PRO D 284 45.84 5.12 17.53
C PRO D 284 46.05 4.83 16.04
N ARG D 285 45.23 3.94 15.46
CA ARG D 285 45.16 3.83 14.02
C ARG D 285 43.90 4.54 13.55
N ASP D 286 42.75 4.18 14.14
CA ASP D 286 41.45 4.77 13.81
C ASP D 286 41.58 6.28 13.57
N ARG D 287 42.06 6.96 14.63
CA ARG D 287 42.22 8.42 14.70
C ARG D 287 43.22 8.87 13.65
N ARG D 288 44.44 8.31 13.70
CA ARG D 288 45.44 8.58 12.64
C ARG D 288 44.89 8.38 11.22
N ILE D 289 43.84 7.58 11.07
CA ILE D 289 43.17 7.57 9.81
C ILE D 289 42.49 8.93 9.73
N THR D 290 41.42 9.10 10.49
CA THR D 290 40.51 10.20 10.24
C THR D 290 41.26 11.50 10.07
N ALA D 291 42.45 11.53 10.66
CA ALA D 291 43.27 12.73 10.61
C ALA D 291 43.94 12.94 9.29
N TYR D 292 44.36 11.86 8.62
CA TYR D 292 44.83 11.98 7.24
C TYR D 292 43.64 12.23 6.34
N HIS D 293 42.63 11.48 6.66
CA HIS D 293 41.41 11.53 5.93
C HIS D 293 40.79 12.89 5.84
N GLU D 294 40.82 13.62 6.93
CA GLU D 294 40.12 14.86 6.97
C GLU D 294 41.03 15.93 6.43
N ALA D 295 42.32 15.61 6.30
CA ALA D 295 43.27 16.55 5.73
C ALA D 295 43.02 16.42 4.24
N GLY D 296 43.18 15.21 3.75
CA GLY D 296 42.87 15.05 2.36
C GLY D 296 41.80 16.10 1.99
N HIS D 297 40.66 16.06 2.69
CA HIS D 297 39.55 16.96 2.42
C HIS D 297 40.03 18.39 2.49
N ALA D 298 40.61 18.77 3.60
CA ALA D 298 40.99 20.17 3.71
C ALA D 298 41.79 20.57 2.47
N LEU D 299 42.89 19.87 2.24
CA LEU D 299 43.78 20.21 1.13
C LEU D 299 42.93 20.25 -0.10
N ALA D 300 42.43 19.11 -0.52
CA ALA D 300 41.44 19.10 -1.57
C ALA D 300 40.81 20.48 -1.82
N ALA D 301 40.04 21.02 -0.88
CA ALA D 301 39.30 22.25 -1.17
C ALA D 301 40.20 23.46 -1.23
N HIS D 302 41.49 23.20 -1.17
CA HIS D 302 42.49 24.25 -1.16
C HIS D 302 43.57 24.03 -2.24
N PHE D 303 43.62 24.98 -3.16
CA PHE D 303 44.66 25.01 -4.18
C PHE D 303 44.91 26.47 -4.68
N LEU D 304 45.37 26.60 -5.93
CA LEU D 304 45.67 27.93 -6.54
C LEU D 304 45.59 27.85 -8.08
N GLU D 305 44.93 28.84 -8.69
CA GLU D 305 44.57 28.88 -10.14
C GLU D 305 43.72 27.68 -10.63
N HIS D 306 42.59 27.99 -11.26
CA HIS D 306 41.73 26.97 -11.91
C HIS D 306 41.19 25.91 -10.89
N ALA D 307 40.81 26.37 -9.70
CA ALA D 307 40.48 25.52 -8.53
C ALA D 307 39.40 26.18 -7.64
N ASP D 308 38.49 25.38 -7.04
CA ASP D 308 37.30 25.97 -6.36
C ASP D 308 36.75 25.30 -5.04
N GLY D 309 36.91 25.95 -3.86
CA GLY D 309 36.56 25.39 -2.53
C GLY D 309 36.19 26.27 -1.29
N VAL D 310 36.76 25.96 -0.09
CA VAL D 310 36.47 26.65 1.22
C VAL D 310 37.49 26.33 2.38
N HIS D 311 37.10 26.51 3.68
CA HIS D 311 37.92 26.06 4.87
C HIS D 311 37.54 26.23 6.40
N LYS D 312 37.79 25.13 7.17
CA LYS D 312 37.98 25.02 8.67
C LYS D 312 37.72 23.60 9.34
N VAL D 313 38.75 23.00 9.96
CA VAL D 313 38.81 21.54 10.22
C VAL D 313 38.66 21.03 11.67
N THR D 314 38.25 19.78 11.85
CA THR D 314 38.03 19.18 13.19
C THR D 314 38.23 17.66 13.25
N ILE D 315 38.17 17.09 14.46
CA ILE D 315 37.90 15.66 14.68
C ILE D 315 37.07 15.50 15.95
N VAL D 316 35.82 15.06 15.83
CA VAL D 316 34.98 14.86 17.02
C VAL D 316 34.12 13.60 16.84
N PRO D 317 34.26 12.64 17.76
CA PRO D 317 33.63 11.31 17.66
C PRO D 317 32.11 11.22 17.33
N ARG D 318 31.26 11.91 18.09
CA ARG D 318 29.79 11.88 17.88
C ARG D 318 29.31 12.99 16.93
N GLY D 319 29.88 14.19 17.11
CA GLY D 319 29.50 15.39 16.39
C GLY D 319 29.51 15.34 14.88
N ARG D 320 30.44 14.57 14.30
CA ARG D 320 30.57 14.45 12.83
C ARG D 320 29.48 13.58 12.16
N ALA D 321 28.67 12.89 12.98
CA ALA D 321 27.50 12.12 12.50
C ALA D 321 26.27 13.00 12.19
N LEU D 322 26.05 14.03 13.01
CA LEU D 322 24.94 14.98 12.86
C LEU D 322 25.10 15.97 11.69
N GLY D 323 26.31 16.55 11.56
CA GLY D 323 26.60 17.65 10.65
C GLY D 323 26.46 17.46 9.13
N PHE D 324 26.81 16.26 8.64
CA PHE D 324 26.72 15.92 7.22
C PHE D 324 25.25 15.77 6.77
N MET D 325 24.40 15.45 7.75
CA MET D 325 22.97 15.17 7.56
C MET D 325 22.08 16.43 7.45
N MET D 326 22.38 17.48 8.23
CA MET D 326 21.67 18.76 8.12
C MET D 326 21.67 19.36 6.67
N PRO D 327 22.85 19.62 6.08
CA PRO D 327 22.96 19.79 4.61
C PRO D 327 23.13 18.47 3.84
N ARG D 328 22.29 17.49 4.15
CA ARG D 328 22.01 16.36 3.25
C ARG D 328 20.51 16.42 2.87
N ARG D 329 19.74 17.04 3.78
CA ARG D 329 18.35 17.46 3.56
C ARG D 329 18.34 18.85 2.88
N GLU D 330 18.72 19.87 3.67
CA GLU D 330 18.66 21.30 3.29
C GLU D 330 19.92 21.87 2.58
N ASP D 331 20.38 21.14 1.55
CA ASP D 331 21.41 21.58 0.63
C ASP D 331 20.73 22.46 -0.42
N MET D 332 21.11 23.75 -0.55
CA MET D 332 20.73 24.55 -1.76
C MET D 332 21.26 26.01 -2.00
N LEU D 333 22.25 26.10 -2.92
CA LEU D 333 22.44 27.24 -3.86
C LEU D 333 22.66 26.73 -5.31
N HIS D 334 22.50 27.65 -6.27
CA HIS D 334 22.71 27.41 -7.69
C HIS D 334 24.18 27.60 -8.08
N TRP D 335 24.92 26.54 -7.81
CA TRP D 335 26.33 26.41 -8.04
C TRP D 335 26.67 26.50 -9.52
N SER D 336 27.95 26.26 -9.87
CA SER D 336 28.40 26.19 -11.26
C SER D 336 29.05 24.88 -11.61
N ARG D 337 28.75 24.39 -12.81
CA ARG D 337 29.29 23.13 -13.31
C ARG D 337 30.73 22.90 -12.92
N LYS D 338 31.52 23.94 -13.02
CA LYS D 338 32.93 23.71 -12.86
C LYS D 338 33.17 23.23 -11.45
N ARG D 339 32.54 23.89 -10.47
CA ARG D 339 32.84 23.65 -9.05
C ARG D 339 32.46 22.23 -8.68
N LEU D 340 31.24 21.84 -9.04
CA LEU D 340 30.77 20.47 -8.83
C LEU D 340 31.87 19.47 -9.12
N LEU D 341 32.66 19.77 -10.13
CA LEU D 341 33.75 18.92 -10.51
C LEU D 341 34.99 18.99 -9.63
N ASP D 342 35.11 20.08 -8.90
CA ASP D 342 36.11 20.12 -7.91
C ASP D 342 35.35 19.58 -6.74
N GLN D 343 34.16 20.11 -6.58
CA GLN D 343 33.30 19.75 -5.48
C GLN D 343 33.15 18.25 -5.37
N ILE D 344 33.18 17.54 -6.49
CA ILE D 344 33.10 16.09 -6.43
C ILE D 344 34.42 15.53 -5.92
N ALA D 345 35.51 16.17 -6.29
CA ALA D 345 36.83 15.64 -6.04
C ALA D 345 37.27 16.02 -4.67
N VAL D 346 36.66 17.06 -4.14
CA VAL D 346 36.89 17.45 -2.74
C VAL D 346 36.28 16.40 -1.84
N ALA D 347 35.42 15.59 -2.46
CA ALA D 347 34.73 14.56 -1.72
C ALA D 347 35.56 13.30 -1.77
N LEU D 348 36.16 13.08 -2.94
CA LEU D 348 36.80 11.83 -3.14
C LEU D 348 38.19 11.84 -2.57
N ALA D 349 38.73 13.04 -2.40
CA ALA D 349 40.04 13.27 -1.64
C ALA D 349 40.12 12.65 -0.25
N GLY D 350 38.94 12.25 0.19
CA GLY D 350 38.75 11.68 1.51
C GLY D 350 39.32 10.27 1.44
N ARG D 351 38.84 9.46 0.47
CA ARG D 351 39.44 8.16 0.19
C ARG D 351 40.89 8.43 -0.17
N ALA D 352 41.10 8.86 -1.43
CA ALA D 352 42.40 9.36 -1.88
C ALA D 352 43.46 9.44 -0.76
N ALA D 353 43.45 10.52 0.04
CA ALA D 353 44.47 10.64 1.04
C ALA D 353 44.83 9.23 1.50
N GLU D 354 43.89 8.55 2.12
CA GLU D 354 44.18 7.31 2.79
C GLU D 354 44.82 6.36 1.84
N GLU D 355 44.24 6.23 0.66
CA GLU D 355 44.80 5.38 -0.39
C GLU D 355 46.32 5.64 -0.53
N ILE D 356 46.72 6.92 -0.43
CA ILE D 356 48.11 7.29 -0.62
C ILE D 356 48.88 6.92 0.61
N VAL D 357 48.60 7.57 1.71
CA VAL D 357 49.43 7.47 2.89
C VAL D 357 49.35 6.10 3.57
N PHE D 358 48.17 5.48 3.54
CA PHE D 358 47.94 4.33 4.41
C PHE D 358 48.32 3.02 3.87
N ASP D 359 48.73 2.17 4.80
CA ASP D 359 49.30 0.86 4.50
C ASP D 359 48.51 0.10 3.46
N ASP D 360 48.34 0.75 2.32
CA ASP D 360 47.63 0.18 1.23
C ASP D 360 46.49 -0.70 1.77
N VAL D 361 45.64 -0.10 2.60
CA VAL D 361 44.25 -0.57 2.70
C VAL D 361 43.27 0.57 2.84
N THR D 362 42.05 0.27 2.46
CA THR D 362 40.97 1.22 2.55
C THR D 362 39.92 0.84 3.63
N THR D 363 39.01 1.73 3.96
CA THR D 363 38.18 1.41 5.10
C THR D 363 36.77 1.99 4.98
N GLY D 364 35.78 1.25 5.50
CA GLY D 364 34.39 1.65 5.46
C GLY D 364 34.28 3.12 5.83
N ALA D 365 34.12 4.02 4.85
CA ALA D 365 33.98 5.47 5.04
C ALA D 365 33.11 6.04 3.90
N GLU D 366 31.84 5.57 3.87
CA GLU D 366 31.03 5.46 2.61
C GLU D 366 30.63 6.82 2.10
N ASN D 367 30.13 7.61 3.03
CA ASN D 367 29.44 8.81 2.65
C ASN D 367 30.12 9.51 1.50
N ASP D 368 31.40 9.81 1.69
CA ASP D 368 32.10 10.71 0.78
C ASP D 368 31.71 10.31 -0.62
N PHE D 369 31.74 9.00 -0.91
CA PHE D 369 31.33 8.51 -2.24
C PHE D 369 29.89 8.82 -2.56
N ARG D 370 29.03 8.50 -1.60
CA ARG D 370 27.61 8.62 -1.77
C ARG D 370 27.25 10.05 -2.14
N GLN D 371 27.84 10.99 -1.42
CA GLN D 371 27.52 12.36 -1.69
C GLN D 371 28.21 12.80 -2.96
N ALA D 372 29.34 12.20 -3.27
CA ALA D 372 29.99 12.52 -4.52
C ALA D 372 29.24 11.90 -5.69
N THR D 373 28.54 10.80 -5.46
CA THR D 373 27.86 10.17 -6.58
C THR D 373 26.55 10.89 -6.89
N GLU D 374 25.85 11.37 -5.86
CA GLU D 374 24.56 12.02 -6.05
C GLU D 374 24.72 13.34 -6.82
N LEU D 375 25.92 13.92 -6.78
CA LEU D 375 26.21 15.10 -7.56
C LEU D 375 26.21 14.56 -8.92
N ALA D 376 27.31 13.95 -9.30
CA ALA D 376 27.42 13.30 -10.61
C ALA D 376 26.09 12.74 -11.16
N ARG D 377 25.42 11.91 -10.35
CA ARG D 377 24.19 11.27 -10.76
C ARG D 377 23.27 12.45 -11.05
N ARG D 378 23.34 13.50 -10.22
CA ARG D 378 22.48 14.68 -10.43
C ARG D 378 22.96 15.38 -11.70
N MET D 379 24.21 15.87 -11.64
CA MET D 379 24.93 16.50 -12.74
C MET D 379 24.72 15.90 -14.10
N ILE D 380 24.52 14.59 -14.21
CA ILE D 380 24.18 14.05 -15.51
C ILE D 380 22.77 14.43 -15.93
N THR D 381 21.91 14.25 -14.95
CA THR D 381 20.65 13.63 -15.18
C THR D 381 19.47 14.58 -15.07
N GLU D 382 19.78 15.74 -14.52
CA GLU D 382 18.80 16.47 -13.78
C GLU D 382 19.18 17.92 -13.91
N TRP D 383 20.43 18.20 -13.64
CA TRP D 383 21.00 19.44 -14.04
C TRP D 383 21.25 19.26 -15.48
N GLY D 384 21.67 20.34 -16.11
CA GLY D 384 22.08 20.23 -17.48
C GLY D 384 23.57 20.27 -17.39
N MET D 385 24.23 19.11 -17.39
CA MET D 385 25.68 19.12 -17.58
C MET D 385 25.91 18.10 -18.66
N HIS D 386 26.69 18.57 -19.64
CA HIS D 386 26.61 18.20 -21.11
C HIS D 386 27.54 17.04 -21.48
N PRO D 387 27.60 16.02 -20.60
CA PRO D 387 27.90 14.73 -21.16
C PRO D 387 27.27 14.58 -22.59
N GLU D 388 27.59 13.43 -23.15
CA GLU D 388 26.68 12.54 -23.80
C GLU D 388 25.21 12.56 -23.35
N PHE D 389 24.82 13.34 -22.33
CA PHE D 389 23.39 13.37 -21.96
C PHE D 389 22.69 14.63 -22.30
N GLY D 390 23.32 15.78 -22.03
CA GLY D 390 22.82 17.08 -22.50
C GLY D 390 21.43 17.57 -22.01
N PRO D 391 21.07 18.79 -22.35
CA PRO D 391 19.89 19.49 -21.83
C PRO D 391 18.63 18.76 -21.36
N VAL D 392 18.49 17.48 -21.60
CA VAL D 392 17.27 16.77 -21.23
C VAL D 392 17.11 16.63 -19.74
N ALA D 393 15.87 16.38 -19.32
CA ALA D 393 15.62 16.24 -17.91
C ALA D 393 15.30 14.81 -17.54
N TYR D 394 16.33 13.98 -17.40
CA TYR D 394 16.13 12.58 -17.06
C TYR D 394 15.71 12.35 -15.64
N ALA D 395 15.57 13.40 -14.86
CA ALA D 395 15.03 13.20 -13.54
C ALA D 395 14.53 14.50 -12.95
N VAL D 396 13.52 14.44 -12.12
CA VAL D 396 13.06 15.65 -11.48
C VAL D 396 13.32 15.57 -9.98
N ARG D 397 13.30 16.70 -9.28
CA ARG D 397 13.51 16.67 -7.84
C ARG D 397 12.22 16.86 -7.06
N GLU D 398 11.89 15.85 -6.26
CA GLU D 398 10.80 15.96 -5.29
C GLU D 398 11.24 16.76 -4.03
N ASP D 399 10.60 17.91 -3.77
CA ASP D 399 11.15 18.89 -2.83
C ASP D 399 10.30 19.20 -1.59
N THR D 400 10.29 20.49 -1.26
CA THR D 400 9.71 21.10 -0.05
C THR D 400 10.26 20.56 1.27
N TYR D 401 9.80 21.17 2.38
CA TYR D 401 10.25 20.89 3.75
C TYR D 401 10.43 19.39 4.10
N LEU D 402 9.33 18.76 4.48
CA LEU D 402 9.34 17.46 5.16
C LEU D 402 10.13 16.41 4.42
N GLY D 403 9.97 16.39 3.08
CA GLY D 403 10.62 15.45 2.19
C GLY D 403 11.45 16.08 1.06
N GLY D 404 12.40 15.29 0.54
CA GLY D 404 13.23 15.73 -0.56
C GLY D 404 14.11 14.62 -1.13
N TYR D 405 13.61 13.87 -2.12
CA TYR D 405 14.39 12.85 -2.86
C TYR D 405 13.80 12.70 -4.26
N ASP D 406 14.70 12.50 -5.25
CA ASP D 406 14.48 12.77 -6.69
C ASP D 406 13.95 11.63 -7.63
N VAL D 407 12.85 11.90 -8.32
CA VAL D 407 12.20 10.85 -9.10
C VAL D 407 12.84 10.65 -10.42
N ARG D 408 12.98 9.40 -10.74
CA ARG D 408 13.73 9.03 -11.91
C ARG D 408 12.72 8.78 -13.04
N GLN D 409 13.23 8.75 -14.28
CA GLN D 409 12.45 8.69 -15.52
C GLN D 409 13.26 8.53 -16.84
N TYR D 410 13.68 7.32 -17.16
CA TYR D 410 14.48 7.02 -18.36
C TYR D 410 14.35 5.53 -18.71
N SER D 411 14.60 5.15 -19.94
CA SER D 411 14.56 3.73 -20.21
C SER D 411 15.72 3.07 -19.55
N GLU D 412 15.55 1.80 -19.26
CA GLU D 412 16.63 1.00 -18.72
C GLU D 412 18.00 1.32 -19.37
N GLU D 413 17.99 1.44 -20.70
CA GLU D 413 19.20 1.74 -21.47
C GLU D 413 19.80 3.03 -20.95
N THR D 414 19.12 4.14 -21.18
CA THR D 414 19.55 5.39 -20.58
C THR D 414 20.00 5.24 -19.09
N ALA D 415 19.53 4.21 -18.39
CA ALA D 415 20.05 4.00 -17.02
C ALA D 415 21.40 3.32 -16.95
N LYS D 416 21.71 2.50 -17.93
CA LYS D 416 23.04 1.94 -18.08
C LYS D 416 23.87 3.09 -18.43
N ARG D 417 23.34 3.85 -19.35
CA ARG D 417 23.98 5.03 -19.82
C ARG D 417 24.34 5.84 -18.57
N ILE D 418 23.35 6.17 -17.73
CA ILE D 418 23.67 7.03 -16.62
C ILE D 418 24.73 6.34 -15.79
N ASP D 419 24.53 5.07 -15.52
CA ASP D 419 25.42 4.42 -14.62
C ASP D 419 26.81 4.57 -15.06
N GLU D 420 27.18 3.98 -16.22
CA GLU D 420 28.55 4.02 -16.79
C GLU D 420 29.08 5.45 -16.57
N ALA D 421 28.50 6.40 -17.28
CA ALA D 421 28.57 7.81 -16.93
C ALA D 421 29.18 8.15 -15.58
N VAL D 422 28.48 7.77 -14.53
CA VAL D 422 28.85 8.11 -13.16
C VAL D 422 30.07 7.37 -12.66
N ARG D 423 30.46 6.29 -13.30
CA ARG D 423 31.71 5.68 -12.92
C ARG D 423 32.80 6.53 -13.53
N ARG D 424 32.73 6.66 -14.84
CA ARG D 424 33.55 7.60 -15.59
C ARG D 424 33.71 8.90 -14.73
N LEU D 425 32.66 9.73 -14.60
CA LEU D 425 32.81 11.07 -14.02
C LEU D 425 33.52 11.01 -12.67
N ILE D 426 33.25 9.97 -11.92
CA ILE D 426 33.77 9.92 -10.57
C ILE D 426 35.15 9.35 -10.57
N GLU D 427 35.39 8.31 -11.35
CA GLU D 427 36.73 7.77 -11.39
C GLU D 427 37.66 8.89 -11.73
N GLU D 428 37.39 9.52 -12.87
CA GLU D 428 38.18 10.61 -13.41
C GLU D 428 38.51 11.57 -12.28
N GLN D 429 37.48 11.96 -11.57
CA GLN D 429 37.69 12.86 -10.47
C GLN D 429 38.57 12.33 -9.37
N TYR D 430 38.37 11.07 -9.02
CA TYR D 430 39.09 10.46 -7.92
C TYR D 430 40.55 10.34 -8.25
N GLN D 431 40.86 10.01 -9.50
CA GLN D 431 42.24 10.00 -9.95
C GLN D 431 42.82 11.41 -9.89
N ARG D 432 41.97 12.39 -10.16
CA ARG D 432 42.32 13.81 -9.97
C ARG D 432 42.84 14.11 -8.61
N VAL D 433 42.04 13.82 -7.61
CA VAL D 433 42.41 14.23 -6.29
C VAL D 433 43.45 13.31 -5.77
N LYS D 434 43.61 12.14 -6.36
CA LYS D 434 44.73 11.35 -5.92
C LYS D 434 45.93 12.17 -6.29
N ALA D 435 45.96 12.61 -7.53
CA ALA D 435 47.08 13.41 -7.97
C ALA D 435 47.37 14.62 -7.08
N LEU D 436 46.37 15.48 -6.88
CA LEU D 436 46.52 16.73 -6.16
C LEU D 436 47.08 16.52 -4.77
N LEU D 437 46.72 15.36 -4.20
CA LEU D 437 47.24 14.99 -2.90
C LEU D 437 48.67 14.55 -3.04
N LEU D 438 48.90 13.51 -3.82
CA LEU D 438 50.25 13.03 -4.10
C LEU D 438 51.22 14.15 -4.30
N GLU D 439 50.89 15.00 -5.27
CA GLU D 439 51.73 16.15 -5.64
C GLU D 439 51.74 17.23 -4.57
N LYS D 440 51.28 16.85 -3.39
CA LYS D 440 51.35 17.66 -2.20
C LYS D 440 51.64 16.75 -0.99
N ARG D 441 51.97 15.49 -1.26
CA ARG D 441 51.86 14.43 -0.23
C ARG D 441 52.72 14.61 0.98
N GLU D 442 53.25 15.80 1.04
CA GLU D 442 54.17 16.20 2.06
C GLU D 442 53.52 17.29 2.88
N VAL D 443 52.46 17.89 2.32
CA VAL D 443 51.65 18.84 3.06
C VAL D 443 50.56 18.04 3.70
N LEU D 444 50.24 16.92 3.09
CA LEU D 444 49.27 16.03 3.67
C LEU D 444 49.76 15.65 5.04
N GLU D 445 50.78 14.79 5.06
CA GLU D 445 51.41 14.30 6.30
C GLU D 445 52.13 15.45 7.07
N ARG D 446 51.38 16.53 7.21
CA ARG D 446 51.74 17.67 8.00
C ARG D 446 50.42 18.14 8.55
N VAL D 447 49.51 18.50 7.62
CA VAL D 447 48.17 18.90 8.05
C VAL D 447 47.58 17.77 8.89
N ALA D 448 47.36 16.59 8.24
CA ALA D 448 47.05 15.40 9.02
C ALA D 448 47.84 15.41 10.33
N GLU D 449 49.16 15.51 10.22
CA GLU D 449 50.02 15.33 11.37
C GLU D 449 49.78 16.34 12.50
N THR D 450 49.56 17.60 12.15
CA THR D 450 49.29 18.64 13.17
C THR D 450 47.90 18.47 13.73
N LEU D 451 46.98 18.03 12.84
CA LEU D 451 45.59 17.74 13.20
C LEU D 451 45.57 16.60 14.20
N LEU D 452 46.03 15.43 13.73
CA LEU D 452 46.24 14.28 14.59
C LEU D 452 46.80 14.71 15.95
N GLU D 453 47.72 15.67 15.92
CA GLU D 453 48.38 16.17 17.11
C GLU D 453 47.45 17.08 17.91
N ARG D 454 46.89 18.10 17.24
CA ARG D 454 46.21 19.17 17.95
C ARG D 454 44.70 19.11 17.83
N GLU D 455 44.19 18.00 17.28
CA GLU D 455 42.75 17.66 17.24
C GLU D 455 41.82 18.81 16.75
N THR D 456 42.39 19.81 16.10
CA THR D 456 41.62 20.82 15.35
C THR D 456 42.44 22.02 14.89
N LEU D 457 42.37 22.29 13.59
CA LEU D 457 43.00 23.47 13.00
C LEU D 457 41.91 24.49 12.79
N THR D 458 42.25 25.76 12.88
CA THR D 458 41.25 26.79 12.69
C THR D 458 41.59 27.72 11.57
N ALA D 459 41.00 27.40 10.40
CA ALA D 459 41.06 28.27 9.24
C ALA D 459 42.49 28.73 9.00
N GLU D 460 42.81 29.91 9.51
CA GLU D 460 44.13 30.48 9.37
C GLU D 460 45.20 29.48 9.82
N GLU D 461 44.98 28.85 10.99
CA GLU D 461 45.91 27.83 11.52
C GLU D 461 46.37 26.93 10.39
N PHE D 462 45.38 26.36 9.69
CA PHE D 462 45.62 25.53 8.53
C PHE D 462 46.48 26.28 7.53
N GLN D 463 45.95 27.42 7.08
CA GLN D 463 46.64 28.27 6.11
C GLN D 463 48.12 28.31 6.44
N ARG D 464 48.43 28.47 7.72
CA ARG D 464 49.81 28.56 8.16
C ARG D 464 50.53 27.21 8.05
N VAL D 465 49.89 26.14 8.51
CA VAL D 465 50.54 24.84 8.50
C VAL D 465 50.95 24.47 7.08
N VAL D 466 50.05 24.73 6.13
CA VAL D 466 50.28 24.52 4.70
C VAL D 466 51.55 25.23 4.26
N GLU D 467 51.54 26.54 4.52
CA GLU D 467 52.59 27.44 4.10
C GLU D 467 53.85 27.24 4.94
N GLY D 468 54.55 26.12 4.71
CA GLY D 468 55.80 25.82 5.38
C GLY D 468 56.27 26.77 6.47
N LEU D 469 55.53 26.80 7.57
CA LEU D 469 55.86 27.60 8.73
C LEU D 469 55.32 26.89 9.98
N PRO D 470 56.18 26.67 10.97
CA PRO D 470 55.72 26.25 12.29
C PRO D 470 54.81 27.29 12.96
N LEU D 471 54.12 26.85 14.00
CA LEU D 471 53.34 27.73 14.84
C LEU D 471 53.67 27.43 16.29
N GLU D 472 54.15 28.42 17.01
CA GLU D 472 54.60 28.20 18.38
C GLU D 472 53.41 28.08 19.34
N ALA D 473 53.68 28.20 20.65
CA ALA D 473 52.66 28.17 21.71
C ALA D 473 51.66 29.35 21.64
N PRO D 474 50.55 29.14 20.91
CA PRO D 474 49.67 30.25 20.45
C PRO D 474 49.03 31.16 21.54
N GLU D 475 48.40 32.24 21.07
CA GLU D 475 47.66 33.22 21.89
C GLU D 475 47.92 33.15 23.40
N ARG E 18 -6.40 22.16 18.09
CA ARG E 18 -5.85 23.48 18.51
C ARG E 18 -4.90 24.06 17.47
N ALA E 19 -4.80 25.39 17.46
CA ALA E 19 -3.93 26.14 16.56
C ALA E 19 -3.57 27.50 17.16
N ARG E 20 -3.12 28.42 16.32
CA ARG E 20 -2.76 29.78 16.73
C ARG E 20 -3.92 30.76 16.50
N VAL E 21 -4.61 31.14 17.58
CA VAL E 21 -5.76 32.04 17.49
C VAL E 21 -5.34 33.49 17.74
N LEU E 22 -5.88 34.40 16.93
CA LEU E 22 -5.72 35.83 17.18
C LEU E 22 -7.07 36.48 17.49
N THR E 23 -7.41 36.51 18.78
CA THR E 23 -8.71 37.00 19.23
C THR E 23 -8.67 38.51 19.44
N GLU E 24 -9.71 39.01 20.13
CA GLU E 24 -9.87 40.42 20.53
C GLU E 24 -9.85 41.41 19.36
N ALA E 25 -8.81 41.31 18.52
CA ALA E 25 -8.61 42.06 17.28
C ALA E 25 -7.14 42.02 16.91
N PRO E 26 -6.84 41.58 15.69
CA PRO E 26 -5.46 41.66 15.19
C PRO E 26 -5.04 43.09 14.85
N LYS E 27 -3.74 43.35 14.91
CA LYS E 27 -3.14 44.51 14.26
C LYS E 27 -2.64 44.05 12.89
N VAL E 28 -1.90 44.90 12.19
CA VAL E 28 -1.43 44.62 10.82
C VAL E 28 -2.57 44.73 9.81
N THR E 29 -2.47 45.73 8.94
CA THR E 29 -3.47 46.00 7.91
C THR E 29 -2.78 46.43 6.62
N PHE E 30 -3.58 46.72 5.60
CA PHE E 30 -3.04 47.05 4.29
C PHE E 30 -2.20 48.32 4.30
N LYS E 31 -2.33 49.12 5.35
CA LYS E 31 -1.46 50.28 5.56
C LYS E 31 -0.10 49.81 6.09
N ASP E 32 -0.13 48.66 6.78
CA ASP E 32 1.06 48.02 7.32
C ASP E 32 1.63 47.00 6.31
N VAL E 33 1.11 47.04 5.08
CA VAL E 33 1.62 46.21 3.99
C VAL E 33 2.07 47.12 2.85
N ALA E 34 3.32 46.96 2.42
CA ALA E 34 3.92 47.87 1.44
C ALA E 34 4.01 47.27 0.04
N GLY E 35 3.74 48.09 -0.97
CA GLY E 35 3.72 47.65 -2.36
C GLY E 35 2.55 46.73 -2.63
N ALA E 36 2.85 45.52 -3.10
CA ALA E 36 1.88 44.43 -3.29
C ALA E 36 0.56 44.86 -3.93
N GLU E 37 0.64 45.79 -4.88
CA GLU E 37 -0.54 46.29 -5.61
C GLU E 37 -1.27 45.19 -6.39
N GLU E 38 -0.50 44.45 -7.18
CA GLU E 38 -0.99 43.34 -8.01
C GLU E 38 -1.65 42.25 -7.18
N ALA E 39 -1.70 42.49 -5.86
CA ALA E 39 -2.32 41.60 -4.89
C ALA E 39 -3.39 42.31 -4.08
N LYS E 40 -3.06 43.49 -3.57
CA LYS E 40 -3.95 44.26 -2.69
C LYS E 40 -5.33 44.46 -3.27
N GLU E 41 -5.39 45.16 -4.41
CA GLU E 41 -6.64 45.45 -5.10
C GLU E 41 -7.36 44.17 -5.53
N GLU E 42 -6.60 43.16 -5.94
CA GLU E 42 -7.15 41.87 -6.34
C GLU E 42 -7.66 41.06 -5.13
N LEU E 43 -7.26 41.48 -3.94
CA LEU E 43 -7.71 40.83 -2.71
C LEU E 43 -8.85 41.59 -2.05
N LYS E 44 -8.96 42.86 -2.37
CA LYS E 44 -9.98 43.75 -1.78
C LYS E 44 -11.40 43.17 -1.80
N GLU E 45 -11.65 42.24 -2.72
CA GLU E 45 -12.95 41.59 -2.84
C GLU E 45 -13.12 40.43 -1.85
N ILE E 46 -12.01 39.81 -1.47
CA ILE E 46 -12.05 38.79 -0.43
C ILE E 46 -12.31 39.46 0.92
N VAL E 47 -11.74 40.66 1.08
CA VAL E 47 -11.81 41.43 2.32
C VAL E 47 -13.26 41.83 2.63
N GLU E 48 -13.93 42.41 1.63
CA GLU E 48 -15.29 42.93 1.76
C GLU E 48 -16.33 41.85 2.02
N PHE E 49 -15.95 40.59 1.76
CA PHE E 49 -16.77 39.45 2.12
C PHE E 49 -16.73 39.21 3.63
N LEU E 50 -15.58 39.43 4.27
CA LEU E 50 -15.48 39.33 5.73
C LEU E 50 -16.20 40.49 6.40
N LYS E 51 -16.04 41.67 5.81
CA LYS E 51 -16.73 42.87 6.23
C LYS E 51 -18.23 42.60 6.22
N ASN E 52 -18.79 42.39 5.02
CA ASN E 52 -20.21 42.13 4.86
C ASN E 52 -20.52 40.84 4.07
N PRO E 53 -20.53 39.70 4.77
CA PRO E 53 -21.01 38.44 4.16
C PRO E 53 -22.52 38.43 4.00
N SER E 54 -23.21 39.27 4.77
CA SER E 54 -24.64 39.47 4.66
C SER E 54 -25.04 40.18 3.36
N ARG E 55 -24.04 40.64 2.60
CA ARG E 55 -24.27 41.22 1.28
C ARG E 55 -23.55 40.44 0.18
N PHE E 56 -23.41 39.13 0.38
CA PHE E 56 -22.80 38.22 -0.58
C PHE E 56 -23.55 36.88 -0.66
N HIS E 57 -23.98 36.38 0.49
CA HIS E 57 -24.75 35.14 0.56
C HIS E 57 -26.10 35.27 -0.15
N GLU E 58 -26.75 36.41 0.07
CA GLU E 58 -28.14 36.64 -0.33
C GLU E 58 -28.27 37.40 -1.67
N MET E 59 -27.16 37.92 -2.16
CA MET E 59 -27.15 38.67 -3.43
C MET E 59 -27.25 37.74 -4.63
N GLY E 60 -26.22 36.92 -4.85
CA GLY E 60 -26.21 35.98 -5.96
C GLY E 60 -24.84 35.44 -6.32
N ALA E 61 -23.80 36.16 -5.92
CA ALA E 61 -22.43 35.77 -6.21
C ALA E 61 -21.92 34.70 -5.23
N ARG E 62 -20.62 34.41 -5.31
CA ARG E 62 -19.93 33.46 -4.43
C ARG E 62 -18.52 33.96 -4.14
N ILE E 63 -17.94 33.50 -3.02
CA ILE E 63 -16.57 33.87 -2.65
C ILE E 63 -15.64 32.65 -2.51
N PRO E 64 -14.38 32.81 -2.97
CA PRO E 64 -13.34 31.77 -2.88
C PRO E 64 -13.47 30.70 -1.79
N LYS E 65 -13.80 31.08 -0.56
CA LYS E 65 -13.70 30.19 0.61
C LYS E 65 -12.24 29.86 0.95
N GLY E 66 -11.39 29.89 -0.06
CA GLY E 66 -9.96 29.66 0.09
C GLY E 66 -9.19 30.40 -0.98
N VAL E 67 -8.02 30.93 -0.59
CA VAL E 67 -7.09 31.56 -1.53
C VAL E 67 -5.65 31.15 -1.19
N LEU E 68 -4.99 30.52 -2.16
CA LEU E 68 -3.56 30.27 -2.06
C LEU E 68 -2.75 31.40 -2.75
N LEU E 69 -1.91 32.03 -1.95
CA LEU E 69 -0.95 32.98 -2.49
C LEU E 69 0.42 32.31 -2.53
N VAL E 70 1.20 32.60 -3.56
CA VAL E 70 2.45 31.88 -3.80
C VAL E 70 3.67 32.78 -3.96
N GLY E 71 4.79 32.37 -3.36
CA GLY E 71 6.03 33.12 -3.47
C GLY E 71 7.20 32.52 -2.70
N PRO E 72 8.32 33.24 -2.66
CA PRO E 72 9.54 32.81 -1.97
C PRO E 72 9.40 32.70 -0.45
N PRO E 73 10.51 32.55 0.30
CA PRO E 73 10.43 32.52 1.76
C PRO E 73 10.51 33.92 2.39
N GLY E 74 9.39 34.36 2.98
CA GLY E 74 9.30 35.66 3.62
C GLY E 74 9.15 36.79 2.63
N VAL E 75 8.13 36.73 1.79
CA VAL E 75 7.93 37.74 0.75
C VAL E 75 6.91 38.79 1.18
N GLY E 76 6.00 38.39 2.05
CA GLY E 76 4.94 39.24 2.56
C GLY E 76 3.70 38.40 2.81
N LYS E 77 3.85 37.08 2.69
CA LYS E 77 2.72 36.13 2.58
C LYS E 77 1.83 36.07 3.81
N THR E 78 2.35 35.50 4.88
CA THR E 78 1.65 35.54 6.16
C THR E 78 1.33 37.02 6.46
N HIS E 79 2.28 37.89 6.14
CA HIS E 79 2.14 39.34 6.33
C HIS E 79 0.86 39.88 5.69
N LEU E 80 0.58 39.46 4.47
CA LEU E 80 -0.65 39.82 3.79
C LEU E 80 -1.85 39.03 4.30
N ALA E 81 -1.60 37.82 4.80
CA ALA E 81 -2.66 36.98 5.35
C ALA E 81 -3.28 37.61 6.59
N ARG E 82 -2.41 38.02 7.51
CA ARG E 82 -2.77 38.82 8.68
C ARG E 82 -3.47 40.11 8.21
N ALA E 83 -2.83 40.81 7.28
CA ALA E 83 -3.28 42.11 6.79
C ALA E 83 -4.72 42.08 6.31
N VAL E 84 -5.11 40.98 5.67
CA VAL E 84 -6.49 40.77 5.22
C VAL E 84 -7.43 40.62 6.42
N ALA E 85 -6.99 39.94 7.47
CA ALA E 85 -7.81 39.73 8.66
C ALA E 85 -8.13 41.02 9.43
N GLY E 86 -7.08 41.78 9.76
CA GLY E 86 -7.21 43.03 10.49
C GLY E 86 -7.94 44.12 9.72
N GLU E 87 -7.76 44.12 8.40
CA GLU E 87 -8.46 45.03 7.49
C GLU E 87 -9.96 44.74 7.50
N ALA E 88 -10.29 43.45 7.41
CA ALA E 88 -11.68 43.01 7.44
C ALA E 88 -12.21 42.87 8.87
N ARG E 89 -11.37 43.25 9.84
CA ARG E 89 -11.67 43.13 11.27
C ARG E 89 -12.26 41.75 11.59
N VAL E 90 -11.41 40.74 11.40
CA VAL E 90 -11.82 39.35 11.47
C VAL E 90 -10.80 38.55 12.31
N PRO E 91 -11.27 37.55 13.06
CA PRO E 91 -10.36 36.71 13.85
C PRO E 91 -9.37 36.01 12.93
N PHE E 92 -8.11 35.89 13.36
CA PHE E 92 -7.08 35.28 12.52
C PHE E 92 -6.66 33.90 13.01
N ILE E 93 -6.95 32.88 12.20
CA ILE E 93 -6.57 31.50 12.50
C ILE E 93 -5.37 31.06 11.65
N THR E 94 -4.30 30.66 12.33
CA THR E 94 -3.08 30.20 11.65
C THR E 94 -2.64 28.81 12.12
N ALA E 95 -2.12 28.03 11.18
CA ALA E 95 -1.57 26.70 11.42
C ALA E 95 -0.68 26.31 10.24
N SER E 96 0.58 26.02 10.52
CA SER E 96 1.53 25.56 9.50
C SER E 96 1.31 24.08 9.14
N GLY E 97 1.16 23.80 7.84
CA GLY E 97 0.87 22.46 7.35
C GLY E 97 1.58 21.35 8.08
N SER E 98 2.88 21.54 8.29
CA SER E 98 3.77 20.57 8.94
C SER E 98 3.16 19.80 10.10
N ASP E 99 2.38 20.52 10.92
CA ASP E 99 1.77 19.97 12.14
C ASP E 99 0.74 18.86 11.90
N PHE E 100 0.29 18.73 10.65
CA PHE E 100 -0.78 17.78 10.31
C PHE E 100 -0.28 16.43 9.82
N VAL E 101 0.99 16.35 9.43
CA VAL E 101 1.58 15.11 8.91
C VAL E 101 2.53 14.49 9.92
N GLU E 102 3.16 15.34 10.75
CA GLU E 102 4.11 14.92 11.79
C GLU E 102 3.56 13.77 12.65
N MET E 103 2.24 13.72 12.76
CA MET E 103 1.53 12.73 13.56
C MET E 103 1.29 11.42 12.78
N PHE E 104 0.78 10.41 13.50
CA PHE E 104 0.49 9.08 12.95
C PHE E 104 -0.61 9.07 11.88
N VAL E 105 -1.02 7.86 11.47
CA VAL E 105 -2.11 7.68 10.52
C VAL E 105 -3.47 7.68 11.23
N GLY E 106 -4.17 8.81 11.09
CA GLY E 106 -5.45 9.02 11.75
C GLY E 106 -5.58 10.42 12.29
N VAL E 107 -4.75 10.74 13.29
CA VAL E 107 -4.76 12.05 13.94
C VAL E 107 -4.47 13.18 12.96
N GLY E 108 -3.98 12.81 11.78
CA GLY E 108 -3.82 13.76 10.69
C GLY E 108 -5.18 14.31 10.28
N ALA E 109 -6.12 13.40 10.08
CA ALA E 109 -7.50 13.75 9.71
C ALA E 109 -8.20 14.56 10.80
N ALA E 110 -8.11 14.08 12.04
CA ALA E 110 -8.77 14.72 13.19
C ALA E 110 -8.41 16.19 13.37
N ARG E 111 -7.11 16.49 13.31
CA ARG E 111 -6.59 17.85 13.52
C ARG E 111 -7.14 18.86 12.52
N VAL E 112 -7.48 18.41 11.31
CA VAL E 112 -8.05 19.27 10.28
C VAL E 112 -9.50 19.60 10.58
N ARG E 113 -10.31 18.56 10.82
CA ARG E 113 -11.73 18.69 11.11
C ARG E 113 -11.97 19.63 12.28
N ASP E 114 -11.25 19.39 13.39
CA ASP E 114 -11.42 20.17 14.60
C ASP E 114 -10.77 21.57 14.51
N LEU E 115 -9.88 21.76 13.55
CA LEU E 115 -9.41 23.11 13.21
C LEU E 115 -10.55 23.84 12.54
N PHE E 116 -11.36 23.10 11.77
CA PHE E 116 -12.46 23.70 11.03
C PHE E 116 -13.79 23.67 11.78
N GLU E 117 -13.78 23.03 12.93
CA GLU E 117 -14.86 23.15 13.89
C GLU E 117 -14.45 24.18 14.95
N THR E 118 -13.23 24.67 14.80
CA THR E 118 -12.71 25.78 15.60
C THR E 118 -12.94 27.07 14.83
N ALA E 119 -12.71 27.02 13.52
CA ALA E 119 -12.88 28.20 12.68
C ALA E 119 -14.34 28.48 12.35
N LYS E 120 -15.16 27.44 12.37
CA LYS E 120 -16.61 27.54 12.14
C LYS E 120 -17.29 28.41 13.21
N ARG E 121 -16.82 28.25 14.45
CA ARG E 121 -17.34 28.98 15.60
C ARG E 121 -17.11 30.48 15.48
N HIS E 122 -16.08 30.87 14.73
CA HIS E 122 -15.80 32.27 14.46
C HIS E 122 -16.26 32.61 13.04
N ALA E 123 -17.52 33.01 12.92
CA ALA E 123 -18.07 33.45 11.65
C ALA E 123 -18.28 34.96 11.73
N PRO E 124 -17.50 35.73 10.95
CA PRO E 124 -16.49 35.19 10.04
C PRO E 124 -15.08 35.11 10.66
N CYS E 125 -14.13 34.58 9.87
CA CYS E 125 -12.71 34.52 10.25
C CYS E 125 -11.84 34.03 9.08
N ILE E 126 -10.53 34.29 9.19
CA ILE E 126 -9.57 33.77 8.21
C ILE E 126 -8.71 32.65 8.81
N VAL E 127 -8.83 31.47 8.21
CA VAL E 127 -7.92 30.35 8.46
C VAL E 127 -6.76 30.48 7.51
N PHE E 128 -5.58 30.18 8.02
CA PHE E 128 -4.35 30.37 7.28
C PHE E 128 -3.39 29.22 7.55
N ILE E 129 -3.37 28.25 6.65
CA ILE E 129 -2.39 27.18 6.72
C ILE E 129 -1.13 27.64 5.97
N ASP E 130 0.01 27.47 6.64
CA ASP E 130 1.30 27.83 6.06
C ASP E 130 2.03 26.57 5.64
N GLU E 131 2.78 26.67 4.56
CA GLU E 131 3.35 25.50 3.89
C GLU E 131 2.38 24.32 3.86
N ILE E 132 1.22 24.60 3.28
CA ILE E 132 0.25 23.59 2.87
C ILE E 132 0.91 22.62 1.87
N ASP E 133 2.09 23.04 1.39
CA ASP E 133 3.09 22.19 0.76
C ASP E 133 3.20 20.80 1.38
N ALA E 134 2.83 20.73 2.65
CA ALA E 134 3.00 19.53 3.45
C ALA E 134 1.73 18.70 3.54
N VAL E 135 0.74 19.05 2.74
CA VAL E 135 -0.44 18.21 2.69
C VAL E 135 -0.90 17.84 1.26
N GLY E 136 -0.41 18.53 0.23
CA GLY E 136 -0.83 18.28 -1.13
C GLY E 136 0.12 17.59 -2.09
N ARG E 137 -0.10 16.28 -2.33
CA ARG E 137 0.54 15.48 -3.40
C ARG E 137 0.38 13.94 -3.26
N LYS E 138 0.22 13.27 -4.39
CA LYS E 138 0.11 11.80 -4.47
C LYS E 138 0.33 11.31 -5.93
N ARG E 139 1.13 10.25 -6.10
CA ARG E 139 1.39 9.72 -7.44
C ARG E 139 1.64 8.21 -7.49
N GLY E 140 2.64 7.75 -6.74
CA GLY E 140 3.04 6.34 -6.71
C GLY E 140 4.54 6.17 -6.56
N SER E 141 5.21 7.20 -6.03
CA SER E 141 6.67 7.25 -5.92
C SER E 141 7.22 6.57 -4.67
N GLY E 142 6.93 7.14 -3.50
CA GLY E 142 7.42 6.62 -2.23
C GLY E 142 6.48 5.60 -1.60
N VAL E 143 6.45 4.39 -2.16
CA VAL E 143 5.60 3.31 -1.64
C VAL E 143 6.14 2.80 -0.30
N GLY E 144 5.44 3.12 0.77
CA GLY E 144 5.83 2.71 2.11
C GLY E 144 5.26 3.59 3.21
N GLY E 145 5.80 4.80 3.34
CA GLY E 145 5.37 5.73 4.38
C GLY E 145 5.11 7.15 3.89
N GLY E 146 4.49 7.26 2.72
CA GLY E 146 4.13 8.56 2.16
C GLY E 146 2.76 8.51 1.50
N ASN E 147 2.11 7.36 1.61
CA ASN E 147 0.84 7.09 0.95
C ASN E 147 -0.39 7.45 1.79
N ASP E 148 -0.68 6.60 2.79
CA ASP E 148 -1.93 6.68 3.56
C ASP E 148 -2.03 7.87 4.55
N GLU E 149 -0.89 8.49 4.85
CA GLU E 149 -0.86 9.68 5.69
C GLU E 149 -1.17 10.93 4.88
N ARG E 150 -0.97 10.85 3.57
CA ARG E 150 -1.29 11.94 2.65
C ARG E 150 -2.65 11.70 2.00
N GLU E 151 -2.97 10.42 1.82
CA GLU E 151 -4.28 10.01 1.31
C GLU E 151 -5.37 10.52 2.25
N GLN E 152 -5.19 10.27 3.55
CA GLN E 152 -6.19 10.65 4.55
C GLN E 152 -6.17 12.16 4.82
N THR E 153 -5.20 12.58 5.63
CA THR E 153 -5.09 13.95 6.12
C THR E 153 -5.56 15.02 5.13
N LEU E 154 -5.08 14.97 3.88
CA LEU E 154 -5.45 15.98 2.88
C LEU E 154 -6.93 15.88 2.53
N ASN E 155 -7.38 14.67 2.26
CA ASN E 155 -8.78 14.42 1.93
C ASN E 155 -9.67 14.54 3.17
N GLN E 156 -9.30 15.49 4.04
CA GLN E 156 -10.14 15.97 5.12
C GLN E 156 -10.37 17.46 4.88
N LEU E 157 -9.28 18.22 4.76
CA LEU E 157 -9.37 19.63 4.39
C LEU E 157 -10.12 19.74 3.08
N LEU E 158 -9.84 18.82 2.15
CA LEU E 158 -10.53 18.77 0.87
C LEU E 158 -12.03 18.57 1.02
N VAL E 159 -12.45 17.94 2.13
CA VAL E 159 -13.87 17.69 2.42
C VAL E 159 -14.47 18.77 3.32
N GLU E 160 -13.69 19.29 4.27
CA GLU E 160 -14.13 20.37 5.16
C GLU E 160 -14.34 21.67 4.40
N MET E 161 -13.50 21.90 3.39
CA MET E 161 -13.60 23.08 2.55
C MET E 161 -14.84 23.04 1.69
N ASP E 162 -15.15 21.85 1.18
CA ASP E 162 -16.39 21.62 0.44
C ASP E 162 -17.60 21.60 1.40
N GLY E 163 -17.33 21.82 2.68
CA GLY E 163 -18.37 21.93 3.68
C GLY E 163 -18.88 23.35 3.82
N PHE E 164 -18.06 24.32 3.37
CA PHE E 164 -18.43 25.73 3.40
C PHE E 164 -19.49 26.06 2.34
N GLU E 165 -20.76 26.01 2.75
CA GLU E 165 -21.86 26.31 1.87
C GLU E 165 -22.12 27.82 1.88
N LYS E 166 -23.36 28.23 2.08
CA LYS E 166 -23.72 29.65 2.01
C LYS E 166 -23.45 30.39 3.33
N ASP E 167 -24.22 30.05 4.37
CA ASP E 167 -24.21 30.81 5.62
C ASP E 167 -23.07 30.45 6.57
N THR E 168 -21.88 30.28 6.01
CA THR E 168 -20.67 30.08 6.79
C THR E 168 -19.53 30.84 6.13
N ALA E 169 -19.28 32.05 6.63
CA ALA E 169 -18.24 32.93 6.08
C ALA E 169 -16.84 32.55 6.55
N ILE E 170 -15.98 32.21 5.58
CA ILE E 170 -14.61 31.78 5.87
C ILE E 170 -13.70 31.97 4.66
N VAL E 171 -12.41 32.18 4.93
CA VAL E 171 -11.42 32.35 3.88
C VAL E 171 -10.17 31.55 4.28
N VAL E 172 -9.98 30.38 3.65
CA VAL E 172 -8.81 29.54 3.95
C VAL E 172 -7.63 29.95 3.09
N MET E 173 -6.74 30.74 3.68
CA MET E 173 -5.58 31.25 2.97
C MET E 173 -4.41 30.27 3.09
N ALA E 174 -3.75 30.04 1.96
CA ALA E 174 -2.62 29.11 1.94
C ALA E 174 -1.32 29.77 1.45
N ALA E 175 -0.25 29.45 2.18
CA ALA E 175 1.11 29.87 1.81
C ALA E 175 1.87 28.65 1.34
N THR E 176 2.82 28.87 0.42
CA THR E 176 3.55 27.80 -0.24
C THR E 176 4.64 28.39 -1.10
N ASN E 177 5.82 27.78 -1.08
CA ASN E 177 6.96 28.27 -1.89
C ASN E 177 7.16 27.58 -3.24
N ARG E 178 6.54 26.42 -3.40
CA ARG E 178 6.47 25.74 -4.68
C ARG E 178 5.02 25.34 -4.95
N PRO E 179 4.32 26.15 -5.77
CA PRO E 179 2.88 25.95 -6.04
C PRO E 179 2.62 24.69 -6.87
N ASP E 180 3.55 24.39 -7.78
CA ASP E 180 3.43 23.30 -8.73
C ASP E 180 3.44 21.91 -8.08
N ILE E 181 3.97 21.81 -6.86
CA ILE E 181 4.06 20.52 -6.16
C ILE E 181 2.79 20.16 -5.39
N LEU E 182 1.70 20.86 -5.70
CA LEU E 182 0.43 20.66 -5.05
C LEU E 182 -0.55 19.87 -5.90
N ASP E 183 -1.34 19.05 -5.20
CA ASP E 183 -2.38 18.22 -5.80
C ASP E 183 -3.39 19.05 -6.63
N PRO E 184 -3.58 18.69 -7.90
CA PRO E 184 -4.46 19.46 -8.81
C PRO E 184 -5.90 19.63 -8.32
N ALA E 185 -6.23 19.08 -7.15
CA ALA E 185 -7.58 19.16 -6.61
C ALA E 185 -7.80 20.40 -5.73
N LEU E 186 -6.72 20.95 -5.19
CA LEU E 186 -6.79 22.12 -4.33
C LEU E 186 -7.08 23.40 -5.11
N LEU E 187 -6.52 23.52 -6.31
CA LEU E 187 -6.80 24.64 -7.20
C LEU E 187 -8.10 24.44 -7.98
N ARG E 188 -8.71 23.27 -7.82
CA ARG E 188 -9.92 22.90 -8.53
C ARG E 188 -11.16 23.55 -7.88
N PRO E 189 -12.32 23.50 -8.55
CA PRO E 189 -13.55 24.20 -8.13
C PRO E 189 -13.96 24.02 -6.66
N GLY E 190 -14.51 25.09 -6.07
CA GLY E 190 -15.00 25.07 -4.70
C GLY E 190 -13.92 25.25 -3.65
N ARG E 191 -12.79 24.58 -3.85
CA ARG E 191 -11.65 24.67 -2.94
C ARG E 191 -10.81 25.93 -3.23
N PHE E 192 -9.49 25.88 -3.04
CA PHE E 192 -8.61 27.04 -3.27
C PHE E 192 -8.59 27.53 -4.72
N ASP E 193 -9.60 28.31 -5.12
CA ASP E 193 -9.71 28.72 -6.52
C ASP E 193 -9.25 30.16 -6.77
N ARG E 194 -8.06 30.48 -6.27
CA ARG E 194 -7.50 31.83 -6.46
C ARG E 194 -5.98 31.85 -6.63
N GLN E 195 -5.54 32.66 -7.60
CA GLN E 195 -4.15 32.71 -8.03
C GLN E 195 -3.54 34.10 -7.92
N ILE E 196 -2.87 34.37 -6.80
CA ILE E 196 -1.99 35.55 -6.69
C ILE E 196 -0.63 35.17 -6.11
N ALA E 197 0.40 35.36 -6.93
CA ALA E 197 1.77 35.22 -6.49
C ALA E 197 2.31 36.63 -6.28
N ILE E 198 3.40 36.77 -5.54
CA ILE E 198 3.95 38.08 -5.17
C ILE E 198 5.46 38.25 -5.41
N ASP E 199 5.78 38.99 -6.46
CA ASP E 199 7.17 39.32 -6.81
C ASP E 199 7.65 40.53 -6.03
N ALA E 200 7.69 40.44 -4.70
CA ALA E 200 7.71 41.64 -3.84
C ALA E 200 8.98 42.51 -3.73
N PRO E 201 10.18 41.93 -3.90
CA PRO E 201 11.42 42.68 -3.68
C PRO E 201 11.63 43.94 -4.54
N ASP E 202 10.56 44.46 -5.17
CA ASP E 202 10.56 45.61 -6.09
C ASP E 202 11.40 46.84 -5.65
N VAL E 203 11.70 47.74 -6.59
CA VAL E 203 12.44 49.00 -6.32
C VAL E 203 11.72 49.91 -5.33
N LYS E 204 10.56 50.43 -5.74
CA LYS E 204 9.72 51.28 -4.93
C LYS E 204 9.24 50.54 -3.68
N GLY E 205 8.97 49.24 -3.85
CA GLY E 205 8.65 48.35 -2.76
C GLY E 205 9.75 48.31 -1.72
N ARG E 206 10.98 48.06 -2.16
CA ARG E 206 12.17 48.05 -1.29
C ARG E 206 12.25 49.27 -0.37
N GLU E 207 12.00 50.43 -0.97
CA GLU E 207 11.91 51.71 -0.26
C GLU E 207 10.85 51.60 0.83
N GLN E 208 9.59 51.50 0.40
CA GLN E 208 8.45 51.43 1.31
C GLN E 208 8.66 50.45 2.45
N ILE E 209 9.16 49.26 2.14
CA ILE E 209 9.47 48.25 3.15
C ILE E 209 10.62 48.74 4.06
N LEU E 210 11.66 49.31 3.47
CA LEU E 210 12.76 49.92 4.22
C LEU E 210 12.30 51.12 5.07
N ARG E 211 11.30 51.85 4.56
CA ARG E 211 10.70 52.96 5.28
C ARG E 211 9.88 52.41 6.46
N ILE E 212 8.83 51.65 6.14
CA ILE E 212 7.90 51.11 7.14
C ILE E 212 8.60 50.42 8.33
N HIS E 213 9.77 49.85 8.08
CA HIS E 213 10.52 49.12 9.10
C HIS E 213 11.66 49.95 9.70
N ALA E 214 11.53 51.26 9.56
CA ALA E 214 12.44 52.19 10.22
C ALA E 214 11.63 53.18 11.10
N ARG E 215 10.45 52.74 11.51
CA ARG E 215 9.58 53.53 12.39
C ARG E 215 10.18 53.57 13.79
N GLY E 216 10.47 52.41 14.36
CA GLY E 216 11.28 52.33 15.57
C GLY E 216 12.72 52.65 15.21
N LYS E 217 13.48 53.18 16.16
CA LYS E 217 14.89 53.58 15.97
C LYS E 217 15.06 54.71 14.95
N PRO E 218 15.84 55.71 15.32
CA PRO E 218 16.12 56.85 14.43
C PRO E 218 17.42 56.73 13.65
N LEU E 219 17.57 57.62 12.68
CA LEU E 219 18.67 57.61 11.72
C LEU E 219 19.05 59.04 11.37
N ALA E 220 20.34 59.37 11.52
CA ALA E 220 20.87 60.67 11.14
C ALA E 220 21.42 60.64 9.71
N GLU E 221 20.57 60.18 8.79
CA GLU E 221 20.99 59.72 7.47
C GLU E 221 21.44 60.79 6.46
N ASP E 222 21.75 60.31 5.26
CA ASP E 222 22.20 61.12 4.13
C ASP E 222 21.91 60.39 2.82
N VAL E 223 21.51 59.12 2.94
CA VAL E 223 21.23 58.23 1.79
C VAL E 223 19.73 58.19 1.43
N ASP E 224 18.88 58.41 2.43
CA ASP E 224 17.42 58.46 2.30
C ASP E 224 16.76 57.10 2.01
N LEU E 225 17.45 56.03 2.40
CA LEU E 225 17.00 54.65 2.18
C LEU E 225 16.92 54.26 0.70
N ALA E 226 16.78 55.26 -0.17
CA ALA E 226 16.82 55.05 -1.61
C ALA E 226 18.14 54.42 -2.02
N LEU E 227 19.23 55.12 -1.70
CA LEU E 227 20.57 54.65 -2.03
C LEU E 227 20.94 53.38 -1.25
N LEU E 228 20.00 52.91 -0.43
CA LEU E 228 20.10 51.58 0.18
C LEU E 228 19.29 50.56 -0.63
N ALA E 229 18.15 50.99 -1.16
CA ALA E 229 17.34 50.14 -2.04
C ALA E 229 18.19 49.63 -3.22
N LYS E 230 18.84 50.56 -3.91
CA LYS E 230 19.73 50.22 -5.04
C LYS E 230 20.98 49.45 -4.60
N ARG E 231 21.36 49.59 -3.34
CA ARG E 231 22.48 48.83 -2.78
C ARG E 231 22.01 47.51 -2.17
N THR E 232 20.69 47.29 -2.20
CA THR E 232 20.11 45.99 -1.85
C THR E 232 19.00 45.56 -2.84
N PRO E 233 19.32 45.51 -4.14
CA PRO E 233 18.30 45.35 -5.17
C PRO E 233 17.57 44.03 -4.94
N GLY E 234 18.30 42.94 -5.11
CA GLY E 234 17.81 41.65 -4.69
C GLY E 234 17.73 41.73 -3.18
N PHE E 235 16.55 41.46 -2.65
CA PHE E 235 16.31 41.46 -1.21
C PHE E 235 14.82 41.44 -0.94
N VAL E 236 14.39 40.47 -0.13
CA VAL E 236 13.00 40.37 0.29
C VAL E 236 12.79 41.18 1.55
N GLY E 237 11.52 41.37 1.91
CA GLY E 237 11.13 42.22 3.03
C GLY E 237 11.50 41.69 4.40
N ALA E 238 11.23 40.41 4.63
CA ALA E 238 11.66 39.74 5.85
C ALA E 238 13.19 39.65 5.86
N ASP E 239 13.78 39.59 4.66
CA ASP E 239 15.21 39.83 4.49
C ASP E 239 15.48 41.26 4.95
N LEU E 240 14.75 42.21 4.38
CA LEU E 240 14.93 43.62 4.70
C LEU E 240 14.83 43.91 6.19
N GLU E 241 13.74 43.46 6.80
CA GLU E 241 13.45 43.73 8.22
C GLU E 241 14.61 43.33 9.11
N ASN E 242 15.03 42.07 8.95
CA ASN E 242 16.17 41.53 9.69
C ASN E 242 17.50 42.17 9.24
N LEU E 243 17.41 43.11 8.30
CA LEU E 243 18.55 43.90 7.89
C LEU E 243 18.63 45.09 8.80
N LEU E 244 17.49 45.74 9.02
CA LEU E 244 17.46 46.95 9.84
C LEU E 244 17.55 46.61 11.32
N ASN E 245 16.69 45.70 11.77
CA ASN E 245 16.72 45.18 13.12
C ASN E 245 18.11 44.77 13.58
N GLU E 246 18.90 44.25 12.64
CA GLU E 246 20.31 43.95 12.89
C GLU E 246 21.11 45.25 12.93
N ALA E 247 20.84 46.15 11.99
CA ALA E 247 21.52 47.44 11.91
C ALA E 247 21.48 48.16 13.26
N ALA E 248 20.31 48.19 13.89
CA ALA E 248 20.12 48.85 15.20
C ALA E 248 20.95 48.20 16.30
N LEU E 249 20.93 46.87 16.36
CA LEU E 249 21.68 46.12 17.38
C LEU E 249 23.19 46.30 17.25
N LEU E 250 23.61 46.93 16.15
CA LEU E 250 25.00 47.37 15.98
C LEU E 250 25.28 48.44 17.02
N ALA E 251 24.35 49.39 17.10
CA ALA E 251 24.38 50.47 18.07
C ALA E 251 24.24 49.93 19.49
N ALA E 252 23.14 49.21 19.74
CA ALA E 252 22.82 48.68 21.08
C ALA E 252 23.88 47.70 21.61
N ARG E 253 24.79 47.30 20.73
CA ARG E 253 25.93 46.47 21.11
C ARG E 253 27.01 47.31 21.80
N GLU E 254 27.11 48.58 21.42
CA GLU E 254 28.08 49.51 22.02
C GLU E 254 27.38 50.64 22.76
N GLY E 255 26.09 50.84 22.44
CA GLY E 255 25.31 51.93 22.98
C GLY E 255 25.54 53.19 22.19
N ARG E 256 25.05 53.22 20.94
CA ARG E 256 25.19 54.39 20.08
C ARG E 256 23.82 55.04 19.80
N ARG E 257 23.79 56.37 19.85
CA ARG E 257 22.59 57.12 19.52
C ARG E 257 22.51 57.28 18.01
N LYS E 258 21.46 56.72 17.41
CA LYS E 258 21.24 56.76 15.97
C LYS E 258 22.23 55.88 15.20
N ILE E 259 21.82 55.34 14.06
CA ILE E 259 22.69 54.51 13.22
C ILE E 259 22.81 55.09 11.81
N THR E 260 24.05 55.32 11.37
CA THR E 260 24.34 55.91 10.05
C THR E 260 23.94 54.98 8.91
N MET E 261 24.16 55.44 7.67
CA MET E 261 23.98 54.59 6.51
C MET E 261 25.25 53.84 6.17
N LYS E 262 26.35 54.21 6.83
CA LYS E 262 27.56 53.41 6.84
C LYS E 262 27.45 52.30 7.87
N ASP E 263 26.43 52.42 8.73
CA ASP E 263 26.02 51.36 9.66
C ASP E 263 24.95 50.47 9.02
N LEU E 264 24.46 50.90 7.85
CA LEU E 264 23.42 50.20 7.11
C LEU E 264 23.97 49.30 6.00
N GLU E 265 25.03 49.76 5.34
CA GLU E 265 25.77 48.95 4.38
C GLU E 265 26.29 47.68 5.06
N GLU E 266 26.92 47.86 6.23
CA GLU E 266 27.43 46.74 7.02
C GLU E 266 26.31 45.84 7.50
N ALA E 267 25.10 46.40 7.62
CA ALA E 267 23.92 45.64 8.00
C ALA E 267 23.43 44.76 6.85
N ALA E 268 23.86 45.08 5.63
CA ALA E 268 23.60 44.26 4.44
C ALA E 268 24.81 43.37 4.10
N ASP E 269 25.97 43.74 4.65
CA ASP E 269 27.18 42.93 4.54
C ASP E 269 27.23 41.88 5.66
N ARG E 270 26.20 41.85 6.51
CA ARG E 270 26.08 40.88 7.60
C ARG E 270 25.05 39.81 7.24
N VAL E 271 23.97 40.24 6.59
CA VAL E 271 22.88 39.36 6.17
C VAL E 271 23.16 38.76 4.78
N MET E 272 24.16 39.32 4.09
CA MET E 272 24.64 38.78 2.81
C MET E 272 25.28 37.39 2.96
N MET E 273 25.76 37.05 4.15
CA MET E 273 26.48 35.80 4.40
C MET E 273 25.89 34.95 5.55
N LEU E 274 24.56 34.89 5.65
CA LEU E 274 23.89 34.08 6.67
C LEU E 274 22.81 33.06 6.21
N PRO E 275 22.10 33.32 5.10
CA PRO E 275 21.09 32.37 4.56
C PRO E 275 21.61 30.97 4.18
N ALA E 276 21.85 30.14 5.20
CA ALA E 276 22.20 28.70 5.08
C ALA E 276 23.06 28.23 6.28
N LYS E 277 24.11 27.46 5.97
CA LYS E 277 25.11 27.06 6.96
C LYS E 277 26.54 27.30 6.45
N LYS E 278 26.76 27.02 5.15
CA LYS E 278 27.97 27.44 4.46
C LYS E 278 27.62 28.67 3.62
N SER E 279 28.16 29.83 4.03
CA SER E 279 27.64 31.17 3.64
C SER E 279 27.63 31.53 2.16
N LEU E 280 26.44 31.93 1.69
CA LEU E 280 26.20 32.18 0.27
C LEU E 280 25.42 33.48 -0.03
N VAL E 281 25.59 34.00 -1.26
CA VAL E 281 25.04 35.30 -1.66
C VAL E 281 24.48 35.43 -3.11
N LEU E 282 23.92 36.61 -3.39
CA LEU E 282 23.46 37.04 -4.71
C LEU E 282 24.47 38.07 -5.26
N SER E 283 25.63 37.54 -5.67
CA SER E 283 26.82 38.32 -6.01
C SER E 283 26.70 39.13 -7.31
N PRO E 284 27.53 40.19 -7.45
CA PRO E 284 27.67 40.92 -8.71
C PRO E 284 27.88 40.03 -9.93
N ARG E 285 28.14 38.73 -9.74
CA ARG E 285 28.18 37.81 -10.86
C ARG E 285 26.98 36.87 -10.90
N ASP E 286 26.28 36.77 -9.78
CA ASP E 286 25.08 35.94 -9.68
C ASP E 286 23.88 36.68 -10.26
N ARG E 287 23.83 37.98 -10.06
CA ARG E 287 22.84 38.79 -10.73
C ARG E 287 23.20 38.80 -12.22
N ARG E 288 24.46 39.17 -12.50
CA ARG E 288 25.01 39.23 -13.84
C ARG E 288 24.78 37.89 -14.60
N ILE E 289 24.84 36.75 -13.92
CA ILE E 289 24.41 35.54 -14.60
C ILE E 289 22.90 35.62 -14.85
N THR E 290 22.12 35.49 -13.79
CA THR E 290 20.67 35.40 -13.89
C THR E 290 20.16 36.38 -14.92
N ALA E 291 20.81 37.54 -14.98
CA ALA E 291 20.45 38.57 -15.94
C ALA E 291 20.57 38.04 -17.37
N TYR E 292 21.75 37.60 -17.79
CA TYR E 292 21.88 37.13 -19.18
C TYR E 292 20.87 36.04 -19.48
N HIS E 293 20.55 35.33 -18.42
CA HIS E 293 19.69 34.17 -18.45
C HIS E 293 18.28 34.60 -18.70
N GLU E 294 17.90 35.67 -18.03
CA GLU E 294 16.55 36.12 -18.15
C GLU E 294 16.39 36.89 -19.44
N ALA E 295 17.51 37.37 -19.99
CA ALA E 295 17.49 38.14 -21.24
C ALA E 295 17.40 37.19 -22.38
N GLY E 296 17.90 35.98 -22.16
CA GLY E 296 17.80 34.92 -23.14
C GLY E 296 16.36 34.60 -23.48
N HIS E 297 15.59 34.20 -22.48
CA HIS E 297 14.19 33.90 -22.64
C HIS E 297 13.51 35.06 -23.29
N ALA E 298 13.78 36.25 -22.77
CA ALA E 298 13.19 37.47 -23.32
C ALA E 298 13.49 37.55 -24.81
N LEU E 299 14.78 37.66 -25.12
CA LEU E 299 15.29 37.71 -26.49
C LEU E 299 15.01 36.45 -27.33
N ALA E 300 14.57 35.38 -26.70
CA ALA E 300 14.07 34.26 -27.45
C ALA E 300 12.64 34.57 -27.83
N ALA E 301 11.69 34.26 -26.97
CA ALA E 301 10.28 34.34 -27.34
C ALA E 301 9.92 35.51 -28.28
N HIS E 302 10.78 36.53 -28.31
CA HIS E 302 10.56 37.66 -29.19
C HIS E 302 11.19 37.49 -30.57
N PHE E 303 10.35 37.30 -31.59
CA PHE E 303 10.82 37.50 -32.97
C PHE E 303 9.89 38.30 -33.99
N LEU E 304 10.00 37.93 -35.27
CA LEU E 304 9.28 38.50 -36.41
C LEU E 304 9.35 37.41 -37.50
N GLU E 305 8.29 37.28 -38.31
CA GLU E 305 8.08 36.16 -39.27
C GLU E 305 8.19 34.71 -38.73
N HIS E 306 7.04 34.19 -38.28
CA HIS E 306 6.84 32.76 -37.98
C HIS E 306 7.16 32.27 -36.53
N ALA E 307 7.78 33.13 -35.74
CA ALA E 307 8.17 32.78 -34.39
C ALA E 307 6.97 32.88 -33.46
N ASP E 308 7.06 32.30 -32.26
CA ASP E 308 5.88 32.15 -31.39
C ASP E 308 6.12 32.23 -29.86
N GLY E 309 5.39 33.09 -29.15
CA GLY E 309 5.60 33.38 -27.73
C GLY E 309 4.93 34.70 -27.27
N VAL E 310 5.32 35.23 -26.10
CA VAL E 310 4.73 36.48 -25.51
C VAL E 310 5.75 37.51 -24.92
N HIS E 311 5.34 38.35 -23.94
CA HIS E 311 6.30 39.25 -23.25
C HIS E 311 5.94 40.07 -21.97
N LYS E 312 6.84 40.01 -20.97
CA LYS E 312 7.02 40.98 -19.84
C LYS E 312 8.19 40.60 -18.87
N VAL E 313 9.30 41.34 -18.90
CA VAL E 313 10.59 40.91 -18.30
C VAL E 313 10.92 41.45 -16.91
N THR E 314 11.37 40.58 -16.00
CA THR E 314 11.84 41.02 -14.67
C THR E 314 12.85 40.06 -14.07
N ILE E 315 13.53 40.52 -13.02
CA ILE E 315 14.38 39.67 -12.19
C ILE E 315 13.82 39.47 -10.76
N VAL E 316 13.98 38.24 -10.28
CA VAL E 316 13.46 37.70 -9.00
C VAL E 316 11.93 37.44 -8.96
N PRO E 317 11.51 36.25 -9.43
CA PRO E 317 10.14 35.74 -9.24
C PRO E 317 9.97 34.50 -8.31
N ARG E 318 10.93 33.55 -8.42
CA ARG E 318 10.91 32.16 -7.89
C ARG E 318 9.98 31.14 -8.60
N GLY E 319 8.67 31.39 -8.55
CA GLY E 319 7.70 30.49 -9.14
C GLY E 319 7.38 30.75 -10.60
N ARG E 320 6.85 31.94 -10.88
CA ARG E 320 6.25 32.31 -12.18
C ARG E 320 6.77 31.69 -13.52
N ALA E 321 8.09 31.46 -13.62
CA ALA E 321 8.75 31.03 -14.87
C ALA E 321 8.38 29.63 -15.40
N LEU E 322 7.17 29.18 -15.05
CA LEU E 322 6.62 27.93 -15.54
C LEU E 322 5.54 28.22 -16.60
N GLY E 323 4.91 29.38 -16.46
CA GLY E 323 3.82 29.87 -17.32
C GLY E 323 3.70 29.32 -18.74
N PHE E 324 4.84 29.05 -19.39
CA PHE E 324 4.84 28.54 -20.76
C PHE E 324 4.50 27.04 -20.92
N MET E 325 3.64 26.58 -20.01
CA MET E 325 2.94 25.31 -20.10
C MET E 325 1.92 25.12 -18.92
N MET E 326 2.42 24.73 -17.74
CA MET E 326 1.58 24.20 -16.64
C MET E 326 0.24 24.93 -16.36
N PRO E 327 0.24 26.20 -15.91
CA PRO E 327 -1.02 26.98 -15.75
C PRO E 327 -1.83 27.17 -17.06
N ARG E 328 -1.60 26.27 -18.03
CA ARG E 328 -2.27 26.27 -19.33
C ARG E 328 -2.73 24.86 -19.78
N ARG E 329 -2.10 23.81 -19.25
CA ARG E 329 -2.55 22.43 -19.49
C ARG E 329 -3.72 22.08 -18.58
N GLU E 330 -3.76 22.78 -17.43
CA GLU E 330 -4.92 22.85 -16.54
C GLU E 330 -5.82 24.05 -16.94
N ASP E 331 -5.64 24.49 -18.19
CA ASP E 331 -6.61 25.34 -18.89
C ASP E 331 -6.73 25.06 -20.42
N MET E 332 -6.94 23.77 -20.75
CA MET E 332 -7.36 23.27 -22.09
C MET E 332 -7.48 24.26 -23.30
N LEU E 333 -6.72 23.95 -24.37
CA LEU E 333 -6.86 24.55 -25.72
C LEU E 333 -5.81 23.97 -26.69
N HIS E 334 -6.19 23.85 -27.96
CA HIS E 334 -5.26 23.47 -29.02
C HIS E 334 -4.05 24.44 -29.22
N TRP E 335 -2.93 24.06 -28.59
CA TRP E 335 -1.59 24.59 -28.79
C TRP E 335 -1.13 24.13 -30.20
N SER E 336 0.16 24.15 -30.55
CA SER E 336 0.60 23.66 -31.87
C SER E 336 2.04 23.22 -32.01
N ARG E 337 2.28 22.09 -32.68
CA ARG E 337 3.64 21.56 -32.88
C ARG E 337 4.62 22.70 -33.09
N LYS E 338 4.24 23.62 -33.95
CA LYS E 338 5.10 24.72 -34.26
C LYS E 338 5.26 25.54 -33.00
N ARG E 339 4.14 25.85 -32.39
CA ARG E 339 4.15 26.70 -31.25
C ARG E 339 5.00 26.06 -30.17
N LEU E 340 4.71 24.82 -29.83
CA LEU E 340 5.47 24.17 -28.80
C LEU E 340 6.97 24.16 -29.03
N LEU E 341 7.44 23.97 -30.26
CA LEU E 341 8.89 23.91 -30.51
C LEU E 341 9.61 25.18 -30.13
N ASP E 342 9.04 26.31 -30.53
CA ASP E 342 9.56 27.57 -30.08
C ASP E 342 9.32 27.66 -28.59
N GLN E 343 8.19 27.19 -28.11
CA GLN E 343 8.01 27.11 -26.68
C GLN E 343 9.21 26.39 -26.02
N ILE E 344 9.54 25.21 -26.54
CA ILE E 344 10.73 24.43 -26.17
C ILE E 344 12.02 25.19 -26.45
N ALA E 345 11.98 26.04 -27.44
CA ALA E 345 13.13 26.86 -27.76
C ALA E 345 13.35 27.93 -26.72
N VAL E 346 12.34 28.76 -26.50
CA VAL E 346 12.40 29.76 -25.47
C VAL E 346 12.74 29.07 -24.18
N ALA E 347 12.41 27.79 -24.07
CA ALA E 347 12.77 27.02 -22.90
C ALA E 347 14.26 27.07 -22.64
N LEU E 348 15.01 26.55 -23.61
CA LEU E 348 16.43 26.43 -23.45
C LEU E 348 17.20 27.73 -23.59
N ALA E 349 16.51 28.79 -24.04
CA ALA E 349 17.09 30.12 -24.20
C ALA E 349 17.96 30.44 -23.01
N GLY E 350 17.48 29.97 -21.86
CA GLY E 350 18.04 30.33 -20.57
C GLY E 350 19.45 29.85 -20.44
N ARG E 351 19.62 28.57 -20.73
CA ARG E 351 20.92 27.99 -20.78
C ARG E 351 21.74 28.70 -21.84
N ALA E 352 21.46 28.36 -23.09
CA ALA E 352 21.99 29.01 -24.26
C ALA E 352 22.70 30.28 -23.86
N ALA E 353 21.93 31.34 -23.61
CA ALA E 353 22.48 32.58 -23.11
C ALA E 353 23.85 32.34 -22.43
N GLU E 354 23.84 31.80 -21.23
CA GLU E 354 25.08 31.73 -20.52
C GLU E 354 26.06 30.91 -21.28
N GLU E 355 25.67 29.74 -21.80
CA GLU E 355 26.58 28.96 -22.68
C GLU E 355 27.45 29.93 -23.48
N ILE E 356 26.80 30.95 -24.08
CA ILE E 356 27.46 31.94 -24.93
C ILE E 356 28.23 32.94 -24.10
N VAL E 357 27.54 33.99 -23.67
CA VAL E 357 28.22 35.13 -23.06
C VAL E 357 29.21 34.61 -22.05
N PHE E 358 28.68 33.74 -21.19
CA PHE E 358 29.31 33.46 -19.93
C PHE E 358 30.48 32.54 -19.94
N ASP E 359 31.17 32.55 -18.80
CA ASP E 359 32.47 31.93 -18.63
C ASP E 359 32.50 30.49 -19.07
N ASP E 360 31.69 30.23 -20.07
CA ASP E 360 31.73 28.98 -20.74
C ASP E 360 31.65 27.85 -19.67
N VAL E 361 31.38 28.25 -18.42
CA VAL E 361 30.79 27.29 -17.48
C VAL E 361 29.36 27.54 -17.19
N THR E 362 28.71 26.48 -16.77
CA THR E 362 27.28 26.50 -16.61
C THR E 362 26.75 26.44 -15.16
N THR E 363 25.86 27.37 -14.86
CA THR E 363 25.26 27.40 -13.58
C THR E 363 24.10 26.43 -13.57
N GLY E 364 23.98 25.65 -12.50
CA GLY E 364 22.87 24.71 -12.29
C GLY E 364 21.49 25.36 -12.12
N ALA E 365 20.90 25.85 -13.23
CA ALA E 365 19.57 26.53 -13.28
C ALA E 365 18.56 25.83 -14.23
N GLU E 366 17.84 24.89 -13.62
CA GLU E 366 17.37 23.67 -14.29
C GLU E 366 15.98 23.78 -14.85
N ASN E 367 15.04 24.10 -13.96
CA ASN E 367 13.61 23.99 -14.23
C ASN E 367 13.29 24.08 -15.71
N ASP E 368 13.81 25.12 -16.37
CA ASP E 368 13.77 25.28 -17.83
C ASP E 368 13.86 23.94 -18.52
N PHE E 369 14.98 23.24 -18.36
CA PHE E 369 15.16 21.95 -19.01
C PHE E 369 13.97 21.06 -18.79
N ARG E 370 13.59 20.85 -17.53
CA ARG E 370 12.42 20.03 -17.23
C ARG E 370 11.25 20.49 -18.05
N GLN E 371 10.87 21.77 -17.93
CA GLN E 371 9.78 22.35 -18.71
C GLN E 371 9.92 21.87 -20.13
N ALA E 372 11.06 22.13 -20.75
CA ALA E 372 11.34 21.64 -22.11
C ALA E 372 11.13 20.16 -22.31
N THR E 373 11.62 19.36 -21.39
CA THR E 373 11.64 17.91 -21.55
C THR E 373 10.24 17.35 -21.39
N GLU E 374 9.51 17.86 -20.40
CA GLU E 374 8.13 17.48 -20.14
C GLU E 374 7.24 17.80 -21.33
N LEU E 375 7.43 19.02 -21.83
CA LEU E 375 6.80 19.51 -23.06
C LEU E 375 7.10 18.63 -24.26
N ALA E 376 8.20 17.93 -24.21
CA ALA E 376 8.58 17.16 -25.36
C ALA E 376 8.43 15.68 -25.18
N ARG E 377 8.25 15.17 -23.97
CA ARG E 377 7.74 13.79 -23.97
C ARG E 377 6.25 13.88 -24.25
N ARG E 378 5.67 15.00 -23.85
CA ARG E 378 4.31 15.20 -24.26
C ARG E 378 4.30 15.17 -25.78
N MET E 379 5.17 16.00 -26.35
CA MET E 379 5.35 16.08 -27.78
C MET E 379 5.17 14.73 -28.47
N ILE E 380 5.76 13.70 -27.91
CA ILE E 380 5.92 12.50 -28.64
C ILE E 380 4.74 11.60 -28.41
N THR E 381 4.46 11.43 -27.13
CA THR E 381 3.66 10.35 -26.60
C THR E 381 2.19 10.70 -26.49
N GLU E 382 1.93 11.71 -25.65
CA GLU E 382 0.62 12.00 -25.11
C GLU E 382 -0.19 12.74 -26.20
N TRP E 383 0.47 13.69 -26.83
CA TRP E 383 -0.07 14.31 -28.01
C TRP E 383 0.33 13.42 -29.16
N GLY E 384 -0.15 13.79 -30.35
CA GLY E 384 0.28 13.14 -31.58
C GLY E 384 1.04 14.24 -32.25
N MET E 385 2.37 14.12 -32.21
CA MET E 385 3.25 14.93 -33.02
C MET E 385 4.16 13.86 -33.56
N HIS E 386 4.15 13.85 -34.90
CA HIS E 386 4.46 12.70 -35.80
C HIS E 386 5.98 12.57 -36.10
N PRO E 387 6.78 12.63 -35.06
CA PRO E 387 7.95 11.79 -35.10
C PRO E 387 7.78 10.52 -35.95
N GLU E 388 8.87 9.77 -35.82
CA GLU E 388 8.92 8.37 -35.97
C GLU E 388 7.86 7.65 -35.09
N PHE E 389 7.44 8.20 -33.96
CA PHE E 389 6.21 7.71 -33.30
C PHE E 389 5.00 8.42 -33.92
N GLY E 390 3.93 7.67 -34.17
CA GLY E 390 2.87 8.14 -35.06
C GLY E 390 1.85 9.07 -34.44
N PRO E 391 0.57 8.86 -34.73
CA PRO E 391 -0.52 9.38 -33.93
C PRO E 391 -1.03 8.29 -33.00
N VAL E 392 -0.08 7.65 -32.33
CA VAL E 392 -0.36 6.62 -31.37
C VAL E 392 -0.28 7.26 -30.03
N ALA E 393 -0.96 6.66 -29.07
CA ALA E 393 -1.13 7.24 -27.74
C ALA E 393 -0.37 6.48 -26.69
N TYR E 394 0.89 6.83 -26.47
CA TYR E 394 1.71 6.06 -25.54
C TYR E 394 1.59 6.62 -24.11
N ALA E 395 0.48 7.24 -23.78
CA ALA E 395 0.37 7.92 -22.49
C ALA E 395 -1.09 8.36 -22.16
N VAL E 396 -1.40 8.67 -20.91
CA VAL E 396 -2.80 9.03 -20.64
C VAL E 396 -3.09 10.04 -19.50
N ARG E 397 -2.41 11.18 -19.49
CA ARG E 397 -2.60 12.11 -18.37
C ARG E 397 -4.08 12.16 -17.95
N GLU E 398 -4.34 11.62 -16.77
CA GLU E 398 -5.67 11.73 -16.12
C GLU E 398 -5.88 13.07 -15.38
N ASP E 399 -7.13 13.41 -15.11
CA ASP E 399 -7.48 14.72 -14.54
C ASP E 399 -8.75 14.56 -13.71
N THR E 400 -8.73 13.57 -12.83
CA THR E 400 -9.91 13.04 -12.13
C THR E 400 -10.28 13.84 -10.87
N TYR E 401 -11.38 13.44 -10.23
CA TYR E 401 -11.98 14.23 -9.11
C TYR E 401 -11.36 14.01 -7.71
N LEU E 402 -10.71 12.86 -7.51
CA LEU E 402 -9.94 12.63 -6.28
C LEU E 402 -8.50 12.29 -6.62
N GLY E 403 -8.32 11.55 -7.73
CA GLY E 403 -7.03 11.30 -8.39
C GLY E 403 -6.82 12.30 -9.53
N GLY E 404 -5.89 12.03 -10.45
CA GLY E 404 -5.74 12.92 -11.58
C GLY E 404 -4.35 13.48 -11.79
N TYR E 405 -3.48 12.61 -12.33
CA TYR E 405 -2.02 12.79 -12.58
C TYR E 405 -1.51 11.71 -13.55
N ASP E 406 -0.43 12.04 -14.25
CA ASP E 406 0.09 11.15 -15.32
C ASP E 406 0.80 9.82 -14.93
N VAL E 407 0.42 8.74 -15.65
CA VAL E 407 1.18 7.47 -15.85
C VAL E 407 0.69 6.84 -17.15
N ARG E 408 1.41 5.83 -17.64
CA ARG E 408 1.35 5.47 -19.08
C ARG E 408 2.16 4.25 -19.50
N GLN E 409 1.69 3.57 -20.54
CA GLN E 409 2.34 2.33 -20.98
C GLN E 409 2.64 2.19 -22.47
N TYR E 410 3.95 2.08 -22.72
CA TYR E 410 4.56 1.70 -23.99
C TYR E 410 5.29 0.45 -23.52
N SER E 411 6.60 0.32 -23.72
CA SER E 411 7.30 -0.93 -23.42
C SER E 411 8.76 -0.73 -23.57
N GLU E 412 9.54 -1.29 -22.66
CA GLU E 412 10.93 -0.88 -22.51
C GLU E 412 11.60 -0.35 -23.72
N GLU E 413 11.50 -1.12 -24.81
CA GLU E 413 12.10 -0.71 -26.09
C GLU E 413 11.54 0.63 -26.55
N THR E 414 10.20 0.73 -26.65
CA THR E 414 9.56 1.97 -27.08
C THR E 414 10.01 3.11 -26.16
N ALA E 415 10.59 2.72 -25.03
CA ALA E 415 11.05 3.65 -24.01
C ALA E 415 12.39 4.31 -24.32
N LYS E 416 13.37 3.50 -24.76
CA LYS E 416 14.67 3.94 -25.33
C LYS E 416 14.34 4.73 -26.58
N ARG E 417 13.36 4.20 -27.29
CA ARG E 417 12.79 4.81 -28.48
C ARG E 417 12.39 6.23 -28.02
N ILE E 418 11.50 6.41 -27.00
CA ILE E 418 11.12 7.78 -26.51
C ILE E 418 12.28 8.61 -26.03
N ASP E 419 13.19 7.96 -25.31
CA ASP E 419 14.35 8.63 -24.81
C ASP E 419 15.19 9.28 -25.89
N GLU E 420 15.80 8.42 -26.73
CA GLU E 420 16.70 8.87 -27.79
C GLU E 420 15.99 10.06 -28.39
N ALA E 421 14.72 9.89 -28.77
CA ALA E 421 13.91 10.96 -29.33
C ALA E 421 13.97 12.29 -28.58
N VAL E 422 13.77 12.27 -27.30
CA VAL E 422 13.75 13.56 -26.61
C VAL E 422 15.13 14.11 -26.45
N ARG E 423 16.13 13.25 -26.53
CA ARG E 423 17.47 13.77 -26.67
C ARG E 423 17.58 14.53 -28.00
N ARG E 424 17.34 13.83 -29.11
CA ARG E 424 17.34 14.49 -30.43
C ARG E 424 16.52 15.80 -30.32
N LEU E 425 15.25 15.68 -29.96
CA LEU E 425 14.38 16.86 -29.95
C LEU E 425 14.97 18.05 -29.18
N ILE E 426 15.25 17.90 -27.88
CA ILE E 426 15.78 19.03 -27.14
C ILE E 426 17.15 19.42 -27.66
N GLU E 427 18.04 18.46 -27.97
CA GLU E 427 19.36 18.91 -28.35
C GLU E 427 19.19 19.90 -29.45
N GLU E 428 18.52 19.42 -30.49
CA GLU E 428 18.48 20.13 -31.76
C GLU E 428 17.78 21.50 -31.70
N GLN E 429 16.72 21.52 -30.90
CA GLN E 429 16.00 22.73 -30.58
C GLN E 429 16.85 23.68 -29.74
N TYR E 430 17.75 23.15 -28.92
CA TYR E 430 18.59 24.01 -28.10
C TYR E 430 19.58 24.69 -29.00
N GLN E 431 20.17 23.92 -29.92
CA GLN E 431 21.08 24.49 -30.92
C GLN E 431 20.53 25.73 -31.66
N ARG E 432 19.27 25.59 -32.08
CA ARG E 432 18.49 26.69 -32.63
C ARG E 432 18.62 27.93 -31.81
N VAL E 433 18.29 27.82 -30.52
CA VAL E 433 18.17 28.99 -29.69
C VAL E 433 19.55 29.47 -29.35
N LYS E 434 20.55 28.62 -29.54
CA LYS E 434 21.89 29.13 -29.40
C LYS E 434 22.13 30.16 -30.51
N ALA E 435 21.98 29.69 -31.76
CA ALA E 435 22.25 30.52 -32.94
C ALA E 435 21.54 31.83 -32.84
N LEU E 436 20.21 31.78 -32.69
CA LEU E 436 19.40 32.99 -32.62
C LEU E 436 19.80 34.00 -31.55
N LEU E 437 20.35 33.46 -30.44
CA LEU E 437 20.91 34.32 -29.40
C LEU E 437 22.24 34.83 -29.93
N LEU E 438 23.10 33.89 -30.31
CA LEU E 438 24.36 34.18 -30.96
C LEU E 438 24.21 35.31 -31.97
N GLU E 439 23.35 35.05 -32.96
CA GLU E 439 23.09 35.92 -34.09
C GLU E 439 22.57 37.26 -33.62
N LYS E 440 21.93 37.29 -32.45
CA LYS E 440 21.45 38.54 -31.90
C LYS E 440 22.35 39.01 -30.75
N ARG E 441 23.55 38.43 -30.67
CA ARG E 441 24.46 38.63 -29.53
C ARG E 441 24.56 40.06 -29.01
N GLU E 442 24.65 41.00 -29.93
CA GLU E 442 24.76 42.39 -29.54
C GLU E 442 23.60 42.78 -28.61
N VAL E 443 22.39 42.27 -28.90
CA VAL E 443 21.19 42.66 -28.14
C VAL E 443 21.15 42.06 -26.74
N LEU E 444 21.79 40.91 -26.58
CA LEU E 444 21.83 40.23 -25.30
C LEU E 444 22.52 41.14 -24.31
N GLU E 445 23.80 41.38 -24.53
CA GLU E 445 24.53 42.33 -23.74
C GLU E 445 23.58 43.49 -23.51
N ARG E 446 23.06 44.06 -24.59
CA ARG E 446 22.14 45.20 -24.54
C ARG E 446 21.02 45.03 -23.49
N VAL E 447 20.27 43.91 -23.58
CA VAL E 447 19.15 43.67 -22.67
C VAL E 447 19.65 43.34 -21.28
N ALA E 448 20.37 42.23 -21.14
CA ALA E 448 20.94 41.84 -19.85
C ALA E 448 21.58 43.02 -19.13
N GLU E 449 22.45 43.75 -19.82
CA GLU E 449 23.11 44.87 -19.19
C GLU E 449 22.07 45.81 -18.64
N THR E 450 21.10 46.19 -19.46
CA THR E 450 20.03 47.09 -19.02
C THR E 450 19.32 46.43 -17.84
N LEU E 451 19.04 45.14 -18.00
CA LEU E 451 18.36 44.36 -16.98
C LEU E 451 19.08 44.42 -15.64
N LEU E 452 20.33 43.96 -15.63
CA LEU E 452 21.18 44.10 -14.46
C LEU E 452 20.90 45.42 -13.78
N GLU E 453 21.01 46.50 -14.56
CA GLU E 453 20.99 47.86 -14.03
C GLU E 453 19.67 48.34 -13.46
N ARG E 454 18.54 47.90 -14.03
CA ARG E 454 17.24 48.45 -13.58
C ARG E 454 16.14 47.46 -13.20
N GLU E 455 16.50 46.17 -13.11
CA GLU E 455 15.62 45.11 -12.60
C GLU E 455 14.48 44.73 -13.55
N THR E 456 13.68 45.73 -13.95
CA THR E 456 12.41 45.47 -14.61
C THR E 456 12.25 46.30 -15.88
N LEU E 457 11.92 45.63 -16.97
CA LEU E 457 11.55 46.29 -18.22
C LEU E 457 10.13 45.91 -18.62
N THR E 458 9.23 46.86 -18.75
CA THR E 458 7.93 46.55 -19.31
C THR E 458 8.13 46.38 -20.81
N ALA E 459 7.36 45.46 -21.40
CA ALA E 459 7.66 44.95 -22.75
C ALA E 459 7.79 46.00 -23.88
N GLU E 460 7.06 47.10 -23.81
CA GLU E 460 7.30 48.15 -24.79
C GLU E 460 8.68 48.78 -24.53
N GLU E 461 9.04 48.93 -23.26
CA GLU E 461 10.38 49.37 -22.87
C GLU E 461 11.40 48.44 -23.49
N PHE E 462 11.14 47.15 -23.35
CA PHE E 462 11.90 46.14 -24.05
C PHE E 462 11.96 46.51 -25.53
N GLN E 463 10.79 46.67 -26.15
CA GLN E 463 10.69 46.92 -27.58
C GLN E 463 11.70 47.97 -27.98
N ARG E 464 11.91 48.94 -27.10
CA ARG E 464 12.88 49.98 -27.39
C ARG E 464 14.32 49.50 -27.24
N VAL E 465 14.69 49.08 -26.03
CA VAL E 465 16.08 48.70 -25.77
C VAL E 465 16.62 47.74 -26.83
N VAL E 466 15.73 46.95 -27.42
CA VAL E 466 16.08 46.01 -28.48
C VAL E 466 16.51 46.71 -29.77
N GLU E 467 15.68 47.66 -30.22
CA GLU E 467 16.02 48.48 -31.38
C GLU E 467 16.95 49.61 -30.94
N GLY E 468 18.14 49.25 -30.49
CA GLY E 468 19.17 50.18 -30.05
C GLY E 468 18.75 51.60 -29.70
N LEU E 469 17.82 51.73 -28.76
CA LEU E 469 17.35 53.04 -28.33
C LEU E 469 17.21 53.09 -26.82
N PRO E 470 17.52 54.24 -26.22
CA PRO E 470 17.27 54.42 -24.79
C PRO E 470 15.81 54.70 -24.49
N LEU E 471 15.46 54.57 -23.21
CA LEU E 471 14.23 55.13 -22.64
C LEU E 471 14.42 55.29 -21.13
N GLU E 472 14.67 56.52 -20.70
CA GLU E 472 14.95 56.79 -19.29
C GLU E 472 13.67 57.10 -18.51
N ALA E 473 13.75 56.93 -17.19
CA ALA E 473 12.60 57.09 -16.29
C ALA E 473 12.47 58.51 -15.73
N PRO E 474 11.25 59.05 -15.72
CA PRO E 474 10.99 60.48 -15.50
C PRO E 474 10.93 61.07 -14.06
N GLU E 475 10.38 60.32 -13.10
CA GLU E 475 9.90 60.91 -11.83
C GLU E 475 10.96 61.51 -10.91
N ARG F 18 -42.23 22.26 3.12
CA ARG F 18 -42.93 23.45 3.67
C ARG F 18 -42.41 24.76 3.07
N ALA F 19 -41.49 24.64 2.10
CA ALA F 19 -41.01 25.77 1.33
C ALA F 19 -42.08 26.21 0.31
N ARG F 20 -41.72 27.16 -0.55
CA ARG F 20 -42.66 27.81 -1.47
C ARG F 20 -43.80 26.91 -2.01
N VAL F 21 -45.04 27.27 -1.69
CA VAL F 21 -46.23 26.59 -2.19
C VAL F 21 -46.85 27.39 -3.33
N LEU F 22 -46.42 27.14 -4.58
CA LEU F 22 -46.95 27.88 -5.72
C LEU F 22 -48.29 27.30 -6.19
N THR F 23 -49.36 27.70 -5.51
CA THR F 23 -50.72 27.30 -5.88
C THR F 23 -51.27 28.20 -6.99
N GLU F 24 -52.53 27.96 -7.34
CA GLU F 24 -53.25 28.57 -8.47
C GLU F 24 -52.65 28.15 -9.82
N ALA F 25 -53.08 28.80 -10.89
CA ALA F 25 -52.59 28.50 -12.24
C ALA F 25 -51.19 29.09 -12.49
N PRO F 26 -50.16 28.24 -12.57
CA PRO F 26 -48.76 28.70 -12.68
C PRO F 26 -48.31 28.93 -14.14
N LYS F 27 -48.18 30.21 -14.51
CA LYS F 27 -47.94 30.65 -15.89
C LYS F 27 -46.66 30.08 -16.54
N VAL F 28 -46.57 30.29 -17.86
CA VAL F 28 -45.51 29.77 -18.73
C VAL F 28 -45.79 28.32 -19.16
N THR F 29 -46.10 28.18 -20.44
CA THR F 29 -46.40 26.88 -21.04
C THR F 29 -45.20 26.42 -21.86
N PHE F 30 -45.42 25.47 -22.75
CA PHE F 30 -44.38 25.02 -23.68
C PHE F 30 -44.31 25.95 -24.91
N LYS F 31 -45.32 26.80 -25.06
CA LYS F 31 -45.29 27.82 -26.10
C LYS F 31 -44.39 28.98 -25.67
N ASP F 32 -44.06 29.01 -24.37
CA ASP F 32 -43.23 30.08 -23.81
C ASP F 32 -41.86 29.59 -23.36
N VAL F 33 -41.43 28.46 -23.92
CA VAL F 33 -40.08 27.95 -23.71
C VAL F 33 -39.43 27.69 -25.07
N ALA F 34 -38.36 28.42 -25.35
CA ALA F 34 -37.67 28.37 -26.63
C ALA F 34 -36.96 27.04 -26.90
N GLY F 35 -36.70 26.76 -28.17
CA GLY F 35 -35.95 25.58 -28.61
C GLY F 35 -36.32 24.32 -27.85
N ALA F 36 -35.30 23.60 -27.40
CA ALA F 36 -35.44 22.44 -26.51
C ALA F 36 -36.60 21.48 -26.87
N GLU F 37 -36.93 21.41 -28.16
CA GLU F 37 -38.05 20.60 -28.64
C GLU F 37 -37.90 19.12 -28.28
N GLU F 38 -36.68 18.60 -28.42
CA GLU F 38 -36.36 17.21 -28.09
C GLU F 38 -37.00 16.76 -26.78
N ALA F 39 -36.80 17.58 -25.74
CA ALA F 39 -37.26 17.25 -24.40
C ALA F 39 -38.76 17.52 -24.23
N LYS F 40 -39.27 18.52 -24.92
CA LYS F 40 -40.70 18.80 -24.85
C LYS F 40 -41.49 17.55 -25.26
N GLU F 41 -41.08 16.93 -26.36
CA GLU F 41 -41.75 15.74 -26.88
C GLU F 41 -41.78 14.59 -25.89
N GLU F 42 -40.65 14.39 -25.23
CA GLU F 42 -40.50 13.34 -24.23
C GLU F 42 -41.36 13.63 -22.99
N LEU F 43 -41.73 14.90 -22.83
CA LEU F 43 -42.39 15.37 -21.61
C LEU F 43 -43.92 15.34 -21.65
N LYS F 44 -44.48 15.33 -22.86
CA LYS F 44 -45.91 15.18 -23.03
C LYS F 44 -46.39 13.93 -22.29
N GLU F 45 -45.46 13.02 -22.04
CA GLU F 45 -45.70 11.79 -21.32
C GLU F 45 -46.09 12.07 -19.87
N ILE F 46 -45.51 13.14 -19.33
CA ILE F 46 -45.82 13.53 -17.96
C ILE F 46 -47.04 14.46 -17.99
N VAL F 47 -47.15 15.21 -19.09
CA VAL F 47 -48.20 16.21 -19.29
C VAL F 47 -49.59 15.58 -19.33
N GLU F 48 -49.82 14.68 -20.29
CA GLU F 48 -51.09 13.95 -20.39
C GLU F 48 -51.48 13.24 -19.10
N PHE F 49 -50.52 12.59 -18.45
CA PHE F 49 -50.73 12.00 -17.14
C PHE F 49 -51.02 13.05 -16.06
N LEU F 50 -50.27 14.16 -16.08
CA LEU F 50 -50.53 15.26 -15.17
C LEU F 50 -51.91 15.87 -15.44
N LYS F 51 -52.32 15.83 -16.71
CA LYS F 51 -53.61 16.35 -17.16
C LYS F 51 -54.76 15.41 -16.79
N ASN F 52 -54.63 14.13 -17.14
CA ASN F 52 -55.67 13.14 -16.82
C ASN F 52 -55.18 11.85 -16.14
N PRO F 53 -54.63 11.96 -14.91
CA PRO F 53 -54.17 10.78 -14.16
C PRO F 53 -55.23 9.69 -14.04
N SER F 54 -56.50 10.08 -13.95
CA SER F 54 -57.61 9.14 -13.96
C SER F 54 -57.53 8.23 -15.20
N ARG F 55 -56.91 8.73 -16.26
CA ARG F 55 -56.76 7.96 -17.51
C ARG F 55 -55.60 6.97 -17.45
N PHE F 56 -54.91 6.92 -16.30
CA PHE F 56 -53.74 6.05 -16.17
C PHE F 56 -53.93 4.96 -15.14
N HIS F 57 -54.12 5.35 -13.88
CA HIS F 57 -54.19 4.40 -12.76
C HIS F 57 -55.02 3.16 -13.05
N GLU F 58 -56.29 3.37 -13.40
CA GLU F 58 -57.21 2.27 -13.72
C GLU F 58 -56.82 1.59 -15.03
N MET F 59 -56.44 2.39 -16.02
CA MET F 59 -56.04 1.88 -17.32
C MET F 59 -54.60 1.34 -17.27
N GLY F 60 -54.40 0.32 -16.45
CA GLY F 60 -53.12 -0.36 -16.20
C GLY F 60 -51.81 0.15 -16.78
N ALA F 61 -51.35 1.29 -16.29
CA ALA F 61 -50.08 1.83 -16.71
C ALA F 61 -49.29 2.36 -15.52
N ARG F 62 -48.13 2.95 -15.79
CA ARG F 62 -47.23 3.49 -14.77
C ARG F 62 -46.38 4.58 -15.44
N ILE F 63 -45.99 5.60 -14.68
CA ILE F 63 -45.25 6.74 -15.23
C ILE F 63 -44.04 7.14 -14.37
N PRO F 64 -42.92 7.47 -15.05
CA PRO F 64 -41.68 7.91 -14.40
C PRO F 64 -41.66 8.17 -12.88
N LYS F 65 -42.25 9.26 -12.38
CA LYS F 65 -42.28 9.58 -10.94
C LYS F 65 -41.18 10.57 -10.52
N GLY F 66 -39.98 10.40 -11.04
CA GLY F 66 -38.86 11.25 -10.66
C GLY F 66 -37.97 11.58 -11.85
N VAL F 67 -38.24 12.73 -12.47
CA VAL F 67 -37.44 13.18 -13.59
C VAL F 67 -36.39 14.17 -13.09
N LEU F 68 -35.12 13.92 -13.38
CA LEU F 68 -34.06 14.91 -13.20
C LEU F 68 -33.62 15.57 -14.53
N LEU F 69 -33.17 16.82 -14.46
CA LEU F 69 -32.73 17.52 -15.67
C LEU F 69 -31.21 17.60 -15.75
N VAL F 70 -30.68 17.40 -16.95
CA VAL F 70 -29.24 17.42 -17.19
C VAL F 70 -28.91 18.62 -18.05
N GLY F 71 -28.13 19.53 -17.48
CA GLY F 71 -27.68 20.71 -18.18
C GLY F 71 -27.04 21.72 -17.26
N PRO F 72 -26.35 22.69 -17.86
CA PRO F 72 -25.70 23.78 -17.12
C PRO F 72 -26.70 24.64 -16.30
N PRO F 73 -26.20 25.61 -15.52
CA PRO F 73 -27.07 26.60 -14.88
C PRO F 73 -27.55 27.70 -15.85
N GLY F 74 -28.86 27.72 -16.12
CA GLY F 74 -29.49 28.73 -16.97
C GLY F 74 -29.66 28.31 -18.43
N VAL F 75 -30.36 27.20 -18.63
CA VAL F 75 -30.47 26.60 -19.97
C VAL F 75 -31.93 26.54 -20.43
N GLY F 76 -32.76 26.07 -19.52
CA GLY F 76 -34.18 25.88 -19.76
C GLY F 76 -34.73 25.17 -18.55
N LYS F 77 -33.84 24.81 -17.63
CA LYS F 77 -34.10 23.85 -16.55
C LYS F 77 -35.37 24.09 -15.75
N THR F 78 -35.25 24.75 -14.60
CA THR F 78 -36.41 25.04 -13.74
C THR F 78 -37.56 25.54 -14.61
N HIS F 79 -37.26 26.59 -15.39
CA HIS F 79 -38.12 27.13 -16.45
C HIS F 79 -38.95 26.07 -17.18
N LEU F 80 -38.38 24.89 -17.40
CA LEU F 80 -39.06 23.82 -18.12
C LEU F 80 -39.93 22.92 -17.24
N ALA F 81 -39.44 22.63 -16.03
CA ALA F 81 -40.18 21.84 -15.04
C ALA F 81 -41.41 22.61 -14.60
N ARG F 82 -41.22 23.91 -14.43
CA ARG F 82 -42.29 24.88 -14.28
C ARG F 82 -43.18 24.80 -15.51
N ALA F 83 -42.54 24.85 -16.68
CA ALA F 83 -43.26 24.91 -17.95
C ALA F 83 -44.10 23.68 -18.21
N VAL F 84 -43.83 22.58 -17.53
CA VAL F 84 -44.75 21.45 -17.61
C VAL F 84 -46.06 21.90 -16.99
N ALA F 85 -46.00 22.34 -15.74
CA ALA F 85 -47.18 22.83 -15.02
C ALA F 85 -48.03 23.87 -15.80
N GLY F 86 -47.39 24.61 -16.70
CA GLY F 86 -48.06 25.60 -17.51
C GLY F 86 -48.80 25.01 -18.71
N GLU F 87 -48.28 23.90 -19.24
CA GLU F 87 -48.97 23.16 -20.29
C GLU F 87 -49.77 22.01 -19.68
N ALA F 88 -49.48 21.70 -18.42
CA ALA F 88 -50.12 20.61 -17.71
C ALA F 88 -51.26 21.09 -16.81
N ARG F 89 -51.20 22.38 -16.44
CA ARG F 89 -52.17 23.00 -15.54
C ARG F 89 -52.27 22.23 -14.23
N VAL F 90 -51.45 22.64 -13.26
CA VAL F 90 -51.18 21.81 -12.09
C VAL F 90 -50.45 22.61 -11.00
N PRO F 91 -50.58 22.22 -9.73
CA PRO F 91 -49.78 22.80 -8.65
C PRO F 91 -48.28 22.47 -8.76
N PHE F 92 -47.52 23.42 -9.27
CA PHE F 92 -46.06 23.31 -9.32
C PHE F 92 -45.46 23.71 -7.97
N ILE F 93 -45.36 22.72 -7.07
CA ILE F 93 -44.71 22.89 -5.77
C ILE F 93 -43.19 23.05 -5.97
N THR F 94 -42.55 23.80 -5.07
CA THR F 94 -41.11 24.00 -5.16
C THR F 94 -40.44 23.88 -3.81
N ALA F 95 -39.23 23.32 -3.83
CA ALA F 95 -38.37 23.25 -2.66
C ALA F 95 -36.89 23.41 -3.06
N SER F 96 -36.25 24.43 -2.50
CA SER F 96 -34.83 24.72 -2.75
C SER F 96 -33.94 23.84 -1.88
N GLY F 97 -33.14 22.98 -2.54
CA GLY F 97 -32.31 21.99 -1.89
C GLY F 97 -31.26 22.54 -0.95
N SER F 98 -30.75 23.73 -1.25
CA SER F 98 -29.80 24.43 -0.41
C SER F 98 -30.32 24.55 1.03
N ASP F 99 -31.60 24.91 1.16
CA ASP F 99 -32.24 25.12 2.47
C ASP F 99 -32.44 23.83 3.30
N PHE F 100 -32.45 22.69 2.62
CA PHE F 100 -32.62 21.37 3.25
C PHE F 100 -31.47 20.97 4.17
N VAL F 101 -30.31 21.59 3.95
CA VAL F 101 -29.07 21.21 4.65
C VAL F 101 -28.56 22.29 5.61
N GLU F 102 -29.02 23.53 5.41
CA GLU F 102 -28.55 24.69 6.17
C GLU F 102 -29.08 24.76 7.60
N MET F 103 -30.14 23.98 7.87
CA MET F 103 -30.86 24.04 9.14
C MET F 103 -30.21 23.24 10.29
N PHE F 104 -30.97 22.33 10.89
CA PHE F 104 -30.50 21.57 12.06
C PHE F 104 -30.79 20.06 11.96
N VAL F 105 -30.42 19.33 13.00
CA VAL F 105 -30.52 17.85 13.02
C VAL F 105 -31.98 17.38 13.13
N GLY F 106 -32.39 16.57 12.17
CA GLY F 106 -33.77 16.11 12.08
C GLY F 106 -34.63 17.10 11.33
N VAL F 107 -34.43 18.39 11.62
CA VAL F 107 -35.20 19.49 11.05
C VAL F 107 -35.03 19.59 9.53
N GLY F 108 -33.82 19.30 9.04
CA GLY F 108 -33.54 19.27 7.61
C GLY F 108 -34.26 18.13 6.93
N ALA F 109 -34.36 17.00 7.63
CA ALA F 109 -35.10 15.83 7.18
C ALA F 109 -36.61 16.04 7.33
N ALA F 110 -36.99 16.86 8.31
CA ALA F 110 -38.38 17.20 8.53
C ALA F 110 -38.95 17.95 7.33
N ARG F 111 -38.24 18.99 6.89
CA ARG F 111 -38.64 19.81 5.74
C ARG F 111 -39.12 18.94 4.59
N VAL F 112 -38.48 17.78 4.45
CA VAL F 112 -38.85 16.80 3.44
C VAL F 112 -40.14 16.07 3.80
N ARG F 113 -40.15 15.43 4.97
CA ARG F 113 -41.30 14.65 5.43
C ARG F 113 -42.61 15.44 5.40
N ASP F 114 -42.53 16.73 5.73
CA ASP F 114 -43.70 17.61 5.68
C ASP F 114 -44.05 18.03 4.25
N LEU F 115 -43.04 18.40 3.46
CA LEU F 115 -43.25 18.85 2.07
C LEU F 115 -43.92 17.79 1.20
N PHE F 116 -43.68 16.52 1.52
CA PHE F 116 -44.23 15.42 0.73
C PHE F 116 -45.64 15.03 1.12
N GLU F 117 -45.97 15.25 2.39
CA GLU F 117 -47.36 15.17 2.87
C GLU F 117 -48.19 16.25 2.15
N THR F 118 -47.56 17.41 1.96
CA THR F 118 -48.15 18.56 1.28
C THR F 118 -48.51 18.23 -0.17
N ALA F 119 -47.59 17.60 -0.87
CA ALA F 119 -47.74 17.29 -2.29
C ALA F 119 -48.87 16.28 -2.58
N LYS F 120 -49.09 15.35 -1.64
CA LYS F 120 -50.11 14.30 -1.77
C LYS F 120 -51.52 14.86 -1.99
N ARG F 121 -51.91 15.85 -1.17
CA ARG F 121 -53.21 16.51 -1.27
C ARG F 121 -53.41 17.20 -2.61
N HIS F 122 -52.31 17.72 -3.17
CA HIS F 122 -52.32 18.37 -4.48
C HIS F 122 -52.02 17.36 -5.60
N ALA F 123 -52.82 16.31 -5.69
CA ALA F 123 -52.72 15.34 -6.78
C ALA F 123 -53.81 15.64 -7.82
N PRO F 124 -53.43 15.88 -9.08
CA PRO F 124 -52.05 15.75 -9.57
C PRO F 124 -51.20 17.00 -9.36
N CYS F 125 -49.88 16.88 -9.56
CA CYS F 125 -48.93 17.99 -9.39
C CYS F 125 -47.53 17.72 -10.01
N ILE F 126 -46.60 18.65 -9.73
CA ILE F 126 -45.16 18.45 -9.93
C ILE F 126 -44.45 18.89 -8.65
N VAL F 127 -43.49 18.12 -8.17
CA VAL F 127 -42.73 18.47 -6.97
C VAL F 127 -41.26 18.65 -7.31
N PHE F 128 -40.88 19.91 -7.53
CA PHE F 128 -39.54 20.28 -7.99
C PHE F 128 -38.50 20.43 -6.86
N ILE F 129 -37.28 19.95 -7.13
CA ILE F 129 -36.17 20.16 -6.23
C ILE F 129 -34.99 20.78 -6.97
N ASP F 130 -34.70 22.03 -6.65
CA ASP F 130 -33.51 22.68 -7.17
C ASP F 130 -32.35 22.42 -6.23
N GLU F 131 -31.14 22.68 -6.70
CA GLU F 131 -29.91 22.43 -5.93
C GLU F 131 -29.89 21.01 -5.40
N ILE F 132 -30.46 20.09 -6.17
CA ILE F 132 -30.51 18.67 -5.82
C ILE F 132 -29.10 18.13 -5.49
N ASP F 133 -28.08 18.81 -6.02
CA ASP F 133 -26.68 18.57 -5.65
C ASP F 133 -26.53 18.62 -4.13
N ALA F 134 -26.92 19.76 -3.55
CA ALA F 134 -26.80 19.96 -2.11
C ALA F 134 -27.44 18.81 -1.34
N VAL F 135 -28.33 18.09 -2.01
CA VAL F 135 -29.02 16.97 -1.41
C VAL F 135 -28.28 15.64 -1.65
N GLY F 136 -28.06 15.30 -2.92
CA GLY F 136 -27.55 13.99 -3.31
C GLY F 136 -26.06 13.85 -3.57
N ARG F 137 -25.28 13.79 -2.51
CA ARG F 137 -23.85 13.51 -2.62
C ARG F 137 -23.46 12.47 -1.58
N LYS F 138 -22.26 11.90 -1.71
CA LYS F 138 -21.74 10.95 -0.72
C LYS F 138 -20.22 10.97 -0.67
N ASN F 147 -20.78 14.41 8.16
CA ASN F 147 -21.23 13.04 8.21
C ASN F 147 -22.75 12.90 8.14
N ASP F 148 -23.44 13.78 8.87
CA ASP F 148 -24.90 13.69 9.03
C ASP F 148 -25.67 14.58 8.06
N GLU F 149 -25.16 15.79 7.83
CA GLU F 149 -25.85 16.85 7.08
C GLU F 149 -26.62 16.37 5.86
N ARG F 150 -25.89 15.97 4.83
CA ARG F 150 -26.49 15.58 3.56
C ARG F 150 -27.28 14.26 3.67
N GLU F 151 -26.86 13.41 4.61
CA GLU F 151 -27.53 12.14 4.86
C GLU F 151 -28.96 12.35 5.33
N GLN F 152 -29.14 13.25 6.31
CA GLN F 152 -30.46 13.55 6.88
C GLN F 152 -31.51 13.71 5.80
N THR F 153 -31.32 14.70 4.95
CA THR F 153 -32.26 15.02 3.88
C THR F 153 -32.31 13.91 2.83
N LEU F 154 -31.19 13.21 2.63
CA LEU F 154 -31.11 12.19 1.61
C LEU F 154 -31.99 10.98 1.90
N ASN F 155 -31.80 10.39 3.08
CA ASN F 155 -32.57 9.21 3.48
C ASN F 155 -34.05 9.50 3.58
N GLN F 156 -34.39 10.71 4.04
CA GLN F 156 -35.77 11.16 4.07
C GLN F 156 -36.37 11.32 2.66
N LEU F 157 -35.68 12.06 1.79
CA LEU F 157 -36.10 12.24 0.41
C LEU F 157 -36.35 10.89 -0.27
N LEU F 158 -35.47 9.94 0.01
CA LEU F 158 -35.57 8.60 -0.53
C LEU F 158 -36.85 7.86 -0.13
N VAL F 159 -37.05 7.66 1.18
CA VAL F 159 -38.19 6.86 1.69
C VAL F 159 -39.56 7.44 1.34
N GLU F 160 -39.62 8.76 1.12
CA GLU F 160 -40.85 9.43 0.69
C GLU F 160 -41.16 9.14 -0.79
N MET F 161 -40.13 9.07 -1.62
CA MET F 161 -40.26 8.63 -3.01
C MET F 161 -40.62 7.14 -3.03
N ASP F 162 -40.08 6.41 -2.04
CA ASP F 162 -40.34 4.99 -1.84
C ASP F 162 -41.71 4.75 -1.22
N GLY F 163 -42.53 5.80 -1.19
CA GLY F 163 -43.86 5.73 -0.62
C GLY F 163 -44.94 6.24 -1.56
N PHE F 164 -44.65 6.24 -2.86
CA PHE F 164 -45.60 6.67 -3.87
C PHE F 164 -46.33 5.48 -4.48
N GLU F 165 -47.65 5.45 -4.30
CA GLU F 165 -48.50 4.29 -4.59
C GLU F 165 -49.10 4.28 -6.00
N LYS F 166 -49.80 3.19 -6.32
CA LYS F 166 -50.48 2.99 -7.60
C LYS F 166 -51.64 3.99 -7.77
N ASP F 167 -52.53 4.04 -6.80
CA ASP F 167 -53.61 5.03 -6.75
C ASP F 167 -53.08 6.40 -6.27
N THR F 168 -51.84 6.70 -6.64
CA THR F 168 -51.18 7.97 -6.31
C THR F 168 -50.42 8.55 -7.51
N ALA F 169 -50.75 9.80 -7.85
CA ALA F 169 -50.19 10.49 -9.00
C ALA F 169 -49.25 11.59 -8.54
N ILE F 170 -48.02 11.53 -9.03
CA ILE F 170 -46.96 12.42 -8.53
C ILE F 170 -45.66 12.35 -9.34
N VAL F 171 -45.28 13.49 -9.90
CA VAL F 171 -44.07 13.58 -10.71
C VAL F 171 -43.09 14.53 -10.03
N VAL F 172 -42.05 13.99 -9.41
CA VAL F 172 -41.03 14.82 -8.81
C VAL F 172 -40.08 15.32 -9.88
N MET F 173 -39.80 16.61 -9.84
CA MET F 173 -38.76 17.15 -10.67
C MET F 173 -37.48 17.44 -9.87
N ALA F 174 -36.38 17.58 -10.61
CA ALA F 174 -35.08 18.02 -10.10
C ALA F 174 -34.24 18.40 -11.31
N ALA F 175 -33.08 19.00 -11.06
CA ALA F 175 -32.20 19.46 -12.13
C ALA F 175 -30.84 19.84 -11.57
N THR F 176 -29.79 19.26 -12.13
CA THR F 176 -28.43 19.58 -11.72
C THR F 176 -27.44 19.62 -12.89
N ASN F 177 -26.32 20.29 -12.67
CA ASN F 177 -25.29 20.42 -13.69
C ASN F 177 -24.37 19.21 -13.77
N ARG F 178 -24.11 18.58 -12.63
CA ARG F 178 -23.17 17.45 -12.58
C ARG F 178 -23.78 16.17 -12.00
N PRO F 179 -24.37 15.32 -12.85
CA PRO F 179 -24.88 14.01 -12.41
C PRO F 179 -23.74 13.04 -12.12
N ASP F 180 -22.53 13.38 -12.59
CA ASP F 180 -21.31 12.63 -12.27
C ASP F 180 -21.16 12.46 -10.75
N ILE F 181 -21.43 13.53 -9.99
CA ILE F 181 -21.28 13.53 -8.53
C ILE F 181 -22.61 13.34 -7.77
N LEU F 182 -23.55 12.67 -8.41
CA LEU F 182 -24.85 12.44 -7.80
C LEU F 182 -24.97 11.01 -7.28
N ASP F 183 -25.35 10.89 -6.02
CA ASP F 183 -25.52 9.60 -5.35
C ASP F 183 -26.26 8.59 -6.22
N PRO F 184 -25.63 7.46 -6.53
CA PRO F 184 -26.21 6.45 -7.43
C PRO F 184 -27.51 5.86 -6.88
N ALA F 185 -27.67 5.87 -5.57
CA ALA F 185 -28.89 5.40 -4.92
C ALA F 185 -30.07 6.27 -5.35
N LEU F 186 -29.79 7.56 -5.53
CA LEU F 186 -30.78 8.51 -6.01
C LEU F 186 -31.12 8.29 -7.50
N LEU F 187 -30.54 7.26 -8.09
CA LEU F 187 -30.80 6.97 -9.50
C LEU F 187 -31.45 5.61 -9.73
N ARG F 188 -31.58 4.85 -8.65
CA ARG F 188 -32.29 3.55 -8.61
C ARG F 188 -33.64 3.55 -9.34
N PRO F 189 -34.09 2.38 -9.81
CA PRO F 189 -35.41 2.27 -10.44
C PRO F 189 -36.53 2.36 -9.40
N GLY F 190 -37.53 3.21 -9.69
CA GLY F 190 -38.56 3.56 -8.72
C GLY F 190 -38.33 4.96 -8.17
N ARG F 191 -37.07 5.29 -7.92
CA ARG F 191 -36.67 6.64 -7.55
C ARG F 191 -36.45 7.43 -8.84
N PHE F 192 -35.36 8.18 -8.93
CA PHE F 192 -35.10 9.00 -10.11
C PHE F 192 -34.62 8.20 -11.30
N ASP F 193 -35.57 7.59 -12.00
CA ASP F 193 -35.24 6.66 -13.09
C ASP F 193 -35.64 7.22 -14.46
N ARG F 194 -35.18 8.44 -14.72
CA ARG F 194 -35.35 9.08 -16.00
C ARG F 194 -34.74 10.45 -15.91
N GLN F 195 -34.28 10.95 -17.05
CA GLN F 195 -33.75 12.31 -17.17
C GLN F 195 -33.77 12.73 -18.61
N ILE F 196 -33.98 14.03 -18.86
CA ILE F 196 -33.69 14.57 -20.19
C ILE F 196 -32.60 15.61 -20.11
N ALA F 197 -31.69 15.56 -21.07
CA ALA F 197 -30.67 16.58 -21.20
C ALA F 197 -31.27 17.74 -21.99
N ILE F 198 -30.83 18.94 -21.67
CA ILE F 198 -31.20 20.12 -22.42
C ILE F 198 -29.90 20.74 -22.90
N ASP F 199 -29.65 20.62 -24.19
CA ASP F 199 -28.43 21.17 -24.76
C ASP F 199 -28.53 22.70 -24.83
N ALA F 200 -27.49 23.37 -24.35
CA ALA F 200 -27.60 24.75 -23.92
C ALA F 200 -28.01 25.78 -24.99
N PRO F 201 -27.06 26.29 -25.79
CA PRO F 201 -27.35 27.35 -26.77
C PRO F 201 -27.78 26.78 -28.15
N ASP F 202 -26.98 26.92 -29.24
CA ASP F 202 -27.29 26.60 -30.68
C ASP F 202 -27.64 27.92 -31.34
N VAL F 203 -27.45 28.08 -32.65
CA VAL F 203 -27.86 29.34 -33.31
C VAL F 203 -29.38 29.41 -33.51
N LYS F 204 -29.97 28.37 -34.11
CA LYS F 204 -31.42 28.27 -34.27
C LYS F 204 -32.16 28.30 -32.93
N GLY F 205 -31.42 27.96 -31.86
CA GLY F 205 -31.93 28.08 -30.51
C GLY F 205 -31.64 29.43 -29.90
N ARG F 206 -30.65 30.14 -30.45
CA ARG F 206 -30.34 31.50 -30.01
C ARG F 206 -31.31 32.50 -30.64
N GLU F 207 -31.57 32.34 -31.95
CA GLU F 207 -32.66 33.00 -32.63
C GLU F 207 -33.88 32.84 -31.76
N GLN F 208 -34.48 31.65 -31.83
CA GLN F 208 -35.67 31.27 -31.09
C GLN F 208 -35.78 31.97 -29.72
N ILE F 209 -34.71 31.93 -28.94
CA ILE F 209 -34.69 32.51 -27.59
C ILE F 209 -34.76 34.04 -27.52
N LEU F 210 -34.03 34.70 -28.41
CA LEU F 210 -34.03 36.15 -28.46
C LEU F 210 -35.32 36.66 -29.07
N ARG F 211 -35.80 35.96 -30.09
CA ARG F 211 -37.11 36.23 -30.68
C ARG F 211 -38.27 36.00 -29.70
N ILE F 212 -38.05 35.16 -28.69
CA ILE F 212 -39.06 34.93 -27.66
C ILE F 212 -39.06 36.10 -26.65
N HIS F 213 -37.87 36.62 -26.37
CA HIS F 213 -37.72 37.81 -25.53
C HIS F 213 -37.71 39.10 -26.38
N ALA F 214 -38.53 39.10 -27.44
CA ALA F 214 -38.62 40.26 -28.34
C ALA F 214 -39.84 41.10 -28.02
N ARG F 215 -40.87 40.47 -27.45
CA ARG F 215 -42.13 41.14 -27.12
C ARG F 215 -41.87 42.41 -26.31
N GLY F 216 -40.95 42.32 -25.35
CA GLY F 216 -40.59 43.44 -24.50
C GLY F 216 -39.82 44.52 -25.24
N LYS F 217 -40.45 45.69 -25.38
CA LYS F 217 -39.84 46.88 -25.99
C LYS F 217 -39.56 46.74 -27.50
N PRO F 218 -39.28 47.86 -28.20
CA PRO F 218 -39.19 47.84 -29.66
C PRO F 218 -37.80 47.58 -30.24
N LEU F 219 -37.77 47.19 -31.52
CA LEU F 219 -36.53 46.94 -32.24
C LEU F 219 -36.67 47.37 -33.71
N ALA F 220 -35.81 48.29 -34.14
CA ALA F 220 -35.79 48.77 -35.53
C ALA F 220 -34.52 48.37 -36.28
N GLU F 221 -33.63 47.67 -35.57
CA GLU F 221 -32.31 47.29 -36.07
C GLU F 221 -32.33 46.20 -37.15
N ASP F 222 -31.34 46.31 -38.05
CA ASP F 222 -31.18 45.46 -39.23
C ASP F 222 -31.11 43.93 -38.97
N VAL F 223 -31.08 43.52 -37.71
CA VAL F 223 -30.71 42.15 -37.38
C VAL F 223 -31.85 41.11 -37.21
N ASP F 224 -32.98 41.55 -36.63
CA ASP F 224 -34.10 40.66 -36.28
C ASP F 224 -33.66 39.47 -35.40
N LEU F 225 -32.68 39.74 -34.54
CA LEU F 225 -31.96 38.74 -33.72
C LEU F 225 -31.43 37.52 -34.52
N ALA F 226 -31.47 37.65 -35.85
CA ALA F 226 -30.83 36.71 -36.75
C ALA F 226 -29.34 36.82 -36.53
N LEU F 227 -28.77 37.93 -36.99
CA LEU F 227 -27.34 38.16 -36.93
C LEU F 227 -26.82 38.48 -35.53
N LEU F 228 -27.71 38.51 -34.54
CA LEU F 228 -27.26 38.57 -33.15
C LEU F 228 -26.92 37.15 -32.72
N ALA F 229 -27.94 36.28 -32.76
CA ALA F 229 -27.80 34.86 -32.44
C ALA F 229 -26.48 34.26 -32.95
N LYS F 230 -25.96 34.81 -34.04
CA LYS F 230 -24.65 34.43 -34.59
C LYS F 230 -23.52 35.21 -33.91
N ARG F 231 -23.62 36.54 -33.88
CA ARG F 231 -22.57 37.40 -33.33
C ARG F 231 -22.29 37.06 -31.86
N THR F 232 -23.27 36.41 -31.24
CA THR F 232 -23.05 35.74 -29.98
C THR F 232 -22.76 34.27 -30.28
N PRO F 233 -21.59 33.78 -29.85
CA PRO F 233 -21.26 32.36 -29.99
C PRO F 233 -21.87 31.60 -28.83
N GLY F 234 -21.07 30.89 -28.03
CA GLY F 234 -21.58 30.18 -26.87
C GLY F 234 -22.33 31.13 -25.95
N PHE F 235 -23.65 31.01 -25.92
CA PHE F 235 -24.55 31.85 -25.09
C PHE F 235 -25.78 31.08 -24.68
N VAL F 236 -25.86 30.69 -23.40
CA VAL F 236 -27.07 30.02 -22.91
C VAL F 236 -28.25 30.98 -23.01
N GLY F 237 -29.47 30.45 -22.90
CA GLY F 237 -30.68 31.25 -22.95
C GLY F 237 -30.72 32.33 -21.87
N ALA F 238 -30.51 31.90 -20.63
CA ALA F 238 -30.40 32.81 -19.50
C ALA F 238 -29.43 33.94 -19.80
N ASP F 239 -28.24 33.61 -20.31
CA ASP F 239 -27.26 34.62 -20.65
C ASP F 239 -27.62 35.39 -21.94
N LEU F 240 -28.91 35.42 -22.25
CA LEU F 240 -29.42 36.20 -23.37
C LEU F 240 -30.54 37.13 -22.91
N GLU F 241 -31.46 36.58 -22.11
CA GLU F 241 -32.46 37.35 -21.41
C GLU F 241 -31.67 38.48 -20.73
N ASN F 242 -30.68 38.09 -19.93
CA ASN F 242 -29.70 39.00 -19.32
C ASN F 242 -29.09 40.03 -20.28
N LEU F 243 -28.89 39.61 -21.54
CA LEU F 243 -28.42 40.53 -22.57
C LEU F 243 -29.52 41.52 -22.94
N LEU F 244 -30.73 41.01 -23.13
CA LEU F 244 -31.86 41.85 -23.58
C LEU F 244 -32.42 42.74 -22.48
N ASN F 245 -32.54 42.19 -21.28
CA ASN F 245 -32.87 42.97 -20.11
C ASN F 245 -31.97 44.20 -20.00
N GLU F 246 -30.66 44.00 -20.18
CA GLU F 246 -29.69 45.09 -20.09
C GLU F 246 -29.74 46.03 -21.32
N ALA F 247 -30.19 45.50 -22.45
CA ALA F 247 -30.24 46.27 -23.70
C ALA F 247 -31.18 47.46 -23.58
N ALA F 248 -32.34 47.22 -22.96
CA ALA F 248 -33.29 48.28 -22.65
C ALA F 248 -32.67 49.35 -21.74
N LEU F 249 -32.00 48.92 -20.66
CA LEU F 249 -31.31 49.82 -19.73
C LEU F 249 -30.06 50.45 -20.34
N LEU F 250 -29.77 50.11 -21.59
CA LEU F 250 -28.72 50.74 -22.36
C LEU F 250 -29.32 51.82 -23.23
N ALA F 251 -30.60 51.65 -23.55
CA ALA F 251 -31.34 52.58 -24.39
C ALA F 251 -31.99 53.70 -23.57
N ALA F 252 -32.81 53.32 -22.59
CA ALA F 252 -33.56 54.26 -21.76
C ALA F 252 -32.68 55.14 -20.88
N ARG F 253 -31.48 54.65 -20.57
CA ARG F 253 -30.48 55.43 -19.84
C ARG F 253 -29.86 56.50 -20.74
N GLU F 254 -29.94 56.27 -22.05
CA GLU F 254 -29.57 57.27 -23.05
C GLU F 254 -30.81 58.04 -23.50
N GLY F 255 -31.98 57.50 -23.18
CA GLY F 255 -33.25 58.11 -23.53
C GLY F 255 -33.72 57.58 -24.86
N ARG F 256 -34.26 56.37 -24.85
CA ARG F 256 -34.67 55.71 -26.07
C ARG F 256 -35.76 54.68 -25.81
N ARG F 257 -36.95 54.95 -26.34
CA ARG F 257 -38.01 53.96 -26.40
C ARG F 257 -37.88 53.21 -27.72
N LYS F 258 -36.77 52.46 -27.86
CA LYS F 258 -36.41 51.71 -29.08
C LYS F 258 -34.95 51.31 -29.03
N ILE F 259 -34.70 50.01 -28.92
CA ILE F 259 -33.33 49.48 -28.93
C ILE F 259 -32.84 49.25 -30.35
N THR F 260 -31.54 49.36 -30.54
CA THR F 260 -30.91 49.19 -31.85
C THR F 260 -29.98 47.99 -31.86
N MET F 261 -29.21 47.87 -32.95
CA MET F 261 -28.15 46.88 -33.04
C MET F 261 -27.00 47.33 -32.14
N LYS F 262 -26.49 48.54 -32.40
CA LYS F 262 -25.43 49.17 -31.61
C LYS F 262 -25.82 49.39 -30.14
N ASP F 263 -27.01 48.93 -29.77
CA ASP F 263 -27.50 48.91 -28.39
C ASP F 263 -27.67 47.48 -27.90
N LEU F 264 -27.69 46.53 -28.84
CA LEU F 264 -27.85 45.10 -28.52
C LEU F 264 -26.54 44.34 -28.60
N GLU F 265 -25.69 44.77 -29.53
CA GLU F 265 -24.31 44.30 -29.66
C GLU F 265 -23.55 44.69 -28.39
N GLU F 266 -23.77 45.91 -27.92
CA GLU F 266 -23.19 46.40 -26.66
C GLU F 266 -23.82 45.71 -25.46
N ALA F 267 -25.02 45.17 -25.65
CA ALA F 267 -25.67 44.31 -24.65
C ALA F 267 -24.91 43.00 -24.50
N ALA F 268 -24.16 42.66 -25.55
CA ALA F 268 -23.25 41.52 -25.53
C ALA F 268 -21.92 41.88 -24.86
N ASP F 269 -21.06 42.60 -25.58
CA ASP F 269 -19.67 42.88 -25.13
C ASP F 269 -19.53 43.41 -23.69
N ARG F 270 -20.65 43.82 -23.09
CA ARG F 270 -20.67 44.25 -21.69
C ARG F 270 -20.95 43.07 -20.75
N VAL F 271 -21.95 42.26 -21.11
CA VAL F 271 -22.17 40.98 -20.43
C VAL F 271 -21.53 39.87 -21.27
N MET F 272 -20.24 40.03 -21.53
CA MET F 272 -19.40 39.06 -22.24
C MET F 272 -17.96 39.13 -21.76
N MET F 273 -17.55 40.31 -21.29
CA MET F 273 -16.21 40.51 -20.76
C MET F 273 -16.16 40.42 -19.23
N LEU F 274 -17.31 40.08 -18.63
CA LEU F 274 -17.39 39.77 -17.20
C LEU F 274 -17.47 38.25 -16.94
N PRO F 275 -18.27 37.52 -17.73
CA PRO F 275 -18.21 36.05 -17.70
C PRO F 275 -16.88 35.48 -18.22
N ALA F 276 -16.25 36.16 -19.19
CA ALA F 276 -15.00 35.71 -19.80
C ALA F 276 -13.89 35.39 -18.79
N LYS F 277 -13.93 36.03 -17.63
CA LYS F 277 -12.97 35.80 -16.56
C LYS F 277 -13.13 34.43 -15.89
N LYS F 278 -14.28 33.79 -16.12
CA LYS F 278 -14.58 32.48 -15.53
C LYS F 278 -15.28 31.49 -16.50
N SER F 279 -15.68 31.97 -17.68
CA SER F 279 -16.36 31.16 -18.71
C SER F 279 -15.62 31.27 -20.09
N LEU F 280 -15.22 30.15 -20.73
CA LEU F 280 -14.36 30.10 -21.98
C LEU F 280 -14.89 30.73 -23.30
N VAL F 281 -13.94 31.08 -24.19
CA VAL F 281 -14.21 31.68 -25.51
C VAL F 281 -13.22 31.09 -26.54
N LEU F 282 -13.57 31.11 -27.82
CA LEU F 282 -12.67 30.56 -28.86
C LEU F 282 -12.38 31.56 -30.00
N SER F 283 -11.21 31.43 -30.60
CA SER F 283 -10.72 32.36 -31.64
C SER F 283 -11.16 31.95 -33.03
N PRO F 284 -11.40 32.92 -33.91
CA PRO F 284 -11.67 32.64 -35.34
C PRO F 284 -10.71 31.64 -36.02
N ARG F 285 -9.67 31.20 -35.32
CA ARG F 285 -8.90 30.06 -35.77
C ARG F 285 -9.38 28.84 -34.99
N ASP F 286 -9.33 28.95 -33.65
CA ASP F 286 -9.75 27.87 -32.73
C ASP F 286 -10.94 27.13 -33.28
N ARG F 287 -12.03 27.88 -33.46
CA ARG F 287 -13.32 27.37 -33.88
C ARG F 287 -13.19 26.81 -35.29
N ARG F 288 -12.62 27.59 -36.22
CA ARG F 288 -12.40 27.12 -37.59
C ARG F 288 -11.59 25.83 -37.65
N ILE F 289 -10.82 25.56 -36.60
CA ILE F 289 -10.25 24.25 -36.49
C ILE F 289 -11.39 23.28 -36.19
N THR F 290 -11.86 23.28 -34.96
CA THR F 290 -12.77 22.24 -34.52
C THR F 290 -13.81 21.91 -35.58
N ALA F 291 -14.22 22.95 -36.32
CA ALA F 291 -15.20 22.81 -37.39
C ALA F 291 -14.70 21.94 -38.53
N TYR F 292 -13.43 22.07 -38.92
CA TYR F 292 -12.90 21.18 -39.94
C TYR F 292 -12.80 19.88 -39.26
N HIS F 293 -12.31 19.98 -38.05
CA HIS F 293 -11.97 18.82 -37.26
C HIS F 293 -13.15 17.89 -37.04
N GLU F 294 -14.31 18.51 -36.84
CA GLU F 294 -15.51 17.75 -36.53
C GLU F 294 -16.23 17.34 -37.79
N ALA F 295 -15.84 17.96 -38.91
CA ALA F 295 -16.23 17.50 -40.23
C ALA F 295 -15.47 16.21 -40.49
N GLY F 296 -14.12 16.28 -40.46
CA GLY F 296 -13.24 15.14 -40.63
C GLY F 296 -13.87 13.87 -40.08
N HIS F 297 -14.22 13.91 -38.80
CA HIS F 297 -15.01 12.86 -38.18
C HIS F 297 -16.32 12.53 -38.92
N ALA F 298 -17.23 13.51 -39.05
CA ALA F 298 -18.52 13.29 -39.68
C ALA F 298 -18.37 12.50 -40.99
N LEU F 299 -17.66 13.10 -41.94
CA LEU F 299 -17.33 12.43 -43.21
C LEU F 299 -16.78 11.07 -42.89
N ALA F 300 -15.57 11.00 -42.42
CA ALA F 300 -15.12 9.74 -41.86
C ALA F 300 -16.19 8.67 -41.70
N ALA F 301 -17.12 8.81 -40.76
CA ALA F 301 -18.07 7.72 -40.52
C ALA F 301 -19.15 7.62 -41.63
N HIS F 302 -18.91 8.34 -42.71
CA HIS F 302 -19.84 8.34 -43.82
C HIS F 302 -19.13 8.08 -45.16
N PHE F 303 -19.49 6.95 -45.75
CA PHE F 303 -19.03 6.60 -47.08
C PHE F 303 -20.10 5.72 -47.85
N LEU F 304 -19.62 4.86 -48.77
CA LEU F 304 -20.48 3.95 -49.55
C LEU F 304 -19.67 2.74 -50.03
N GLU F 305 -20.27 1.54 -49.89
CA GLU F 305 -19.65 0.21 -50.15
C GLU F 305 -18.41 -0.06 -49.32
N HIS F 306 -18.37 -1.20 -48.62
CA HIS F 306 -17.16 -1.64 -47.87
C HIS F 306 -16.67 -0.64 -46.74
N ALA F 307 -17.66 -0.03 -46.05
CA ALA F 307 -17.51 1.12 -45.12
C ALA F 307 -18.54 1.09 -43.99
N ASP F 308 -18.14 1.44 -42.75
CA ASP F 308 -18.99 1.21 -41.54
C ASP F 308 -19.03 2.29 -40.37
N GLY F 309 -20.16 3.05 -40.22
CA GLY F 309 -20.29 4.18 -39.26
C GLY F 309 -21.64 4.62 -38.63
N VAL F 310 -21.94 5.94 -38.65
CA VAL F 310 -23.16 6.58 -38.05
C VAL F 310 -23.39 8.10 -38.44
N HIS F 311 -24.21 8.86 -37.68
CA HIS F 311 -24.37 10.36 -37.84
C HIS F 311 -25.21 11.34 -36.92
N LYS F 312 -24.59 12.52 -36.63
CA LYS F 312 -25.19 13.84 -36.18
C LYS F 312 -24.23 14.81 -35.39
N VAL F 313 -23.97 16.01 -35.93
CA VAL F 313 -22.80 16.85 -35.56
C VAL F 313 -23.07 18.11 -34.72
N THR F 314 -22.05 18.59 -33.99
CA THR F 314 -22.16 19.80 -33.14
C THR F 314 -20.85 20.59 -32.96
N ILE F 315 -20.94 21.75 -32.30
CA ILE F 315 -19.78 22.39 -31.67
C ILE F 315 -20.26 23.13 -30.41
N VAL F 316 -19.86 22.64 -29.23
CA VAL F 316 -20.26 23.30 -27.98
C VAL F 316 -19.08 23.32 -27.01
N PRO F 317 -18.67 24.51 -26.56
CA PRO F 317 -17.46 24.71 -25.74
C PRO F 317 -17.25 23.84 -24.48
N ARG F 318 -18.23 23.78 -23.58
CA ARG F 318 -18.13 22.98 -22.35
C ARG F 318 -18.65 21.53 -22.54
N GLY F 319 -19.77 21.41 -23.25
CA GLY F 319 -20.51 20.17 -23.42
C GLY F 319 -19.76 18.99 -24.00
N ARG F 320 -18.81 19.26 -24.90
CA ARG F 320 -18.01 18.20 -25.55
C ARG F 320 -16.92 17.56 -24.64
N ALA F 321 -16.73 18.13 -23.44
CA ALA F 321 -15.84 17.54 -22.42
C ALA F 321 -16.50 16.37 -21.66
N LEU F 322 -17.80 16.53 -21.37
CA LEU F 322 -18.61 15.52 -20.65
C LEU F 322 -18.90 14.24 -21.45
N GLY F 323 -19.33 14.43 -22.71
CA GLY F 323 -19.88 13.37 -23.55
C GLY F 323 -18.99 12.21 -23.99
N PHE F 324 -17.71 12.49 -24.22
CA PHE F 324 -16.73 11.46 -24.59
C PHE F 324 -16.40 10.54 -23.42
N MET F 325 -16.61 11.08 -22.21
CA MET F 325 -16.32 10.39 -20.94
C MET F 325 -17.38 9.37 -20.48
N MET F 326 -18.68 9.69 -20.69
CA MET F 326 -19.78 8.75 -20.37
C MET F 326 -19.66 7.36 -21.08
N PRO F 327 -19.56 7.32 -22.42
CA PRO F 327 -19.00 6.14 -23.12
C PRO F 327 -17.44 6.12 -23.28
N ARG F 328 -16.74 6.38 -22.18
CA ARG F 328 -15.34 6.01 -22.03
C ARG F 328 -15.25 5.02 -20.85
N ARG F 329 -16.21 5.15 -19.94
CA ARG F 329 -16.53 4.18 -18.86
C ARG F 329 -17.45 3.05 -19.40
N GLU F 330 -18.71 3.41 -19.66
CA GLU F 330 -19.80 2.50 -20.08
C GLU F 330 -19.93 2.27 -21.62
N ASP F 331 -18.80 1.91 -22.24
CA ASP F 331 -18.71 1.47 -23.65
C ASP F 331 -18.99 -0.04 -23.68
N MET F 332 -20.04 -0.49 -24.38
CA MET F 332 -20.20 -1.94 -24.66
C MET F 332 -21.38 -2.49 -25.53
N LEU F 333 -21.05 -2.79 -26.80
CA LEU F 333 -21.61 -3.92 -27.59
C LEU F 333 -20.47 -4.78 -28.21
N HIS F 334 -20.87 -5.98 -28.66
CA HIS F 334 -19.97 -6.93 -29.35
C HIS F 334 -19.89 -6.68 -30.87
N TRP F 335 -19.06 -5.69 -31.17
CA TRP F 335 -18.77 -5.20 -32.50
C TRP F 335 -18.15 -6.29 -33.36
N SER F 336 -17.71 -5.91 -34.57
CA SER F 336 -17.01 -6.79 -35.50
C SER F 336 -15.70 -6.20 -35.92
N ARG F 337 -14.72 -7.07 -36.04
CA ARG F 337 -13.36 -6.70 -36.43
C ARG F 337 -13.25 -5.69 -37.54
N LYS F 338 -14.15 -5.77 -38.49
CA LYS F 338 -14.00 -4.90 -39.64
C LYS F 338 -14.28 -3.47 -39.25
N ARG F 339 -15.30 -3.28 -38.43
CA ARG F 339 -15.74 -1.94 -38.10
C ARG F 339 -14.68 -1.27 -37.29
N LEU F 340 -14.22 -1.90 -36.22
CA LEU F 340 -13.13 -1.36 -35.42
C LEU F 340 -12.10 -0.64 -36.29
N LEU F 341 -11.80 -1.24 -37.44
CA LEU F 341 -10.82 -0.72 -38.39
C LEU F 341 -11.26 0.51 -39.17
N ASP F 342 -12.56 0.71 -39.28
CA ASP F 342 -13.09 1.95 -39.78
C ASP F 342 -13.25 2.74 -38.54
N GLN F 343 -13.79 2.11 -37.51
CA GLN F 343 -14.00 2.73 -36.24
C GLN F 343 -12.72 3.36 -35.69
N ILE F 344 -11.56 2.75 -35.91
CA ILE F 344 -10.29 3.39 -35.58
C ILE F 344 -9.97 4.61 -36.44
N ALA F 345 -10.32 4.53 -37.70
CA ALA F 345 -10.04 5.59 -38.66
C ALA F 345 -11.10 6.67 -38.66
N VAL F 346 -12.24 6.37 -38.08
CA VAL F 346 -13.19 7.40 -37.89
C VAL F 346 -12.65 8.29 -36.83
N ALA F 347 -11.74 7.76 -36.03
CA ALA F 347 -11.22 8.49 -34.89
C ALA F 347 -10.07 9.36 -35.34
N LEU F 348 -9.17 8.70 -36.13
CA LEU F 348 -7.99 9.39 -36.65
C LEU F 348 -8.31 10.51 -37.66
N ALA F 349 -9.47 10.40 -38.33
CA ALA F 349 -9.85 11.35 -39.38
C ALA F 349 -9.82 12.65 -38.72
N GLY F 350 -9.71 12.63 -37.39
CA GLY F 350 -9.90 13.83 -36.59
C GLY F 350 -8.71 14.71 -36.82
N ARG F 351 -7.57 14.10 -36.61
CA ARG F 351 -6.32 14.70 -37.00
C ARG F 351 -6.42 14.95 -38.50
N ALA F 352 -6.26 13.87 -39.27
CA ALA F 352 -6.48 13.87 -40.71
C ALA F 352 -6.93 15.20 -41.24
N ALA F 353 -8.22 15.45 -41.12
CA ALA F 353 -8.84 16.67 -41.67
C ALA F 353 -7.86 17.80 -41.53
N GLU F 354 -7.56 18.13 -40.28
CA GLU F 354 -6.74 19.29 -40.01
C GLU F 354 -5.41 19.19 -40.72
N GLU F 355 -4.74 18.04 -40.63
CA GLU F 355 -3.48 17.82 -41.33
C GLU F 355 -3.60 18.27 -42.81
N ILE F 356 -4.73 17.95 -43.43
CA ILE F 356 -4.99 18.30 -44.82
C ILE F 356 -5.26 19.77 -45.00
N VAL F 357 -6.38 20.26 -44.50
CA VAL F 357 -6.82 21.64 -44.72
C VAL F 357 -5.95 22.71 -44.04
N PHE F 358 -5.42 22.39 -42.87
CA PHE F 358 -4.78 23.41 -42.07
C PHE F 358 -3.32 23.66 -42.31
N ASP F 359 -3.02 24.94 -42.16
CA ASP F 359 -1.71 25.54 -42.44
C ASP F 359 -0.56 24.68 -41.96
N ASP F 360 -0.63 23.43 -42.39
CA ASP F 360 0.36 22.48 -42.08
C ASP F 360 0.86 22.82 -40.68
N VAL F 361 -0.07 22.84 -39.72
CA VAL F 361 0.25 22.49 -38.32
C VAL F 361 -0.83 21.69 -37.64
N THR F 362 -0.41 20.97 -36.62
CA THR F 362 -1.32 20.18 -35.83
C THR F 362 -1.46 20.71 -34.38
N THR F 363 -2.43 20.20 -33.63
CA THR F 363 -2.74 20.83 -32.38
C THR F 363 -3.13 19.80 -31.33
N GLY F 364 -2.68 20.01 -30.06
CA GLY F 364 -3.06 19.19 -28.91
C GLY F 364 -4.54 18.87 -28.98
N ALA F 365 -4.89 17.66 -29.44
CA ALA F 365 -6.27 17.21 -29.60
C ALA F 365 -6.22 15.69 -29.42
N GLU F 366 -5.82 15.32 -28.19
CA GLU F 366 -5.24 14.00 -27.83
C GLU F 366 -6.21 12.85 -27.96
N ASN F 367 -7.35 13.03 -27.30
CA ASN F 367 -8.29 11.96 -27.15
C ASN F 367 -8.40 11.10 -28.37
N ASP F 368 -8.77 11.71 -29.50
CA ASP F 368 -9.01 10.90 -30.68
C ASP F 368 -7.98 9.75 -30.76
N PHE F 369 -6.70 10.07 -30.66
CA PHE F 369 -5.68 9.05 -30.69
C PHE F 369 -5.88 8.08 -29.58
N ARG F 370 -5.99 8.59 -28.38
CA ARG F 370 -6.01 7.73 -27.20
C ARG F 370 -7.07 6.66 -27.34
N GLN F 371 -8.25 7.09 -27.80
CA GLN F 371 -9.39 6.20 -27.95
C GLN F 371 -9.20 5.29 -29.16
N ALA F 372 -8.50 5.80 -30.16
CA ALA F 372 -8.16 4.97 -31.30
C ALA F 372 -7.10 3.98 -30.92
N THR F 373 -6.32 4.27 -29.90
CA THR F 373 -5.21 3.38 -29.64
C THR F 373 -5.71 2.28 -28.72
N GLU F 374 -6.69 2.59 -27.88
CA GLU F 374 -7.11 1.60 -26.90
C GLU F 374 -7.86 0.49 -27.61
N LEU F 375 -8.33 0.79 -28.82
CA LEU F 375 -9.02 -0.21 -29.64
C LEU F 375 -7.92 -1.07 -30.10
N ALA F 376 -7.23 -0.63 -31.12
CA ALA F 376 -6.03 -1.30 -31.50
C ALA F 376 -5.32 -2.07 -30.35
N ARG F 377 -4.94 -1.36 -29.30
CA ARG F 377 -4.27 -1.97 -28.15
C ARG F 377 -5.19 -3.14 -27.71
N ARG F 378 -6.49 -2.89 -27.69
CA ARG F 378 -7.42 -3.93 -27.32
C ARG F 378 -7.38 -5.00 -28.40
N MET F 379 -7.73 -4.59 -29.61
CA MET F 379 -7.84 -5.44 -30.78
C MET F 379 -6.74 -6.42 -30.95
N ILE F 380 -5.53 -6.06 -30.53
CA ILE F 380 -4.43 -6.98 -30.66
C ILE F 380 -4.62 -8.06 -29.63
N THR F 381 -4.98 -7.59 -28.46
CA THR F 381 -4.37 -8.10 -27.28
C THR F 381 -5.29 -8.90 -26.41
N GLU F 382 -6.55 -8.86 -26.72
CA GLU F 382 -7.51 -9.01 -25.68
C GLU F 382 -8.75 -9.59 -26.32
N TRP F 383 -9.16 -8.90 -27.38
CA TRP F 383 -10.04 -9.47 -28.37
C TRP F 383 -9.22 -10.44 -29.14
N GLY F 384 -9.88 -11.16 -30.03
CA GLY F 384 -9.11 -12.01 -30.90
C GLY F 384 -9.09 -11.32 -32.22
N MET F 385 -8.03 -10.60 -32.57
CA MET F 385 -7.95 -10.10 -33.93
C MET F 385 -6.54 -10.41 -34.29
N HIS F 386 -6.46 -11.03 -35.46
CA HIS F 386 -5.41 -12.03 -35.85
C HIS F 386 -4.20 -11.41 -36.59
N PRO F 387 -3.71 -10.25 -36.09
CA PRO F 387 -2.29 -10.03 -36.25
C PRO F 387 -1.51 -11.40 -36.29
N GLU F 388 -0.23 -11.21 -36.53
CA GLU F 388 0.82 -11.76 -35.72
C GLU F 388 0.57 -12.10 -34.20
N PHE F 389 -0.57 -11.74 -33.61
CA PHE F 389 -0.79 -12.13 -32.23
C PHE F 389 -1.79 -13.24 -31.99
N GLY F 390 -2.92 -13.23 -32.73
CA GLY F 390 -3.85 -14.38 -32.81
C GLY F 390 -4.55 -14.78 -31.51
N PRO F 391 -5.48 -15.73 -31.56
CA PRO F 391 -6.38 -16.08 -30.45
C PRO F 391 -5.91 -16.04 -28.96
N VAL F 392 -4.64 -15.75 -28.62
CA VAL F 392 -4.19 -15.64 -27.21
C VAL F 392 -4.81 -14.47 -26.47
N ALA F 393 -4.81 -14.56 -25.16
CA ALA F 393 -5.41 -13.50 -24.32
C ALA F 393 -4.36 -12.73 -23.52
N TYR F 394 -3.50 -12.03 -24.24
CA TYR F 394 -2.49 -11.18 -23.64
C TYR F 394 -3.03 -10.16 -22.67
N ALA F 395 -4.31 -10.15 -22.40
CA ALA F 395 -4.83 -9.17 -21.45
C ALA F 395 -6.26 -9.43 -21.08
N VAL F 396 -6.65 -9.14 -19.85
CA VAL F 396 -8.03 -9.33 -19.48
C VAL F 396 -8.63 -8.01 -19.08
N ARG F 397 -9.96 -7.93 -18.99
CA ARG F 397 -10.59 -6.67 -18.66
C ARG F 397 -11.16 -6.70 -17.26
N GLU F 398 -10.66 -5.79 -16.44
CA GLU F 398 -11.23 -5.55 -15.13
C GLU F 398 -12.49 -4.69 -15.28
N ASP F 399 -13.62 -5.26 -14.86
CA ASP F 399 -14.95 -4.71 -15.18
C ASP F 399 -15.84 -4.24 -14.01
N THR F 400 -17.14 -4.50 -14.18
CA THR F 400 -18.25 -4.04 -13.32
C THR F 400 -18.38 -2.49 -13.16
N TYR F 401 -19.48 -2.07 -12.53
CA TYR F 401 -19.86 -0.66 -12.30
C TYR F 401 -18.70 0.31 -12.00
N LEU F 402 -18.32 0.40 -10.72
CA LEU F 402 -17.48 1.47 -10.18
C LEU F 402 -16.18 1.67 -10.94
N GLY F 403 -15.55 0.55 -11.32
CA GLY F 403 -14.27 0.52 -12.00
C GLY F 403 -14.31 -0.23 -13.32
N GLY F 404 -13.33 0.09 -14.18
CA GLY F 404 -13.13 -0.63 -15.44
C GLY F 404 -11.87 -0.30 -16.26
N TYR F 405 -10.76 -0.99 -15.97
CA TYR F 405 -9.51 -0.77 -16.71
C TYR F 405 -8.69 -2.05 -16.69
N ASP F 406 -8.00 -2.32 -17.80
CA ASP F 406 -7.62 -3.69 -18.23
C ASP F 406 -6.21 -4.19 -17.87
N VAL F 407 -6.14 -5.34 -17.20
CA VAL F 407 -4.86 -5.86 -16.72
C VAL F 407 -4.07 -6.54 -17.76
N ARG F 408 -2.80 -6.18 -17.77
CA ARG F 408 -1.89 -6.63 -18.79
C ARG F 408 -1.13 -7.85 -18.29
N GLN F 409 -0.49 -8.58 -19.21
CA GLN F 409 0.12 -9.89 -18.92
C GLN F 409 0.84 -10.53 -20.07
N TYR F 410 2.03 -10.05 -20.36
CA TYR F 410 2.88 -10.57 -21.45
C TYR F 410 4.34 -10.25 -21.13
N SER F 411 5.27 -11.01 -21.70
CA SER F 411 6.67 -10.65 -21.52
C SER F 411 6.94 -9.29 -22.12
N GLU F 412 7.88 -8.60 -21.53
CA GLU F 412 8.38 -7.42 -22.17
C GLU F 412 8.45 -7.49 -23.69
N GLU F 413 9.04 -8.55 -24.24
CA GLU F 413 9.14 -8.77 -25.69
C GLU F 413 7.77 -8.63 -26.31
N THR F 414 6.88 -9.58 -26.01
CA THR F 414 5.51 -9.46 -26.48
C THR F 414 4.98 -8.01 -26.31
N ALA F 415 5.50 -7.23 -25.37
CA ALA F 415 5.06 -5.83 -25.30
C ALA F 415 5.68 -4.87 -26.30
N LYS F 416 6.88 -5.18 -26.75
CA LYS F 416 7.44 -4.45 -27.88
C LYS F 416 6.52 -4.87 -28.96
N ARG F 417 6.31 -6.17 -28.99
CA ARG F 417 5.52 -6.78 -30.02
C ARG F 417 4.24 -5.95 -30.09
N ILE F 418 3.54 -5.83 -28.96
CA ILE F 418 2.25 -5.14 -28.97
C ILE F 418 2.51 -3.72 -29.38
N ASP F 419 3.54 -3.09 -28.87
CA ASP F 419 3.70 -1.70 -29.22
C ASP F 419 3.82 -1.48 -30.69
N GLU F 420 4.87 -2.05 -31.31
CA GLU F 420 5.12 -1.88 -32.73
C GLU F 420 3.74 -2.01 -33.44
N ALA F 421 3.27 -3.25 -33.52
CA ALA F 421 1.85 -3.53 -33.74
C ALA F 421 0.92 -2.32 -33.85
N VAL F 422 0.74 -1.66 -32.72
CA VAL F 422 -0.19 -0.56 -32.57
C VAL F 422 0.22 0.71 -33.33
N ARG F 423 1.51 0.85 -33.62
CA ARG F 423 1.95 1.92 -34.50
C ARG F 423 1.51 1.59 -35.90
N ARG F 424 1.97 0.43 -36.34
CA ARG F 424 1.53 -0.19 -37.56
C ARG F 424 -0.02 0.04 -37.76
N LEU F 425 -0.86 -0.56 -36.89
CA LEU F 425 -2.33 -0.64 -37.12
C LEU F 425 -2.88 0.72 -37.21
N ILE F 426 -2.35 1.60 -36.37
CA ILE F 426 -2.91 2.92 -36.34
C ILE F 426 -2.36 3.78 -37.47
N GLU F 427 -1.06 3.65 -37.76
CA GLU F 427 -0.52 4.44 -38.85
C GLU F 427 -1.36 4.17 -40.06
N GLU F 428 -1.32 2.89 -40.44
CA GLU F 428 -2.10 2.38 -41.60
C GLU F 428 -3.47 3.03 -41.68
N GLN F 429 -4.20 3.00 -40.58
CA GLN F 429 -5.51 3.55 -40.55
C GLN F 429 -5.46 5.02 -40.80
N TYR F 430 -4.47 5.69 -40.23
CA TYR F 430 -4.49 7.14 -40.26
C TYR F 430 -4.22 7.59 -41.66
N GLN F 431 -3.34 6.84 -42.34
CA GLN F 431 -3.12 7.08 -43.76
C GLN F 431 -4.40 6.83 -44.64
N ARG F 432 -5.16 5.83 -44.22
CA ARG F 432 -6.49 5.55 -44.76
C ARG F 432 -7.34 6.75 -44.80
N VAL F 433 -7.57 7.32 -43.62
CA VAL F 433 -8.56 8.38 -43.50
C VAL F 433 -7.98 9.68 -43.99
N LYS F 434 -6.65 9.76 -44.09
CA LYS F 434 -6.12 10.94 -44.75
C LYS F 434 -6.70 10.87 -46.14
N ALA F 435 -6.52 9.71 -46.76
CA ALA F 435 -7.04 9.47 -48.11
C ALA F 435 -8.50 9.82 -48.28
N LEU F 436 -9.36 9.20 -47.48
CA LEU F 436 -10.81 9.32 -47.60
C LEU F 436 -11.23 10.74 -47.53
N LEU F 437 -10.47 11.49 -46.77
CA LEU F 437 -10.75 12.92 -46.63
C LEU F 437 -10.27 13.68 -47.84
N LEU F 438 -8.98 13.54 -48.15
CA LEU F 438 -8.41 14.12 -49.34
C LEU F 438 -9.26 13.91 -50.56
N GLU F 439 -9.53 12.64 -50.86
CA GLU F 439 -10.36 12.25 -52.00
C GLU F 439 -11.80 12.65 -51.81
N LYS F 440 -12.05 13.55 -50.85
CA LYS F 440 -13.34 14.18 -50.65
C LYS F 440 -13.12 15.64 -50.25
N ARG F 441 -11.86 16.10 -50.31
CA ARG F 441 -11.42 17.33 -49.62
C ARG F 441 -12.12 18.61 -50.00
N GLU F 442 -13.18 18.39 -50.73
CA GLU F 442 -14.01 19.43 -51.22
C GLU F 442 -15.38 19.35 -50.56
N VAL F 443 -15.69 18.19 -49.97
CA VAL F 443 -16.91 18.03 -49.20
C VAL F 443 -16.55 18.47 -47.82
N LEU F 444 -15.30 18.22 -47.45
CA LEU F 444 -14.79 18.66 -46.18
C LEU F 444 -15.06 20.14 -46.08
N GLU F 445 -14.24 20.93 -46.77
CA GLU F 445 -14.38 22.37 -46.72
C GLU F 445 -15.73 22.78 -47.30
N ARG F 446 -16.74 22.07 -46.86
CA ARG F 446 -18.13 22.42 -47.10
C ARG F 446 -18.82 22.06 -45.82
N VAL F 447 -18.66 20.81 -45.36
CA VAL F 447 -19.31 20.42 -44.13
C VAL F 447 -18.72 21.25 -43.01
N ALA F 448 -17.38 21.28 -42.95
CA ALA F 448 -16.71 22.18 -42.04
C ALA F 448 -17.29 23.55 -42.21
N GLU F 449 -17.28 24.03 -43.45
CA GLU F 449 -17.72 25.39 -43.73
C GLU F 449 -19.14 25.73 -43.31
N THR F 450 -20.08 24.82 -43.57
CA THR F 450 -21.45 25.00 -43.15
C THR F 450 -21.56 24.91 -41.64
N LEU F 451 -20.85 23.95 -41.06
CA LEU F 451 -20.79 23.82 -39.60
C LEU F 451 -20.29 25.13 -38.99
N LEU F 452 -19.08 25.49 -39.39
CA LEU F 452 -18.42 26.70 -38.93
C LEU F 452 -19.41 27.80 -38.92
N GLU F 453 -20.23 27.82 -39.97
CA GLU F 453 -21.22 28.86 -40.23
C GLU F 453 -22.45 28.77 -39.31
N ARG F 454 -23.07 27.58 -39.27
CA ARG F 454 -24.36 27.38 -38.61
C ARG F 454 -24.27 26.62 -37.28
N GLU F 455 -23.02 26.36 -36.84
CA GLU F 455 -22.70 25.81 -35.52
C GLU F 455 -23.40 24.50 -35.13
N THR F 456 -23.96 23.79 -36.10
CA THR F 456 -24.51 22.43 -35.91
C THR F 456 -25.34 21.96 -37.10
N LEU F 457 -24.97 20.78 -37.61
CA LEU F 457 -25.75 20.12 -38.64
C LEU F 457 -26.52 18.99 -37.99
N THR F 458 -27.71 18.73 -38.52
CA THR F 458 -28.58 17.74 -37.90
C THR F 458 -28.85 16.63 -38.86
N ALA F 459 -28.06 15.56 -38.71
CA ALA F 459 -28.28 14.33 -39.44
C ALA F 459 -28.54 14.58 -40.92
N GLU F 460 -29.82 14.64 -41.28
CA GLU F 460 -30.24 14.88 -42.65
C GLU F 460 -29.62 16.15 -43.24
N GLU F 461 -29.62 17.25 -42.46
CA GLU F 461 -28.93 18.49 -42.83
C GLU F 461 -27.56 18.16 -43.44
N PHE F 462 -26.75 17.40 -42.69
CA PHE F 462 -25.47 16.91 -43.16
C PHE F 462 -25.66 16.18 -44.47
N GLN F 463 -26.45 15.10 -44.44
CA GLN F 463 -26.72 14.29 -45.63
C GLN F 463 -26.89 15.19 -46.87
N ARG F 464 -27.61 16.30 -46.70
CA ARG F 464 -27.88 17.24 -47.77
C ARG F 464 -26.64 18.04 -48.17
N VAL F 465 -25.92 18.57 -47.18
CA VAL F 465 -24.71 19.36 -47.44
C VAL F 465 -23.69 18.57 -48.27
N VAL F 466 -23.52 17.30 -47.89
CA VAL F 466 -22.69 16.34 -48.60
C VAL F 466 -23.07 16.29 -50.07
N GLU F 467 -24.34 15.92 -50.29
CA GLU F 467 -24.91 15.67 -51.59
C GLU F 467 -25.10 17.00 -52.33
N GLY F 468 -24.00 17.56 -52.83
CA GLY F 468 -24.00 18.80 -53.59
C GLY F 468 -25.35 19.48 -53.79
N LEU F 469 -25.89 20.03 -52.71
CA LEU F 469 -27.13 20.78 -52.73
C LEU F 469 -27.09 21.83 -51.61
N PRO F 470 -27.41 23.09 -51.96
CA PRO F 470 -27.69 24.11 -50.93
C PRO F 470 -28.94 23.81 -50.12
N LEU F 471 -29.04 24.49 -48.99
CA LEU F 471 -30.22 24.44 -48.16
C LEU F 471 -30.59 25.87 -47.84
N GLU F 472 -31.81 26.26 -48.23
CA GLU F 472 -32.27 27.63 -48.06
C GLU F 472 -32.63 27.91 -46.60
N ALA F 473 -33.36 29.01 -46.35
CA ALA F 473 -33.85 29.40 -45.01
C ALA F 473 -34.88 28.41 -44.42
N PRO F 474 -34.39 27.41 -43.66
CA PRO F 474 -35.15 26.20 -43.30
C PRO F 474 -36.48 26.40 -42.51
N GLU F 475 -37.24 25.31 -42.38
CA GLU F 475 -38.51 25.24 -41.63
C GLU F 475 -39.14 26.59 -41.25
PB ADP G . -31.51 -8.04 -11.11
O1B ADP G . -31.36 -8.50 -9.72
O2B ADP G . -31.39 -9.26 -12.04
O3B ADP G . -30.44 -6.97 -11.38
PA ADP G . -34.21 -8.45 -11.31
O1A ADP G . -33.84 -9.60 -12.16
O2A ADP G . -34.52 -8.97 -9.90
O3A ADP G . -32.97 -7.42 -11.30
O5' ADP G . -35.43 -7.57 -11.87
C5' ADP G . -36.32 -6.97 -10.96
C4' ADP G . -37.67 -6.79 -11.64
O4' ADP G . -37.69 -7.51 -12.85
C3' ADP G . -38.85 -7.29 -10.80
O3' ADP G . -39.50 -6.24 -10.09
C2' ADP G . -39.78 -7.96 -11.80
O2' ADP G . -40.91 -7.16 -12.08
C1' ADP G . -38.96 -8.11 -13.07
N9 ADP G . -38.75 -9.52 -13.45
C8 ADP G . -37.54 -10.04 -13.80
N7 ADP G . -37.69 -11.35 -14.11
C5 ADP G . -38.98 -11.69 -13.95
C6 ADP G . -39.65 -12.91 -14.11
N6 ADP G . -38.97 -14.04 -14.00
N1 ADP G . -41.00 -12.97 -13.88
C2 ADP G . -41.67 -11.83 -13.46
N3 ADP G . -41.00 -10.62 -13.30
C4 ADP G . -39.67 -10.55 -13.54
PB ADP H . -17.54 -36.50 15.51
O1B ADP H . -16.92 -35.61 16.51
O2B ADP H . -16.44 -36.95 14.51
O3B ADP H . -18.69 -35.79 14.77
PA ADP H . -17.44 -39.20 16.28
O1A ADP H . -16.19 -39.15 15.46
O2A ADP H . -17.15 -39.66 17.72
O3A ADP H . -18.16 -37.77 16.28
O5' ADP H . -18.51 -40.16 15.56
C5' ADP H . -19.83 -40.26 16.05
C4' ADP H . -20.32 -41.67 15.79
O4' ADP H . -19.55 -42.31 14.78
C3' ADP H . -20.18 -42.56 17.00
O3' ADP H . -21.35 -42.54 17.80
C2' ADP H . -19.97 -43.94 16.43
O2' ADP H . -21.19 -44.67 16.36
C1' ADP H . -19.43 -43.69 15.03
N9 ADP H . -18.02 -44.10 14.99
C8 ADP H . -16.98 -43.26 14.72
N7 ADP H . -15.84 -43.97 14.78
C5 ADP H . -16.13 -45.25 15.08
C6 ADP H . -15.31 -46.37 15.26
N6 ADP H . -13.99 -46.23 15.34
N1 ADP H . -15.88 -47.57 15.58
C2 ADP H . -17.26 -47.66 15.73
N3 ADP H . -18.05 -46.55 15.53
C4 ADP H . -17.50 -45.35 15.22
PB ADP I . 11.48 -20.00 25.92
O1B ADP I . 11.09 -18.68 26.47
O2B ADP I . 13.02 -20.10 25.77
O3B ADP I . 10.81 -20.19 24.55
PA ADP I . 11.79 -21.22 28.36
O1A ADP I . 13.23 -21.20 28.06
O2A ADP I . 11.45 -20.09 29.35
O3A ADP I . 10.96 -21.08 26.98
O5' ADP I . 11.29 -22.63 28.95
C5' ADP I . 10.20 -22.66 29.84
C4' ADP I . 10.31 -23.92 30.68
O4' ADP I . 11.55 -24.56 30.44
C3' ADP I . 10.24 -23.61 32.16
O3' ADP I . 8.94 -23.82 32.68
C2' ADP I . 11.27 -24.53 32.80
O2' ADP I . 10.67 -25.61 33.46
C1' ADP I . 12.12 -25.03 31.64
N9 ADP I . 13.53 -24.58 31.73
C8 ADP I . 14.21 -23.98 30.71
N7 ADP I . 15.46 -23.71 31.12
C5 ADP I . 15.60 -24.11 32.40
C6 ADP I . 16.69 -24.05 33.29
N6 ADP I . 17.59 -23.09 33.11
N1 ADP I . 16.55 -24.57 34.55
C2 ADP I . 15.34 -25.12 34.94
N3 ADP I . 14.28 -25.16 34.05
C4 ADP I . 14.40 -24.67 32.80
PB ADP J . 24.61 19.63 30.22
O1B ADP J . 23.33 20.33 29.88
O2B ADP J . 25.50 19.56 28.97
O3B ADP J . 24.34 18.22 30.78
PA ADP J . 26.62 21.40 31.03
O1A ADP J . 27.00 21.27 29.61
O2A ADP J . 26.34 22.85 31.45
O3A ADP J . 25.34 20.48 31.38
O5' ADP J . 27.76 20.78 31.97
C5' ADP J . 27.60 20.61 33.35
C4' ADP J . 28.97 20.76 33.99
O4' ADP J . 30.02 20.56 33.07
C3' ADP J . 29.18 22.16 34.53
O3' ADP J . 28.72 22.28 35.86
C2' ADP J . 30.67 22.35 34.44
O2' ADP J . 31.31 22.06 35.67
C1' ADP J . 31.13 21.39 33.37
N9 ADP J . 31.53 22.18 32.21
C8 ADP J . 30.94 22.10 30.99
N7 ADP J . 31.54 22.97 30.16
C5 ADP J . 32.51 23.62 30.81
C6 ADP J . 33.40 24.59 30.42
N6 ADP J . 33.22 25.22 29.26
N1 ADP J . 34.31 25.09 31.30
C2 ADP J . 34.31 24.61 32.58
N3 ADP J . 33.41 23.63 32.96
C4 ADP J . 32.52 23.13 32.10
PB ADP K . 6.23 33.57 4.41
O1B ADP K . 4.79 33.30 4.66
O2B ADP K . 6.43 34.21 3.02
O3B ADP K . 7.00 32.25 4.54
PA ADP K . 6.22 36.12 5.37
O1A ADP K . 6.40 36.52 3.96
O2A ADP K . 4.75 36.30 5.77
O3A ADP K . 6.70 34.61 5.53
O5' ADP K . 7.18 36.95 6.35
C5' ADP K . 6.73 37.23 7.66
C4' ADP K . 7.45 38.45 8.17
O4' ADP K . 8.15 39.08 7.12
C3' ADP K . 6.49 39.50 8.74
O3' ADP K . 6.44 39.41 10.15
C2' ADP K . 7.05 40.83 8.30
O2' ADP K . 7.69 41.52 9.34
C1' ADP K . 8.07 40.49 7.20
N9 ADP K . 7.67 41.01 5.89
C8 ADP K . 7.64 40.26 4.75
N7 ADP K . 7.24 41.05 3.74
C5 ADP K . 7.01 42.29 4.19
C6 ADP K . 6.58 43.45 3.55
N6 ADP K . 5.83 43.32 2.46
N1 ADP K . 6.45 44.61 4.29
C2 ADP K . 6.71 44.60 5.64
N3 ADP K . 7.13 43.43 6.27
C4 ADP K . 7.28 42.29 5.55
PB ADP L . -31.45 26.74 -13.86
O1B ADP L . -31.95 25.61 -13.05
O2B ADP L . -30.74 26.25 -15.15
O3B ADP L . -30.45 27.55 -13.03
PA ADP L . -33.36 27.63 -15.69
O1A ADP L . -32.58 26.75 -16.60
O2A ADP L . -34.84 27.25 -15.59
O3A ADP L . -32.72 27.65 -14.21
O5' ADP L . -33.20 29.14 -16.19
C5' ADP L . -33.74 30.21 -15.46
C4' ADP L . -34.15 31.31 -16.42
O4' ADP L . -33.51 31.20 -17.69
C3' ADP L . -35.64 31.30 -16.70
O3' ADP L . -36.35 32.08 -15.76
C2' ADP L . -35.76 31.87 -18.10
O2' ADP L . -36.06 33.25 -18.08
C1' ADP L . -34.38 31.65 -18.72
N9 ADP L . -34.51 30.60 -19.73
C8 ADP L . -33.86 29.40 -19.70
N7 ADP L . -34.22 28.69 -20.78
C5 ADP L . -35.10 29.41 -21.52
C6 ADP L . -35.76 29.13 -22.70
N6 ADP L . -35.75 27.89 -23.17
N1 ADP L . -36.61 30.07 -23.24
C2 ADP L . -36.80 31.27 -22.58
N3 ADP L . -36.13 31.53 -21.40
C4 ADP L . -35.29 30.62 -20.86
#